data_7F6D
#
_entry.id   7F6D
#
_cell.length_a   1.00
_cell.length_b   1.00
_cell.length_c   1.00
_cell.angle_alpha   90.00
_cell.angle_beta   90.00
_cell.angle_gamma   90.00
#
_symmetry.space_group_name_H-M   'P 1'
#
loop_
_entity.id
_entity.type
_entity.pdbx_description
1 polymer NurA
2 polymer HerA
#
loop_
_entity_poly.entity_id
_entity_poly.type
_entity_poly.pdbx_seq_one_letter_code
_entity_poly.pdbx_strand_id
1 'polypeptide(L)'
;MGSSHHHHHHSSGLVPRGSHMRIRLDPWPIDTFEGQLTLKPFAGLVFDVETDRWEAIPTLGIPESVREVLVVDGKPRMEA
RLLMDDDSGELHLAAFGAYVVGAVSLCPHGTRQAELLDVRARRVLAYSSDAPLEPARLSPRNPHTGVLDYEPYAFSGRQV
EGPRAAVQKLMLQDEQKLSRQLASPIALEEGEADALPESLVLQDGPVRLGGGGSAVVGYVKTLHTDYLGADRIGLLSSLK
CGERTPILRFRVGDRGGTFSEAEGREQRFTWYVRLCDAPFYQHPLAGIMRLEMHAPEDSSFVPAAVQQIADLSGALLSKL
GSKLHKDSRAPQNLIPTAALEQAMNRSMGNLELVTRRIRTHLVTQGVVA
;
H,G
2 'polypeptide(L)'
;MTGNDVQGAEKADAIGMVLGTEDVTPTVFWFAVSHGASVGLDDLVVVETRKPDGTPVRFYGLVDNVRKRHEGVTFESDVE
DVVAGLLPASVSYAARVLVTRVDPENFIPPQPGDHVRHAAGRELAMALSADKMEEAAFPGGLLADGQPLPLNFRFINGES
GGHINISGISGVATKTSYALFLLHSIFRSGVMDRTAQGSGGRQSGTAGGRALIFNVKGEDLLFLDKPNARMVEKEDKVVR
AKGLSADRYALLGLPAEPFRDVQLLAPPRAGAAGTAIVPQTDQRSEGVTPFVFTIREFCARRMLPYVFSDASASLNLGFV
IGNIEEKLFRLAAAQTGKGTGLIVHDWQFEDSETPPENLDFSELGGVNLQTFEQLISYLEYKLLEEREGEGDPKWVLKQS
PGTLRAFTRRLRGVQKYLSPLIRGDLTPEQAEGYRPDPLRRGIQLTVVDIHALSAHAQMFVVGVLLREVFEYKERVGRQD
TVFVVLDELNKYAPREGDSPIKDVLLDIAERGRSLGIILIGAQQTASEVERRIVSNAAIRVVGRLDLAEAERPEYRFLPQ
SFRGRAGILQPGTMLVSQPDVPNPVLVNYPFPAWATRRDEVDDLGGKAAAEVGAGLLR
;
B,A,C,E,F,D
#
# COMPACT_ATOMS: atom_id res chain seq x y z
N PRO A 29 19.09 17.56 -63.73
CA PRO A 29 18.42 16.55 -62.92
C PRO A 29 18.55 16.87 -61.43
N ILE A 30 17.62 17.67 -60.92
CA ILE A 30 17.62 18.04 -59.51
C ILE A 30 16.22 18.42 -59.09
N ASP A 31 15.70 17.76 -58.05
CA ASP A 31 14.38 18.03 -57.53
C ASP A 31 14.45 18.17 -56.00
N THR A 32 13.61 19.05 -55.47
CA THR A 32 13.59 19.31 -54.03
C THR A 32 12.24 19.91 -53.67
N PHE A 33 11.99 20.00 -52.37
CA PHE A 33 10.77 20.58 -51.84
C PHE A 33 11.02 22.03 -51.43
N GLU A 34 10.08 22.90 -51.76
CA GLU A 34 10.17 24.32 -51.44
C GLU A 34 9.01 24.70 -50.51
N GLY A 35 9.34 25.33 -49.39
CA GLY A 35 8.32 25.72 -48.43
C GLY A 35 7.43 26.83 -49.00
N GLN A 36 6.14 26.71 -48.77
CA GLN A 36 5.19 27.73 -49.20
C GLN A 36 3.92 27.61 -48.35
N LEU A 37 3.21 28.72 -48.24
CA LEU A 37 1.98 28.78 -47.45
C LEU A 37 0.91 29.50 -48.25
N THR A 38 -0.26 28.87 -48.35
CA THR A 38 -1.41 29.50 -49.02
C THR A 38 -2.69 28.81 -48.58
N LEU A 39 -3.57 29.56 -47.92
CA LEU A 39 -4.86 29.04 -47.50
C LEU A 39 -6.03 29.77 -48.15
N LYS A 40 -6.07 31.10 -48.04
CA LYS A 40 -7.21 31.88 -48.53
C LYS A 40 -7.18 32.13 -50.03
N PRO A 41 -6.11 32.69 -50.60
CA PRO A 41 -6.14 33.06 -52.02
C PRO A 41 -6.27 31.83 -52.92
N PHE A 42 -6.94 32.04 -54.05
CA PHE A 42 -7.19 30.98 -55.02
C PHE A 42 -6.78 31.47 -56.40
N ALA A 43 -6.24 30.55 -57.20
CA ALA A 43 -5.79 30.83 -58.57
C ALA A 43 -4.73 31.92 -58.59
N GLY A 44 -3.79 31.86 -57.64
CA GLY A 44 -2.66 32.77 -57.64
C GLY A 44 -1.63 32.49 -58.70
N LEU A 45 -1.57 31.25 -59.19
CA LEU A 45 -0.63 30.82 -60.22
C LEU A 45 0.81 31.17 -59.84
N VAL A 46 1.68 31.27 -60.85
CA VAL A 46 3.04 31.77 -60.66
C VAL A 46 3.27 32.86 -61.71
N PHE A 47 3.67 34.04 -61.25
CA PHE A 47 3.72 35.22 -62.09
C PHE A 47 5.15 35.75 -62.18
N ASP A 48 5.30 36.91 -62.82
CA ASP A 48 6.57 37.60 -62.96
C ASP A 48 6.36 39.07 -62.63
N VAL A 49 6.89 39.50 -61.48
CA VAL A 49 6.66 40.86 -60.98
C VAL A 49 7.73 41.84 -61.46
N GLU A 50 8.69 41.38 -62.25
CA GLU A 50 9.86 42.19 -62.58
C GLU A 50 9.45 43.37 -63.45
N THR A 51 9.77 44.58 -62.99
CA THR A 51 9.39 45.80 -63.70
C THR A 51 10.59 46.55 -64.25
N ASP A 52 11.54 46.94 -63.40
CA ASP A 52 12.69 47.74 -63.82
C ASP A 52 13.74 47.76 -62.73
N ARG A 53 14.99 47.97 -63.15
CA ARG A 53 16.10 48.31 -62.27
C ARG A 53 16.34 47.23 -61.19
N TRP A 54 16.76 46.07 -61.67
CA TRP A 54 17.30 45.04 -60.79
C TRP A 54 18.82 45.04 -60.91
N GLU A 55 19.50 45.08 -59.76
CA GLU A 55 20.96 45.09 -59.71
C GLU A 55 21.44 44.04 -58.72
N ALA A 56 22.72 43.69 -58.83
CA ALA A 56 23.34 42.64 -58.03
C ALA A 56 24.46 43.24 -57.19
N ILE A 57 24.10 43.75 -56.02
CA ILE A 57 25.09 44.28 -55.08
C ILE A 57 24.77 43.74 -53.68
N PRO A 58 25.39 42.63 -53.26
CA PRO A 58 25.12 42.09 -51.93
C PRO A 58 25.86 42.89 -50.86
N THR A 59 25.10 43.50 -49.95
CA THR A 59 25.65 44.37 -48.92
C THR A 59 25.32 43.79 -47.56
N LEU A 60 26.31 43.76 -46.67
CA LEU A 60 26.12 43.24 -45.33
C LEU A 60 25.28 44.22 -44.49
N GLY A 61 24.64 43.67 -43.46
CA GLY A 61 23.79 44.44 -42.58
C GLY A 61 24.49 44.85 -41.30
N ILE A 62 24.12 46.02 -40.80
CA ILE A 62 24.70 46.56 -39.56
C ILE A 62 23.55 46.93 -38.62
N PRO A 63 23.57 46.48 -37.37
CA PRO A 63 22.50 46.85 -36.43
C PRO A 63 22.52 48.32 -36.11
N GLU A 64 21.34 48.85 -35.80
CA GLU A 64 21.16 50.27 -35.49
C GLU A 64 20.33 50.40 -34.22
N SER A 65 20.56 51.50 -33.51
CA SER A 65 19.90 51.73 -32.22
C SER A 65 18.50 52.30 -32.47
N VAL A 66 17.48 51.49 -32.20
CA VAL A 66 16.09 51.91 -32.28
C VAL A 66 15.40 51.49 -30.99
N ARG A 67 14.45 52.32 -30.55
CA ARG A 67 13.83 52.10 -29.24
C ARG A 67 12.97 50.84 -29.22
N GLU A 68 12.10 50.67 -30.21
CA GLU A 68 11.17 49.55 -30.21
C GLU A 68 10.79 49.20 -31.64
N VAL A 69 10.51 47.92 -31.85
CA VAL A 69 10.01 47.41 -33.13
C VAL A 69 8.73 46.63 -32.86
N LEU A 70 7.69 46.91 -33.66
CA LEU A 70 6.38 46.34 -33.47
C LEU A 70 6.05 45.38 -34.60
N VAL A 71 5.59 44.18 -34.24
CA VAL A 71 5.11 43.19 -35.21
C VAL A 71 3.63 42.94 -34.94
N VAL A 72 2.81 43.12 -35.98
CA VAL A 72 1.37 43.01 -35.84
C VAL A 72 0.88 41.87 -36.72
N ASP A 73 -0.28 41.32 -36.34
CA ASP A 73 -0.91 40.22 -37.06
C ASP A 73 -2.40 40.23 -36.76
N GLY A 74 -3.15 39.51 -37.59
CA GLY A 74 -4.58 39.37 -37.39
C GLY A 74 -5.01 37.94 -37.66
N LYS A 75 -6.19 37.61 -37.15
CA LYS A 75 -6.71 36.25 -37.29
C LYS A 75 -8.23 36.27 -37.48
N PRO A 76 -8.74 35.75 -38.59
CA PRO A 76 -10.18 35.66 -38.78
C PRO A 76 -10.77 34.38 -38.19
N ARG A 77 -12.09 34.41 -38.00
CA ARG A 77 -12.79 33.25 -37.47
C ARG A 77 -14.20 33.24 -38.04
N MET A 78 -14.80 32.05 -38.05
CA MET A 78 -16.15 31.84 -38.56
C MET A 78 -16.95 31.10 -37.50
N GLU A 79 -17.94 31.78 -36.92
CA GLU A 79 -18.76 31.16 -35.88
C GLU A 79 -19.83 30.25 -36.49
N ALA A 80 -20.72 30.82 -37.30
CA ALA A 80 -21.79 30.04 -37.91
C ALA A 80 -22.30 30.77 -39.14
N ARG A 81 -22.51 30.02 -40.21
CA ARG A 81 -23.07 30.56 -41.44
C ARG A 81 -24.60 30.59 -41.34
N LEU A 82 -25.20 31.64 -41.90
CA LEU A 82 -26.64 31.85 -41.82
C LEU A 82 -27.25 31.82 -43.21
N LEU A 83 -28.56 31.58 -43.26
CA LEU A 83 -29.32 31.55 -44.51
C LEU A 83 -30.77 31.84 -44.17
N MET A 84 -31.27 32.99 -44.61
CA MET A 84 -32.60 33.44 -44.22
C MET A 84 -33.36 33.98 -45.43
N ASP A 85 -34.68 33.90 -45.34
CA ASP A 85 -35.59 34.52 -46.30
C ASP A 85 -36.72 35.17 -45.52
N ASP A 86 -37.06 36.41 -45.88
CA ASP A 86 -38.04 37.21 -45.15
C ASP A 86 -39.11 37.69 -46.12
N ASP A 87 -40.13 36.85 -46.36
CA ASP A 87 -41.28 37.21 -47.19
C ASP A 87 -40.85 37.67 -48.58
N SER A 88 -39.84 37.01 -49.12
CA SER A 88 -39.33 37.38 -50.44
C SER A 88 -39.26 36.17 -51.37
N GLY A 89 -39.07 34.99 -50.79
CA GLY A 89 -38.94 33.77 -51.56
C GLY A 89 -37.55 33.51 -52.10
N GLU A 90 -36.60 34.41 -51.88
CA GLU A 90 -35.22 34.25 -52.32
C GLU A 90 -34.30 34.22 -51.11
N LEU A 91 -33.38 33.26 -51.10
CA LEU A 91 -32.50 33.09 -49.95
C LEU A 91 -31.42 34.16 -49.91
N HIS A 92 -30.95 34.44 -48.70
CA HIS A 92 -29.83 35.34 -48.48
C HIS A 92 -28.89 34.70 -47.48
N LEU A 93 -27.61 35.07 -47.54
CA LEU A 93 -26.59 34.47 -46.70
C LEU A 93 -26.02 35.49 -45.73
N ALA A 94 -25.63 35.00 -44.55
CA ALA A 94 -25.02 35.84 -43.53
C ALA A 94 -24.09 34.95 -42.69
N ALA A 95 -23.16 35.61 -41.99
CA ALA A 95 -22.22 34.90 -41.15
C ALA A 95 -21.94 35.71 -39.90
N PHE A 96 -21.54 35.01 -38.83
CA PHE A 96 -21.24 35.61 -37.54
C PHE A 96 -19.75 35.59 -37.26
N GLY A 97 -18.94 35.86 -38.29
CA GLY A 97 -17.51 35.73 -38.17
C GLY A 97 -16.91 36.75 -37.20
N ALA A 98 -15.69 36.45 -36.76
CA ALA A 98 -14.97 37.27 -35.82
C ALA A 98 -13.53 37.45 -36.29
N TYR A 99 -12.90 38.53 -35.83
CA TYR A 99 -11.53 38.84 -36.18
C TYR A 99 -10.89 39.62 -35.05
N VAL A 100 -9.63 39.33 -34.76
CA VAL A 100 -8.90 39.94 -33.66
C VAL A 100 -7.50 40.29 -34.14
N VAL A 101 -7.04 41.50 -33.80
CA VAL A 101 -5.70 41.95 -34.16
C VAL A 101 -4.90 42.12 -32.88
N GLY A 102 -3.57 42.15 -33.03
CA GLY A 102 -2.69 42.30 -31.90
C GLY A 102 -1.30 42.70 -32.32
N ALA A 103 -0.55 43.24 -31.37
CA ALA A 103 0.81 43.70 -31.62
C ALA A 103 1.72 43.22 -30.50
N VAL A 104 3.00 43.06 -30.82
CA VAL A 104 4.03 42.65 -29.86
C VAL A 104 5.17 43.66 -29.92
N SER A 105 5.68 44.02 -28.74
CA SER A 105 6.73 45.03 -28.62
C SER A 105 8.06 44.34 -28.36
N LEU A 106 9.06 44.64 -29.19
CA LEU A 106 10.38 44.04 -29.08
C LEU A 106 11.44 45.12 -28.98
N CYS A 107 12.49 44.82 -28.22
CA CYS A 107 13.67 45.67 -28.16
C CYS A 107 14.82 44.96 -28.87
N PRO A 108 15.30 45.50 -30.00
CA PRO A 108 16.35 44.79 -30.75
C PRO A 108 17.62 44.56 -29.96
N HIS A 109 17.99 45.49 -29.08
CA HIS A 109 19.19 45.32 -28.28
C HIS A 109 19.08 44.13 -27.34
N GLY A 110 17.92 43.94 -26.71
CA GLY A 110 17.69 42.80 -25.86
C GLY A 110 17.75 43.11 -24.38
N THR A 111 17.21 44.26 -23.98
CA THR A 111 17.23 44.62 -22.56
C THR A 111 16.25 43.77 -21.77
N ARG A 112 15.05 43.56 -22.29
CA ARG A 112 14.02 42.79 -21.59
C ARG A 112 13.23 41.98 -22.61
N GLN A 113 12.28 41.20 -22.12
CA GLN A 113 11.47 40.34 -22.97
C GLN A 113 10.35 41.14 -23.64
N ALA A 114 9.65 40.48 -24.56
CA ALA A 114 8.58 41.12 -25.30
C ALA A 114 7.33 41.26 -24.44
N GLU A 115 6.43 42.15 -24.89
CA GLU A 115 5.17 42.40 -24.21
C GLU A 115 4.09 42.63 -25.24
N LEU A 116 2.90 42.09 -24.97
CA LEU A 116 1.75 42.25 -25.87
C LEU A 116 1.09 43.58 -25.59
N LEU A 117 1.15 44.50 -26.56
CA LEU A 117 0.67 45.87 -26.31
C LEU A 117 -0.84 45.90 -26.17
N ASP A 118 -1.56 45.26 -27.11
CA ASP A 118 -3.01 45.20 -27.01
C ASP A 118 -3.53 44.06 -27.88
N VAL A 119 -4.61 43.43 -27.40
CA VAL A 119 -5.35 42.41 -28.14
C VAL A 119 -6.82 42.62 -27.84
N ARG A 120 -7.58 43.07 -28.84
CA ARG A 120 -8.99 43.41 -28.66
C ARG A 120 -9.86 42.47 -29.48
N ALA A 121 -11.00 42.07 -28.91
CA ALA A 121 -11.91 41.14 -29.56
C ALA A 121 -12.98 41.91 -30.32
N ARG A 122 -13.15 41.57 -31.61
CA ARG A 122 -14.16 42.20 -32.44
C ARG A 122 -14.84 41.13 -33.29
N ARG A 123 -16.12 41.38 -33.60
CA ARG A 123 -16.93 40.47 -34.39
C ARG A 123 -17.66 41.27 -35.47
N VAL A 124 -18.12 40.57 -36.50
CA VAL A 124 -18.82 41.19 -37.62
C VAL A 124 -19.96 40.29 -38.08
N LEU A 125 -21.02 40.93 -38.58
CA LEU A 125 -22.14 40.24 -39.22
C LEU A 125 -22.23 40.71 -40.67
N ALA A 126 -22.14 39.76 -41.60
CA ALA A 126 -22.06 40.05 -43.02
C ALA A 126 -23.31 39.52 -43.72
N TYR A 127 -24.32 40.37 -43.85
CA TYR A 127 -25.61 39.99 -44.39
C TYR A 127 -25.90 40.71 -45.70
N SER A 128 -26.63 40.05 -46.59
CA SER A 128 -26.98 40.63 -47.88
C SER A 128 -28.05 41.70 -47.70
N SER A 129 -28.60 42.19 -48.80
CA SER A 129 -29.53 43.33 -48.76
C SER A 129 -30.87 42.86 -48.21
N ASP A 130 -30.91 42.69 -46.89
CA ASP A 130 -32.14 42.32 -46.18
C ASP A 130 -32.44 43.22 -44.99
N ALA A 131 -31.45 43.92 -44.43
CA ALA A 131 -31.61 44.89 -43.35
C ALA A 131 -32.25 44.31 -42.09
N PRO A 132 -31.57 43.44 -41.36
CA PRO A 132 -32.05 43.07 -40.03
C PRO A 132 -31.78 44.20 -39.03
N LEU A 133 -32.38 44.05 -37.85
CA LEU A 133 -32.30 45.08 -36.83
C LEU A 133 -32.10 44.41 -35.47
N GLU A 134 -32.27 45.20 -34.40
CA GLU A 134 -32.11 44.77 -33.02
C GLU A 134 -30.70 44.25 -32.75
N PRO A 135 -29.69 45.13 -32.75
CA PRO A 135 -28.32 44.68 -32.42
C PRO A 135 -28.05 44.76 -30.91
N ALA A 136 -28.70 43.87 -30.17
CA ALA A 136 -28.58 43.82 -28.72
C ALA A 136 -28.30 42.40 -28.25
N ARG A 137 -27.59 42.29 -27.13
CA ARG A 137 -27.26 41.01 -26.53
C ARG A 137 -27.51 41.07 -25.03
N LEU A 138 -28.05 39.98 -24.49
CA LEU A 138 -28.31 39.86 -23.06
C LEU A 138 -27.80 38.51 -22.58
N SER A 139 -26.89 38.53 -21.62
CA SER A 139 -26.35 37.30 -21.06
C SER A 139 -27.31 36.75 -20.02
N PRO A 140 -27.89 35.55 -20.22
CA PRO A 140 -28.79 35.01 -19.20
C PRO A 140 -28.09 34.83 -17.86
N ARG A 141 -27.09 33.93 -17.81
CA ARG A 141 -26.09 34.01 -16.75
C ARG A 141 -24.67 34.04 -17.31
N ASN A 142 -24.30 32.99 -18.05
CA ASN A 142 -22.93 32.74 -18.46
C ASN A 142 -22.45 33.46 -19.72
N PRO A 143 -23.10 33.29 -20.87
CA PRO A 143 -22.44 33.62 -22.14
C PRO A 143 -22.72 35.03 -22.63
N HIS A 144 -21.71 35.61 -23.27
CA HIS A 144 -21.79 36.95 -23.84
C HIS A 144 -21.25 36.93 -25.27
N THR A 145 -21.81 37.80 -26.11
CA THR A 145 -21.45 37.87 -27.51
C THR A 145 -21.79 39.26 -28.01
N GLY A 146 -21.15 39.67 -29.11
CA GLY A 146 -21.40 40.96 -29.74
C GLY A 146 -22.11 40.79 -31.06
N VAL A 147 -23.20 41.55 -31.24
CA VAL A 147 -24.01 41.51 -32.45
C VAL A 147 -24.05 42.91 -33.05
N LEU A 148 -23.84 43.00 -34.36
CA LEU A 148 -23.73 44.27 -35.06
C LEU A 148 -24.20 44.06 -36.50
N ASP A 149 -23.89 45.00 -37.38
CA ASP A 149 -24.30 44.93 -38.78
C ASP A 149 -23.15 45.34 -39.68
N TYR A 150 -23.14 44.81 -40.89
CA TYR A 150 -22.18 45.20 -41.92
C TYR A 150 -22.76 44.79 -43.28
N GLU A 151 -22.17 45.35 -44.34
CA GLU A 151 -22.73 45.20 -45.69
C GLU A 151 -21.72 44.58 -46.65
N PRO A 152 -21.76 43.26 -46.86
CA PRO A 152 -20.99 42.65 -47.95
C PRO A 152 -21.72 42.81 -49.28
N TYR A 153 -21.21 43.72 -50.12
CA TYR A 153 -21.79 43.97 -51.44
C TYR A 153 -23.28 44.28 -51.37
N ALA A 154 -23.64 45.11 -50.39
CA ALA A 154 -25.04 45.50 -50.15
C ALA A 154 -25.94 44.29 -49.97
N GLN A 159 -28.85 36.60 -57.84
CA GLN A 159 -27.66 35.80 -57.58
C GLN A 159 -26.64 36.60 -56.78
N VAL A 160 -25.78 35.90 -56.05
CA VAL A 160 -24.76 36.52 -55.22
C VAL A 160 -23.68 35.48 -54.94
N GLU A 161 -22.48 35.94 -54.59
CA GLU A 161 -21.38 35.05 -54.26
C GLU A 161 -21.68 34.39 -52.91
N GLY A 162 -22.22 33.18 -52.95
CA GLY A 162 -22.70 32.51 -51.76
C GLY A 162 -21.60 32.05 -50.81
N PRO A 163 -20.83 31.04 -51.22
CA PRO A 163 -19.83 30.47 -50.30
C PRO A 163 -18.77 31.47 -49.85
N ARG A 164 -18.42 32.44 -50.69
CA ARG A 164 -17.35 33.38 -50.39
C ARG A 164 -17.86 34.74 -49.95
N ALA A 165 -19.10 34.81 -49.46
CA ALA A 165 -19.66 36.07 -48.98
C ALA A 165 -19.01 36.56 -47.69
N ALA A 166 -18.28 35.69 -46.98
CA ALA A 166 -17.66 36.10 -45.73
C ALA A 166 -16.25 35.52 -45.54
N VAL A 167 -15.61 35.01 -46.59
CA VAL A 167 -14.28 34.44 -46.46
C VAL A 167 -13.25 35.41 -47.01
N GLN A 168 -13.68 36.30 -47.91
CA GLN A 168 -12.79 37.29 -48.50
C GLN A 168 -13.00 38.69 -47.95
N LYS A 169 -14.24 39.06 -47.61
CA LYS A 169 -14.49 40.40 -47.07
C LYS A 169 -13.98 40.51 -45.64
N LEU A 170 -14.23 39.49 -44.82
CA LEU A 170 -13.85 39.55 -43.41
C LEU A 170 -12.34 39.71 -43.27
N MET A 171 -11.57 39.00 -44.09
CA MET A 171 -10.13 39.22 -44.13
C MET A 171 -9.82 40.62 -44.62
N LEU A 172 -10.56 41.10 -45.63
CA LEU A 172 -10.37 42.46 -46.12
C LEU A 172 -10.67 43.49 -45.03
N GLN A 173 -11.75 43.28 -44.27
CA GLN A 173 -12.04 44.17 -43.16
C GLN A 173 -11.02 44.04 -42.04
N ASP A 174 -10.52 42.82 -41.81
CA ASP A 174 -9.54 42.60 -40.75
C ASP A 174 -8.27 43.40 -40.99
N GLU A 175 -7.76 43.39 -42.23
CA GLU A 175 -6.57 44.16 -42.55
C GLU A 175 -6.85 45.65 -42.68
N GLN A 176 -8.11 46.03 -42.90
CA GLN A 176 -8.45 47.45 -43.01
C GLN A 176 -8.26 48.17 -41.68
N LYS A 177 -8.85 47.64 -40.61
CA LYS A 177 -8.74 48.29 -39.31
C LYS A 177 -7.39 48.01 -38.65
N LEU A 178 -6.76 46.89 -38.98
CA LEU A 178 -5.43 46.59 -38.46
C LEU A 178 -4.43 47.66 -38.87
N SER A 179 -4.46 48.06 -40.14
CA SER A 179 -3.62 49.16 -40.60
C SER A 179 -3.99 50.46 -39.89
N ARG A 180 -5.28 50.71 -39.71
CA ARG A 180 -5.73 51.90 -38.99
C ARG A 180 -5.25 51.87 -37.54
N GLN A 181 -5.32 50.70 -36.90
CA GLN A 181 -4.81 50.57 -35.53
C GLN A 181 -3.30 50.78 -35.49
N LEU A 182 -2.57 50.21 -36.45
CA LEU A 182 -1.13 50.39 -36.50
C LEU A 182 -0.74 51.82 -36.86
N ALA A 183 -1.61 52.56 -37.54
CA ALA A 183 -1.26 53.91 -37.96
C ALA A 183 -1.12 54.87 -36.78
N SER A 184 -1.65 54.54 -35.61
CA SER A 184 -1.51 55.45 -34.48
C SER A 184 -0.11 55.38 -33.86
N PRO A 185 0.43 54.19 -33.49
CA PRO A 185 1.84 54.16 -33.10
C PRO A 185 2.75 54.08 -34.32
N ILE A 186 3.36 55.20 -34.69
CA ILE A 186 4.19 55.29 -35.90
C ILE A 186 5.31 56.29 -35.63
N ALA A 187 6.53 55.92 -36.00
CA ALA A 187 7.65 56.85 -35.92
C ALA A 187 7.47 57.97 -36.94
N LEU A 188 7.91 59.17 -36.57
CA LEU A 188 7.75 60.33 -37.45
C LEU A 188 8.52 60.10 -38.75
N GLU A 189 7.84 60.35 -39.87
CA GLU A 189 8.47 60.18 -41.17
C GLU A 189 9.54 61.23 -41.38
N GLU A 190 10.66 60.81 -41.96
CA GLU A 190 11.80 61.67 -42.23
C GLU A 190 11.94 61.90 -43.73
N GLY A 191 12.30 63.12 -44.11
CA GLY A 191 12.51 63.42 -45.50
C GLY A 191 13.74 62.71 -46.06
N GLU A 192 14.92 63.13 -45.61
CA GLU A 192 16.17 62.46 -45.98
C GLU A 192 16.95 61.98 -44.77
N ALA A 193 17.24 62.88 -43.82
CA ALA A 193 17.93 62.52 -42.59
C ALA A 193 17.34 63.26 -41.40
N ASP A 194 16.03 63.54 -41.44
CA ASP A 194 15.41 64.39 -40.41
C ASP A 194 15.46 63.73 -39.03
N ALA A 195 15.02 62.48 -38.94
CA ALA A 195 14.98 61.79 -37.66
C ALA A 195 14.92 60.28 -37.88
N LEU A 196 15.64 59.54 -37.05
CA LEU A 196 15.61 58.09 -37.13
C LEU A 196 14.28 57.56 -36.62
N PRO A 197 13.83 56.41 -37.12
CA PRO A 197 12.57 55.83 -36.64
C PRO A 197 12.64 55.42 -35.18
N GLU A 198 11.85 56.09 -34.33
CA GLU A 198 11.87 55.78 -32.90
C GLU A 198 11.19 54.44 -32.62
N SER A 199 10.03 54.20 -33.22
CA SER A 199 9.26 52.98 -32.99
C SER A 199 8.93 52.34 -34.35
N LEU A 200 9.74 51.38 -34.76
CA LEU A 200 9.50 50.68 -36.01
C LEU A 200 8.28 49.76 -35.88
N VAL A 201 7.60 49.55 -37.01
CA VAL A 201 6.46 48.64 -37.07
C VAL A 201 6.66 47.67 -38.23
N LEU A 202 6.00 46.52 -38.12
CA LEU A 202 6.13 45.47 -39.12
C LEU A 202 4.76 44.84 -39.37
N GLN A 203 4.39 44.73 -40.65
CA GLN A 203 3.09 44.22 -41.04
C GLN A 203 3.25 42.95 -41.85
N ASP A 204 2.29 42.04 -41.71
CA ASP A 204 2.28 40.81 -42.49
C ASP A 204 1.86 41.08 -43.93
N GLY A 205 2.41 40.29 -44.85
CA GLY A 205 2.06 40.38 -46.24
C GLY A 205 2.54 41.65 -46.90
N PRO A 206 2.06 41.91 -48.11
CA PRO A 206 2.44 43.16 -48.80
C PRO A 206 1.83 44.37 -48.13
N VAL A 207 2.46 45.52 -48.34
CA VAL A 207 1.94 46.78 -47.81
C VAL A 207 0.65 47.13 -48.56
N ARG A 208 -0.36 47.52 -47.79
CA ARG A 208 -1.66 47.83 -48.37
C ARG A 208 -1.67 49.23 -48.98
N LEU A 209 -2.70 49.49 -49.79
CA LEU A 209 -2.84 50.80 -50.43
C LEU A 209 -3.21 51.89 -49.45
N GLY A 210 -3.74 51.53 -48.28
CA GLY A 210 -4.13 52.53 -47.30
C GLY A 210 -2.94 53.29 -46.73
N GLY A 211 -1.87 52.57 -46.39
CA GLY A 211 -0.70 53.19 -45.80
C GLY A 211 0.19 53.88 -46.82
N GLY A 212 0.18 55.21 -46.81
CA GLY A 212 0.99 55.97 -47.74
C GLY A 212 1.95 56.94 -47.07
N GLY A 213 1.64 57.34 -45.84
CA GLY A 213 2.46 58.31 -45.14
C GLY A 213 3.20 57.76 -43.94
N SER A 214 2.59 56.78 -43.26
CA SER A 214 3.21 56.21 -42.07
C SER A 214 4.48 55.45 -42.42
N ALA A 215 5.41 55.43 -41.47
CA ALA A 215 6.68 54.71 -41.64
C ALA A 215 6.43 53.25 -41.26
N VAL A 216 6.11 52.43 -42.26
CA VAL A 216 5.76 51.04 -42.03
C VAL A 216 6.64 50.16 -42.92
N VAL A 217 6.87 48.93 -42.46
CA VAL A 217 7.61 47.93 -43.21
C VAL A 217 6.76 46.66 -43.25
N GLY A 218 6.62 46.09 -44.45
CA GLY A 218 5.87 44.87 -44.64
C GLY A 218 6.77 43.76 -45.14
N TYR A 219 6.44 42.53 -44.78
CA TYR A 219 7.16 41.35 -45.25
C TYR A 219 6.18 40.37 -45.88
N VAL A 220 6.52 39.90 -47.08
CA VAL A 220 5.68 38.96 -47.80
C VAL A 220 6.27 37.56 -47.64
N LYS A 221 5.47 36.56 -48.00
CA LYS A 221 5.87 35.17 -47.85
C LYS A 221 5.62 34.32 -49.08
N THR A 222 4.70 34.71 -49.97
CA THR A 222 4.40 33.92 -51.15
C THR A 222 5.61 33.86 -52.08
N LEU A 223 5.82 32.70 -52.69
CA LEU A 223 6.93 32.46 -53.61
C LEU A 223 6.49 32.44 -55.07
N HIS A 224 5.46 33.22 -55.41
CA HIS A 224 4.96 33.28 -56.78
C HIS A 224 5.62 34.38 -57.60
N THR A 225 6.53 35.15 -57.01
CA THR A 225 7.30 36.18 -57.70
C THR A 225 8.79 35.99 -57.46
N ASP A 226 9.25 34.74 -57.48
CA ASP A 226 10.62 34.43 -57.11
C ASP A 226 11.58 34.50 -58.29
N TYR A 227 11.27 33.81 -59.39
CA TYR A 227 12.24 33.71 -60.48
C TYR A 227 12.36 35.03 -61.24
N LEU A 228 13.38 35.82 -60.88
CA LEU A 228 13.59 37.11 -61.54
C LEU A 228 14.23 36.94 -62.91
N GLY A 229 15.13 35.97 -63.04
CA GLY A 229 15.81 35.74 -64.30
C GLY A 229 16.82 34.64 -64.16
N ALA A 230 17.54 34.40 -65.26
CA ALA A 230 18.58 33.37 -65.25
C ALA A 230 19.71 33.75 -64.30
N ASP A 231 20.23 34.98 -64.43
CA ASP A 231 21.32 35.43 -63.57
C ASP A 231 20.84 35.80 -62.18
N ARG A 232 19.64 36.38 -62.06
CA ARG A 232 19.16 36.86 -60.77
C ARG A 232 18.94 35.70 -59.79
N ILE A 233 18.42 34.58 -60.28
CA ILE A 233 18.24 33.43 -59.40
C ILE A 233 19.58 32.84 -58.99
N GLY A 234 20.56 32.84 -59.90
CA GLY A 234 21.87 32.31 -59.56
C GLY A 234 22.53 33.07 -58.42
N LEU A 235 22.41 34.40 -58.42
CA LEU A 235 22.97 35.20 -57.34
C LEU A 235 22.11 35.13 -56.08
N LEU A 236 20.79 34.99 -56.24
CA LEU A 236 19.91 34.93 -55.08
C LEU A 236 20.18 33.69 -54.24
N SER A 237 20.42 32.55 -54.88
CA SER A 237 20.71 31.33 -54.14
C SER A 237 22.12 31.34 -53.55
N SER A 238 23.04 32.10 -54.13
CA SER A 238 24.44 32.09 -53.71
C SER A 238 24.75 33.14 -52.66
N LEU A 239 23.81 34.01 -52.31
CA LEU A 239 24.09 35.06 -51.33
C LEU A 239 24.14 34.46 -49.92
N LYS A 240 25.09 34.94 -49.12
CA LYS A 240 25.26 34.44 -47.77
C LYS A 240 24.16 34.98 -46.86
N CYS A 241 23.85 34.23 -45.81
CA CYS A 241 22.80 34.64 -44.88
C CYS A 241 23.20 35.92 -44.15
N GLY A 242 22.19 36.76 -43.89
CA GLY A 242 22.37 37.98 -43.13
C GLY A 242 22.44 39.24 -43.96
N GLU A 243 22.73 39.13 -45.26
CA GLU A 243 22.84 40.30 -46.12
C GLU A 243 21.54 40.52 -46.89
N ARG A 244 21.39 41.73 -47.41
CA ARG A 244 20.18 42.14 -48.11
C ARG A 244 20.52 42.55 -49.55
N THR A 245 19.57 42.28 -50.45
CA THR A 245 19.72 42.68 -51.84
C THR A 245 19.54 44.20 -51.97
N PRO A 246 20.13 44.80 -53.01
CA PRO A 246 19.97 46.24 -53.19
C PRO A 246 18.51 46.62 -53.45
N ILE A 247 18.16 47.84 -53.06
CA ILE A 247 16.78 48.31 -53.19
C ILE A 247 16.43 48.42 -54.67
N LEU A 248 15.27 47.89 -55.04
CA LEU A 248 14.76 47.94 -56.40
C LEU A 248 13.43 48.67 -56.43
N ARG A 249 13.10 49.25 -57.57
CA ARG A 249 11.89 50.03 -57.73
C ARG A 249 10.82 49.20 -58.43
N PHE A 250 9.62 49.19 -57.85
CA PHE A 250 8.48 48.47 -58.40
C PHE A 250 7.34 49.44 -58.65
N ARG A 251 6.57 49.17 -59.71
CA ARG A 251 5.46 50.02 -60.10
C ARG A 251 4.12 49.55 -59.54
N VAL A 252 4.11 48.45 -58.78
CA VAL A 252 2.94 47.88 -58.10
C VAL A 252 1.69 47.98 -58.99
N GLY A 253 1.85 47.61 -60.26
CA GLY A 253 0.76 47.73 -61.20
C GLY A 253 -0.15 46.52 -61.29
N ASP A 254 0.42 45.35 -61.55
CA ASP A 254 -0.39 44.16 -61.77
C ASP A 254 -1.13 43.73 -60.51
N ARG A 255 -0.45 43.75 -59.36
CA ARG A 255 -1.08 43.34 -58.12
C ARG A 255 -2.12 44.35 -57.61
N GLY A 256 -2.13 45.56 -58.15
CA GLY A 256 -3.10 46.55 -57.71
C GLY A 256 -4.51 46.14 -58.06
N GLY A 257 -5.46 46.57 -57.22
CA GLY A 257 -6.85 46.25 -57.46
C GLY A 257 -7.33 46.83 -58.78
N THR A 258 -8.05 46.01 -59.54
CA THR A 258 -8.57 46.44 -60.83
C THR A 258 -9.59 47.56 -60.64
N PHE A 259 -9.48 48.61 -61.46
CA PHE A 259 -10.35 49.77 -61.40
C PHE A 259 -10.35 50.40 -60.01
N SER A 260 -9.17 50.46 -59.39
CA SER A 260 -9.05 51.07 -58.07
C SER A 260 -9.34 52.57 -58.13
N GLU A 261 -8.69 53.27 -59.06
CA GLU A 261 -8.90 54.71 -59.28
C GLU A 261 -8.70 55.51 -57.99
N ALA A 262 -7.68 55.14 -57.22
CA ALA A 262 -7.36 55.90 -56.02
C ALA A 262 -6.57 57.15 -56.36
N GLU A 263 -5.37 56.99 -56.90
CA GLU A 263 -4.60 58.12 -57.44
C GLU A 263 -3.92 57.81 -58.75
N GLY A 264 -3.88 56.54 -59.19
CA GLY A 264 -3.16 56.18 -60.40
C GLY A 264 -2.17 55.05 -60.17
N ARG A 265 -0.88 55.34 -60.35
CA ARG A 265 0.18 54.36 -60.21
C ARG A 265 1.07 54.74 -59.03
N GLU A 266 1.33 53.77 -58.15
CA GLU A 266 2.18 53.99 -56.99
C GLU A 266 3.54 53.35 -57.22
N GLN A 267 4.44 53.52 -56.25
CA GLN A 267 5.78 52.96 -56.32
C GLN A 267 6.14 52.32 -55.00
N ARG A 268 6.84 51.19 -55.07
CA ARG A 268 7.28 50.46 -53.89
C ARG A 268 8.76 50.13 -54.00
N PHE A 269 9.41 50.00 -52.85
CA PHE A 269 10.81 49.63 -52.77
C PHE A 269 10.92 48.24 -52.14
N THR A 270 11.62 47.33 -52.80
CA THR A 270 11.71 45.95 -52.37
C THR A 270 13.17 45.51 -52.29
N TRP A 271 13.43 44.56 -51.39
CA TRP A 271 14.75 43.99 -51.23
C TRP A 271 14.62 42.67 -50.48
N TYR A 272 15.42 41.69 -50.88
CA TYR A 272 15.37 40.36 -50.28
C TYR A 272 16.33 40.27 -49.10
N VAL A 273 15.94 39.48 -48.10
CA VAL A 273 16.75 39.22 -46.93
C VAL A 273 16.73 37.72 -46.65
N ARG A 274 17.88 37.17 -46.27
CA ARG A 274 18.03 35.76 -45.97
C ARG A 274 18.15 35.57 -44.47
N LEU A 275 17.45 34.56 -43.95
CA LEU A 275 17.45 34.29 -42.51
C LEU A 275 18.31 33.09 -42.14
N CYS A 276 18.37 32.06 -42.98
CA CYS A 276 19.13 30.86 -42.70
C CYS A 276 19.79 30.37 -43.99
N ASP A 277 20.68 29.39 -43.83
CA ASP A 277 21.35 28.77 -44.96
C ASP A 277 20.52 27.67 -45.61
N ALA A 278 19.32 27.41 -45.09
CA ALA A 278 18.34 26.45 -45.59
C ALA A 278 18.82 25.02 -45.37
N PRO A 279 17.92 24.09 -45.06
CA PRO A 279 18.32 22.69 -44.89
C PRO A 279 18.83 22.09 -46.18
N PHE A 280 19.63 21.04 -46.05
CA PHE A 280 20.22 20.39 -47.22
C PHE A 280 19.13 19.84 -48.14
N TYR A 281 18.11 19.20 -47.56
CA TYR A 281 17.04 18.61 -48.37
C TYR A 281 16.14 19.69 -48.97
N GLN A 282 15.98 20.82 -48.29
CA GLN A 282 15.11 21.87 -48.76
C GLN A 282 15.73 22.60 -49.96
N HIS A 283 14.89 23.30 -50.70
CA HIS A 283 15.34 24.02 -51.87
C HIS A 283 16.28 25.16 -51.44
N PRO A 284 17.30 25.48 -52.25
CA PRO A 284 18.19 26.60 -51.89
C PRO A 284 17.48 27.93 -51.75
N LEU A 285 16.34 28.11 -52.42
CA LEU A 285 15.59 29.36 -52.31
C LEU A 285 14.92 29.54 -50.97
N ALA A 286 14.90 28.50 -50.13
CA ALA A 286 14.28 28.62 -48.82
C ALA A 286 15.09 29.56 -47.92
N GLY A 287 14.38 30.21 -46.99
CA GLY A 287 15.00 31.15 -46.08
C GLY A 287 15.11 32.56 -46.61
N ILE A 288 14.50 32.87 -47.75
CA ILE A 288 14.58 34.19 -48.37
C ILE A 288 13.22 34.85 -48.24
N MET A 289 13.22 36.07 -47.69
CA MET A 289 12.01 36.84 -47.47
C MET A 289 12.11 38.18 -48.19
N ARG A 290 11.01 38.59 -48.82
CA ARG A 290 10.93 39.84 -49.55
C ARG A 290 10.14 40.87 -48.75
N LEU A 291 10.64 42.09 -48.71
CA LEU A 291 10.01 43.17 -47.96
C LEU A 291 9.56 44.28 -48.89
N GLU A 292 8.55 45.04 -48.44
CA GLU A 292 8.00 46.15 -49.20
C GLU A 292 8.22 47.45 -48.44
N MET A 293 8.38 48.54 -49.19
CA MET A 293 8.55 49.87 -48.63
C MET A 293 7.88 50.86 -49.59
N HIS A 294 6.73 51.40 -49.19
CA HIS A 294 6.01 52.33 -50.04
C HIS A 294 6.70 53.68 -50.05
N ALA A 295 6.92 54.22 -51.24
CA ALA A 295 7.59 55.50 -51.41
C ALA A 295 6.88 56.34 -52.45
N PRO A 296 6.91 57.66 -52.32
CA PRO A 296 6.34 58.52 -53.36
C PRO A 296 7.13 58.43 -54.66
N GLU A 297 6.45 58.72 -55.76
CA GLU A 297 7.08 58.66 -57.07
C GLU A 297 8.23 59.65 -57.16
N ASP A 298 9.38 59.17 -57.64
CA ASP A 298 10.61 59.92 -57.84
C ASP A 298 10.87 60.96 -56.75
N SER A 299 10.62 60.59 -55.50
CA SER A 299 10.79 61.52 -54.39
C SER A 299 12.25 61.92 -54.22
N SER A 300 13.16 60.95 -54.34
CA SER A 300 14.61 61.10 -54.19
C SER A 300 15.02 61.44 -52.76
N PHE A 301 14.06 61.59 -51.84
CA PHE A 301 14.34 61.80 -50.43
C PHE A 301 14.15 60.54 -49.60
N VAL A 302 13.04 59.82 -49.82
CA VAL A 302 12.80 58.57 -49.09
C VAL A 302 13.93 57.56 -49.30
N PRO A 303 14.48 57.35 -50.52
CA PRO A 303 15.57 56.39 -50.65
C PRO A 303 16.76 56.67 -49.73
N ALA A 304 17.07 57.94 -49.49
CA ALA A 304 18.12 58.26 -48.53
C ALA A 304 17.63 58.07 -47.10
N ALA A 305 16.33 58.20 -46.86
CA ALA A 305 15.80 58.04 -45.51
C ALA A 305 15.71 56.58 -45.09
N VAL A 306 15.36 55.69 -46.02
CA VAL A 306 15.17 54.28 -45.70
C VAL A 306 16.46 53.51 -45.93
N GLN A 307 17.54 54.22 -46.22
CA GLN A 307 18.83 53.56 -46.39
C GLN A 307 19.28 52.89 -45.09
N GLN A 308 19.04 53.56 -43.96
CA GLN A 308 19.36 52.94 -42.67
C GLN A 308 18.51 51.68 -42.44
N ILE A 309 17.25 51.72 -42.85
CA ILE A 309 16.38 50.56 -42.70
C ILE A 309 16.90 49.39 -43.52
N ALA A 310 17.47 49.68 -44.69
CA ALA A 310 18.04 48.61 -45.52
C ALA A 310 19.17 47.90 -44.80
N ASP A 311 20.04 48.65 -44.12
CA ASP A 311 21.07 48.03 -43.30
C ASP A 311 20.51 47.47 -42.00
N LEU A 312 19.48 48.12 -41.45
CA LEU A 312 18.86 47.66 -40.21
C LEU A 312 18.20 46.30 -40.39
N SER A 313 17.53 46.08 -41.52
CA SER A 313 16.84 44.82 -41.76
C SER A 313 17.80 43.67 -41.96
N GLY A 314 19.09 43.94 -42.22
CA GLY A 314 20.04 42.86 -42.42
C GLY A 314 20.24 42.01 -41.17
N ALA A 315 20.27 42.66 -40.01
CA ALA A 315 20.50 41.96 -38.74
C ALA A 315 19.25 41.83 -37.89
N LEU A 316 18.24 42.67 -38.12
CA LEU A 316 17.02 42.58 -37.33
C LEU A 316 16.29 41.27 -37.60
N LEU A 317 16.09 40.94 -38.87
CA LEU A 317 15.37 39.71 -39.22
C LEU A 317 16.21 38.46 -38.98
N SER A 318 17.53 38.58 -38.99
CA SER A 318 18.38 37.42 -38.67
C SER A 318 18.12 36.95 -37.24
N LYS A 319 18.02 37.89 -36.30
CA LYS A 319 17.64 37.52 -34.94
C LYS A 319 16.19 37.07 -34.88
N LEU A 320 15.32 37.70 -35.67
CA LEU A 320 13.90 37.36 -35.68
C LEU A 320 13.60 36.09 -36.47
N GLY A 321 14.58 35.54 -37.19
CA GLY A 321 14.36 34.31 -37.90
C GLY A 321 14.05 33.14 -36.98
N SER A 322 12.94 32.45 -37.24
CA SER A 322 12.54 31.34 -36.40
C SER A 322 13.50 30.16 -36.58
N LYS A 323 14.01 29.65 -35.47
CA LYS A 323 14.85 28.46 -35.53
C LYS A 323 14.02 27.24 -35.92
N LEU A 324 14.65 26.35 -36.68
CA LEU A 324 13.90 25.43 -37.54
C LEU A 324 13.14 24.37 -36.75
N HIS A 325 13.74 23.82 -35.70
CA HIS A 325 13.30 22.52 -35.21
C HIS A 325 11.96 22.54 -34.49
N LYS A 326 11.55 23.67 -33.89
CA LYS A 326 10.31 23.66 -33.13
C LYS A 326 9.08 23.69 -34.04
N ASP A 327 9.09 24.53 -35.05
CA ASP A 327 7.88 24.75 -35.84
C ASP A 327 7.86 23.85 -37.06
N SER A 328 6.66 23.46 -37.47
CA SER A 328 6.50 22.63 -38.66
C SER A 328 7.00 23.37 -39.90
N ARG A 329 6.63 24.63 -40.05
CA ARG A 329 7.22 25.50 -41.07
C ARG A 329 8.54 26.02 -40.53
N ALA A 330 9.57 25.18 -40.67
CA ALA A 330 10.87 25.48 -40.06
C ALA A 330 11.44 26.82 -40.52
N PRO A 331 11.55 27.11 -41.82
CA PRO A 331 11.88 28.48 -42.23
C PRO A 331 10.62 29.30 -42.41
N GLN A 332 10.77 30.56 -42.84
CA GLN A 332 9.64 31.39 -43.26
C GLN A 332 8.66 31.63 -42.12
N ASN A 333 9.20 31.95 -40.95
CA ASN A 333 8.37 32.22 -39.79
C ASN A 333 9.17 33.05 -38.79
N LEU A 334 8.47 33.64 -37.83
CA LEU A 334 9.08 34.43 -36.78
C LEU A 334 8.65 33.89 -35.42
N ILE A 335 9.54 34.04 -34.43
CA ILE A 335 9.22 33.60 -33.08
C ILE A 335 8.03 34.33 -32.49
N PRO A 336 7.96 35.68 -32.52
CA PRO A 336 6.82 36.34 -31.86
C PRO A 336 5.49 36.06 -32.54
N THR A 337 5.46 36.03 -33.87
CA THR A 337 4.19 35.84 -34.56
C THR A 337 3.60 34.45 -34.30
N ALA A 338 4.45 33.44 -34.12
CA ALA A 338 3.96 32.11 -33.78
C ALA A 338 3.28 32.12 -32.41
N ALA A 339 3.89 32.81 -31.44
CA ALA A 339 3.24 32.96 -30.14
C ALA A 339 2.10 33.96 -30.19
N LEU A 340 2.19 34.96 -31.08
CA LEU A 340 1.14 35.96 -31.19
C LEU A 340 -0.14 35.35 -31.76
N GLU A 341 -0.03 34.58 -32.84
CA GLU A 341 -1.22 34.00 -33.45
C GLU A 341 -1.94 33.05 -32.49
N GLN A 342 -1.19 32.32 -31.67
CA GLN A 342 -1.82 31.48 -30.66
C GLN A 342 -2.51 32.31 -29.59
N ALA A 343 -2.03 33.54 -29.36
CA ALA A 343 -2.67 34.42 -28.38
C ALA A 343 -4.04 34.88 -28.85
N MET A 344 -4.19 35.15 -30.16
CA MET A 344 -5.50 35.55 -30.66
C MET A 344 -6.53 34.46 -30.47
N ASN A 345 -6.13 33.19 -30.68
CA ASN A 345 -7.06 32.09 -30.47
C ASN A 345 -7.55 32.02 -29.03
N ARG A 346 -6.73 32.48 -28.08
CA ARG A 346 -7.18 32.56 -26.69
C ARG A 346 -8.09 33.76 -26.45
N SER A 347 -7.89 34.85 -27.21
CA SER A 347 -8.69 36.06 -27.00
C SER A 347 -10.17 35.78 -27.23
N MET A 348 -10.49 35.02 -28.27
CA MET A 348 -11.85 34.56 -28.50
C MET A 348 -12.06 33.24 -27.78
N GLY A 349 -13.29 33.01 -27.35
CA GLY A 349 -13.62 31.82 -26.60
C GLY A 349 -13.64 30.57 -27.47
N ASN A 350 -13.94 29.46 -26.83
CA ASN A 350 -14.03 28.20 -27.56
C ASN A 350 -15.19 28.22 -28.55
N LEU A 351 -14.99 27.55 -29.68
CA LEU A 351 -15.98 27.59 -30.75
C LEU A 351 -17.29 26.94 -30.33
N GLU A 352 -17.25 25.98 -29.41
CA GLU A 352 -18.47 25.26 -29.03
C GLU A 352 -19.44 26.17 -28.28
N LEU A 353 -18.96 26.89 -27.26
CA LEU A 353 -19.87 27.62 -26.39
C LEU A 353 -20.53 28.79 -27.12
N VAL A 354 -19.77 29.49 -27.98
CA VAL A 354 -20.34 30.62 -28.70
C VAL A 354 -21.43 30.14 -29.66
N THR A 355 -21.22 28.99 -30.29
CA THR A 355 -22.25 28.42 -31.15
C THR A 355 -23.49 28.03 -30.35
N ARG A 356 -23.29 27.51 -29.13
CA ARG A 356 -24.43 27.18 -28.28
C ARG A 356 -25.23 28.41 -27.92
N ARG A 357 -24.55 29.54 -27.70
CA ARG A 357 -25.25 30.77 -27.31
C ARG A 357 -26.08 31.32 -28.47
N ILE A 358 -25.48 31.43 -29.65
CA ILE A 358 -26.20 32.00 -30.79
C ILE A 358 -27.35 31.09 -31.21
N ARG A 359 -27.22 29.78 -31.00
CA ARG A 359 -28.30 28.86 -31.35
C ARG A 359 -29.55 29.14 -30.53
N THR A 360 -29.38 29.39 -29.24
CA THR A 360 -30.53 29.71 -28.38
C THR A 360 -31.18 31.02 -28.80
N HIS A 361 -30.37 32.01 -29.17
CA HIS A 361 -30.93 33.31 -29.56
C HIS A 361 -31.74 33.21 -30.85
N LEU A 362 -31.31 32.34 -31.78
CA LEU A 362 -31.96 32.25 -33.07
C LEU A 362 -33.41 31.78 -32.96
N VAL A 363 -33.66 30.75 -32.15
CA VAL A 363 -35.01 30.21 -32.04
C VAL A 363 -35.93 31.21 -31.35
N THR A 364 -35.44 31.91 -30.34
CA THR A 364 -36.24 32.88 -29.61
C THR A 364 -36.28 34.22 -30.33
N PRO B 29 -39.63 38.28 -41.32
CA PRO B 29 -38.61 38.34 -40.27
C PRO B 29 -38.34 36.94 -39.70
N ILE B 30 -37.42 36.23 -40.33
CA ILE B 30 -37.07 34.89 -39.88
C ILE B 30 -35.67 34.56 -40.36
N ASP B 31 -34.80 34.15 -39.43
CA ASP B 31 -33.43 33.78 -39.74
C ASP B 31 -33.11 32.45 -39.10
N THR B 32 -32.28 31.66 -39.79
CA THR B 32 -31.90 30.33 -39.31
C THR B 32 -30.63 29.91 -40.04
N PHE B 33 -30.02 28.84 -39.53
CA PHE B 33 -28.81 28.29 -40.11
C PHE B 33 -29.14 27.07 -40.96
N GLU B 34 -28.46 26.94 -42.09
CA GLU B 34 -28.66 25.83 -43.01
C GLU B 34 -27.36 25.09 -43.21
N GLY B 35 -27.41 23.76 -43.11
CA GLY B 35 -26.22 22.94 -43.26
C GLY B 35 -25.70 23.00 -44.70
N GLN B 36 -24.37 23.06 -44.84
CA GLN B 36 -23.74 23.06 -46.14
C GLN B 36 -22.30 22.60 -45.98
N LEU B 37 -21.79 21.96 -47.03
CA LEU B 37 -20.42 21.45 -47.04
C LEU B 37 -19.74 21.86 -48.34
N THR B 38 -18.57 22.48 -48.22
CA THR B 38 -17.80 22.86 -49.40
C THR B 38 -16.35 23.09 -48.98
N LEU B 39 -15.44 22.26 -49.51
CA LEU B 39 -14.01 22.42 -49.27
C LEU B 39 -13.22 22.70 -50.53
N LYS B 40 -13.38 21.87 -51.56
CA LYS B 40 -12.58 21.97 -52.77
C LYS B 40 -13.10 23.03 -53.75
N PRO B 41 -14.38 22.99 -54.16
CA PRO B 41 -14.82 23.93 -55.21
C PRO B 41 -14.80 25.37 -54.72
N PHE B 42 -14.57 26.28 -55.68
CA PHE B 42 -14.49 27.70 -55.40
C PHE B 42 -15.39 28.44 -56.37
N ALA B 43 -16.03 29.50 -55.86
CA ALA B 43 -16.94 30.35 -56.65
C ALA B 43 -18.13 29.54 -57.17
N GLY B 44 -18.76 28.81 -56.25
CA GLY B 44 -19.99 28.11 -56.60
C GLY B 44 -21.19 29.02 -56.68
N LEU B 45 -21.19 30.11 -55.93
CA LEU B 45 -22.28 31.10 -55.90
C LEU B 45 -23.57 30.38 -55.53
N VAL B 46 -24.71 30.94 -55.94
CA VAL B 46 -26.00 30.25 -55.84
C VAL B 46 -26.68 30.38 -57.21
N PHE B 47 -27.05 29.24 -57.78
CA PHE B 47 -27.54 29.18 -59.16
C PHE B 47 -28.96 28.64 -59.20
N ASP B 48 -29.44 28.43 -60.43
CA ASP B 48 -30.77 27.88 -60.68
C ASP B 48 -30.65 26.86 -61.80
N VAL B 49 -30.71 25.57 -61.45
CA VAL B 49 -30.52 24.50 -62.43
C VAL B 49 -31.82 24.15 -63.14
N GLU B 50 -32.95 24.70 -62.69
CA GLU B 50 -34.26 24.26 -63.17
C GLU B 50 -34.39 24.52 -64.66
N THR B 51 -34.79 23.49 -65.41
CA THR B 51 -34.89 23.58 -66.86
C THR B 51 -36.33 23.45 -67.35
N ASP B 52 -37.02 22.36 -67.01
CA ASP B 52 -38.37 22.13 -67.50
C ASP B 52 -39.04 21.04 -66.67
N ARG B 53 -40.37 21.05 -66.69
CA ARG B 53 -41.21 19.96 -66.20
C ARG B 53 -40.94 19.67 -64.72
N TRP B 54 -41.30 20.64 -63.89
CA TRP B 54 -41.39 20.44 -62.45
C TRP B 54 -42.86 20.28 -62.06
N GLU B 55 -43.16 19.26 -61.28
CA GLU B 55 -44.52 18.98 -60.83
C GLU B 55 -44.51 18.71 -59.33
N ALA B 56 -45.69 18.82 -58.72
CA ALA B 56 -45.86 18.70 -57.27
C ALA B 56 -46.76 17.49 -56.99
N ILE B 57 -46.14 16.31 -56.89
CA ILE B 57 -46.87 15.09 -56.53
C ILE B 57 -46.07 14.34 -55.48
N PRO B 58 -46.39 14.51 -54.18
CA PRO B 58 -45.65 13.77 -53.14
C PRO B 58 -46.17 12.34 -53.04
N THR B 59 -45.29 11.38 -53.26
CA THR B 59 -45.64 9.97 -53.26
C THR B 59 -44.82 9.23 -52.20
N LEU B 60 -45.50 8.38 -51.43
CA LEU B 60 -44.82 7.62 -50.38
C LEU B 60 -43.95 6.53 -50.98
N GLY B 61 -42.95 6.11 -50.21
CA GLY B 61 -42.02 5.10 -50.64
C GLY B 61 -42.36 3.72 -50.09
N ILE B 62 -42.04 2.70 -50.89
CA ILE B 62 -42.29 1.31 -50.51
C ILE B 62 -41.00 0.51 -50.67
N PRO B 63 -40.58 -0.24 -49.65
CA PRO B 63 -39.36 -1.04 -49.79
C PRO B 63 -39.52 -2.15 -50.81
N GLU B 64 -38.40 -2.52 -51.43
CA GLU B 64 -38.38 -3.55 -52.45
C GLU B 64 -37.25 -4.52 -52.17
N SER B 65 -37.41 -5.75 -52.63
CA SER B 65 -36.44 -6.82 -52.38
C SER B 65 -35.27 -6.68 -53.35
N VAL B 66 -34.12 -6.26 -52.83
CA VAL B 66 -32.88 -6.20 -53.61
C VAL B 66 -31.79 -6.88 -52.80
N ARG B 67 -30.91 -7.60 -53.51
CA ARG B 67 -29.92 -8.44 -52.84
C ARG B 67 -28.90 -7.60 -52.08
N GLU B 68 -28.31 -6.60 -52.73
CA GLU B 68 -27.25 -5.83 -52.10
C GLU B 68 -27.28 -4.39 -52.62
N VAL B 69 -26.82 -3.47 -51.77
CA VAL B 69 -26.67 -2.07 -52.12
C VAL B 69 -25.23 -1.66 -51.82
N LEU B 70 -24.62 -0.92 -52.74
CA LEU B 70 -23.23 -0.52 -52.63
C LEU B 70 -23.13 0.99 -52.50
N VAL B 71 -22.37 1.45 -51.50
CA VAL B 71 -22.08 2.87 -51.30
C VAL B 71 -20.56 3.04 -51.40
N VAL B 72 -20.12 3.96 -52.25
CA VAL B 72 -18.70 4.15 -52.51
C VAL B 72 -18.31 5.59 -52.17
N ASP B 73 -17.04 5.77 -51.86
CA ASP B 73 -16.46 7.08 -51.56
C ASP B 73 -14.98 7.04 -51.88
N GLY B 74 -14.39 8.23 -51.95
CA GLY B 74 -12.97 8.36 -52.18
C GLY B 74 -12.39 9.50 -51.36
N LYS B 75 -11.10 9.40 -51.07
CA LYS B 75 -10.44 10.40 -50.25
C LYS B 75 -9.08 10.76 -50.82
N PRO B 76 -8.85 12.03 -51.15
CA PRO B 76 -7.53 12.45 -51.61
C PRO B 76 -6.61 12.84 -50.46
N ARG B 77 -5.31 12.76 -50.74
CA ARG B 77 -4.31 13.11 -49.74
C ARG B 77 -3.16 13.83 -50.43
N MET B 78 -2.43 14.62 -49.64
CA MET B 78 -1.29 15.41 -50.14
C MET B 78 -0.10 15.12 -49.24
N GLU B 79 0.93 14.48 -49.79
CA GLU B 79 2.11 14.15 -49.00
C GLU B 79 3.08 15.33 -48.93
N ALA B 80 3.60 15.76 -50.08
CA ALA B 80 4.56 16.85 -50.10
C ALA B 80 4.60 17.47 -51.49
N ARG B 81 4.52 18.80 -51.54
CA ARG B 81 4.63 19.54 -52.79
C ARG B 81 6.09 19.66 -53.21
N LEU B 82 6.34 19.54 -54.51
CA LEU B 82 7.69 19.56 -55.05
C LEU B 82 7.90 20.79 -55.92
N LEU B 83 9.18 21.08 -56.19
CA LEU B 83 9.55 22.22 -57.03
C LEU B 83 10.96 21.97 -57.54
N MET B 84 11.11 21.83 -58.85
CA MET B 84 12.40 21.47 -59.44
C MET B 84 12.71 22.36 -60.63
N ASP B 85 14.01 22.52 -60.88
CA ASP B 85 14.52 23.19 -62.07
C ASP B 85 15.72 22.40 -62.58
N ASP B 86 15.63 21.92 -63.82
CA ASP B 86 16.65 21.03 -64.39
C ASP B 86 17.27 21.71 -65.61
N ASP B 87 18.29 22.53 -65.36
CA ASP B 87 19.07 23.19 -66.41
C ASP B 87 18.18 23.93 -67.39
N SER B 88 17.17 24.63 -66.85
CA SER B 88 16.24 25.36 -67.69
C SER B 88 16.13 26.82 -67.25
N GLY B 89 16.29 27.07 -65.94
CA GLY B 89 16.14 28.39 -65.39
C GLY B 89 14.72 28.77 -65.04
N GLU B 90 13.74 27.93 -65.34
CA GLU B 90 12.35 28.17 -64.99
C GLU B 90 11.86 27.06 -64.07
N LEU B 91 11.22 27.43 -62.98
CA LEU B 91 10.80 26.46 -61.98
C LEU B 91 9.61 25.64 -62.48
N HIS B 92 9.56 24.39 -62.04
CA HIS B 92 8.45 23.49 -62.31
C HIS B 92 7.99 22.87 -61.00
N LEU B 93 6.72 22.47 -60.95
CA LEU B 93 6.10 21.99 -59.73
C LEU B 93 5.69 20.54 -59.87
N ALA B 94 5.54 19.87 -58.72
CA ALA B 94 5.08 18.49 -58.68
C ALA B 94 4.51 18.22 -57.28
N ALA B 95 3.78 17.12 -57.16
CA ALA B 95 3.18 16.72 -55.90
C ALA B 95 3.20 15.20 -55.79
N PHE B 96 3.17 14.73 -54.55
CA PHE B 96 3.21 13.30 -54.23
C PHE B 96 1.90 12.85 -53.60
N GLY B 97 0.78 13.30 -54.15
CA GLY B 97 -0.52 13.06 -53.53
C GLY B 97 -0.94 11.60 -53.60
N ALA B 98 -2.06 11.33 -52.91
CA ALA B 98 -2.59 9.98 -52.79
C ALA B 98 -4.11 10.03 -52.85
N TYR B 99 -4.71 8.90 -53.22
CA TYR B 99 -6.15 8.76 -53.23
C TYR B 99 -6.50 7.29 -53.08
N VAL B 100 -7.57 7.01 -52.33
CA VAL B 100 -8.01 5.64 -52.06
C VAL B 100 -9.53 5.59 -52.20
N VAL B 101 -10.03 4.58 -52.91
CA VAL B 101 -11.46 4.37 -53.05
C VAL B 101 -11.85 3.13 -52.28
N GLY B 102 -13.14 3.04 -51.96
CA GLY B 102 -13.65 1.90 -51.22
C GLY B 102 -15.16 1.79 -51.35
N ALA B 103 -15.66 0.60 -51.08
CA ALA B 103 -17.09 0.31 -51.17
C ALA B 103 -17.53 -0.47 -49.93
N VAL B 104 -18.80 -0.30 -49.59
CA VAL B 104 -19.40 -1.00 -48.46
C VAL B 104 -20.65 -1.71 -48.95
N SER B 105 -20.82 -2.97 -48.54
CA SER B 105 -21.93 -3.81 -48.96
C SER B 105 -22.95 -3.93 -47.84
N LEU B 106 -24.20 -3.60 -48.14
CA LEU B 106 -25.27 -3.66 -47.16
C LEU B 106 -26.44 -4.46 -47.72
N CYS B 107 -27.19 -5.08 -46.81
CA CYS B 107 -28.45 -5.74 -47.16
C CYS B 107 -29.59 -4.89 -46.63
N PRO B 108 -30.44 -4.34 -47.51
CA PRO B 108 -31.52 -3.46 -47.02
C PRO B 108 -32.48 -4.14 -46.07
N HIS B 109 -32.73 -5.43 -46.25
CA HIS B 109 -33.63 -6.14 -45.34
C HIS B 109 -33.07 -6.20 -43.93
N GLY B 110 -31.76 -6.42 -43.80
CA GLY B 110 -31.14 -6.43 -42.49
C GLY B 110 -30.80 -7.81 -41.97
N THR B 111 -30.36 -8.70 -42.87
CA THR B 111 -30.02 -10.06 -42.44
C THR B 111 -28.72 -10.08 -41.64
N ARG B 112 -27.70 -9.35 -42.09
CA ARG B 112 -26.41 -9.32 -41.42
C ARG B 112 -25.82 -7.92 -41.52
N GLN B 113 -24.69 -7.72 -40.83
CA GLN B 113 -24.04 -6.42 -40.81
C GLN B 113 -23.33 -6.15 -42.13
N ALA B 114 -22.94 -4.89 -42.33
CA ALA B 114 -22.26 -4.48 -43.54
C ALA B 114 -20.80 -4.94 -43.53
N GLU B 115 -20.20 -4.98 -44.71
CA GLU B 115 -18.82 -5.37 -44.87
C GLU B 115 -18.16 -4.52 -45.94
N LEU B 116 -16.84 -4.38 -45.83
CA LEU B 116 -16.06 -3.58 -46.78
C LEU B 116 -15.57 -4.50 -47.90
N LEU B 117 -16.03 -4.24 -49.13
CA LEU B 117 -15.73 -5.14 -50.23
C LEU B 117 -14.26 -5.04 -50.62
N ASP B 118 -13.75 -3.82 -50.79
CA ASP B 118 -12.33 -3.63 -51.11
C ASP B 118 -11.92 -2.20 -50.79
N VAL B 119 -10.67 -2.06 -50.36
CA VAL B 119 -10.02 -0.77 -50.15
C VAL B 119 -8.58 -0.90 -50.61
N ARG B 120 -8.22 -0.23 -51.70
CA ARG B 120 -6.89 -0.34 -52.28
C ARG B 120 -6.17 1.01 -52.20
N ALA B 121 -4.88 0.95 -51.88
CA ALA B 121 -4.06 2.15 -51.74
C ALA B 121 -3.45 2.51 -53.09
N ARG B 122 -3.66 3.75 -53.53
CA ARG B 122 -3.11 4.24 -54.78
C ARG B 122 -2.56 5.65 -54.58
N ARG B 123 -1.51 5.97 -55.32
CA ARG B 123 -0.87 7.28 -55.25
C ARG B 123 -0.53 7.73 -56.66
N VAL B 124 -0.39 9.04 -56.84
CA VAL B 124 -0.02 9.61 -58.14
C VAL B 124 1.02 10.70 -57.93
N LEU B 125 1.82 10.92 -58.98
CA LEU B 125 2.77 12.02 -59.06
C LEU B 125 2.36 12.94 -60.19
N ALA B 126 2.13 14.21 -59.88
CA ALA B 126 1.61 15.19 -60.84
C ALA B 126 2.70 16.20 -61.14
N TYR B 127 3.49 15.93 -62.18
CA TYR B 127 4.63 16.74 -62.55
C TYR B 127 4.38 17.42 -63.91
N SER B 128 4.91 18.64 -64.04
CA SER B 128 4.75 19.40 -65.27
C SER B 128 5.66 18.83 -66.35
N SER B 129 5.78 19.54 -67.48
CA SER B 129 6.52 19.02 -68.61
C SER B 129 8.03 19.07 -68.37
N ASP B 130 8.52 18.16 -67.54
CA ASP B 130 9.95 18.04 -67.27
C ASP B 130 10.50 16.63 -67.50
N ALA B 131 9.66 15.61 -67.56
CA ALA B 131 10.03 14.23 -67.87
C ALA B 131 11.05 13.65 -66.90
N PRO B 132 10.70 13.43 -65.63
CA PRO B 132 11.57 12.65 -64.76
C PRO B 132 11.52 11.17 -65.13
N LEU B 133 12.51 10.43 -64.62
CA LEU B 133 12.67 9.02 -64.96
C LEU B 133 13.05 8.26 -63.69
N GLU B 134 13.52 7.02 -63.88
CA GLU B 134 13.90 6.11 -62.82
C GLU B 134 12.74 5.83 -61.88
N PRO B 135 11.73 5.08 -62.32
CA PRO B 135 10.63 4.69 -61.42
C PRO B 135 10.99 3.46 -60.59
N ALA B 136 11.90 3.64 -59.65
CA ALA B 136 12.38 2.57 -58.78
C ALA B 136 12.24 2.97 -57.32
N ARG B 137 11.88 2.00 -56.48
CA ARG B 137 11.74 2.22 -55.06
C ARG B 137 12.34 1.04 -54.31
N LEU B 138 13.09 1.34 -53.25
CA LEU B 138 13.71 0.30 -52.44
C LEU B 138 13.53 0.65 -50.97
N SER B 139 13.10 -0.32 -50.17
CA SER B 139 12.93 -0.12 -48.73
C SER B 139 14.16 -0.63 -48.00
N PRO B 140 14.91 0.23 -47.30
CA PRO B 140 16.07 -0.28 -46.55
C PRO B 140 15.68 -1.32 -45.52
N ARG B 141 14.89 -0.96 -44.52
CA ARG B 141 14.17 -1.96 -43.74
C ARG B 141 12.66 -1.71 -43.70
N ASN B 142 12.23 -0.59 -43.11
CA ASN B 142 10.81 -0.33 -42.87
C ASN B 142 10.02 0.37 -43.98
N PRO B 143 10.57 1.37 -44.71
CA PRO B 143 9.67 2.32 -45.39
C PRO B 143 9.24 1.89 -46.79
N HIS B 144 7.94 1.82 -47.02
CA HIS B 144 7.42 1.47 -48.35
C HIS B 144 6.60 2.63 -48.90
N THR B 145 6.83 2.95 -50.17
CA THR B 145 6.15 4.05 -50.85
C THR B 145 6.22 3.76 -52.34
N GLY B 146 5.39 4.46 -53.12
CA GLY B 146 5.37 4.26 -54.56
C GLY B 146 5.91 5.43 -55.36
N VAL B 147 6.86 5.15 -56.25
CA VAL B 147 7.39 6.14 -57.17
C VAL B 147 6.53 6.13 -58.43
N LEU B 148 6.17 7.32 -58.91
CA LEU B 148 5.00 7.45 -59.78
C LEU B 148 5.25 8.36 -60.98
N ASP B 149 4.18 8.61 -61.76
CA ASP B 149 4.24 9.50 -62.90
C ASP B 149 2.84 9.77 -63.46
N TYR B 150 2.57 11.02 -63.84
CA TYR B 150 1.39 11.38 -64.61
C TYR B 150 1.56 12.81 -65.11
N GLU B 151 0.69 13.20 -66.04
CA GLU B 151 0.80 14.49 -66.73
C GLU B 151 -0.36 15.41 -66.42
N PRO B 152 -0.25 16.30 -65.43
CA PRO B 152 -1.24 17.38 -65.26
C PRO B 152 -0.92 18.54 -66.19
N TYR B 153 -1.77 18.73 -67.20
CA TYR B 153 -1.58 19.76 -68.22
C TYR B 153 -0.20 19.63 -68.89
N ALA B 154 0.20 18.39 -69.15
CA ALA B 154 1.49 18.09 -69.77
C ALA B 154 2.66 18.71 -69.03
N GLN B 159 4.01 30.29 -68.14
CA GLN B 159 3.28 30.27 -66.88
C GLN B 159 2.52 28.96 -66.70
N VAL B 160 2.14 28.67 -65.46
CA VAL B 160 1.43 27.44 -65.14
C VAL B 160 0.68 27.66 -63.84
N GLU B 161 -0.38 26.88 -63.62
CA GLU B 161 -1.15 26.98 -62.39
C GLU B 161 -0.28 26.61 -61.20
N GLY B 162 -0.07 27.57 -60.30
CA GLY B 162 0.83 27.40 -59.19
C GLY B 162 0.28 26.52 -58.08
N PRO B 163 -0.76 26.99 -57.39
CA PRO B 163 -1.26 26.25 -56.22
C PRO B 163 -2.29 25.18 -56.56
N ARG B 164 -2.95 25.32 -57.70
CA ARG B 164 -4.09 24.47 -58.03
C ARG B 164 -3.79 23.48 -59.16
N ALA B 165 -2.51 23.15 -59.38
CA ALA B 165 -2.15 22.15 -60.37
C ALA B 165 -2.20 20.73 -59.82
N ALA B 166 -2.51 20.56 -58.54
CA ALA B 166 -2.57 19.23 -57.95
C ALA B 166 -3.72 19.07 -56.95
N VAL B 167 -4.63 20.05 -56.85
CA VAL B 167 -5.74 19.97 -55.90
C VAL B 167 -7.03 19.67 -56.65
N GLN B 168 -7.15 20.19 -57.86
CA GLN B 168 -8.31 19.89 -58.69
C GLN B 168 -8.02 18.74 -59.66
N LYS B 169 -6.74 18.49 -59.95
CA LYS B 169 -6.34 17.32 -60.72
C LYS B 169 -6.61 16.03 -59.97
N LEU B 170 -6.09 15.92 -58.74
CA LEU B 170 -6.07 14.62 -58.07
C LEU B 170 -7.49 14.17 -57.72
N MET B 171 -8.36 15.11 -57.38
CA MET B 171 -9.77 14.76 -57.20
C MET B 171 -10.38 14.28 -58.51
N LEU B 172 -10.00 14.91 -59.63
CA LEU B 172 -10.54 14.51 -60.93
C LEU B 172 -10.14 13.08 -61.29
N GLN B 173 -8.87 12.73 -61.09
CA GLN B 173 -8.44 11.36 -61.36
C GLN B 173 -9.07 10.38 -60.38
N ASP B 174 -9.26 10.79 -59.13
CA ASP B 174 -9.92 9.92 -58.16
C ASP B 174 -11.35 9.59 -58.60
N GLU B 175 -12.07 10.60 -59.10
CA GLU B 175 -13.42 10.35 -59.60
C GLU B 175 -13.41 9.48 -60.86
N GLN B 176 -12.35 9.58 -61.67
CA GLN B 176 -12.30 8.84 -62.91
C GLN B 176 -12.22 7.33 -62.67
N LYS B 177 -11.27 6.90 -61.82
CA LYS B 177 -11.08 5.47 -61.61
C LYS B 177 -12.15 4.90 -60.68
N LEU B 178 -12.70 5.71 -59.78
CA LEU B 178 -13.75 5.23 -58.89
C LEU B 178 -14.97 4.79 -59.68
N SER B 179 -15.37 5.58 -60.69
CA SER B 179 -16.45 5.16 -61.57
C SER B 179 -16.07 3.90 -62.34
N ARG B 180 -14.82 3.83 -62.82
CA ARG B 180 -14.35 2.64 -63.52
C ARG B 180 -14.37 1.42 -62.60
N GLN B 181 -13.94 1.60 -61.35
CA GLN B 181 -13.99 0.50 -60.39
C GLN B 181 -15.43 0.07 -60.12
N LEU B 182 -16.33 1.04 -59.95
CA LEU B 182 -17.73 0.71 -59.70
C LEU B 182 -18.42 0.17 -60.94
N ALA B 183 -17.90 0.44 -62.13
CA ALA B 183 -18.54 -0.04 -63.35
C ALA B 183 -18.48 -1.56 -63.48
N SER B 184 -17.60 -2.23 -62.74
CA SER B 184 -17.54 -3.69 -62.85
C SER B 184 -18.67 -4.35 -62.06
N PRO B 185 -18.89 -4.07 -60.75
CA PRO B 185 -20.11 -4.60 -60.13
C PRO B 185 -21.31 -3.73 -60.44
N ILE B 186 -22.17 -4.19 -61.35
CA ILE B 186 -23.32 -3.42 -61.82
C ILE B 186 -24.45 -4.39 -62.12
N ALA B 187 -25.65 -4.09 -61.62
CA ALA B 187 -26.82 -4.86 -61.99
C ALA B 187 -27.16 -4.63 -63.46
N LEU B 188 -27.63 -5.69 -64.11
CA LEU B 188 -27.93 -5.63 -65.54
C LEU B 188 -28.99 -4.56 -65.81
N GLU B 189 -28.71 -3.69 -66.77
CA GLU B 189 -29.65 -2.64 -67.12
C GLU B 189 -30.90 -3.23 -67.77
N GLU B 190 -32.05 -2.73 -67.38
CA GLU B 190 -33.34 -3.19 -67.89
C GLU B 190 -33.95 -2.12 -68.79
N GLY B 191 -34.59 -2.56 -69.87
CA GLY B 191 -35.24 -1.63 -70.76
C GLY B 191 -36.45 -0.98 -70.12
N GLU B 192 -37.50 -1.76 -69.88
CA GLU B 192 -38.68 -1.29 -69.16
C GLU B 192 -38.98 -2.12 -67.92
N ALA B 193 -39.11 -3.44 -68.07
CA ALA B 193 -39.33 -4.34 -66.94
C ALA B 193 -38.53 -5.63 -67.09
N ASP B 194 -37.35 -5.54 -67.71
CA ASP B 194 -36.60 -6.74 -68.05
C ASP B 194 -36.12 -7.48 -66.80
N ALA B 195 -35.48 -6.77 -65.87
CA ALA B 195 -34.95 -7.40 -64.68
C ALA B 195 -34.74 -6.35 -63.60
N LEU B 196 -35.09 -6.71 -62.36
CA LEU B 196 -34.86 -5.81 -61.24
C LEU B 196 -33.37 -5.71 -60.93
N PRO B 197 -32.92 -4.57 -60.39
CA PRO B 197 -31.50 -4.43 -60.04
C PRO B 197 -31.08 -5.38 -58.93
N GLU B 198 -30.19 -6.32 -59.26
CA GLU B 198 -29.75 -7.30 -58.28
C GLU B 198 -28.82 -6.67 -57.24
N SER B 199 -27.87 -5.84 -57.69
CA SER B 199 -26.89 -5.22 -56.80
C SER B 199 -26.88 -3.72 -57.08
N LEU B 200 -27.62 -2.96 -56.27
CA LEU B 200 -27.67 -1.52 -56.42
C LEU B 200 -26.34 -0.90 -55.99
N VAL B 201 -26.01 0.25 -56.59
CA VAL B 201 -24.82 1.00 -56.25
C VAL B 201 -25.20 2.46 -56.01
N LEU B 202 -24.38 3.15 -55.22
CA LEU B 202 -24.62 4.53 -54.86
C LEU B 202 -23.31 5.29 -54.91
N GLN B 203 -23.32 6.46 -55.55
CA GLN B 203 -22.13 7.27 -55.73
C GLN B 203 -22.32 8.65 -55.11
N ASP B 204 -21.25 9.18 -54.52
CA ASP B 204 -21.29 10.51 -53.94
C ASP B 204 -21.28 11.57 -55.04
N GLY B 205 -22.00 12.67 -54.78
CA GLY B 205 -22.04 13.78 -55.70
C GLY B 205 -22.89 13.49 -56.93
N PRO B 206 -22.87 14.42 -57.89
CA PRO B 206 -23.63 14.21 -59.12
C PRO B 206 -23.03 13.09 -59.95
N VAL B 207 -23.88 12.50 -60.80
CA VAL B 207 -23.44 11.44 -61.69
C VAL B 207 -22.48 12.02 -62.72
N ARG B 208 -21.37 11.31 -62.96
CA ARG B 208 -20.35 11.80 -63.85
C ARG B 208 -20.73 11.54 -65.31
N LEU B 209 -20.02 12.21 -66.22
CA LEU B 209 -20.27 12.03 -67.64
C LEU B 209 -19.81 10.67 -68.15
N GLY B 210 -18.90 10.01 -67.42
CA GLY B 210 -18.42 8.71 -67.88
C GLY B 210 -19.50 7.64 -67.83
N GLY B 211 -20.28 7.60 -66.76
CA GLY B 211 -21.31 6.60 -66.61
C GLY B 211 -22.53 6.86 -67.48
N GLY B 212 -22.71 6.06 -68.53
CA GLY B 212 -23.84 6.24 -69.42
C GLY B 212 -24.71 5.01 -69.54
N GLY B 213 -24.15 3.83 -69.27
CA GLY B 213 -24.89 2.59 -69.43
C GLY B 213 -25.12 1.84 -68.13
N SER B 214 -24.20 1.97 -67.19
CA SER B 214 -24.30 1.27 -65.92
C SER B 214 -25.49 1.78 -65.11
N ALA B 215 -26.08 0.88 -64.32
CA ALA B 215 -27.21 1.22 -63.46
C ALA B 215 -26.65 1.77 -62.15
N VAL B 216 -26.50 3.09 -62.09
CA VAL B 216 -25.90 3.75 -60.94
C VAL B 216 -26.85 4.83 -60.44
N VAL B 217 -26.76 5.12 -59.14
CA VAL B 217 -27.53 6.18 -58.51
C VAL B 217 -26.57 7.09 -57.77
N GLY B 218 -26.69 8.41 -58.01
CA GLY B 218 -25.84 9.38 -57.36
C GLY B 218 -26.65 10.27 -56.42
N TYR B 219 -25.99 10.75 -55.37
CA TYR B 219 -26.61 11.66 -54.43
C TYR B 219 -25.69 12.86 -54.21
N VAL B 220 -26.27 14.05 -54.29
CA VAL B 220 -25.54 15.29 -54.09
C VAL B 220 -25.85 15.81 -52.70
N LYS B 221 -25.04 16.77 -52.24
CA LYS B 221 -25.17 17.25 -50.87
C LYS B 221 -25.25 18.77 -50.82
N THR B 222 -24.66 19.45 -51.80
CA THR B 222 -24.66 20.90 -51.81
C THR B 222 -26.04 21.45 -52.12
N LEU B 223 -26.31 22.67 -51.64
CA LEU B 223 -27.62 23.29 -51.73
C LEU B 223 -27.56 24.61 -52.50
N HIS B 224 -26.83 24.63 -53.61
CA HIS B 224 -26.77 25.83 -54.44
C HIS B 224 -27.86 25.86 -55.52
N THR B 225 -28.69 24.82 -55.60
CA THR B 225 -29.83 24.79 -56.51
C THR B 225 -31.14 24.51 -55.76
N ASP B 226 -31.23 24.90 -54.49
CA ASP B 226 -32.38 24.53 -53.68
C ASP B 226 -33.65 25.26 -54.13
N TYR B 227 -33.55 26.57 -54.36
CA TYR B 227 -34.74 27.38 -54.61
C TYR B 227 -35.19 27.20 -56.06
N LEU B 228 -36.17 26.32 -56.24
CA LEU B 228 -36.76 26.11 -57.56
C LEU B 228 -37.71 27.23 -57.95
N GLY B 229 -38.46 27.76 -56.99
CA GLY B 229 -39.42 28.82 -57.28
C GLY B 229 -40.18 29.17 -56.02
N ALA B 230 -41.12 30.09 -56.19
CA ALA B 230 -41.94 30.53 -55.06
C ALA B 230 -42.82 29.39 -54.54
N ASP B 231 -43.53 28.72 -55.43
CA ASP B 231 -44.42 27.63 -55.02
C ASP B 231 -43.65 26.36 -54.70
N ARG B 232 -42.55 26.09 -55.42
CA ARG B 232 -41.83 24.84 -55.22
C ARG B 232 -41.22 24.76 -53.83
N ILE B 233 -40.70 25.88 -53.31
CA ILE B 233 -40.12 25.88 -51.98
C ILE B 233 -41.19 25.67 -50.91
N GLY B 234 -42.37 26.25 -51.12
CA GLY B 234 -43.44 26.09 -50.16
C GLY B 234 -43.85 24.64 -49.99
N LEU B 235 -43.97 23.91 -51.10
CA LEU B 235 -44.31 22.49 -51.02
C LEU B 235 -43.11 21.65 -50.57
N LEU B 236 -41.90 22.09 -50.90
CA LEU B 236 -40.70 21.33 -50.52
C LEU B 236 -40.53 21.27 -49.01
N SER B 237 -40.78 22.39 -48.32
CA SER B 237 -40.65 22.39 -46.87
C SER B 237 -41.79 21.68 -46.17
N SER B 238 -42.95 21.57 -46.82
CA SER B 238 -44.14 20.99 -46.19
C SER B 238 -44.25 19.48 -46.38
N LEU B 239 -43.38 18.86 -47.17
CA LEU B 239 -43.47 17.42 -47.38
C LEU B 239 -42.94 16.67 -46.18
N LYS B 240 -43.61 15.56 -45.84
CA LYS B 240 -43.23 14.76 -44.70
C LYS B 240 -42.01 13.90 -45.04
N CYS B 241 -41.38 13.36 -44.00
CA CYS B 241 -40.21 12.51 -44.20
C CYS B 241 -40.59 11.19 -44.82
N GLY B 242 -39.70 10.66 -45.67
CA GLY B 242 -39.85 9.36 -46.26
C GLY B 242 -40.38 9.35 -47.68
N GLU B 243 -41.03 10.42 -48.12
CA GLU B 243 -41.59 10.49 -49.46
C GLU B 243 -40.63 11.18 -50.41
N ARG B 244 -40.86 10.97 -51.71
CA ARG B 244 -39.98 11.46 -52.75
C ARG B 244 -40.76 12.33 -53.74
N THR B 245 -40.09 13.35 -54.26
CA THR B 245 -40.67 14.20 -55.28
C THR B 245 -40.75 13.47 -56.62
N PRO B 246 -41.66 13.88 -57.49
CA PRO B 246 -41.76 13.22 -58.80
C PRO B 246 -40.52 13.46 -59.65
N ILE B 247 -40.27 12.50 -60.55
CA ILE B 247 -39.09 12.55 -61.41
C ILE B 247 -39.21 13.72 -62.37
N LEU B 248 -38.14 14.51 -62.49
CA LEU B 248 -38.08 15.64 -63.39
C LEU B 248 -36.94 15.44 -64.38
N ARG B 249 -37.05 16.09 -65.54
CA ARG B 249 -36.07 15.96 -66.61
C ARG B 249 -35.14 17.17 -66.61
N PHE B 250 -33.84 16.90 -66.64
CA PHE B 250 -32.80 17.92 -66.68
C PHE B 250 -31.91 17.70 -67.90
N ARG B 251 -31.41 18.80 -68.45
CA ARG B 251 -30.53 18.73 -69.62
C ARG B 251 -29.05 18.73 -69.25
N VAL B 252 -28.71 18.96 -67.97
CA VAL B 252 -27.37 18.86 -67.41
C VAL B 252 -26.33 19.52 -68.30
N GLY B 253 -26.74 20.55 -69.04
CA GLY B 253 -25.84 21.21 -69.96
C GLY B 253 -25.02 22.33 -69.35
N ASP B 254 -25.62 23.08 -68.42
CA ASP B 254 -24.92 24.22 -67.83
C ASP B 254 -23.77 23.75 -66.93
N ARG B 255 -24.01 22.74 -66.10
CA ARG B 255 -22.98 22.24 -65.20
C ARG B 255 -21.93 21.39 -65.92
N GLY B 256 -22.18 20.99 -67.16
CA GLY B 256 -21.21 20.20 -67.88
C GLY B 256 -19.95 20.98 -68.20
N GLY B 257 -18.86 20.24 -68.39
CA GLY B 257 -17.60 20.89 -68.72
C GLY B 257 -17.69 21.65 -70.03
N THR B 258 -17.11 22.85 -70.05
CA THR B 258 -17.13 23.67 -71.24
C THR B 258 -16.30 23.03 -72.35
N PHE B 259 -16.85 23.07 -73.57
CA PHE B 259 -16.20 22.49 -74.76
C PHE B 259 -15.88 21.01 -74.54
N SER B 260 -16.80 20.29 -73.89
CA SER B 260 -16.61 18.86 -73.70
C SER B 260 -16.61 18.12 -75.02
N GLU B 261 -17.56 18.46 -75.90
CA GLU B 261 -17.63 17.91 -77.25
C GLU B 261 -17.71 16.39 -77.26
N ALA B 262 -18.40 15.82 -76.26
CA ALA B 262 -18.60 14.37 -76.25
C ALA B 262 -19.77 13.99 -77.15
N GLU B 263 -20.98 14.43 -76.81
CA GLU B 263 -22.12 14.32 -77.70
C GLU B 263 -23.00 15.56 -77.71
N GLY B 264 -22.85 16.48 -76.75
CA GLY B 264 -23.71 17.63 -76.64
C GLY B 264 -24.30 17.78 -75.26
N ARG B 265 -25.63 17.71 -75.15
CA ARG B 265 -26.33 17.84 -73.89
C ARG B 265 -27.02 16.51 -73.57
N GLU B 266 -26.73 15.97 -72.39
CA GLU B 266 -27.32 14.70 -71.97
C GLU B 266 -28.64 14.96 -71.23
N GLN B 267 -29.20 13.92 -70.63
CA GLN B 267 -30.42 14.02 -69.86
C GLN B 267 -30.28 13.26 -68.55
N ARG B 268 -30.77 13.87 -67.46
CA ARG B 268 -30.72 13.27 -66.13
C ARG B 268 -32.09 13.33 -65.50
N PHE B 269 -32.36 12.38 -64.61
CA PHE B 269 -33.60 12.32 -63.86
C PHE B 269 -33.31 12.59 -62.39
N THR B 270 -34.04 13.54 -61.81
CA THR B 270 -33.80 13.99 -60.45
C THR B 270 -35.08 13.92 -59.63
N TRP B 271 -34.91 13.70 -58.33
CA TRP B 271 -36.01 13.68 -57.39
C TRP B 271 -35.45 13.85 -55.98
N TYR B 272 -36.22 14.53 -55.13
CA TYR B 272 -35.79 14.84 -53.78
C TYR B 272 -36.29 13.80 -52.80
N VAL B 273 -35.50 13.55 -51.77
CA VAL B 273 -35.84 12.64 -50.67
C VAL B 273 -35.53 13.31 -49.35
N ARG B 274 -36.40 13.12 -48.37
CA ARG B 274 -36.23 13.69 -47.04
C ARG B 274 -35.89 12.58 -46.06
N LEU B 275 -34.87 12.82 -45.23
CA LEU B 275 -34.42 11.83 -44.26
C LEU B 275 -34.91 12.10 -42.84
N CYS B 276 -35.06 13.36 -42.46
CA CYS B 276 -35.49 13.71 -41.11
C CYS B 276 -36.44 14.90 -41.19
N ASP B 277 -37.07 15.21 -40.07
CA ASP B 277 -37.97 16.35 -39.95
C ASP B 277 -37.24 17.64 -39.65
N ALA B 278 -35.99 17.63 -39.50
CA ALA B 278 -35.10 18.78 -39.31
C ALA B 278 -35.19 19.29 -37.88
N PRO B 279 -34.09 19.77 -37.32
CA PRO B 279 -34.13 20.33 -35.97
C PRO B 279 -34.96 21.60 -35.91
N PHE B 280 -35.52 21.92 -34.72
CA PHE B 280 -36.32 23.14 -34.58
C PHE B 280 -35.49 24.38 -34.91
N TYR B 281 -34.26 24.45 -34.40
CA TYR B 281 -33.44 25.62 -34.63
C TYR B 281 -32.97 25.72 -36.08
N GLN B 282 -32.70 24.58 -36.72
CA GLN B 282 -32.09 24.58 -38.03
C GLN B 282 -33.14 24.84 -39.12
N HIS B 283 -32.66 25.20 -40.30
CA HIS B 283 -33.55 25.59 -41.39
C HIS B 283 -34.44 24.41 -41.79
N PRO B 284 -35.70 24.67 -42.17
CA PRO B 284 -36.58 23.57 -42.58
C PRO B 284 -36.08 22.82 -43.80
N LEU B 285 -35.27 23.44 -44.65
CA LEU B 285 -34.74 22.77 -45.84
C LEU B 285 -33.73 21.70 -45.50
N ALA B 286 -33.26 21.62 -44.26
CA ALA B 286 -32.29 20.61 -43.88
C ALA B 286 -32.90 19.20 -43.96
N GLY B 287 -32.06 18.23 -44.29
CA GLY B 287 -32.49 16.86 -44.42
C GLY B 287 -33.05 16.48 -45.77
N ILE B 288 -32.90 17.34 -46.78
CA ILE B 288 -33.43 17.10 -48.12
C ILE B 288 -32.26 16.83 -49.06
N MET B 289 -32.31 15.72 -49.78
CA MET B 289 -31.24 15.29 -50.65
C MET B 289 -31.72 15.15 -52.09
N ARG B 290 -30.90 15.62 -53.02
CA ARG B 290 -31.16 15.51 -54.44
C ARG B 290 -30.37 14.34 -55.03
N LEU B 291 -31.03 13.56 -55.88
CA LEU B 291 -30.41 12.39 -56.51
C LEU B 291 -30.43 12.56 -58.02
N GLU B 292 -29.49 11.88 -58.68
CA GLU B 292 -29.38 11.90 -60.13
C GLU B 292 -29.55 10.50 -60.69
N MET B 293 -30.05 10.42 -61.92
CA MET B 293 -30.26 9.15 -62.61
C MET B 293 -30.08 9.42 -64.11
N HIS B 294 -28.92 9.06 -64.64
CA HIS B 294 -28.62 9.36 -66.04
C HIS B 294 -29.43 8.43 -66.95
N ALA B 295 -30.10 9.02 -67.93
CA ALA B 295 -30.96 8.28 -68.84
C ALA B 295 -30.73 8.77 -70.26
N PRO B 296 -30.92 7.91 -71.26
CA PRO B 296 -30.83 8.35 -72.65
C PRO B 296 -31.95 9.32 -72.99
N GLU B 297 -31.69 10.16 -73.99
CA GLU B 297 -32.65 11.18 -74.40
C GLU B 297 -33.94 10.51 -74.89
N ASP B 298 -35.07 11.02 -74.38
CA ASP B 298 -36.42 10.59 -74.73
C ASP B 298 -36.55 9.09 -74.95
N SER B 299 -35.89 8.30 -74.11
CA SER B 299 -35.91 6.84 -74.28
C SER B 299 -37.30 6.27 -74.07
N SER B 300 -38.04 6.79 -73.09
CA SER B 300 -39.38 6.37 -72.69
C SER B 300 -39.42 4.96 -72.13
N PHE B 301 -38.28 4.27 -72.06
CA PHE B 301 -38.18 2.97 -71.42
C PHE B 301 -37.54 3.04 -70.03
N VAL B 302 -36.47 3.81 -69.90
CA VAL B 302 -35.83 3.98 -68.59
C VAL B 302 -36.79 4.53 -67.55
N PRO B 303 -37.62 5.55 -67.83
CA PRO B 303 -38.54 6.04 -66.78
C PRO B 303 -39.43 4.94 -66.20
N ALA B 304 -39.86 3.98 -67.02
CA ALA B 304 -40.61 2.86 -66.48
C ALA B 304 -39.71 1.89 -65.72
N ALA B 305 -38.43 1.82 -66.10
CA ALA B 305 -37.51 0.91 -65.44
C ALA B 305 -37.08 1.42 -64.07
N VAL B 306 -36.87 2.73 -63.94
CA VAL B 306 -36.37 3.30 -62.70
C VAL B 306 -37.53 3.74 -61.81
N GLN B 307 -38.75 3.40 -62.21
CA GLN B 307 -39.91 3.73 -61.39
C GLN B 307 -39.85 3.00 -60.05
N GLN B 308 -39.39 1.75 -60.06
CA GLN B 308 -39.21 1.02 -58.80
C GLN B 308 -38.16 1.68 -57.93
N ILE B 309 -37.09 2.20 -58.55
CA ILE B 309 -36.04 2.87 -57.78
C ILE B 309 -36.59 4.12 -57.12
N ALA B 310 -37.53 4.81 -57.79
CA ALA B 310 -38.13 6.00 -57.20
C ALA B 310 -38.89 5.64 -55.91
N ASP B 311 -39.62 4.53 -55.92
CA ASP B 311 -40.26 4.07 -54.69
C ASP B 311 -39.26 3.43 -53.74
N LEU B 312 -38.22 2.78 -54.28
CA LEU B 312 -37.22 2.15 -53.42
C LEU B 312 -36.44 3.18 -52.62
N SER B 313 -36.09 4.31 -53.24
CA SER B 313 -35.31 5.33 -52.55
C SER B 313 -36.10 6.02 -51.44
N GLY B 314 -37.43 5.89 -51.44
CA GLY B 314 -38.22 6.51 -50.39
C GLY B 314 -37.92 5.96 -49.00
N ALA B 315 -37.74 4.65 -48.91
CA ALA B 315 -37.46 4.00 -47.63
C ALA B 315 -36.01 3.59 -47.46
N LEU B 316 -35.26 3.45 -48.55
CA LEU B 316 -33.86 3.05 -48.44
C LEU B 316 -33.04 4.14 -47.73
N LEU B 317 -33.16 5.38 -48.20
CA LEU B 317 -32.36 6.46 -47.63
C LEU B 317 -32.83 6.84 -46.23
N SER B 318 -34.10 6.57 -45.91
CA SER B 318 -34.59 6.85 -44.56
C SER B 318 -33.83 6.03 -43.53
N LYS B 319 -33.60 4.75 -43.82
CA LYS B 319 -32.81 3.91 -42.91
C LYS B 319 -31.35 4.34 -42.90
N LEU B 320 -30.80 4.70 -44.06
CA LEU B 320 -29.40 5.11 -44.15
C LEU B 320 -29.14 6.44 -43.46
N GLY B 321 -30.16 7.26 -43.27
CA GLY B 321 -29.98 8.56 -42.62
C GLY B 321 -29.41 8.46 -41.23
N SER B 322 -28.32 9.16 -40.97
CA SER B 322 -27.68 9.11 -39.67
C SER B 322 -28.50 9.89 -38.63
N LYS B 323 -28.59 9.32 -37.43
CA LYS B 323 -29.28 10.00 -36.35
C LYS B 323 -28.55 11.28 -35.97
N LEU B 324 -29.32 12.28 -35.56
CA LEU B 324 -28.89 13.67 -35.57
C LEU B 324 -28.11 14.07 -34.31
N HIS B 325 -27.51 13.11 -33.59
CA HIS B 325 -26.74 13.44 -32.41
C HIS B 325 -25.30 12.93 -32.42
N LYS B 326 -24.95 12.03 -33.35
CA LYS B 326 -23.60 11.47 -33.35
C LYS B 326 -22.61 12.38 -34.07
N ASP B 327 -22.83 12.61 -35.35
CA ASP B 327 -21.86 13.35 -36.17
C ASP B 327 -22.08 14.86 -36.03
N SER B 328 -21.02 15.61 -36.27
CA SER B 328 -21.11 17.07 -36.27
C SER B 328 -22.06 17.55 -37.36
N ARG B 329 -21.92 17.01 -38.57
CA ARG B 329 -22.87 17.24 -39.65
C ARG B 329 -24.04 16.26 -39.49
N ALA B 330 -24.81 16.49 -38.43
CA ALA B 330 -25.83 15.53 -38.03
C ALA B 330 -26.85 15.23 -39.12
N PRO B 331 -27.47 16.23 -39.78
CA PRO B 331 -28.28 15.90 -40.96
C PRO B 331 -27.44 15.92 -42.23
N GLN B 332 -28.05 15.60 -43.37
CA GLN B 332 -27.36 15.64 -44.66
C GLN B 332 -26.10 14.78 -44.64
N ASN B 333 -26.28 13.50 -44.30
CA ASN B 333 -25.16 12.59 -44.14
C ASN B 333 -25.66 11.15 -44.18
N LEU B 334 -24.72 10.21 -44.19
CA LEU B 334 -25.00 8.79 -44.21
C LEU B 334 -24.19 8.09 -43.12
N ILE B 335 -24.77 7.02 -42.56
CA ILE B 335 -24.05 6.26 -41.55
C ILE B 335 -22.80 5.58 -42.10
N PRO B 336 -22.86 4.81 -43.19
CA PRO B 336 -21.65 4.06 -43.59
C PRO B 336 -20.55 4.94 -44.13
N THR B 337 -20.88 6.09 -44.74
CA THR B 337 -19.84 6.93 -45.33
C THR B 337 -18.92 7.51 -44.27
N ALA B 338 -19.44 7.81 -43.07
CA ALA B 338 -18.59 8.31 -42.00
C ALA B 338 -17.60 7.25 -41.55
N ALA B 339 -18.06 6.00 -41.41
CA ALA B 339 -17.16 4.91 -41.08
C ALA B 339 -16.26 4.55 -42.27
N LEU B 340 -16.77 4.73 -43.49
CA LEU B 340 -15.98 4.40 -44.67
C LEU B 340 -14.83 5.38 -44.87
N GLU B 341 -15.11 6.68 -44.72
CA GLU B 341 -14.05 7.68 -44.94
C GLU B 341 -12.95 7.53 -43.91
N GLN B 342 -13.30 7.13 -42.67
CA GLN B 342 -12.28 6.88 -41.67
C GLN B 342 -11.45 5.65 -42.03
N ALA B 343 -12.04 4.69 -42.76
CA ALA B 343 -11.29 3.51 -43.19
C ALA B 343 -10.23 3.88 -44.22
N MET B 344 -10.53 4.84 -45.10
CA MET B 344 -9.53 5.28 -46.07
C MET B 344 -8.31 5.88 -45.38
N ASN B 345 -8.54 6.71 -44.36
CA ASN B 345 -7.43 7.32 -43.64
C ASN B 345 -6.54 6.27 -42.97
N ARG B 346 -7.13 5.13 -42.57
CA ARG B 346 -6.34 4.05 -42.02
C ARG B 346 -5.59 3.27 -43.09
N SER B 347 -6.16 3.19 -44.30
CA SER B 347 -5.50 2.44 -45.37
C SER B 347 -4.14 3.02 -45.71
N MET B 348 -4.05 4.34 -45.79
CA MET B 348 -2.76 4.99 -45.94
C MET B 348 -2.12 5.22 -44.58
N GLY B 349 -0.80 5.21 -44.55
CA GLY B 349 -0.06 5.37 -43.32
C GLY B 349 -0.12 6.79 -42.79
N ASN B 350 0.55 6.99 -41.65
CA ASN B 350 0.60 8.31 -41.04
C ASN B 350 1.39 9.27 -41.93
N LEU B 351 0.97 10.54 -41.91
CA LEU B 351 1.60 11.53 -42.78
C LEU B 351 3.06 11.77 -42.43
N GLU B 352 3.43 11.59 -41.16
CA GLU B 352 4.79 11.87 -40.74
C GLU B 352 5.79 10.90 -41.38
N LEU B 353 5.52 9.60 -41.29
CA LEU B 353 6.50 8.60 -41.72
C LEU B 353 6.71 8.64 -43.23
N VAL B 354 5.65 8.80 -44.00
CA VAL B 354 5.78 8.83 -45.45
C VAL B 354 6.59 10.04 -45.88
N THR B 355 6.42 11.17 -45.21
CA THR B 355 7.23 12.34 -45.51
C THR B 355 8.69 12.11 -45.16
N ARG B 356 8.95 11.35 -44.09
CA ARG B 356 10.34 11.05 -43.72
C ARG B 356 11.03 10.23 -44.80
N ARG B 357 10.32 9.27 -45.39
CA ARG B 357 10.94 8.41 -46.40
C ARG B 357 11.26 9.19 -47.67
N ILE B 358 10.29 9.96 -48.18
CA ILE B 358 10.51 10.69 -49.42
C ILE B 358 11.61 11.75 -49.24
N ARG B 359 11.75 12.29 -48.03
CA ARG B 359 12.81 13.24 -47.76
C ARG B 359 14.19 12.60 -47.94
N THR B 360 14.35 11.38 -47.42
CA THR B 360 15.63 10.69 -47.57
C THR B 360 15.92 10.35 -49.04
N HIS B 361 14.89 9.95 -49.79
CA HIS B 361 15.10 9.59 -51.19
C HIS B 361 15.48 10.82 -52.01
N LEU B 362 14.96 11.99 -51.67
CA LEU B 362 15.22 13.20 -52.46
C LEU B 362 16.70 13.57 -52.42
N VAL B 363 17.33 13.52 -51.24
CA VAL B 363 18.71 13.96 -51.12
C VAL B 363 19.64 12.99 -51.83
N THR B 364 19.28 11.70 -51.87
CA THR B 364 20.12 10.71 -52.53
C THR B 364 19.70 10.51 -53.99
N ALA C 12 -38.52 -15.50 -25.73
CA ALA C 12 -38.18 -14.30 -24.97
C ALA C 12 -37.28 -13.39 -25.78
N ASP C 13 -37.69 -12.14 -25.96
CA ASP C 13 -36.90 -11.19 -26.71
C ASP C 13 -35.63 -10.82 -25.95
N ALA C 14 -34.56 -10.60 -26.69
CA ALA C 14 -33.27 -10.25 -26.09
C ALA C 14 -33.34 -8.86 -25.46
N ILE C 15 -32.76 -8.72 -24.27
CA ILE C 15 -32.78 -7.43 -23.58
C ILE C 15 -31.87 -6.43 -24.28
N GLY C 16 -30.71 -6.86 -24.72
CA GLY C 16 -29.76 -5.97 -25.34
C GLY C 16 -28.66 -6.67 -26.11
N MET C 17 -27.50 -6.01 -26.20
CA MET C 17 -26.38 -6.47 -27.01
C MET C 17 -25.10 -6.39 -26.21
N VAL C 18 -24.16 -7.28 -26.51
CA VAL C 18 -22.87 -7.29 -25.82
C VAL C 18 -21.96 -6.23 -26.44
N LEU C 19 -21.29 -5.45 -25.59
CA LEU C 19 -20.44 -4.37 -26.06
C LEU C 19 -19.12 -4.91 -26.59
N GLY C 20 -18.42 -4.05 -27.33
CA GLY C 20 -17.12 -4.41 -27.85
C GLY C 20 -16.03 -3.38 -27.59
N THR C 21 -16.44 -2.16 -27.22
CA THR C 21 -15.46 -1.11 -26.92
C THR C 21 -14.62 -1.47 -25.70
N GLU C 22 -15.26 -1.94 -24.63
CA GLU C 22 -14.54 -2.45 -23.48
C GLU C 22 -14.08 -3.88 -23.73
N ASP C 23 -13.18 -4.35 -22.87
CA ASP C 23 -12.69 -5.72 -22.99
C ASP C 23 -13.83 -6.70 -22.75
N VAL C 24 -13.82 -7.78 -23.53
CA VAL C 24 -14.85 -8.82 -23.41
C VAL C 24 -14.21 -10.12 -22.96
N THR C 25 -13.16 -10.00 -22.14
CA THR C 25 -12.47 -11.10 -21.49
C THR C 25 -13.50 -12.09 -20.94
N PRO C 26 -13.29 -13.41 -21.09
CA PRO C 26 -14.31 -14.36 -20.65
C PRO C 26 -14.65 -14.26 -19.17
N THR C 27 -13.76 -13.73 -18.34
CA THR C 27 -14.07 -13.56 -16.93
C THR C 27 -15.17 -12.51 -16.72
N VAL C 28 -15.00 -11.33 -17.32
CA VAL C 28 -15.97 -10.24 -17.19
C VAL C 28 -16.08 -9.53 -18.53
N PHE C 29 -17.32 -9.19 -18.91
CA PHE C 29 -17.55 -8.50 -20.17
C PHE C 29 -18.74 -7.55 -20.03
N TRP C 30 -18.58 -6.35 -20.59
CA TRP C 30 -19.66 -5.36 -20.60
C TRP C 30 -20.67 -5.69 -21.70
N PHE C 31 -21.89 -5.20 -21.52
CA PHE C 31 -22.92 -5.37 -22.54
C PHE C 31 -23.91 -4.21 -22.44
N ALA C 32 -24.59 -3.93 -23.55
CA ALA C 32 -25.55 -2.85 -23.64
C ALA C 32 -26.97 -3.43 -23.69
N VAL C 33 -27.93 -2.60 -23.29
CA VAL C 33 -29.34 -2.96 -23.29
C VAL C 33 -30.09 -2.05 -24.24
N SER C 34 -30.76 -2.64 -25.23
CA SER C 34 -31.58 -1.88 -26.15
C SER C 34 -32.82 -1.35 -25.44
N HIS C 35 -33.49 -0.39 -26.08
CA HIS C 35 -34.69 0.21 -25.49
C HIS C 35 -35.75 -0.86 -25.27
N GLY C 36 -36.03 -1.17 -24.00
CA GLY C 36 -36.94 -2.25 -23.69
C GLY C 36 -36.90 -2.64 -22.23
N ALA C 37 -36.78 -3.94 -21.97
CA ALA C 37 -36.79 -4.45 -20.60
C ALA C 37 -35.61 -3.90 -19.79
N SER C 38 -35.91 -3.45 -18.58
CA SER C 38 -34.87 -2.90 -17.71
C SER C 38 -34.01 -4.03 -17.13
N VAL C 39 -32.79 -3.67 -16.76
CA VAL C 39 -31.85 -4.59 -16.14
C VAL C 39 -31.41 -4.00 -14.81
N GLY C 40 -31.57 -4.78 -13.75
CA GLY C 40 -31.18 -4.39 -12.41
C GLY C 40 -29.82 -4.93 -12.03
N LEU C 41 -29.66 -5.24 -10.75
CA LEU C 41 -28.44 -5.82 -10.23
C LEU C 41 -28.71 -7.23 -9.71
N ASP C 42 -27.68 -8.08 -9.80
CA ASP C 42 -27.75 -9.46 -9.31
C ASP C 42 -28.83 -10.27 -10.02
N ASP C 43 -29.02 -10.00 -11.32
CA ASP C 43 -29.91 -10.79 -12.16
C ASP C 43 -29.08 -11.66 -13.08
N LEU C 44 -29.41 -12.95 -13.12
CA LEU C 44 -28.65 -13.92 -13.88
C LEU C 44 -29.07 -13.91 -15.34
N VAL C 45 -28.09 -13.80 -16.23
CA VAL C 45 -28.33 -13.76 -17.67
C VAL C 45 -27.42 -14.77 -18.36
N VAL C 46 -27.80 -15.13 -19.58
CA VAL C 46 -27.05 -16.09 -20.39
C VAL C 46 -26.90 -15.53 -21.80
N VAL C 47 -25.71 -15.70 -22.37
CA VAL C 47 -25.41 -15.22 -23.72
C VAL C 47 -25.00 -16.40 -24.58
N GLU C 48 -25.46 -16.40 -25.83
CA GLU C 48 -25.15 -17.46 -26.78
C GLU C 48 -23.97 -17.04 -27.65
N THR C 49 -22.97 -17.92 -27.75
CA THR C 49 -21.78 -17.67 -28.54
C THR C 49 -21.62 -18.79 -29.55
N ARG C 50 -21.39 -18.42 -30.81
CA ARG C 50 -21.27 -19.36 -31.91
C ARG C 50 -19.82 -19.38 -32.38
N LYS C 51 -19.13 -20.48 -32.11
CA LYS C 51 -17.75 -20.63 -32.56
C LYS C 51 -17.71 -20.74 -34.09
N PRO C 52 -16.62 -20.30 -34.73
CA PRO C 52 -16.54 -20.42 -36.19
C PRO C 52 -16.69 -21.83 -36.71
N ASP C 53 -16.18 -22.83 -35.98
CA ASP C 53 -16.30 -24.21 -36.42
C ASP C 53 -17.77 -24.66 -36.45
N GLY C 54 -18.54 -24.27 -35.44
CA GLY C 54 -19.96 -24.58 -35.43
C GLY C 54 -20.51 -24.95 -34.07
N THR C 55 -19.64 -25.25 -33.11
CA THR C 55 -20.12 -25.68 -31.80
C THR C 55 -20.62 -24.48 -30.99
N PRO C 56 -21.85 -24.52 -30.49
CA PRO C 56 -22.34 -23.41 -29.67
C PRO C 56 -21.73 -23.40 -28.28
N VAL C 57 -21.64 -22.20 -27.71
CA VAL C 57 -21.15 -22.00 -26.35
C VAL C 57 -22.09 -21.04 -25.63
N ARG C 58 -22.38 -21.32 -24.37
CA ARG C 58 -23.25 -20.49 -23.55
C ARG C 58 -22.49 -20.05 -22.30
N PHE C 59 -22.62 -18.77 -21.97
CA PHE C 59 -21.98 -18.19 -20.78
C PHE C 59 -23.07 -17.79 -19.80
N TYR C 60 -22.96 -18.29 -18.57
CA TYR C 60 -23.91 -17.97 -17.51
C TYR C 60 -23.25 -17.04 -16.51
N GLY C 61 -23.91 -15.93 -16.20
CA GLY C 61 -23.34 -14.95 -15.29
C GLY C 61 -24.40 -14.06 -14.68
N LEU C 62 -23.98 -13.30 -13.68
CA LEU C 62 -24.83 -12.37 -12.96
C LEU C 62 -24.27 -10.96 -13.07
N VAL C 63 -25.15 -9.99 -13.23
CA VAL C 63 -24.75 -8.59 -13.33
C VAL C 63 -24.60 -8.00 -11.93
N ASP C 64 -23.61 -7.14 -11.76
CA ASP C 64 -23.38 -6.47 -10.49
C ASP C 64 -23.13 -4.97 -10.59
N ASN C 65 -22.70 -4.46 -11.73
CA ASN C 65 -22.46 -3.04 -11.92
C ASN C 65 -23.24 -2.57 -13.13
N VAL C 66 -24.07 -1.53 -12.93
CA VAL C 66 -24.88 -0.97 -14.00
C VAL C 66 -24.71 0.54 -13.98
N ARG C 67 -24.88 1.17 -15.14
CA ARG C 67 -24.65 2.60 -15.26
C ARG C 67 -25.36 3.14 -16.49
N LYS C 68 -25.57 4.45 -16.50
CA LYS C 68 -26.01 5.18 -17.67
C LYS C 68 -25.04 6.33 -17.92
N ARG C 69 -25.00 6.81 -19.16
CA ARG C 69 -24.14 7.93 -19.52
C ARG C 69 -24.84 8.75 -20.60
N HIS C 70 -24.81 10.07 -20.44
CA HIS C 70 -25.43 10.97 -21.40
C HIS C 70 -24.40 11.31 -22.48
N GLU C 71 -24.57 10.72 -23.66
CA GLU C 71 -23.69 10.97 -24.79
C GLU C 71 -24.27 12.08 -25.68
N GLY C 72 -23.37 12.82 -26.32
CA GLY C 72 -23.75 13.93 -27.17
C GLY C 72 -23.54 15.29 -26.56
N VAL C 73 -23.29 15.37 -25.25
CA VAL C 73 -23.02 16.63 -24.56
C VAL C 73 -21.60 16.59 -24.04
N THR C 74 -20.87 17.69 -24.23
CA THR C 74 -19.48 17.80 -23.82
C THR C 74 -19.30 18.62 -22.56
N PHE C 75 -19.88 19.83 -22.52
CA PHE C 75 -19.75 20.72 -21.37
C PHE C 75 -20.83 20.37 -20.35
N GLU C 76 -20.41 19.82 -19.22
CA GLU C 76 -21.36 19.34 -18.22
C GLU C 76 -22.10 20.50 -17.56
N SER C 77 -23.42 20.32 -17.38
CA SER C 77 -24.28 21.23 -16.64
C SER C 77 -24.39 22.60 -17.29
N ASP C 78 -23.72 22.80 -18.41
CA ASP C 78 -23.90 24.02 -19.19
C ASP C 78 -24.98 23.87 -20.26
N VAL C 79 -25.14 22.66 -20.79
CA VAL C 79 -26.17 22.34 -21.76
C VAL C 79 -27.16 21.30 -21.22
N GLU C 80 -27.08 21.00 -19.92
CA GLU C 80 -28.00 20.01 -19.33
C GLU C 80 -29.45 20.48 -19.45
N ASP C 81 -29.71 21.76 -19.15
CA ASP C 81 -31.04 22.29 -19.33
C ASP C 81 -31.40 22.43 -20.81
N VAL C 82 -30.40 22.63 -21.67
CA VAL C 82 -30.65 22.78 -23.09
C VAL C 82 -31.18 21.48 -23.69
N VAL C 83 -30.71 20.34 -23.19
CA VAL C 83 -31.19 19.05 -23.69
C VAL C 83 -32.69 18.91 -23.47
N ALA C 84 -33.17 19.41 -22.32
CA ALA C 84 -34.60 19.33 -22.04
C ALA C 84 -35.41 20.13 -23.05
N GLY C 85 -34.92 21.30 -23.43
CA GLY C 85 -35.65 22.14 -24.37
C GLY C 85 -35.38 21.82 -25.83
N LEU C 86 -34.12 21.93 -26.25
CA LEU C 86 -33.76 21.63 -27.65
C LEU C 86 -32.26 21.35 -27.72
N LEU C 87 -31.91 20.08 -27.94
CA LEU C 87 -30.53 19.66 -28.16
C LEU C 87 -30.48 18.20 -28.57
N PRO C 88 -29.57 17.83 -29.48
CA PRO C 88 -29.43 16.41 -29.84
C PRO C 88 -28.66 15.65 -28.77
N ALA C 89 -29.37 14.81 -28.02
CA ALA C 89 -28.75 14.02 -26.97
C ALA C 89 -29.58 12.77 -26.73
N SER C 90 -28.95 11.76 -26.15
CA SER C 90 -29.59 10.50 -25.84
C SER C 90 -28.92 9.90 -24.60
N VAL C 91 -29.18 8.62 -24.36
CA VAL C 91 -28.62 7.91 -23.21
C VAL C 91 -27.87 6.69 -23.72
N SER C 92 -27.01 6.16 -22.85
CA SER C 92 -26.21 4.97 -23.16
C SER C 92 -26.24 4.06 -21.93
N TYR C 93 -27.15 3.10 -21.93
CA TYR C 93 -27.38 2.22 -20.79
C TYR C 93 -26.53 0.96 -20.96
N ALA C 94 -25.78 0.62 -19.92
CA ALA C 94 -24.86 -0.51 -19.99
C ALA C 94 -24.71 -1.12 -18.61
N ALA C 95 -24.16 -2.33 -18.58
CA ALA C 95 -23.96 -3.06 -17.34
C ALA C 95 -22.86 -4.09 -17.55
N ARG C 96 -22.30 -4.56 -16.44
CA ARG C 96 -21.24 -5.55 -16.44
C ARG C 96 -21.80 -6.92 -16.04
N VAL C 97 -21.15 -7.97 -16.52
CA VAL C 97 -21.50 -9.35 -16.22
C VAL C 97 -20.30 -10.06 -15.62
N LEU C 98 -20.51 -10.70 -14.47
CA LEU C 98 -19.54 -11.62 -13.89
C LEU C 98 -20.00 -13.04 -14.19
N VAL C 99 -19.25 -13.76 -15.01
CA VAL C 99 -19.67 -15.08 -15.45
C VAL C 99 -19.59 -16.06 -14.28
N THR C 100 -20.61 -16.92 -14.16
CA THR C 100 -20.61 -17.95 -13.13
C THR C 100 -19.85 -19.19 -13.60
N ARG C 101 -20.31 -19.79 -14.71
CA ARG C 101 -19.60 -20.90 -15.31
C ARG C 101 -20.04 -21.03 -16.77
N VAL C 102 -19.20 -21.71 -17.54
CA VAL C 102 -19.41 -21.87 -18.98
C VAL C 102 -20.01 -23.24 -19.22
N ASP C 103 -21.00 -23.32 -20.13
CA ASP C 103 -21.68 -24.58 -20.38
C ASP C 103 -20.72 -25.67 -20.87
N PRO C 104 -19.86 -25.44 -21.88
CA PRO C 104 -18.76 -26.39 -22.10
C PRO C 104 -17.54 -25.98 -21.28
N GLU C 105 -16.44 -26.73 -21.42
CA GLU C 105 -15.21 -26.45 -20.67
C GLU C 105 -14.19 -25.87 -21.64
N ASN C 106 -14.25 -24.55 -21.83
CA ASN C 106 -13.30 -23.81 -22.65
C ASN C 106 -13.49 -22.34 -22.39
N PHE C 107 -12.39 -21.60 -22.35
CA PHE C 107 -12.41 -20.17 -22.02
C PHE C 107 -12.06 -19.38 -23.28
N ILE C 108 -13.09 -18.87 -23.94
CA ILE C 108 -12.92 -17.98 -25.09
C ILE C 108 -13.77 -16.74 -24.86
N PRO C 109 -13.38 -15.59 -25.39
CA PRO C 109 -14.19 -14.38 -25.24
C PRO C 109 -15.46 -14.47 -26.07
N PRO C 110 -16.60 -14.06 -25.52
CA PRO C 110 -17.83 -14.01 -26.33
C PRO C 110 -17.67 -13.03 -27.48
N GLN C 111 -18.27 -13.36 -28.61
CA GLN C 111 -18.16 -12.52 -29.79
C GLN C 111 -18.95 -11.23 -29.59
N PRO C 112 -18.32 -10.07 -29.69
CA PRO C 112 -19.07 -8.81 -29.54
C PRO C 112 -20.01 -8.57 -30.70
N GLY C 113 -21.31 -8.77 -30.47
CA GLY C 113 -22.30 -8.62 -31.52
C GLY C 113 -23.38 -9.67 -31.51
N ASP C 114 -23.36 -10.55 -30.51
CA ASP C 114 -24.41 -11.54 -30.33
C ASP C 114 -25.32 -11.16 -29.16
N HIS C 115 -26.57 -11.62 -29.23
CA HIS C 115 -27.57 -11.21 -28.27
C HIS C 115 -27.36 -11.90 -26.93
N VAL C 116 -27.88 -11.27 -25.88
CA VAL C 116 -27.86 -11.82 -24.53
C VAL C 116 -29.28 -11.80 -23.99
N ARG C 117 -29.67 -12.88 -23.33
CA ARG C 117 -31.04 -13.04 -22.85
C ARG C 117 -31.03 -13.59 -21.43
N HIS C 118 -32.10 -13.30 -20.70
CA HIS C 118 -32.22 -13.80 -19.34
C HIS C 118 -32.45 -15.31 -19.33
N ALA C 119 -32.14 -15.92 -18.20
CA ALA C 119 -32.37 -17.34 -17.98
C ALA C 119 -33.53 -17.50 -17.01
N ALA C 120 -34.58 -18.18 -17.45
CA ALA C 120 -35.76 -18.39 -16.62
C ALA C 120 -36.28 -19.81 -16.59
N GLY C 121 -35.95 -20.64 -17.58
CA GLY C 121 -36.40 -22.02 -17.60
C GLY C 121 -35.31 -22.98 -17.17
N ARG C 122 -34.95 -23.91 -18.06
CA ARG C 122 -33.85 -24.83 -17.76
C ARG C 122 -32.53 -24.08 -17.63
N GLU C 123 -32.32 -23.04 -18.46
CA GLU C 123 -31.06 -22.30 -18.42
C GLU C 123 -30.80 -21.72 -17.04
N LEU C 124 -31.85 -21.42 -16.27
CA LEU C 124 -31.67 -21.02 -14.89
C LEU C 124 -31.06 -22.15 -14.07
N ALA C 125 -31.44 -23.40 -14.36
CA ALA C 125 -30.98 -24.53 -13.56
C ALA C 125 -29.47 -24.71 -13.68
N MET C 126 -28.93 -24.66 -14.91
CA MET C 126 -27.48 -24.78 -15.06
C MET C 126 -26.76 -23.57 -14.48
N ALA C 127 -27.42 -22.41 -14.42
CA ALA C 127 -26.79 -21.23 -13.84
C ALA C 127 -26.52 -21.42 -12.35
N LEU C 128 -27.47 -22.02 -11.63
CA LEU C 128 -27.35 -22.24 -10.20
C LEU C 128 -26.87 -23.65 -9.87
N SER C 129 -26.32 -24.37 -10.85
CA SER C 129 -25.80 -25.72 -10.65
C SER C 129 -26.88 -26.67 -10.13
N ALA C 130 -28.09 -26.53 -10.66
CA ALA C 130 -29.18 -27.41 -10.23
C ALA C 130 -29.03 -28.82 -10.78
N ASP C 131 -28.33 -29.00 -11.90
CA ASP C 131 -28.10 -30.33 -12.42
C ASP C 131 -27.19 -31.14 -11.50
N LYS C 132 -26.19 -30.48 -10.92
CA LYS C 132 -25.28 -31.15 -10.00
C LYS C 132 -26.03 -31.64 -8.76
N MET C 133 -26.93 -30.82 -8.23
CA MET C 133 -27.73 -31.14 -7.06
C MET C 133 -29.19 -31.32 -7.50
N GLU C 134 -29.52 -32.54 -7.94
CA GLU C 134 -30.83 -32.85 -8.51
C GLU C 134 -31.75 -33.54 -7.52
N GLU C 135 -31.31 -34.66 -6.94
CA GLU C 135 -32.18 -35.42 -6.04
C GLU C 135 -32.56 -34.60 -4.81
N ALA C 136 -31.61 -33.88 -4.23
CA ALA C 136 -31.83 -33.06 -3.05
C ALA C 136 -31.71 -31.60 -3.46
N ALA C 137 -32.83 -31.04 -3.92
CA ALA C 137 -32.92 -29.62 -4.29
C ALA C 137 -33.83 -28.95 -3.27
N PHE C 138 -33.24 -28.41 -2.21
CA PHE C 138 -34.01 -27.84 -1.10
C PHE C 138 -34.20 -26.35 -1.33
N PRO C 139 -35.44 -25.88 -1.50
CA PRO C 139 -35.65 -24.44 -1.69
C PRO C 139 -35.62 -23.70 -0.37
N GLY C 140 -34.88 -22.60 -0.33
CA GLY C 140 -34.75 -21.82 0.88
C GLY C 140 -34.73 -20.32 0.65
N GLY C 141 -35.08 -19.91 -0.57
CA GLY C 141 -35.11 -18.49 -0.89
C GLY C 141 -35.72 -18.26 -2.25
N LEU C 142 -36.18 -17.03 -2.46
CA LEU C 142 -36.81 -16.63 -3.71
C LEU C 142 -36.08 -15.41 -4.27
N LEU C 143 -35.87 -15.41 -5.59
CA LEU C 143 -35.22 -14.30 -6.26
C LEU C 143 -36.23 -13.18 -6.49
N ALA C 144 -35.87 -12.21 -7.33
CA ALA C 144 -36.77 -11.11 -7.64
C ALA C 144 -38.04 -11.61 -8.33
N ASP C 145 -37.89 -12.53 -9.27
CA ASP C 145 -39.02 -13.15 -9.95
C ASP C 145 -39.39 -14.45 -9.25
N GLY C 146 -40.44 -15.10 -9.77
CA GLY C 146 -40.95 -16.31 -9.16
C GLY C 146 -40.13 -17.54 -9.45
N GLN C 147 -38.90 -17.58 -8.94
CA GLN C 147 -38.01 -18.74 -9.11
C GLN C 147 -37.37 -19.07 -7.76
N PRO C 148 -37.71 -20.21 -7.16
CA PRO C 148 -37.09 -20.57 -5.87
C PRO C 148 -35.60 -20.84 -6.03
N LEU C 149 -34.86 -20.54 -4.97
CA LEU C 149 -33.41 -20.73 -4.98
C LEU C 149 -33.08 -22.09 -4.37
N PRO C 150 -32.42 -22.99 -5.11
CA PRO C 150 -32.13 -24.33 -4.58
C PRO C 150 -30.91 -24.31 -3.67
N LEU C 151 -31.03 -24.99 -2.53
CA LEU C 151 -29.94 -25.17 -1.59
C LEU C 151 -29.58 -26.65 -1.52
N ASN C 152 -28.28 -26.94 -1.55
CA ASN C 152 -27.81 -28.32 -1.49
C ASN C 152 -27.97 -28.82 -0.06
N PHE C 153 -28.98 -29.66 0.16
CA PHE C 153 -29.19 -30.22 1.49
C PHE C 153 -28.05 -31.15 1.89
N ARG C 154 -27.35 -31.72 0.91
CA ARG C 154 -26.20 -32.58 1.21
C ARG C 154 -25.10 -31.83 1.94
N PHE C 155 -25.03 -30.51 1.77
CA PHE C 155 -24.07 -29.70 2.50
C PHE C 155 -24.58 -29.30 3.89
N ILE C 156 -25.88 -29.10 4.04
CA ILE C 156 -26.44 -28.73 5.33
C ILE C 156 -26.26 -29.87 6.34
N ASN C 157 -26.55 -31.09 5.92
CA ASN C 157 -26.44 -32.25 6.80
C ASN C 157 -25.04 -32.84 6.71
N GLY C 158 -24.85 -34.00 7.31
CA GLY C 158 -23.56 -34.65 7.37
C GLY C 158 -23.21 -35.54 6.18
N GLU C 159 -24.03 -35.56 5.14
CA GLU C 159 -23.72 -36.36 3.97
C GLU C 159 -22.42 -35.90 3.31
N SER C 160 -22.25 -34.58 3.18
CA SER C 160 -21.01 -33.99 2.71
C SER C 160 -20.36 -33.05 3.71
N GLY C 161 -21.04 -32.73 4.80
CA GLY C 161 -20.49 -31.87 5.83
C GLY C 161 -20.86 -30.41 5.61
N GLY C 162 -20.99 -29.69 6.72
CA GLY C 162 -21.28 -28.27 6.69
C GLY C 162 -22.24 -27.88 7.81
N HIS C 163 -22.28 -26.58 8.08
CA HIS C 163 -23.17 -26.01 9.09
C HIS C 163 -23.84 -24.78 8.50
N ILE C 164 -24.53 -24.02 9.35
CA ILE C 164 -25.21 -22.79 8.94
C ILE C 164 -24.76 -21.67 9.86
N ASN C 165 -24.41 -20.53 9.26
CA ASN C 165 -23.93 -19.38 10.01
C ASN C 165 -24.62 -18.12 9.47
N ILE C 166 -25.49 -17.54 10.28
CA ILE C 166 -26.22 -16.33 9.92
C ILE C 166 -25.57 -15.15 10.62
N SER C 167 -25.18 -14.14 9.86
CA SER C 167 -24.49 -12.98 10.39
C SER C 167 -25.14 -11.70 9.84
N GLY C 168 -24.99 -10.62 10.59
CA GLY C 168 -25.55 -9.35 10.20
C GLY C 168 -25.73 -8.46 11.41
N ILE C 169 -26.06 -7.20 11.13
CA ILE C 169 -26.25 -6.23 12.20
C ILE C 169 -27.47 -6.63 13.04
N SER C 170 -27.32 -6.53 14.36
CA SER C 170 -28.42 -6.87 15.24
C SER C 170 -29.54 -5.84 15.13
N GLY C 171 -30.76 -6.28 15.39
CA GLY C 171 -31.89 -5.37 15.32
C GLY C 171 -32.59 -5.34 13.98
N VAL C 172 -32.25 -4.35 13.15
CA VAL C 172 -32.99 -4.10 11.92
C VAL C 172 -32.92 -5.31 10.99
N ALA C 173 -31.78 -5.99 10.94
CA ALA C 173 -31.64 -7.18 10.11
C ALA C 173 -32.30 -8.34 10.82
N THR C 174 -33.34 -8.91 10.20
CA THR C 174 -34.11 -9.99 10.80
C THR C 174 -33.30 -11.28 10.73
N LYS C 175 -32.53 -11.55 11.79
CA LYS C 175 -31.65 -12.72 11.82
C LYS C 175 -32.41 -13.99 12.19
N THR C 176 -33.22 -13.93 13.24
CA THR C 176 -33.93 -15.13 13.70
C THR C 176 -35.02 -15.56 12.74
N SER C 177 -35.48 -14.68 11.84
CA SER C 177 -36.53 -15.05 10.91
C SER C 177 -36.04 -16.05 9.87
N TYR C 178 -34.75 -16.01 9.52
CA TYR C 178 -34.24 -16.93 8.51
C TYR C 178 -34.09 -18.35 9.05
N ALA C 179 -33.67 -18.46 10.32
CA ALA C 179 -33.52 -19.78 10.92
C ALA C 179 -34.84 -20.52 10.98
N LEU C 180 -35.91 -19.81 11.36
CA LEU C 180 -37.23 -20.43 11.39
C LEU C 180 -37.71 -20.78 9.99
N PHE C 181 -37.43 -19.92 9.01
CA PHE C 181 -37.87 -20.18 7.64
C PHE C 181 -37.20 -21.43 7.07
N LEU C 182 -35.89 -21.57 7.29
CA LEU C 182 -35.20 -22.78 6.84
C LEU C 182 -35.71 -24.01 7.58
N LEU C 183 -35.94 -23.88 8.89
CA LEU C 183 -36.51 -24.99 9.64
C LEU C 183 -37.89 -25.36 9.13
N HIS C 184 -38.72 -24.36 8.81
CA HIS C 184 -40.03 -24.63 8.25
C HIS C 184 -39.92 -25.30 6.88
N SER C 185 -38.98 -24.84 6.05
CA SER C 185 -38.88 -25.38 4.70
C SER C 185 -38.32 -26.80 4.71
N ILE C 186 -37.33 -27.07 5.58
CA ILE C 186 -36.75 -28.41 5.63
C ILE C 186 -37.77 -29.43 6.09
N PHE C 187 -38.55 -29.09 7.12
CA PHE C 187 -39.47 -30.05 7.72
C PHE C 187 -40.79 -30.19 6.98
N ARG C 188 -41.01 -29.39 5.93
CA ARG C 188 -42.28 -29.44 5.21
C ARG C 188 -42.14 -29.69 3.71
N SER C 189 -40.97 -29.44 3.12
CA SER C 189 -40.78 -29.69 1.70
C SER C 189 -40.53 -31.16 1.38
N GLY C 190 -40.39 -32.01 2.38
CA GLY C 190 -40.13 -33.42 2.13
C GLY C 190 -38.72 -33.72 1.66
N VAL C 191 -37.76 -32.84 1.94
CA VAL C 191 -36.38 -33.08 1.52
C VAL C 191 -35.82 -34.30 2.24
N MET C 192 -36.09 -34.41 3.55
CA MET C 192 -35.60 -35.56 4.31
C MET C 192 -36.18 -36.87 3.79
N ASP C 193 -37.46 -36.86 3.41
CA ASP C 193 -38.09 -38.07 2.88
C ASP C 193 -37.42 -38.51 1.58
N ARG C 194 -37.13 -37.56 0.69
CA ARG C 194 -36.50 -37.90 -0.59
C ARG C 194 -35.10 -38.47 -0.38
N THR C 195 -34.28 -37.80 0.44
CA THR C 195 -32.92 -38.27 0.67
C THR C 195 -32.89 -39.62 1.37
N ALA C 196 -33.95 -39.94 2.13
CA ALA C 196 -34.01 -41.21 2.84
C ALA C 196 -34.06 -42.38 1.85
N GLN C 197 -34.79 -42.22 0.75
CA GLN C 197 -34.89 -43.30 -0.23
C GLN C 197 -33.55 -43.53 -0.91
N GLY C 198 -33.40 -44.73 -1.47
CA GLY C 198 -32.10 -45.14 -1.98
C GLY C 198 -31.07 -45.29 -0.88
N SER C 199 -31.49 -45.78 0.29
CA SER C 199 -30.61 -45.86 1.44
C SER C 199 -29.44 -46.81 1.19
N GLY C 200 -29.74 -48.04 0.78
CA GLY C 200 -28.70 -49.04 0.62
C GLY C 200 -27.98 -49.36 1.91
N GLY C 201 -28.71 -49.45 3.01
CA GLY C 201 -28.10 -49.66 4.31
C GLY C 201 -27.27 -48.49 4.80
N ARG C 202 -27.75 -47.26 4.57
CA ARG C 202 -27.02 -46.08 4.99
C ARG C 202 -27.09 -45.91 6.51
N GLN C 203 -26.18 -45.09 7.03
CA GLN C 203 -26.12 -44.88 8.48
C GLN C 203 -27.38 -44.19 9.00
N SER C 204 -27.87 -43.19 8.28
CA SER C 204 -29.05 -42.42 8.69
C SER C 204 -30.11 -42.54 7.59
N GLY C 205 -31.07 -43.43 7.79
CA GLY C 205 -32.13 -43.63 6.82
C GLY C 205 -33.51 -43.43 7.40
N THR C 206 -33.65 -42.46 8.30
CA THR C 206 -34.93 -42.16 8.94
C THR C 206 -35.21 -40.67 8.83
N ALA C 207 -36.49 -40.34 8.62
CA ALA C 207 -36.93 -38.95 8.55
C ALA C 207 -37.39 -38.45 9.92
N GLY C 208 -36.52 -38.58 10.91
CA GLY C 208 -36.84 -38.16 12.26
C GLY C 208 -36.20 -36.83 12.64
N GLY C 209 -36.18 -35.90 11.69
CA GLY C 209 -35.62 -34.58 11.94
C GLY C 209 -36.29 -33.83 13.07
N ARG C 210 -35.51 -33.34 14.01
CA ARG C 210 -36.02 -32.61 15.16
C ARG C 210 -35.22 -31.33 15.36
N ALA C 211 -35.90 -30.29 15.84
CA ALA C 211 -35.28 -28.98 16.02
C ALA C 211 -35.41 -28.54 17.48
N LEU C 212 -34.34 -27.96 18.00
CA LEU C 212 -34.31 -27.40 19.34
C LEU C 212 -33.90 -25.94 19.23
N ILE C 213 -34.66 -25.05 19.87
CA ILE C 213 -34.48 -23.62 19.72
C ILE C 213 -34.59 -22.95 21.08
N PHE C 214 -33.73 -21.96 21.31
CA PHE C 214 -33.73 -21.16 22.52
C PHE C 214 -34.11 -19.73 22.20
N ASN C 215 -34.96 -19.13 23.03
CA ASN C 215 -35.36 -17.74 22.88
C ASN C 215 -34.87 -16.94 24.08
N VAL C 216 -34.12 -15.88 23.82
CA VAL C 216 -33.68 -14.96 24.86
C VAL C 216 -34.34 -13.60 24.73
N LYS C 217 -34.99 -13.31 23.61
CA LYS C 217 -35.75 -12.08 23.43
C LYS C 217 -37.11 -12.22 24.11
N GLY C 218 -38.03 -11.32 23.78
CA GLY C 218 -39.37 -11.39 24.32
C GLY C 218 -40.12 -12.63 23.85
N GLU C 219 -41.43 -12.60 24.09
CA GLU C 219 -42.30 -13.73 23.79
C GLU C 219 -42.70 -13.80 22.31
N ASP C 220 -41.97 -13.12 21.43
CA ASP C 220 -42.29 -13.16 20.00
C ASP C 220 -42.14 -14.57 19.44
N LEU C 221 -41.08 -15.27 19.85
CA LEU C 221 -40.81 -16.61 19.34
C LEU C 221 -41.63 -17.69 20.03
N LEU C 222 -42.24 -17.39 21.17
CA LEU C 222 -42.96 -18.42 21.93
C LEU C 222 -44.19 -18.92 21.17
N PHE C 223 -44.92 -18.02 20.50
CA PHE C 223 -46.18 -18.35 19.86
C PHE C 223 -45.95 -18.97 18.47
N LEU C 224 -45.21 -20.07 18.46
CA LEU C 224 -44.88 -20.76 17.22
C LEU C 224 -45.97 -21.71 16.76
N ASP C 225 -47.06 -21.83 17.51
CA ASP C 225 -48.13 -22.77 17.19
C ASP C 225 -49.30 -22.12 16.47
N LYS C 226 -49.85 -21.03 17.02
CA LYS C 226 -51.02 -20.41 16.43
C LYS C 226 -50.67 -19.74 15.10
N PRO C 227 -51.54 -19.81 14.11
CA PRO C 227 -51.29 -19.11 12.85
C PRO C 227 -51.46 -17.60 13.00
N ASN C 228 -50.84 -16.87 12.08
CA ASN C 228 -50.89 -15.42 12.09
C ASN C 228 -51.99 -14.92 11.15
N ALA C 229 -52.76 -13.96 11.63
CA ALA C 229 -53.85 -13.38 10.86
C ALA C 229 -53.48 -12.07 10.18
N ARG C 230 -52.66 -11.24 10.80
CA ARG C 230 -52.24 -9.98 10.19
C ARG C 230 -51.33 -10.20 8.98
N MET C 231 -50.73 -11.39 8.85
CA MET C 231 -49.89 -11.66 7.69
C MET C 231 -50.72 -11.72 6.42
N VAL C 232 -51.99 -12.13 6.52
CA VAL C 232 -52.83 -12.27 5.33
C VAL C 232 -52.97 -10.93 4.61
N GLU C 233 -53.26 -9.88 5.36
CA GLU C 233 -53.42 -8.57 4.74
C GLU C 233 -52.08 -7.94 4.38
N LYS C 234 -51.05 -8.19 5.19
CA LYS C 234 -49.74 -7.59 4.92
C LYS C 234 -49.08 -8.21 3.70
N GLU C 235 -49.12 -9.55 3.60
CA GLU C 235 -48.53 -10.21 2.44
C GLU C 235 -49.29 -9.85 1.16
N ASP C 236 -50.62 -9.79 1.23
CA ASP C 236 -51.41 -9.41 0.07
C ASP C 236 -51.14 -7.98 -0.36
N LYS C 237 -50.71 -7.12 0.58
CA LYS C 237 -50.42 -5.73 0.24
C LYS C 237 -49.15 -5.63 -0.60
N VAL C 238 -48.09 -6.33 -0.19
CA VAL C 238 -46.82 -6.22 -0.89
C VAL C 238 -46.86 -6.93 -2.24
N VAL C 239 -47.63 -8.02 -2.34
CA VAL C 239 -47.62 -8.81 -3.57
C VAL C 239 -48.24 -8.03 -4.72
N ARG C 240 -49.29 -7.26 -4.45
CA ARG C 240 -49.90 -6.44 -5.50
C ARG C 240 -49.09 -5.19 -5.81
N ALA C 241 -48.41 -4.63 -4.80
CA ALA C 241 -47.58 -3.45 -5.05
C ALA C 241 -46.38 -3.80 -5.92
N LYS C 242 -45.66 -4.88 -5.57
CA LYS C 242 -44.53 -5.31 -6.38
C LYS C 242 -45.00 -5.92 -7.70
N GLY C 243 -46.02 -6.78 -7.62
CA GLY C 243 -46.54 -7.42 -8.81
C GLY C 243 -46.07 -8.86 -8.97
N LEU C 244 -46.92 -9.82 -8.61
CA LEU C 244 -46.61 -11.22 -8.73
C LEU C 244 -47.86 -11.98 -9.15
N SER C 245 -47.63 -13.19 -9.70
CA SER C 245 -48.75 -14.00 -10.19
C SER C 245 -49.65 -14.43 -9.05
N ALA C 246 -49.08 -14.87 -7.93
CA ALA C 246 -49.87 -15.38 -6.82
C ALA C 246 -49.10 -15.12 -5.52
N ASP C 247 -49.58 -15.72 -4.44
CA ASP C 247 -48.94 -15.59 -3.13
C ASP C 247 -47.54 -16.20 -3.16
N ARG C 248 -46.65 -15.64 -2.33
CA ARG C 248 -45.27 -16.09 -2.33
C ARG C 248 -45.13 -17.51 -1.80
N TYR C 249 -45.93 -17.89 -0.80
CA TYR C 249 -45.98 -19.30 -0.40
C TYR C 249 -46.32 -20.21 -1.57
N ALA C 250 -47.22 -19.77 -2.45
CA ALA C 250 -47.53 -20.57 -3.64
C ALA C 250 -46.34 -20.66 -4.57
N LEU C 251 -45.58 -19.57 -4.71
CA LEU C 251 -44.41 -19.59 -5.58
C LEU C 251 -43.32 -20.51 -5.03
N LEU C 252 -43.09 -20.46 -3.71
CA LEU C 252 -42.10 -21.35 -3.11
C LEU C 252 -42.50 -22.81 -3.26
N GLY C 253 -43.78 -23.12 -3.06
CA GLY C 253 -44.25 -24.48 -3.10
C GLY C 253 -44.45 -25.14 -1.76
N LEU C 254 -44.69 -24.36 -0.71
CA LEU C 254 -44.89 -24.88 0.64
C LEU C 254 -46.20 -24.35 1.20
N PRO C 255 -46.86 -25.11 2.07
CA PRO C 255 -48.13 -24.66 2.63
C PRO C 255 -47.95 -23.50 3.60
N ALA C 256 -49.06 -22.82 3.87
CA ALA C 256 -49.07 -21.66 4.76
C ALA C 256 -49.30 -22.04 6.22
N GLU C 257 -49.43 -23.32 6.53
CA GLU C 257 -49.77 -23.75 7.87
C GLU C 257 -48.58 -23.55 8.81
N PRO C 258 -48.84 -23.29 10.10
CA PRO C 258 -47.74 -23.14 11.07
C PRO C 258 -47.11 -24.48 11.42
N PHE C 259 -46.20 -24.47 12.40
CA PHE C 259 -45.49 -25.68 12.78
C PHE C 259 -46.45 -26.72 13.38
N ARG C 260 -45.97 -27.95 13.43
CA ARG C 260 -46.69 -29.06 14.05
C ARG C 260 -46.52 -29.01 15.56
N ASP C 261 -46.86 -30.11 16.24
CA ASP C 261 -46.82 -30.16 17.69
C ASP C 261 -45.47 -29.69 18.22
N VAL C 262 -45.51 -28.79 19.21
CA VAL C 262 -44.32 -28.22 19.82
C VAL C 262 -44.51 -28.19 21.32
N GLN C 263 -43.45 -28.51 22.06
CA GLN C 263 -43.46 -28.47 23.50
C GLN C 263 -42.67 -27.25 23.99
N LEU C 264 -43.26 -26.52 24.93
CA LEU C 264 -42.67 -25.28 25.44
C LEU C 264 -42.24 -25.50 26.88
N LEU C 265 -40.96 -25.76 27.09
CA LEU C 265 -40.41 -25.96 28.42
C LEU C 265 -40.11 -24.62 29.06
N ALA C 266 -40.58 -24.42 30.28
CA ALA C 266 -40.41 -23.18 31.01
C ALA C 266 -40.11 -23.48 32.47
N PRO C 267 -39.42 -22.58 33.17
CA PRO C 267 -39.21 -22.78 34.60
C PRO C 267 -40.54 -22.76 35.34
N PRO C 268 -40.64 -23.48 36.46
CA PRO C 268 -41.95 -23.61 37.12
C PRO C 268 -42.53 -22.30 37.63
N ARG C 269 -41.77 -21.55 38.43
CA ARG C 269 -42.30 -20.33 39.01
C ARG C 269 -42.59 -19.28 37.95
N ALA C 270 -41.72 -19.15 36.95
CA ALA C 270 -41.96 -18.18 35.88
C ALA C 270 -43.19 -18.55 35.06
N GLY C 271 -43.42 -19.86 34.87
CA GLY C 271 -44.61 -20.28 34.14
C GLY C 271 -45.89 -19.89 34.87
N ALA C 272 -45.89 -20.02 36.20
CA ALA C 272 -47.07 -19.64 36.96
C ALA C 272 -47.35 -18.15 36.85
N ALA C 273 -46.31 -17.33 36.88
CA ALA C 273 -46.47 -15.88 36.79
C ALA C 273 -46.51 -15.37 35.35
N GLY C 274 -46.27 -16.23 34.37
CA GLY C 274 -46.28 -15.79 32.99
C GLY C 274 -47.67 -15.33 32.56
N THR C 275 -48.70 -16.08 32.93
CA THR C 275 -50.08 -15.73 32.58
C THR C 275 -51.07 -16.44 33.48
N GLN C 283 -45.94 -15.13 28.45
CA GLN C 283 -47.25 -14.54 28.29
C GLN C 283 -48.24 -15.55 27.74
N ARG C 284 -47.87 -16.83 27.80
CA ARG C 284 -48.69 -17.92 27.31
C ARG C 284 -49.16 -18.79 28.47
N SER C 285 -50.40 -19.27 28.38
CA SER C 285 -50.98 -20.08 29.44
C SER C 285 -51.70 -21.33 28.94
N GLU C 286 -51.72 -21.57 27.63
CA GLU C 286 -52.46 -22.72 27.11
C GLU C 286 -51.67 -24.02 27.30
N GLY C 287 -50.49 -24.11 26.69
CA GLY C 287 -49.67 -25.30 26.85
C GLY C 287 -48.25 -25.00 27.29
N VAL C 288 -47.90 -25.42 28.50
CA VAL C 288 -46.55 -25.29 29.03
C VAL C 288 -46.26 -26.50 29.91
N THR C 289 -45.04 -27.01 29.80
CA THR C 289 -44.60 -28.15 30.60
C THR C 289 -43.33 -27.76 31.33
N PRO C 290 -43.34 -27.70 32.66
CA PRO C 290 -42.14 -27.29 33.39
C PRO C 290 -41.06 -28.36 33.34
N PHE C 291 -39.81 -27.89 33.41
CA PHE C 291 -38.64 -28.77 33.43
C PHE C 291 -37.86 -28.51 34.70
N VAL C 292 -37.57 -29.57 35.45
CA VAL C 292 -36.88 -29.47 36.73
C VAL C 292 -35.80 -30.55 36.78
N PHE C 293 -34.60 -30.16 37.21
CA PHE C 293 -33.52 -31.11 37.47
C PHE C 293 -33.57 -31.55 38.92
N THR C 294 -33.36 -32.84 39.14
CA THR C 294 -33.33 -33.38 40.50
C THR C 294 -31.94 -33.20 41.10
N ILE C 295 -31.91 -32.82 42.38
CA ILE C 295 -30.64 -32.56 43.05
C ILE C 295 -29.78 -33.81 43.10
N ARG C 296 -30.39 -34.95 43.43
CA ARG C 296 -29.64 -36.21 43.49
C ARG C 296 -29.09 -36.58 42.11
N GLU C 297 -29.89 -36.40 41.06
CA GLU C 297 -29.40 -36.70 39.72
C GLU C 297 -28.37 -35.67 39.26
N PHE C 298 -28.56 -34.41 39.63
CA PHE C 298 -27.63 -33.37 39.20
C PHE C 298 -26.23 -33.64 39.75
N CYS C 299 -26.14 -34.03 41.02
CA CYS C 299 -24.84 -34.41 41.58
C CYS C 299 -24.30 -35.66 40.90
N ALA C 300 -25.16 -36.62 40.60
CA ALA C 300 -24.72 -37.81 39.88
C ALA C 300 -24.34 -37.48 38.44
N ARG C 301 -24.90 -36.40 37.88
CA ARG C 301 -24.54 -35.99 36.52
C ARG C 301 -23.11 -35.44 36.45
N ARG C 302 -22.53 -35.05 37.59
CA ARG C 302 -21.18 -34.52 37.70
C ARG C 302 -21.00 -33.17 37.00
N MET C 303 -22.05 -32.57 36.45
CA MET C 303 -21.86 -31.42 35.57
C MET C 303 -22.11 -30.13 36.34
N LEU C 304 -21.20 -29.85 37.27
CA LEU C 304 -21.19 -28.64 38.08
C LEU C 304 -20.64 -27.41 37.35
N PRO C 305 -19.48 -27.48 36.65
CA PRO C 305 -18.84 -26.24 36.16
C PRO C 305 -19.67 -25.37 35.21
N TYR C 306 -20.86 -25.80 34.82
CA TYR C 306 -21.70 -24.94 34.00
C TYR C 306 -22.37 -23.82 34.78
N VAL C 307 -22.29 -23.84 36.11
CA VAL C 307 -22.92 -22.79 36.90
C VAL C 307 -22.12 -21.50 36.86
N PHE C 308 -20.81 -21.58 36.60
CA PHE C 308 -19.94 -20.40 36.54
C PHE C 308 -19.93 -19.89 35.10
N SER C 309 -20.81 -18.93 34.82
CA SER C 309 -20.96 -18.44 33.46
C SER C 309 -19.73 -17.69 32.97
N ASP C 310 -19.04 -16.98 33.86
CA ASP C 310 -17.88 -16.21 33.47
C ASP C 310 -16.73 -17.13 33.05
N ALA C 311 -15.73 -16.53 32.39
CA ALA C 311 -14.59 -17.30 31.91
C ALA C 311 -13.76 -17.89 33.04
N SER C 312 -13.93 -17.38 34.26
CA SER C 312 -13.18 -17.85 35.43
C SER C 312 -11.68 -17.75 35.23
N ALA C 313 -11.24 -16.72 34.49
CA ALA C 313 -9.82 -16.54 34.23
C ALA C 313 -9.08 -16.03 35.46
N SER C 314 -9.77 -15.40 36.40
CA SER C 314 -9.12 -14.87 37.60
C SER C 314 -8.62 -16.02 38.47
N LEU C 315 -7.36 -15.91 38.91
CA LEU C 315 -6.72 -16.88 39.81
C LEU C 315 -6.72 -18.24 39.10
N ASN C 316 -6.98 -19.32 39.83
CA ASN C 316 -7.04 -20.67 39.28
C ASN C 316 -8.36 -21.32 39.64
N LEU C 317 -9.46 -20.60 39.38
CA LEU C 317 -10.79 -21.10 39.73
C LEU C 317 -11.10 -22.44 39.08
N GLY C 318 -10.48 -22.73 37.93
CA GLY C 318 -10.69 -24.01 37.29
C GLY C 318 -10.28 -25.17 38.16
N PHE C 319 -9.22 -25.00 38.96
CA PHE C 319 -8.79 -26.07 39.85
C PHE C 319 -9.80 -26.32 40.96
N VAL C 320 -10.22 -25.27 41.66
CA VAL C 320 -11.11 -25.44 42.81
C VAL C 320 -12.47 -25.97 42.36
N ILE C 321 -12.94 -25.56 41.18
CA ILE C 321 -14.20 -26.07 40.66
C ILE C 321 -14.12 -27.58 40.45
N GLY C 322 -12.99 -28.05 39.90
CA GLY C 322 -12.83 -29.48 39.71
C GLY C 322 -12.75 -30.25 41.00
N ASN C 323 -11.98 -29.74 41.97
CA ASN C 323 -11.79 -30.45 43.23
C ASN C 323 -13.09 -30.54 44.02
N ILE C 324 -13.86 -29.46 44.09
CA ILE C 324 -15.10 -29.49 44.83
C ILE C 324 -16.09 -30.45 44.17
N GLU C 325 -16.09 -30.50 42.84
CA GLU C 325 -16.89 -31.50 42.14
C GLU C 325 -16.29 -32.88 42.29
N GLU C 326 -14.96 -32.97 42.35
CA GLU C 326 -14.30 -34.25 42.58
C GLU C 326 -14.71 -34.85 43.92
N LYS C 327 -14.77 -34.02 44.96
CA LYS C 327 -15.24 -34.49 46.26
C LYS C 327 -16.74 -34.73 46.25
N LEU C 328 -17.49 -33.92 45.51
CA LEU C 328 -18.95 -34.02 45.53
C LEU C 328 -19.44 -35.25 44.79
N PHE C 329 -18.84 -35.57 43.65
CA PHE C 329 -19.31 -36.70 42.85
C PHE C 329 -19.13 -38.02 43.60
N ARG C 330 -17.98 -38.20 44.25
CA ARG C 330 -17.73 -39.45 44.95
C ARG C 330 -18.73 -39.66 46.08
N LEU C 331 -19.03 -38.60 46.83
CA LEU C 331 -20.00 -38.71 47.91
C LEU C 331 -21.40 -39.02 47.38
N ALA C 332 -21.79 -38.37 46.27
CA ALA C 332 -23.13 -38.59 45.73
C ALA C 332 -23.24 -39.94 45.06
N ALA C 333 -22.19 -40.38 44.35
CA ALA C 333 -22.24 -41.67 43.66
C ALA C 333 -22.38 -42.81 44.66
N ALA C 334 -21.67 -42.75 45.78
CA ALA C 334 -21.78 -43.79 46.79
C ALA C 334 -23.18 -43.84 47.40
N GLN C 335 -23.79 -42.68 47.60
CA GLN C 335 -25.13 -42.60 48.17
C GLN C 335 -26.16 -43.27 47.26
N ILE C 376 -31.94 -26.79 46.87
CA ILE C 376 -31.14 -25.82 46.14
C ILE C 376 -30.07 -25.21 47.04
N SER C 377 -30.53 -24.48 48.07
CA SER C 377 -29.60 -23.86 49.01
C SER C 377 -29.03 -24.86 50.00
N TYR C 378 -29.64 -26.04 50.14
CA TYR C 378 -29.13 -27.05 51.06
C TYR C 378 -27.74 -27.50 50.65
N LEU C 379 -27.51 -27.72 49.36
CA LEU C 379 -26.18 -28.07 48.88
C LEU C 379 -25.20 -26.94 49.13
N GLU C 380 -25.65 -25.69 48.99
CA GLU C 380 -24.79 -24.55 49.31
C GLU C 380 -24.46 -24.51 50.80
N TYR C 381 -25.45 -24.84 51.65
CA TYR C 381 -25.20 -24.85 53.09
C TYR C 381 -24.16 -25.88 53.47
N LYS C 382 -24.23 -27.08 52.87
CA LYS C 382 -23.25 -28.11 53.17
C LYS C 382 -21.87 -27.75 52.64
N LEU C 383 -21.81 -26.90 51.62
CA LEU C 383 -20.52 -26.45 51.10
C LEU C 383 -19.79 -25.58 52.11
N LEU C 384 -20.54 -24.77 52.87
CA LEU C 384 -19.92 -23.90 53.86
C LEU C 384 -19.26 -24.73 54.96
N GLU C 385 -19.91 -25.80 55.42
CA GLU C 385 -19.32 -26.65 56.45
C GLU C 385 -18.04 -27.30 55.96
N GLU C 386 -18.02 -27.77 54.71
CA GLU C 386 -16.84 -28.40 54.16
C GLU C 386 -15.84 -27.41 53.59
N ARG C 387 -16.18 -26.12 53.55
CA ARG C 387 -15.27 -25.11 53.03
C ARG C 387 -15.56 -23.75 53.67
N PHE C 407 -10.43 -16.57 47.29
CA PHE C 407 -11.21 -16.76 46.06
C PHE C 407 -12.37 -17.74 46.30
N THR C 408 -12.25 -18.54 47.36
CA THR C 408 -13.31 -19.49 47.68
C THR C 408 -14.61 -18.79 48.06
N ARG C 409 -14.51 -17.58 48.61
CA ARG C 409 -15.71 -16.83 48.96
C ARG C 409 -16.41 -16.27 47.73
N ARG C 410 -15.65 -15.99 46.66
CA ARG C 410 -16.27 -15.60 45.40
C ARG C 410 -17.09 -16.75 44.84
N LEU C 411 -16.63 -17.99 45.04
CA LEU C 411 -17.42 -19.16 44.65
C LEU C 411 -18.75 -19.19 45.37
N ARG C 412 -18.74 -18.91 46.68
CA ARG C 412 -20.00 -18.81 47.42
C ARG C 412 -20.84 -17.64 46.92
N GLY C 413 -20.20 -16.52 46.60
CA GLY C 413 -20.94 -15.37 46.10
C GLY C 413 -21.68 -15.66 44.81
N VAL C 414 -21.06 -16.41 43.91
CA VAL C 414 -21.73 -16.82 42.69
C VAL C 414 -22.90 -17.75 43.01
N GLN C 415 -22.68 -18.71 43.90
CA GLN C 415 -23.73 -19.66 44.23
C GLN C 415 -24.92 -18.97 44.89
N LYS C 416 -24.65 -18.01 45.78
CA LYS C 416 -25.74 -17.29 46.44
C LYS C 416 -26.56 -16.49 45.45
N TYR C 417 -25.91 -15.92 44.43
CA TYR C 417 -26.63 -15.11 43.45
C TYR C 417 -27.62 -15.95 42.65
N LEU C 418 -27.24 -17.18 42.29
CA LEU C 418 -28.15 -18.05 41.55
C LEU C 418 -29.34 -18.50 42.39
N SER C 419 -29.24 -18.46 43.71
CA SER C 419 -30.28 -19.03 44.56
C SER C 419 -31.67 -18.48 44.29
N PRO C 420 -31.88 -17.16 44.18
CA PRO C 420 -33.23 -16.67 43.85
C PRO C 420 -33.69 -17.04 42.44
N LEU C 421 -32.78 -17.43 41.55
CA LEU C 421 -33.14 -17.70 40.16
C LEU C 421 -32.98 -19.15 39.74
N ILE C 422 -32.05 -19.90 40.35
CA ILE C 422 -31.82 -21.29 39.98
C ILE C 422 -32.60 -22.26 40.84
N ARG C 423 -33.30 -21.76 41.86
CA ARG C 423 -34.05 -22.64 42.76
C ARG C 423 -35.14 -23.41 42.03
N GLY C 424 -35.78 -22.78 41.05
CA GLY C 424 -36.86 -23.45 40.33
C GLY C 424 -36.38 -24.67 39.54
N ASP C 425 -35.11 -24.69 39.16
CA ASP C 425 -34.57 -25.79 38.38
C ASP C 425 -34.12 -26.97 39.24
N LEU C 426 -34.09 -26.81 40.56
CA LEU C 426 -33.65 -27.87 41.48
C LEU C 426 -34.59 -27.91 42.67
N THR C 427 -35.50 -28.89 42.69
CA THR C 427 -36.43 -29.09 43.79
C THR C 427 -36.58 -30.58 44.01
N PRO C 428 -36.37 -31.07 45.24
CA PRO C 428 -36.48 -32.51 45.50
C PRO C 428 -37.94 -32.94 45.62
N GLU C 429 -38.40 -33.71 44.64
CA GLU C 429 -39.75 -34.26 44.65
C GLU C 429 -39.73 -35.65 44.02
N GLN C 430 -40.77 -36.42 44.29
CA GLN C 430 -40.88 -37.77 43.78
C GLN C 430 -41.37 -37.83 42.34
N ALA C 431 -41.93 -36.73 41.82
CA ALA C 431 -42.39 -36.71 40.44
C ALA C 431 -41.20 -36.89 39.49
N GLU C 432 -41.38 -37.77 38.50
CA GLU C 432 -40.30 -38.12 37.57
C GLU C 432 -40.47 -37.50 36.20
N GLY C 433 -41.69 -37.24 35.76
CA GLY C 433 -41.92 -36.73 34.42
C GLY C 433 -41.70 -35.24 34.28
N TYR C 434 -40.81 -34.67 35.09
CA TYR C 434 -40.48 -33.25 35.02
C TYR C 434 -39.06 -33.01 34.56
N ARG C 435 -38.34 -34.05 34.15
CA ARG C 435 -37.03 -33.86 33.55
C ARG C 435 -37.19 -33.21 32.17
N PRO C 436 -36.16 -32.51 31.69
CA PRO C 436 -36.28 -31.89 30.35
C PRO C 436 -36.55 -32.92 29.26
N ASP C 437 -35.66 -33.91 29.10
CA ASP C 437 -35.82 -35.04 28.20
C ASP C 437 -36.25 -34.62 26.79
N PRO C 438 -35.41 -33.89 26.05
CA PRO C 438 -35.73 -33.64 24.64
C PRO C 438 -35.59 -34.90 23.81
N LEU C 439 -35.89 -34.82 22.51
CA LEU C 439 -35.79 -35.97 21.61
C LEU C 439 -36.69 -37.12 22.11
N ARG C 440 -37.96 -36.80 22.31
CA ARG C 440 -38.92 -37.77 22.81
C ARG C 440 -39.34 -38.73 21.68
N ARG C 441 -40.30 -39.60 21.99
CA ARG C 441 -40.77 -40.57 21.01
C ARG C 441 -41.42 -39.87 19.81
N GLY C 442 -42.39 -39.00 20.06
CA GLY C 442 -42.96 -38.19 19.01
C GLY C 442 -42.90 -36.71 19.29
N ILE C 443 -42.05 -35.99 18.55
CA ILE C 443 -41.94 -34.54 18.67
C ILE C 443 -41.15 -34.03 17.48
N GLN C 444 -41.38 -32.78 17.08
CA GLN C 444 -40.68 -32.17 15.96
C GLN C 444 -39.83 -30.98 16.37
N LEU C 445 -40.41 -30.02 17.08
CA LEU C 445 -39.68 -28.81 17.49
C LEU C 445 -39.94 -28.54 18.96
N THR C 446 -38.87 -28.24 19.70
CA THR C 446 -38.93 -27.98 21.13
C THR C 446 -38.49 -26.56 21.41
N VAL C 447 -39.28 -25.83 22.20
CA VAL C 447 -38.97 -24.46 22.60
C VAL C 447 -38.70 -24.45 24.10
N VAL C 448 -37.55 -23.90 24.49
CA VAL C 448 -37.20 -23.74 25.90
C VAL C 448 -37.16 -22.25 26.20
N ASP C 449 -38.07 -21.79 27.06
CA ASP C 449 -38.21 -20.38 27.38
C ASP C 449 -37.36 -20.06 28.60
N ILE C 450 -36.31 -19.25 28.40
CA ILE C 450 -35.42 -18.87 29.48
C ILE C 450 -35.31 -17.35 29.54
N HIS C 451 -36.34 -16.65 29.10
CA HIS C 451 -36.31 -15.20 29.08
C HIS C 451 -36.30 -14.64 30.50
N ALA C 452 -37.02 -15.28 31.42
CA ALA C 452 -37.09 -14.78 32.79
C ALA C 452 -35.77 -14.97 33.54
N LEU C 453 -35.03 -16.02 33.21
CA LEU C 453 -33.75 -16.27 33.86
C LEU C 453 -32.74 -15.18 33.50
N SER C 454 -31.84 -14.90 34.44
CA SER C 454 -30.82 -13.88 34.24
C SER C 454 -29.73 -14.41 33.31
N ALA C 455 -28.75 -13.55 33.01
CA ALA C 455 -27.70 -13.92 32.07
C ALA C 455 -26.89 -15.11 32.56
N HIS C 456 -26.54 -15.12 33.85
CA HIS C 456 -25.82 -16.26 34.41
C HIS C 456 -26.69 -17.52 34.42
N ALA C 457 -27.96 -17.37 34.79
CA ALA C 457 -28.85 -18.52 34.83
C ALA C 457 -29.11 -19.07 33.43
N GLN C 458 -29.25 -18.18 32.44
CA GLN C 458 -29.47 -18.64 31.06
C GLN C 458 -28.28 -19.45 30.55
N MET C 459 -27.07 -19.12 31.02
CA MET C 459 -25.90 -19.89 30.60
C MET C 459 -25.96 -21.33 31.13
N PHE C 460 -26.44 -21.50 32.36
CA PHE C 460 -26.46 -22.83 32.97
C PHE C 460 -27.44 -23.74 32.24
N VAL C 461 -28.62 -23.24 31.87
CA VAL C 461 -29.60 -24.07 31.18
C VAL C 461 -29.08 -24.49 29.81
N VAL C 462 -28.48 -23.56 29.06
CA VAL C 462 -27.97 -23.89 27.74
C VAL C 462 -26.85 -24.92 27.83
N GLY C 463 -25.94 -24.74 28.79
CA GLY C 463 -24.84 -25.68 28.92
C GLY C 463 -25.29 -27.09 29.20
N VAL C 464 -26.27 -27.26 30.08
CA VAL C 464 -26.71 -28.60 30.47
C VAL C 464 -27.42 -29.28 29.30
N LEU C 465 -28.34 -28.57 28.65
CA LEU C 465 -29.16 -29.20 27.61
C LEU C 465 -28.32 -29.62 26.41
N LEU C 466 -27.38 -28.77 25.98
CA LEU C 466 -26.53 -29.13 24.84
C LEU C 466 -25.65 -30.32 25.17
N ARG C 467 -25.07 -30.35 26.38
CA ARG C 467 -24.23 -31.49 26.76
C ARG C 467 -25.07 -32.75 26.95
N GLU C 468 -26.27 -32.60 27.50
CA GLU C 468 -27.13 -33.77 27.73
C GLU C 468 -27.54 -34.41 26.42
N VAL C 469 -28.02 -33.61 25.46
CA VAL C 469 -28.44 -34.16 24.18
C VAL C 469 -27.24 -34.70 23.41
N PHE C 470 -26.07 -34.08 23.57
CA PHE C 470 -24.88 -34.58 22.88
C PHE C 470 -24.47 -35.94 23.39
N GLU C 471 -24.52 -36.17 24.70
CA GLU C 471 -24.16 -37.46 25.25
C GLU C 471 -25.20 -38.53 24.90
N TYR C 472 -26.48 -38.20 25.03
CA TYR C 472 -27.53 -39.16 24.69
C TYR C 472 -27.48 -39.53 23.22
N LYS C 473 -27.28 -38.55 22.34
CA LYS C 473 -27.16 -38.85 20.92
C LYS C 473 -25.90 -39.65 20.62
N GLU C 474 -24.86 -39.50 21.43
CA GLU C 474 -23.61 -40.21 21.19
C GLU C 474 -23.71 -41.68 21.59
N ARG C 475 -24.42 -41.99 22.67
CA ARG C 475 -24.53 -43.37 23.13
C ARG C 475 -25.18 -44.24 22.07
N VAL C 476 -26.34 -43.81 21.56
CA VAL C 476 -26.99 -44.48 20.45
C VAL C 476 -26.34 -44.00 19.15
N GLY C 477 -26.67 -44.65 18.04
CA GLY C 477 -26.19 -44.22 16.75
C GLY C 477 -26.82 -42.90 16.33
N ARG C 478 -26.41 -42.42 15.16
CA ARG C 478 -26.91 -41.15 14.65
C ARG C 478 -28.42 -41.25 14.42
N GLN C 479 -28.83 -42.10 13.48
CA GLN C 479 -30.20 -42.59 13.27
C GLN C 479 -31.23 -41.49 13.03
N ASP C 480 -30.80 -40.23 13.01
CA ASP C 480 -31.66 -39.10 12.68
C ASP C 480 -30.79 -37.85 12.58
N THR C 481 -31.43 -36.71 12.37
CA THR C 481 -30.76 -35.42 12.31
C THR C 481 -31.46 -34.46 13.26
N VAL C 482 -30.69 -33.79 14.11
CA VAL C 482 -31.23 -32.81 15.05
C VAL C 482 -30.56 -31.47 14.81
N PHE C 483 -31.38 -30.43 14.71
CA PHE C 483 -30.88 -29.06 14.52
C PHE C 483 -31.03 -28.30 15.83
N VAL C 484 -29.97 -27.59 16.23
CA VAL C 484 -29.99 -26.74 17.40
C VAL C 484 -29.74 -25.31 16.95
N VAL C 485 -30.55 -24.38 17.47
CA VAL C 485 -30.47 -22.97 17.10
C VAL C 485 -30.08 -22.18 18.35
N LEU C 486 -28.99 -21.41 18.23
CA LEU C 486 -28.50 -20.58 19.32
C LEU C 486 -28.55 -19.12 18.88
N ASP C 487 -29.10 -18.27 19.74
CA ASP C 487 -29.21 -16.84 19.46
C ASP C 487 -28.06 -16.10 20.14
N GLU C 488 -27.51 -15.12 19.43
CA GLU C 488 -26.40 -14.31 19.92
C GLU C 488 -25.19 -15.19 20.27
N LEU C 489 -24.66 -15.85 19.23
CA LEU C 489 -23.58 -16.81 19.41
C LEU C 489 -22.30 -16.18 19.93
N ASN C 490 -22.18 -14.85 19.87
CA ASN C 490 -20.93 -14.22 20.26
C ASN C 490 -20.69 -14.33 21.76
N LYS C 491 -21.72 -14.06 22.58
CA LYS C 491 -21.54 -14.12 24.03
C LYS C 491 -21.53 -15.55 24.55
N TYR C 492 -22.12 -16.49 23.81
CA TYR C 492 -22.08 -17.89 24.22
C TYR C 492 -20.69 -18.48 24.02
N ALA C 493 -20.09 -18.22 22.85
CA ALA C 493 -18.77 -18.76 22.50
C ALA C 493 -17.90 -17.63 21.96
N PRO C 494 -17.38 -16.77 22.83
CA PRO C 494 -16.50 -15.70 22.38
C PRO C 494 -15.06 -16.19 22.22
N ARG C 495 -14.24 -15.34 21.63
CA ARG C 495 -12.82 -15.63 21.50
C ARG C 495 -12.15 -15.66 22.87
N GLU C 496 -11.08 -16.45 22.97
CA GLU C 496 -10.43 -16.80 24.24
C GLU C 496 -11.44 -16.97 25.37
N GLY C 497 -12.52 -17.69 25.07
CA GLY C 497 -13.60 -17.86 26.04
C GLY C 497 -13.29 -18.86 27.12
N ASP C 498 -12.42 -19.84 26.85
CA ASP C 498 -11.89 -20.84 27.78
C ASP C 498 -12.92 -21.28 28.81
N SER C 499 -14.16 -21.49 28.36
CA SER C 499 -15.29 -21.78 29.23
C SER C 499 -15.80 -23.20 28.99
N PRO C 500 -16.42 -23.82 29.99
CA PRO C 500 -17.02 -25.15 29.78
C PRO C 500 -18.17 -25.14 28.78
N ILE C 501 -18.68 -23.98 28.40
CA ILE C 501 -19.67 -23.92 27.33
C ILE C 501 -18.99 -23.77 25.96
N LYS C 502 -17.80 -23.18 25.93
CA LYS C 502 -17.11 -22.96 24.66
C LYS C 502 -16.72 -24.29 24.00
N ASP C 503 -16.20 -25.23 24.79
CA ASP C 503 -15.75 -26.50 24.22
C ASP C 503 -16.92 -27.36 23.76
N VAL C 504 -18.07 -27.26 24.42
CA VAL C 504 -19.26 -27.99 23.97
C VAL C 504 -19.69 -27.49 22.59
N LEU C 505 -19.73 -26.17 22.41
CA LEU C 505 -20.01 -25.62 21.10
C LEU C 505 -18.88 -25.93 20.13
N LEU C 506 -17.64 -25.95 20.61
CA LEU C 506 -16.52 -26.34 19.76
C LEU C 506 -16.62 -27.80 19.35
N ASP C 507 -17.02 -28.67 20.28
CA ASP C 507 -17.15 -30.09 19.97
C ASP C 507 -18.28 -30.33 18.97
N ILE C 508 -19.39 -29.59 19.10
CA ILE C 508 -20.47 -29.70 18.13
C ILE C 508 -20.00 -29.24 16.77
N ALA C 509 -19.21 -28.17 16.72
CA ALA C 509 -18.66 -27.68 15.46
C ALA C 509 -17.60 -28.61 14.87
N GLU C 510 -17.14 -29.61 15.63
CA GLU C 510 -16.14 -30.55 15.15
C GLU C 510 -16.72 -31.93 14.88
N ARG C 511 -17.53 -32.46 15.78
CA ARG C 511 -18.14 -33.78 15.62
C ARG C 511 -19.59 -33.72 15.17
N GLY C 512 -20.06 -32.55 14.74
CA GLY C 512 -21.45 -32.43 14.32
C GLY C 512 -21.76 -33.21 13.06
N ARG C 513 -20.84 -33.20 12.10
CA ARG C 513 -21.09 -33.87 10.82
C ARG C 513 -21.25 -35.38 11.00
N SER C 514 -20.41 -36.00 11.83
CA SER C 514 -20.50 -37.43 12.04
C SER C 514 -21.82 -37.82 12.69
N LEU C 515 -22.25 -37.06 13.68
CA LEU C 515 -23.52 -37.31 14.35
C LEU C 515 -24.65 -36.64 13.57
N GLY C 516 -25.85 -36.61 14.15
CA GLY C 516 -26.98 -35.96 13.54
C GLY C 516 -27.23 -34.56 14.08
N ILE C 517 -26.23 -33.98 14.73
CA ILE C 517 -26.35 -32.67 15.37
C ILE C 517 -25.74 -31.62 14.47
N ILE C 518 -26.44 -30.50 14.29
CA ILE C 518 -26.02 -29.42 13.41
C ILE C 518 -26.30 -28.10 14.12
N LEU C 519 -25.35 -27.16 14.05
CA LEU C 519 -25.47 -25.87 14.72
C LEU C 519 -25.87 -24.79 13.72
N ILE C 520 -26.98 -24.11 14.01
CA ILE C 520 -27.37 -22.91 13.30
C ILE C 520 -27.23 -21.75 14.28
N GLY C 521 -26.26 -20.89 14.04
CA GLY C 521 -25.91 -19.82 14.97
C GLY C 521 -26.20 -18.45 14.39
N ALA C 522 -26.59 -17.52 15.26
CA ALA C 522 -26.83 -16.13 14.89
C ALA C 522 -25.80 -15.25 15.58
N GLN C 523 -25.06 -14.48 14.81
CA GLN C 523 -24.01 -13.62 15.32
C GLN C 523 -24.10 -12.25 14.68
N GLN C 524 -23.58 -11.24 15.39
CA GLN C 524 -23.74 -9.85 14.97
C GLN C 524 -22.59 -9.37 14.08
N THR C 525 -21.35 -9.75 14.40
CA THR C 525 -20.18 -9.21 13.71
C THR C 525 -19.36 -10.25 12.96
N ALA C 526 -19.43 -11.53 13.35
CA ALA C 526 -18.61 -12.59 12.75
C ALA C 526 -17.12 -12.31 12.89
N SER C 527 -16.75 -11.48 13.87
CA SER C 527 -15.36 -11.16 14.14
C SER C 527 -14.98 -11.29 15.60
N GLU C 528 -15.94 -11.46 16.51
CA GLU C 528 -15.68 -11.65 17.93
C GLU C 528 -15.96 -13.08 18.39
N VAL C 529 -16.14 -14.00 17.46
CA VAL C 529 -16.29 -15.41 17.77
C VAL C 529 -15.04 -16.14 17.31
N GLU C 530 -14.87 -17.37 17.81
CA GLU C 530 -13.70 -18.15 17.45
C GLU C 530 -13.68 -18.43 15.96
N ARG C 531 -12.49 -18.35 15.36
CA ARG C 531 -12.34 -18.58 13.94
C ARG C 531 -12.60 -20.03 13.56
N ARG C 532 -12.44 -20.96 14.49
CA ARG C 532 -12.68 -22.37 14.20
C ARG C 532 -14.14 -22.63 13.87
N ILE C 533 -15.06 -22.00 14.61
CA ILE C 533 -16.49 -22.25 14.40
C ILE C 533 -16.94 -21.70 13.05
N VAL C 534 -16.53 -20.47 12.72
CA VAL C 534 -16.97 -19.87 11.47
C VAL C 534 -16.32 -20.57 10.27
N SER C 535 -15.11 -21.10 10.44
CA SER C 535 -14.43 -21.77 9.33
C SER C 535 -15.15 -23.05 8.92
N ASN C 536 -15.65 -23.80 9.90
CA ASN C 536 -16.32 -25.07 9.60
C ASN C 536 -17.69 -24.86 8.98
N ALA C 537 -18.24 -23.66 9.04
CA ALA C 537 -19.54 -23.40 8.44
C ALA C 537 -19.45 -23.48 6.92
N ALA C 538 -20.57 -23.88 6.30
CA ALA C 538 -20.66 -24.01 4.85
C ALA C 538 -21.59 -22.99 4.21
N ILE C 539 -22.79 -22.82 4.75
CA ILE C 539 -23.76 -21.86 4.23
C ILE C 539 -23.65 -20.60 5.08
N ARG C 540 -23.32 -19.48 4.43
CA ARG C 540 -23.13 -18.20 5.11
C ARG C 540 -24.15 -17.21 4.59
N VAL C 541 -24.82 -16.51 5.50
CA VAL C 541 -25.85 -15.54 5.16
C VAL C 541 -25.50 -14.22 5.83
N VAL C 542 -25.59 -13.13 5.07
CA VAL C 542 -25.29 -11.79 5.58
C VAL C 542 -26.43 -10.86 5.22
N GLY C 543 -26.81 -10.00 6.15
CA GLY C 543 -27.86 -9.03 5.90
C GLY C 543 -27.59 -7.66 6.49
N ARG C 544 -27.57 -6.64 5.64
CA ARG C 544 -27.28 -5.26 6.03
C ARG C 544 -26.03 -5.18 6.90
N LEU C 545 -24.90 -5.58 6.31
CA LEU C 545 -23.63 -5.53 7.03
C LEU C 545 -23.20 -4.10 7.28
N ASP C 546 -22.54 -3.88 8.42
CA ASP C 546 -22.03 -2.56 8.75
C ASP C 546 -20.89 -2.17 7.83
N LEU C 547 -20.72 -0.86 7.63
CA LEU C 547 -19.65 -0.36 6.78
C LEU C 547 -18.28 -0.72 7.36
N ALA C 548 -18.12 -0.60 8.68
CA ALA C 548 -16.84 -0.87 9.31
C ALA C 548 -16.49 -2.35 9.35
N GLU C 549 -17.43 -3.24 9.03
CA GLU C 549 -17.17 -4.67 9.07
C GLU C 549 -16.92 -5.28 7.70
N ALA C 550 -17.34 -4.61 6.62
CA ALA C 550 -17.11 -5.14 5.28
C ALA C 550 -15.63 -5.13 4.89
N GLU C 551 -14.81 -4.33 5.56
CA GLU C 551 -13.38 -4.28 5.29
C GLU C 551 -12.59 -5.29 6.10
N ARG C 552 -13.21 -5.98 7.04
CA ARG C 552 -12.50 -6.95 7.87
C ARG C 552 -12.09 -8.16 7.03
N PRO C 553 -11.00 -8.84 7.40
CA PRO C 553 -10.58 -10.02 6.64
C PRO C 553 -11.56 -11.18 6.72
N GLU C 554 -12.46 -11.19 7.72
CA GLU C 554 -13.42 -12.28 7.84
C GLU C 554 -14.49 -12.27 6.76
N TYR C 555 -14.62 -11.18 6.01
CA TYR C 555 -15.61 -11.05 4.96
C TYR C 555 -14.96 -10.90 3.59
N ARG C 556 -13.92 -11.68 3.34
CA ARG C 556 -13.23 -11.61 2.05
C ARG C 556 -14.00 -12.28 0.92
N PHE C 557 -14.97 -13.13 1.24
CA PHE C 557 -15.75 -13.79 0.20
C PHE C 557 -16.68 -12.85 -0.55
N LEU C 558 -16.88 -11.63 -0.05
CA LEU C 558 -17.71 -10.65 -0.74
C LEU C 558 -16.88 -9.92 -1.77
N PRO C 559 -17.25 -9.95 -3.05
CA PRO C 559 -16.54 -9.15 -4.05
C PRO C 559 -16.69 -7.66 -3.78
N GLN C 560 -15.90 -6.86 -4.51
CA GLN C 560 -15.86 -5.42 -4.26
C GLN C 560 -17.21 -4.77 -4.55
N SER C 561 -17.89 -5.20 -5.62
CA SER C 561 -19.17 -4.60 -5.99
C SER C 561 -20.28 -4.88 -4.98
N PHE C 562 -20.07 -5.82 -4.06
CA PHE C 562 -21.06 -6.14 -3.05
C PHE C 562 -20.84 -5.42 -1.72
N ARG C 563 -19.63 -4.94 -1.46
CA ARG C 563 -19.36 -4.26 -0.20
C ARG C 563 -20.16 -2.98 -0.08
N GLY C 564 -20.23 -2.19 -1.16
CA GLY C 564 -20.97 -0.94 -1.09
C GLY C 564 -22.47 -1.16 -0.93
N ARG C 565 -23.01 -2.19 -1.56
CA ARG C 565 -24.44 -2.47 -1.49
C ARG C 565 -24.84 -3.27 -0.26
N ALA C 566 -23.87 -3.71 0.55
CA ALA C 566 -24.20 -4.52 1.73
C ALA C 566 -25.04 -3.73 2.73
N GLY C 567 -24.66 -2.47 2.98
CA GLY C 567 -25.41 -1.66 3.94
C GLY C 567 -26.75 -1.17 3.43
N ILE C 568 -26.93 -1.15 2.11
CA ILE C 568 -28.18 -0.65 1.53
C ILE C 568 -29.32 -1.64 1.72
N LEU C 569 -29.02 -2.91 1.91
CA LEU C 569 -30.04 -3.96 1.96
C LEU C 569 -31.06 -3.69 3.06
N GLN C 570 -32.31 -3.49 2.67
CA GLN C 570 -33.39 -3.28 3.61
C GLN C 570 -33.72 -4.58 4.32
N PRO C 571 -34.37 -4.51 5.49
CA PRO C 571 -34.79 -5.74 6.18
C PRO C 571 -35.74 -6.57 5.33
N GLY C 572 -35.62 -7.88 5.46
CA GLY C 572 -36.36 -8.79 4.60
C GLY C 572 -35.63 -9.23 3.37
N THR C 573 -34.31 -9.03 3.32
CA THR C 573 -33.51 -9.41 2.15
C THR C 573 -32.12 -9.79 2.63
N MET C 574 -31.57 -10.87 2.08
CA MET C 574 -30.29 -11.40 2.52
C MET C 574 -29.45 -11.82 1.33
N LEU C 575 -28.16 -12.00 1.59
CA LEU C 575 -27.22 -12.59 0.63
C LEU C 575 -26.93 -14.02 1.07
N VAL C 576 -27.18 -14.98 0.18
CA VAL C 576 -26.99 -16.39 0.48
C VAL C 576 -25.76 -16.88 -0.28
N SER C 577 -24.81 -17.46 0.46
CA SER C 577 -23.58 -17.98 -0.11
C SER C 577 -23.51 -19.48 0.11
N GLN C 578 -23.16 -20.22 -0.94
CA GLN C 578 -23.05 -21.66 -0.88
C GLN C 578 -21.73 -22.11 -1.47
N PRO C 579 -21.16 -23.22 -0.98
CA PRO C 579 -20.13 -23.91 -1.75
C PRO C 579 -20.72 -24.43 -3.05
N ASP C 580 -19.89 -24.43 -4.10
CA ASP C 580 -20.15 -24.75 -5.51
C ASP C 580 -20.87 -23.63 -6.23
N VAL C 581 -21.19 -22.53 -5.54
CA VAL C 581 -21.68 -21.30 -6.18
C VAL C 581 -20.57 -20.25 -6.03
N PRO C 582 -19.91 -19.87 -7.12
CA PRO C 582 -18.74 -18.98 -6.99
C PRO C 582 -19.06 -17.62 -6.38
N ASN C 583 -20.25 -17.08 -6.61
CA ASN C 583 -20.58 -15.74 -6.13
C ASN C 583 -21.93 -15.77 -5.45
N PRO C 584 -22.12 -14.96 -4.40
CA PRO C 584 -23.41 -14.93 -3.71
C PRO C 584 -24.47 -14.20 -4.53
N VAL C 585 -25.73 -14.50 -4.21
CA VAL C 585 -26.88 -13.90 -4.86
C VAL C 585 -27.88 -13.47 -3.79
N LEU C 586 -28.93 -12.79 -4.24
CA LEU C 586 -29.93 -12.23 -3.35
C LEU C 586 -31.09 -13.21 -3.13
N VAL C 587 -31.76 -13.05 -1.99
CA VAL C 587 -32.97 -13.79 -1.67
C VAL C 587 -33.99 -12.81 -1.09
N ASN C 588 -35.24 -13.26 -1.02
CA ASN C 588 -36.32 -12.45 -0.48
C ASN C 588 -37.04 -13.23 0.63
N TYR C 589 -38.04 -12.60 1.22
CA TYR C 589 -38.75 -13.17 2.34
C TYR C 589 -40.24 -13.25 2.06
N PRO C 590 -40.85 -14.41 2.27
CA PRO C 590 -42.31 -14.44 2.48
C PRO C 590 -42.60 -14.23 3.95
N PHE C 591 -43.59 -13.37 4.22
CA PHE C 591 -43.84 -12.97 5.59
C PHE C 591 -44.29 -14.17 6.41
N PRO C 592 -43.78 -14.33 7.64
CA PRO C 592 -44.06 -15.55 8.40
C PRO C 592 -45.55 -15.72 8.67
N ALA C 593 -45.98 -16.99 8.63
CA ALA C 593 -47.37 -17.33 8.89
C ALA C 593 -47.63 -17.74 10.33
N TRP C 594 -46.59 -18.11 11.06
CA TRP C 594 -46.75 -18.41 12.47
C TRP C 594 -46.88 -17.13 13.28
N ALA C 595 -47.53 -17.23 14.43
CA ALA C 595 -47.74 -16.05 15.27
C ALA C 595 -46.42 -15.53 15.80
N THR C 596 -46.29 -14.19 15.82
CA THR C 596 -45.10 -13.54 16.36
C THR C 596 -45.41 -12.39 17.30
N ARG C 597 -46.60 -11.82 17.26
CA ARG C 597 -46.96 -10.66 18.08
C ARG C 597 -47.93 -11.07 19.17
N ARG C 598 -47.85 -10.35 20.29
CA ARG C 598 -48.76 -10.52 21.42
C ARG C 598 -48.82 -11.96 21.91
N ALA D 12 -0.16 -28.50 -37.90
CA ALA D 12 -0.36 -27.30 -37.09
C ALA D 12 -0.27 -26.04 -37.95
N ASP D 13 -1.41 -25.61 -38.47
CA ASP D 13 -1.45 -24.41 -39.30
C ASP D 13 -1.25 -23.16 -38.44
N ALA D 14 -0.91 -22.07 -39.11
CA ALA D 14 -0.71 -20.80 -38.42
C ALA D 14 -2.03 -20.29 -37.85
N ILE D 15 -1.98 -19.78 -36.62
CA ILE D 15 -3.17 -19.29 -35.94
C ILE D 15 -3.24 -17.77 -35.87
N GLY D 16 -2.14 -17.07 -36.06
CA GLY D 16 -2.18 -15.62 -36.00
C GLY D 16 -0.80 -15.02 -36.19
N MET D 17 -0.71 -13.74 -35.82
CA MET D 17 0.52 -12.97 -35.96
C MET D 17 0.90 -12.35 -34.63
N VAL D 18 2.20 -12.14 -34.44
CA VAL D 18 2.69 -11.55 -33.20
C VAL D 18 2.43 -10.04 -33.24
N LEU D 19 1.53 -9.57 -32.40
CA LEU D 19 1.20 -8.15 -32.35
C LEU D 19 2.41 -7.36 -31.88
N GLY D 20 2.71 -6.26 -32.57
CA GLY D 20 3.84 -5.43 -32.23
C GLY D 20 3.46 -4.11 -31.61
N THR D 21 2.15 -3.81 -31.59
CA THR D 21 1.70 -2.54 -31.03
C THR D 21 1.99 -2.47 -29.53
N GLU D 22 1.76 -3.55 -28.81
CA GLU D 22 2.14 -3.62 -27.40
C GLU D 22 3.57 -4.10 -27.27
N ASP D 23 4.14 -3.88 -26.08
CA ASP D 23 5.51 -4.31 -25.83
C ASP D 23 5.63 -5.82 -25.99
N VAL D 24 6.72 -6.26 -26.61
CA VAL D 24 6.93 -7.68 -26.90
C VAL D 24 8.19 -8.16 -26.21
N THR D 25 8.50 -7.56 -25.05
CA THR D 25 9.59 -7.98 -24.17
C THR D 25 9.56 -9.50 -24.02
N PRO D 26 10.72 -10.16 -23.88
CA PRO D 26 10.74 -11.63 -23.92
C PRO D 26 9.88 -12.29 -22.85
N THR D 27 9.60 -11.61 -21.73
CA THR D 27 8.78 -12.21 -20.70
C THR D 27 7.34 -12.43 -21.17
N VAL D 28 6.72 -11.38 -21.70
CA VAL D 28 5.32 -11.45 -22.15
C VAL D 28 5.19 -10.65 -23.45
N PHE D 29 4.35 -11.15 -24.35
CA PHE D 29 4.10 -10.45 -25.61
C PHE D 29 2.72 -10.83 -26.12
N TRP D 30 1.97 -9.84 -26.58
CA TRP D 30 0.66 -10.07 -27.17
C TRP D 30 0.80 -10.61 -28.58
N PHE D 31 -0.30 -11.16 -29.10
CA PHE D 31 -0.34 -11.62 -30.48
C PHE D 31 -1.79 -11.68 -30.92
N ALA D 32 -2.02 -11.38 -32.19
CA ALA D 32 -3.36 -11.31 -32.77
C ALA D 32 -3.67 -12.61 -33.49
N VAL D 33 -4.83 -13.19 -33.19
CA VAL D 33 -5.24 -14.45 -33.77
C VAL D 33 -6.07 -14.19 -35.03
N SER D 34 -5.65 -14.78 -36.15
CA SER D 34 -6.39 -14.63 -37.38
C SER D 34 -7.70 -15.40 -37.33
N HIS D 35 -8.63 -15.01 -38.19
CA HIS D 35 -9.92 -15.70 -38.27
C HIS D 35 -9.72 -17.16 -38.63
N GLY D 36 -10.51 -18.03 -37.98
CA GLY D 36 -10.34 -19.46 -38.15
C GLY D 36 -10.08 -20.16 -36.83
N ALA D 37 -8.87 -20.70 -36.67
CA ALA D 37 -8.50 -21.43 -35.47
C ALA D 37 -8.56 -20.53 -34.23
N SER D 38 -9.51 -20.78 -33.35
CA SER D 38 -9.64 -20.02 -32.13
C SER D 38 -8.58 -20.44 -31.11
N VAL D 39 -8.38 -19.58 -30.12
CA VAL D 39 -7.41 -19.81 -29.05
C VAL D 39 -8.09 -19.58 -27.71
N GLY D 40 -8.02 -20.58 -26.83
CA GLY D 40 -8.57 -20.49 -25.51
C GLY D 40 -7.49 -20.36 -24.44
N LEU D 41 -7.93 -20.13 -23.21
CA LEU D 41 -7.02 -19.96 -22.10
C LEU D 41 -6.28 -21.26 -21.80
N ASP D 42 -5.03 -21.10 -21.34
CA ASP D 42 -4.17 -22.23 -20.96
C ASP D 42 -3.90 -23.18 -22.13
N ASP D 43 -3.87 -22.64 -23.35
CA ASP D 43 -3.45 -23.39 -24.52
C ASP D 43 -2.07 -22.90 -24.92
N LEU D 44 -1.04 -23.68 -24.57
CA LEU D 44 0.33 -23.25 -24.82
C LEU D 44 0.61 -23.18 -26.32
N VAL D 45 1.42 -22.19 -26.70
CA VAL D 45 1.76 -21.95 -28.10
C VAL D 45 3.27 -21.77 -28.23
N VAL D 46 3.75 -21.91 -29.46
CA VAL D 46 5.18 -21.81 -29.75
C VAL D 46 5.36 -20.77 -30.84
N VAL D 47 6.33 -19.87 -30.64
CA VAL D 47 6.64 -18.80 -31.57
C VAL D 47 8.07 -18.99 -32.07
N GLU D 48 8.26 -18.94 -33.38
CA GLU D 48 9.57 -19.08 -34.00
C GLU D 48 10.05 -17.73 -34.51
N THR D 49 11.32 -17.43 -34.26
CA THR D 49 11.92 -16.16 -34.64
C THR D 49 13.29 -16.40 -35.26
N ARG D 50 13.60 -15.66 -36.31
CA ARG D 50 14.87 -15.78 -37.02
C ARG D 50 15.83 -14.71 -36.53
N LYS D 51 16.98 -15.14 -36.01
CA LYS D 51 18.02 -14.21 -35.59
C LYS D 51 18.78 -13.70 -36.81
N PRO D 52 19.40 -12.51 -36.71
CA PRO D 52 20.13 -11.97 -37.86
C PRO D 52 21.25 -12.85 -38.35
N ASP D 53 21.95 -13.57 -37.46
CA ASP D 53 23.06 -14.40 -37.89
C ASP D 53 22.59 -15.58 -38.72
N GLY D 54 21.47 -16.20 -38.34
CA GLY D 54 20.95 -17.34 -39.07
C GLY D 54 20.38 -18.42 -38.17
N THR D 55 20.58 -18.28 -36.87
CA THR D 55 20.10 -19.28 -35.93
C THR D 55 18.63 -19.06 -35.62
N PRO D 56 17.75 -20.03 -35.88
CA PRO D 56 16.35 -19.87 -35.48
C PRO D 56 16.20 -19.93 -33.98
N VAL D 57 15.17 -19.25 -33.48
CA VAL D 57 14.87 -19.19 -32.05
C VAL D 57 13.38 -19.48 -31.87
N ARG D 58 13.07 -20.35 -30.90
CA ARG D 58 11.69 -20.74 -30.61
C ARG D 58 11.37 -20.39 -29.16
N PHE D 59 10.12 -19.97 -28.94
CA PHE D 59 9.63 -19.60 -27.62
C PHE D 59 8.52 -20.56 -27.20
N TYR D 60 8.61 -21.07 -25.98
CA TYR D 60 7.57 -21.91 -25.40
C TYR D 60 6.86 -21.13 -24.30
N GLY D 61 5.54 -21.02 -24.42
CA GLY D 61 4.77 -20.30 -23.43
C GLY D 61 3.29 -20.65 -23.51
N LEU D 62 2.59 -20.39 -22.41
CA LEU D 62 1.17 -20.66 -22.30
C LEU D 62 0.41 -19.35 -22.17
N VAL D 63 -0.70 -19.25 -22.89
CA VAL D 63 -1.52 -18.04 -22.81
C VAL D 63 -2.16 -17.94 -21.44
N ASP D 64 -2.36 -16.70 -20.97
CA ASP D 64 -2.98 -16.48 -19.68
C ASP D 64 -3.99 -15.33 -19.68
N ASN D 65 -4.28 -14.75 -20.85
CA ASN D 65 -5.25 -13.66 -20.94
C ASN D 65 -5.66 -13.44 -22.38
N VAL D 66 -6.95 -13.39 -22.65
CA VAL D 66 -7.49 -13.17 -23.99
C VAL D 66 -8.51 -12.05 -23.93
N ARG D 67 -8.70 -11.38 -25.06
CA ARG D 67 -9.68 -10.30 -25.15
C ARG D 67 -9.98 -10.02 -26.62
N LYS D 68 -11.18 -9.52 -26.86
CA LYS D 68 -11.60 -9.06 -28.18
C LYS D 68 -12.02 -7.60 -28.09
N ARG D 69 -11.63 -6.81 -29.08
CA ARG D 69 -11.94 -5.38 -29.11
C ARG D 69 -12.64 -5.05 -30.42
N HIS D 70 -13.77 -4.36 -30.33
CA HIS D 70 -14.55 -3.98 -31.50
C HIS D 70 -13.97 -2.68 -32.04
N GLU D 71 -12.83 -2.78 -32.69
CA GLU D 71 -12.13 -1.62 -33.21
C GLU D 71 -12.90 -1.01 -34.37
N GLY D 72 -13.00 0.32 -34.38
CA GLY D 72 -13.71 1.04 -35.40
C GLY D 72 -14.85 1.91 -34.89
N VAL D 73 -15.14 1.91 -33.59
CA VAL D 73 -16.20 2.74 -33.02
C VAL D 73 -15.63 3.49 -31.82
N THR D 74 -16.29 4.58 -31.46
CA THR D 74 -15.87 5.41 -30.34
C THR D 74 -16.96 5.75 -29.35
N PHE D 75 -18.24 5.67 -29.73
CA PHE D 75 -19.34 6.01 -28.83
C PHE D 75 -19.75 4.78 -28.03
N GLU D 76 -19.78 4.94 -26.71
CA GLU D 76 -20.03 3.83 -25.80
C GLU D 76 -21.49 3.41 -25.88
N SER D 77 -21.74 2.19 -26.37
CA SER D 77 -23.07 1.58 -26.40
C SER D 77 -24.09 2.47 -27.12
N ASP D 78 -23.68 3.05 -28.25
CA ASP D 78 -24.56 3.86 -29.06
C ASP D 78 -24.69 3.39 -30.50
N VAL D 79 -23.77 2.55 -30.99
CA VAL D 79 -23.79 2.09 -32.37
C VAL D 79 -23.98 0.59 -32.48
N GLU D 80 -24.19 -0.12 -31.36
CA GLU D 80 -24.40 -1.56 -31.43
C GLU D 80 -25.66 -1.90 -32.22
N ASP D 81 -26.73 -1.14 -32.02
CA ASP D 81 -27.92 -1.30 -32.86
C ASP D 81 -27.59 -1.00 -34.31
N VAL D 82 -26.72 -0.01 -34.55
CA VAL D 82 -26.30 0.30 -35.91
C VAL D 82 -25.42 -0.80 -36.47
N VAL D 83 -24.54 -1.37 -35.64
CA VAL D 83 -23.67 -2.46 -36.08
C VAL D 83 -24.52 -3.66 -36.50
N ALA D 84 -25.53 -4.00 -35.71
CA ALA D 84 -26.38 -5.13 -36.04
C ALA D 84 -27.13 -4.91 -37.34
N GLY D 85 -27.61 -3.68 -37.57
CA GLY D 85 -28.39 -3.40 -38.75
C GLY D 85 -27.58 -3.03 -39.97
N LEU D 86 -26.78 -1.97 -39.88
CA LEU D 86 -26.02 -1.51 -41.05
C LEU D 86 -24.84 -0.64 -40.58
N LEU D 87 -23.65 -1.23 -40.58
CA LEU D 87 -22.40 -0.52 -40.35
C LEU D 87 -21.23 -1.42 -40.67
N PRO D 88 -20.20 -0.92 -41.35
CA PRO D 88 -19.00 -1.74 -41.62
C PRO D 88 -18.03 -1.66 -40.45
N ALA D 89 -17.79 -2.81 -39.80
CA ALA D 89 -16.89 -2.86 -38.66
C ALA D 89 -16.27 -4.25 -38.57
N SER D 90 -15.15 -4.33 -37.85
CA SER D 90 -14.45 -5.58 -37.64
C SER D 90 -14.04 -5.69 -36.18
N VAL D 91 -13.86 -6.93 -35.73
CA VAL D 91 -13.44 -7.22 -34.37
C VAL D 91 -12.02 -7.76 -34.39
N SER D 92 -11.28 -7.46 -33.34
CA SER D 92 -9.86 -7.84 -33.23
C SER D 92 -9.72 -8.88 -32.12
N TYR D 93 -9.08 -10.00 -32.45
CA TYR D 93 -8.86 -11.08 -31.49
C TYR D 93 -7.39 -11.06 -31.09
N ALA D 94 -7.12 -10.59 -29.88
CA ALA D 94 -5.77 -10.53 -29.34
C ALA D 94 -5.69 -11.34 -28.05
N ALA D 95 -4.55 -11.97 -27.83
CA ALA D 95 -4.37 -12.84 -26.68
C ALA D 95 -2.99 -12.64 -26.08
N ARG D 96 -2.93 -12.54 -24.75
CA ARG D 96 -1.66 -12.45 -24.05
C ARG D 96 -0.95 -13.79 -24.03
N VAL D 97 0.37 -13.74 -24.12
CA VAL D 97 1.21 -14.94 -24.05
C VAL D 97 2.33 -14.68 -23.05
N LEU D 98 2.49 -15.59 -22.10
CA LEU D 98 3.60 -15.56 -21.15
C LEU D 98 4.50 -16.75 -21.40
N VAL D 99 5.78 -16.50 -21.61
CA VAL D 99 6.71 -17.56 -22.00
C VAL D 99 7.09 -18.39 -20.78
N THR D 100 7.43 -19.65 -21.03
CA THR D 100 7.93 -20.56 -20.00
C THR D 100 9.42 -20.82 -20.12
N ARG D 101 9.91 -21.04 -21.34
CA ARG D 101 11.34 -21.18 -21.57
C ARG D 101 11.62 -20.94 -23.05
N VAL D 102 12.85 -20.50 -23.32
CA VAL D 102 13.29 -20.23 -24.68
C VAL D 102 14.07 -21.43 -25.20
N ASP D 103 14.08 -21.60 -26.53
CA ASP D 103 14.76 -22.74 -27.12
C ASP D 103 16.28 -22.66 -26.92
N PRO D 104 16.97 -21.60 -27.35
CA PRO D 104 18.38 -21.46 -27.00
C PRO D 104 18.57 -20.60 -25.76
N GLU D 105 19.78 -20.67 -25.21
CA GLU D 105 20.09 -19.95 -23.97
C GLU D 105 20.48 -18.51 -24.29
N ASN D 106 19.47 -17.74 -24.70
CA ASN D 106 19.63 -16.32 -24.98
C ASN D 106 18.27 -15.65 -24.90
N PHE D 107 18.28 -14.34 -24.66
CA PHE D 107 17.06 -13.56 -24.48
C PHE D 107 17.00 -12.49 -25.57
N ILE D 108 16.44 -12.85 -26.72
CA ILE D 108 16.19 -11.92 -27.82
C ILE D 108 14.68 -11.86 -28.03
N PRO D 109 14.05 -10.69 -27.90
CA PRO D 109 12.60 -10.61 -28.10
C PRO D 109 12.21 -11.03 -29.50
N PRO D 110 11.07 -11.70 -29.65
CA PRO D 110 10.67 -12.17 -30.98
C PRO D 110 10.36 -11.00 -31.93
N GLN D 111 10.68 -11.22 -33.19
CA GLN D 111 10.44 -10.20 -34.20
C GLN D 111 8.93 -10.05 -34.44
N PRO D 112 8.38 -8.85 -34.31
CA PRO D 112 6.96 -8.67 -34.63
C PRO D 112 6.67 -9.03 -36.07
N GLY D 113 5.51 -9.64 -36.30
CA GLY D 113 5.19 -10.20 -37.60
C GLY D 113 5.58 -11.64 -37.79
N ASP D 114 5.89 -12.35 -36.71
CA ASP D 114 6.23 -13.75 -36.79
C ASP D 114 4.97 -14.61 -36.85
N HIS D 115 5.15 -15.89 -37.19
CA HIS D 115 4.06 -16.85 -37.25
C HIS D 115 4.01 -17.64 -35.96
N VAL D 116 2.82 -17.80 -35.41
CA VAL D 116 2.60 -18.46 -34.13
C VAL D 116 1.74 -19.70 -34.36
N ARG D 117 2.08 -20.79 -33.67
CA ARG D 117 1.32 -22.02 -33.79
C ARG D 117 1.46 -22.82 -32.50
N HIS D 118 0.36 -23.46 -32.10
CA HIS D 118 0.38 -24.37 -30.97
C HIS D 118 0.80 -25.75 -31.45
N ALA D 119 1.74 -26.37 -30.73
CA ALA D 119 2.34 -27.62 -31.16
C ALA D 119 2.02 -28.73 -30.17
N ALA D 120 1.82 -29.94 -30.69
CA ALA D 120 1.50 -31.11 -29.88
C ALA D 120 2.52 -32.23 -30.01
N GLY D 121 3.42 -32.18 -30.99
CA GLY D 121 4.37 -33.24 -31.20
C GLY D 121 5.58 -33.16 -30.30
N ARG D 122 6.77 -33.34 -30.88
CA ARG D 122 8.01 -33.24 -30.12
C ARG D 122 8.13 -31.87 -29.46
N GLU D 123 7.66 -30.82 -30.13
CA GLU D 123 7.78 -29.46 -29.60
C GLU D 123 7.13 -29.33 -28.23
N LEU D 124 6.08 -30.11 -27.97
CA LEU D 124 5.43 -30.07 -26.67
C LEU D 124 6.35 -30.59 -25.57
N ALA D 125 7.29 -31.48 -25.91
CA ALA D 125 8.17 -32.04 -24.89
C ALA D 125 9.03 -30.97 -24.25
N MET D 126 9.58 -30.05 -25.05
CA MET D 126 10.33 -28.94 -24.48
C MET D 126 9.44 -27.99 -23.71
N ALA D 127 8.15 -27.91 -24.05
CA ALA D 127 7.24 -27.03 -23.32
C ALA D 127 7.06 -27.48 -21.88
N LEU D 128 6.96 -28.79 -21.66
CA LEU D 128 6.73 -29.36 -20.33
C LEU D 128 8.00 -29.91 -19.70
N SER D 129 9.17 -29.54 -20.24
CA SER D 129 10.47 -29.99 -19.72
C SER D 129 10.56 -31.51 -19.71
N ALA D 130 10.10 -32.14 -20.79
CA ALA D 130 10.16 -33.58 -20.91
C ALA D 130 11.52 -34.09 -21.35
N ASP D 131 12.42 -33.20 -21.79
CA ASP D 131 13.74 -33.64 -22.22
C ASP D 131 14.55 -34.19 -21.05
N LYS D 132 14.50 -33.51 -19.90
CA LYS D 132 15.29 -33.91 -18.74
C LYS D 132 14.76 -35.18 -18.08
N MET D 133 13.55 -35.62 -18.41
CA MET D 133 12.93 -36.79 -17.81
C MET D 133 12.38 -37.68 -18.94
N GLU D 134 13.12 -38.72 -19.29
CA GLU D 134 12.74 -39.62 -20.37
C GLU D 134 12.38 -41.02 -19.88
N GLU D 135 13.26 -41.65 -19.10
CA GLU D 135 12.98 -43.00 -18.63
C GLU D 135 11.82 -43.02 -17.64
N ALA D 136 11.66 -41.97 -16.85
CA ALA D 136 10.58 -41.86 -15.88
C ALA D 136 9.63 -40.75 -16.33
N ALA D 137 8.67 -41.12 -17.17
CA ALA D 137 7.61 -40.22 -17.60
C ALA D 137 6.29 -40.75 -17.09
N PHE D 138 5.54 -39.91 -16.39
CA PHE D 138 4.32 -40.34 -15.71
C PHE D 138 3.12 -39.53 -16.18
N PRO D 139 2.18 -40.13 -16.92
CA PRO D 139 0.97 -39.41 -17.32
C PRO D 139 -0.05 -39.37 -16.19
N GLY D 140 -0.23 -38.18 -15.62
CA GLY D 140 -1.17 -37.98 -14.53
C GLY D 140 -2.39 -37.18 -14.89
N GLY D 141 -2.59 -36.82 -16.16
CA GLY D 141 -3.74 -36.02 -16.54
C GLY D 141 -3.74 -35.82 -18.04
N LEU D 142 -4.81 -35.21 -18.52
CA LEU D 142 -5.01 -34.94 -19.94
C LEU D 142 -5.14 -33.44 -20.16
N LEU D 143 -4.66 -32.99 -21.32
CA LEU D 143 -4.78 -31.59 -21.70
C LEU D 143 -6.01 -31.40 -22.58
N ALA D 144 -6.16 -30.21 -23.17
CA ALA D 144 -7.33 -29.92 -24.00
C ALA D 144 -7.39 -30.85 -25.21
N ASP D 145 -6.28 -31.05 -25.88
CA ASP D 145 -6.21 -31.94 -27.03
C ASP D 145 -5.84 -33.35 -26.57
N GLY D 146 -5.50 -34.22 -27.51
CA GLY D 146 -5.04 -35.55 -27.17
C GLY D 146 -3.63 -35.52 -26.65
N GLN D 147 -3.43 -34.89 -25.51
CA GLN D 147 -2.10 -34.61 -24.97
C GLN D 147 -2.04 -35.07 -23.53
N PRO D 148 -1.25 -36.10 -23.21
CA PRO D 148 -1.05 -36.47 -21.80
C PRO D 148 0.08 -35.69 -21.17
N LEU D 149 -0.21 -35.09 -20.01
CA LEU D 149 0.78 -34.28 -19.32
C LEU D 149 1.71 -35.20 -18.54
N PRO D 150 3.01 -35.21 -18.85
CA PRO D 150 3.95 -36.10 -18.13
C PRO D 150 4.42 -35.46 -16.83
N LEU D 151 4.06 -36.07 -15.70
CA LEU D 151 4.64 -35.67 -14.43
C LEU D 151 6.02 -36.30 -14.28
N ASN D 152 6.69 -35.95 -13.18
CA ASN D 152 7.99 -36.53 -12.83
C ASN D 152 7.81 -37.43 -11.62
N PHE D 153 8.17 -38.70 -11.75
CA PHE D 153 8.10 -39.62 -10.63
C PHE D 153 9.28 -39.47 -9.68
N ARG D 154 10.35 -38.80 -10.12
CA ARG D 154 11.50 -38.58 -9.23
C ARG D 154 11.12 -37.73 -8.04
N PHE D 155 10.31 -36.70 -8.25
CA PHE D 155 9.89 -35.85 -7.14
C PHE D 155 8.93 -36.59 -6.21
N ILE D 156 8.05 -37.43 -6.76
CA ILE D 156 7.04 -38.10 -5.94
C ILE D 156 7.70 -39.08 -4.98
N ASN D 157 8.65 -39.88 -5.48
CA ASN D 157 9.33 -40.85 -4.63
C ASN D 157 10.55 -40.19 -3.98
N GLY D 158 11.39 -40.99 -3.35
CA GLY D 158 12.57 -40.50 -2.65
C GLY D 158 13.81 -40.33 -3.49
N GLU D 159 13.72 -40.50 -4.81
CA GLU D 159 14.89 -40.30 -5.66
C GLU D 159 15.38 -38.86 -5.59
N SER D 160 14.46 -37.90 -5.63
CA SER D 160 14.80 -36.50 -5.46
C SER D 160 14.04 -35.84 -4.32
N GLY D 161 13.23 -36.59 -3.58
CA GLY D 161 12.51 -36.05 -2.44
C GLY D 161 11.26 -35.29 -2.81
N GLY D 162 10.22 -35.43 -2.02
CA GLY D 162 8.98 -34.70 -2.23
C GLY D 162 7.78 -35.56 -1.87
N HIS D 163 6.66 -34.88 -1.64
CA HIS D 163 5.40 -35.53 -1.32
C HIS D 163 4.30 -35.06 -2.26
N ILE D 164 3.06 -35.43 -1.99
CA ILE D 164 1.92 -34.99 -2.77
C ILE D 164 0.95 -34.27 -1.83
N ASN D 165 0.57 -33.06 -2.20
CA ASN D 165 -0.34 -32.24 -1.41
C ASN D 165 -1.52 -31.83 -2.29
N ILE D 166 -2.73 -32.16 -1.84
CA ILE D 166 -3.95 -31.82 -2.56
C ILE D 166 -4.80 -30.94 -1.67
N SER D 167 -5.24 -29.81 -2.20
CA SER D 167 -5.98 -28.82 -1.42
C SER D 167 -7.16 -28.30 -2.22
N GLY D 168 -8.07 -27.66 -1.52
CA GLY D 168 -9.27 -27.12 -2.14
C GLY D 168 -10.44 -27.22 -1.17
N ILE D 169 -11.59 -26.76 -1.65
CA ILE D 169 -12.81 -26.83 -0.85
C ILE D 169 -13.37 -28.25 -0.92
N SER D 170 -13.60 -28.85 0.24
CA SER D 170 -14.11 -30.21 0.30
C SER D 170 -15.53 -30.27 -0.23
N GLY D 171 -15.95 -31.47 -0.61
CA GLY D 171 -17.27 -31.61 -1.21
C GLY D 171 -17.23 -31.57 -2.73
N VAL D 172 -17.50 -30.40 -3.30
CA VAL D 172 -17.59 -30.26 -4.75
C VAL D 172 -16.31 -30.73 -5.44
N ALA D 173 -15.15 -30.43 -4.85
CA ALA D 173 -13.88 -30.85 -5.42
C ALA D 173 -13.63 -32.30 -5.03
N THR D 174 -13.59 -33.19 -6.03
CA THR D 174 -13.37 -34.62 -5.79
C THR D 174 -11.88 -34.88 -5.63
N LYS D 175 -11.38 -34.59 -4.42
CA LYS D 175 -9.96 -34.76 -4.14
C LYS D 175 -9.55 -36.22 -4.17
N THR D 176 -10.29 -37.07 -3.47
CA THR D 176 -9.92 -38.48 -3.38
C THR D 176 -9.94 -39.16 -4.73
N SER D 177 -10.83 -38.73 -5.63
CA SER D 177 -10.89 -39.34 -6.95
C SER D 177 -9.59 -39.14 -7.73
N TYR D 178 -9.01 -37.94 -7.63
CA TYR D 178 -7.74 -37.69 -8.29
C TYR D 178 -6.60 -38.43 -7.58
N ALA D 179 -6.67 -38.53 -6.26
CA ALA D 179 -5.65 -39.28 -5.52
C ALA D 179 -5.65 -40.74 -5.93
N LEU D 180 -6.83 -41.33 -6.08
CA LEU D 180 -6.91 -42.71 -6.56
C LEU D 180 -6.40 -42.83 -7.99
N PHE D 181 -6.65 -41.80 -8.80
CA PHE D 181 -6.17 -41.82 -10.18
C PHE D 181 -4.65 -41.86 -10.25
N LEU D 182 -3.98 -41.07 -9.40
CA LEU D 182 -2.53 -41.09 -9.37
C LEU D 182 -2.01 -42.47 -8.95
N LEU D 183 -2.64 -43.06 -7.92
CA LEU D 183 -2.27 -44.40 -7.50
C LEU D 183 -2.56 -45.42 -8.61
N HIS D 184 -3.70 -45.27 -9.28
CA HIS D 184 -4.04 -46.16 -10.38
C HIS D 184 -3.03 -46.02 -11.52
N SER D 185 -2.61 -44.80 -11.82
CA SER D 185 -1.70 -44.58 -12.94
C SER D 185 -0.28 -45.04 -12.63
N ILE D 186 0.14 -44.98 -11.36
CA ILE D 186 1.50 -45.39 -11.01
C ILE D 186 1.70 -46.89 -11.31
N PHE D 187 0.74 -47.71 -10.91
CA PHE D 187 0.92 -49.15 -11.01
C PHE D 187 0.74 -49.64 -12.44
N ARG D 188 -0.17 -49.03 -13.20
CA ARG D 188 -0.55 -49.52 -14.52
C ARG D 188 0.21 -48.89 -15.66
N SER D 189 1.16 -47.99 -15.38
CA SER D 189 1.95 -47.37 -16.44
C SER D 189 3.37 -47.90 -16.51
N GLY D 190 3.79 -48.76 -15.58
CA GLY D 190 5.14 -49.29 -15.60
C GLY D 190 6.21 -48.35 -15.11
N VAL D 191 5.84 -47.19 -14.55
CA VAL D 191 6.83 -46.24 -14.08
C VAL D 191 7.66 -46.83 -12.95
N MET D 192 7.07 -47.72 -12.15
CA MET D 192 7.84 -48.43 -11.13
C MET D 192 8.89 -49.33 -11.78
N ASP D 193 8.57 -49.92 -12.93
CA ASP D 193 9.50 -50.83 -13.60
C ASP D 193 10.65 -50.07 -14.23
N ARG D 194 10.36 -48.92 -14.85
CA ARG D 194 11.39 -48.17 -15.56
C ARG D 194 12.52 -47.74 -14.62
N THR D 195 12.16 -47.25 -13.43
CA THR D 195 13.18 -46.87 -12.46
C THR D 195 13.93 -48.08 -11.93
N ALA D 196 13.29 -49.27 -11.94
CA ALA D 196 13.95 -50.47 -11.44
C ALA D 196 15.14 -50.85 -12.32
N GLN D 197 15.01 -50.75 -13.64
CA GLN D 197 16.12 -51.08 -14.53
C GLN D 197 17.26 -50.09 -14.33
N GLY D 198 18.48 -50.59 -14.46
CA GLY D 198 19.65 -49.78 -14.17
C GLY D 198 19.77 -49.38 -12.72
N SER D 199 19.37 -50.26 -11.80
CA SER D 199 19.44 -49.93 -10.38
C SER D 199 20.88 -49.72 -9.92
N GLY D 200 21.79 -50.57 -10.36
CA GLY D 200 23.18 -50.46 -9.93
C GLY D 200 23.37 -50.64 -8.45
N GLY D 201 22.64 -51.57 -7.84
CA GLY D 201 22.76 -51.79 -6.41
C GLY D 201 22.17 -50.69 -5.56
N ARG D 202 21.21 -49.93 -6.10
CA ARG D 202 20.62 -48.83 -5.35
C ARG D 202 19.71 -49.37 -4.24
N GLN D 203 19.23 -48.44 -3.40
CA GLN D 203 18.44 -48.82 -2.24
C GLN D 203 17.11 -49.44 -2.65
N SER D 204 16.48 -48.91 -3.70
CA SER D 204 15.18 -49.37 -4.16
C SER D 204 15.35 -50.09 -5.49
N GLY D 205 15.18 -51.41 -5.48
CA GLY D 205 15.27 -52.19 -6.69
C GLY D 205 14.11 -53.16 -6.85
N THR D 206 12.96 -52.82 -6.27
CA THR D 206 11.77 -53.66 -6.32
C THR D 206 10.60 -52.84 -6.84
N ALA D 207 9.89 -53.40 -7.83
CA ALA D 207 8.69 -52.77 -8.36
C ALA D 207 7.44 -53.34 -7.67
N GLY D 208 7.42 -53.17 -6.35
CA GLY D 208 6.36 -53.72 -5.53
C GLY D 208 5.63 -52.68 -4.70
N GLY D 209 5.39 -51.51 -5.28
CA GLY D 209 4.75 -50.42 -4.56
C GLY D 209 3.41 -50.78 -3.96
N ARG D 210 3.21 -50.43 -2.69
CA ARG D 210 1.99 -50.73 -1.97
C ARG D 210 1.33 -49.44 -1.52
N ALA D 211 0.02 -49.50 -1.31
CA ALA D 211 -0.76 -48.32 -0.95
C ALA D 211 -1.61 -48.61 0.28
N LEU D 212 -1.89 -47.56 1.04
CA LEU D 212 -2.76 -47.63 2.21
C LEU D 212 -3.78 -46.51 2.11
N ILE D 213 -5.04 -46.84 2.40
CA ILE D 213 -6.16 -45.91 2.22
C ILE D 213 -7.03 -45.93 3.48
N PHE D 214 -7.42 -44.75 3.94
CA PHE D 214 -8.42 -44.61 4.98
C PHE D 214 -9.72 -44.08 4.37
N ASN D 215 -10.82 -44.27 5.09
CA ASN D 215 -12.12 -43.77 4.63
C ASN D 215 -12.94 -43.39 5.86
N VAL D 216 -12.90 -42.10 6.21
CA VAL D 216 -13.76 -41.59 7.27
C VAL D 216 -15.20 -41.42 6.80
N LYS D 217 -15.41 -41.27 5.49
CA LYS D 217 -16.74 -41.07 4.93
C LYS D 217 -17.41 -42.42 4.70
N GLY D 218 -18.51 -42.43 3.94
CA GLY D 218 -19.30 -43.62 3.72
C GLY D 218 -18.56 -44.67 2.89
N GLU D 219 -19.37 -45.57 2.33
CA GLU D 219 -18.89 -46.76 1.63
C GLU D 219 -18.46 -46.49 0.20
N ASP D 220 -18.23 -45.23 -0.17
CA ASP D 220 -17.92 -44.90 -1.56
C ASP D 220 -16.53 -45.35 -1.98
N LEU D 221 -15.66 -45.73 -1.03
CA LEU D 221 -14.29 -46.10 -1.34
C LEU D 221 -14.04 -47.59 -1.18
N LEU D 222 -15.06 -48.43 -1.37
CA LEU D 222 -14.92 -49.86 -1.10
C LEU D 222 -14.93 -50.72 -2.34
N PHE D 223 -15.80 -50.44 -3.31
CA PHE D 223 -15.91 -51.31 -4.48
C PHE D 223 -14.82 -50.99 -5.49
N LEU D 224 -13.57 -51.01 -5.05
CA LEU D 224 -12.44 -50.76 -5.94
C LEU D 224 -12.14 -51.97 -6.81
N ASP D 225 -12.33 -53.18 -6.30
CA ASP D 225 -12.10 -54.39 -7.09
C ASP D 225 -13.23 -54.64 -8.08
N LYS D 226 -14.45 -54.27 -7.73
CA LYS D 226 -15.58 -54.47 -8.62
C LYS D 226 -15.57 -53.41 -9.72
N PRO D 227 -15.52 -53.82 -11.00
CA PRO D 227 -15.55 -52.83 -12.07
C PRO D 227 -16.91 -52.14 -12.15
N ASN D 228 -16.89 -50.92 -12.69
CA ASN D 228 -18.10 -50.12 -12.85
C ASN D 228 -18.60 -50.20 -14.29
N ALA D 229 -19.91 -50.38 -14.45
CA ALA D 229 -20.53 -50.47 -15.75
C ALA D 229 -21.19 -49.18 -16.20
N ARG D 230 -21.70 -48.37 -15.26
CA ARG D 230 -22.31 -47.10 -15.62
C ARG D 230 -21.30 -46.10 -16.16
N MET D 231 -20.01 -46.28 -15.86
CA MET D 231 -19.00 -45.35 -16.34
C MET D 231 -18.83 -45.44 -17.85
N VAL D 232 -19.15 -46.58 -18.45
CA VAL D 232 -18.96 -46.75 -19.89
C VAL D 232 -19.86 -45.82 -20.67
N GLU D 233 -21.14 -45.75 -20.30
CA GLU D 233 -22.09 -44.92 -21.04
C GLU D 233 -21.88 -43.43 -20.75
N LYS D 234 -21.57 -43.08 -19.51
CA LYS D 234 -21.40 -41.68 -19.16
C LYS D 234 -20.07 -41.12 -19.67
N GLU D 235 -19.05 -41.98 -19.82
CA GLU D 235 -17.82 -41.55 -20.47
C GLU D 235 -18.06 -41.27 -21.94
N ASP D 236 -18.87 -42.08 -22.61
CA ASP D 236 -19.18 -41.87 -24.02
C ASP D 236 -19.91 -40.54 -24.21
N LYS D 237 -20.84 -40.23 -23.31
CA LYS D 237 -21.61 -38.99 -23.45
C LYS D 237 -20.71 -37.75 -23.35
N VAL D 238 -19.82 -37.74 -22.35
CA VAL D 238 -18.97 -36.56 -22.14
C VAL D 238 -17.92 -36.45 -23.23
N VAL D 239 -17.40 -37.58 -23.71
CA VAL D 239 -16.35 -37.53 -24.71
C VAL D 239 -16.91 -37.08 -26.06
N ARG D 240 -18.17 -37.41 -26.35
CA ARG D 240 -18.76 -37.01 -27.62
C ARG D 240 -19.08 -35.51 -27.63
N ALA D 241 -19.64 -35.00 -26.53
CA ALA D 241 -19.96 -33.58 -26.46
C ALA D 241 -18.70 -32.73 -26.51
N LYS D 242 -17.65 -33.13 -25.81
CA LYS D 242 -16.40 -32.37 -25.82
C LYS D 242 -15.68 -32.53 -27.16
N GLY D 243 -15.60 -33.76 -27.67
CA GLY D 243 -14.92 -34.01 -28.92
C GLY D 243 -13.50 -34.49 -28.73
N LEU D 244 -13.26 -35.79 -28.94
CA LEU D 244 -11.94 -36.37 -28.76
C LEU D 244 -11.76 -37.51 -29.76
N SER D 245 -10.50 -37.90 -29.95
CA SER D 245 -10.19 -38.94 -30.92
C SER D 245 -10.74 -40.29 -30.49
N ALA D 246 -10.48 -40.69 -29.25
CA ALA D 246 -10.90 -42.00 -28.76
C ALA D 246 -11.17 -41.89 -27.26
N ASP D 247 -11.26 -43.03 -26.59
CA ASP D 247 -11.51 -43.06 -25.16
C ASP D 247 -10.34 -42.47 -24.39
N ARG D 248 -10.65 -41.87 -23.24
CA ARG D 248 -9.63 -41.19 -22.45
C ARG D 248 -8.57 -42.17 -21.96
N TYR D 249 -8.99 -43.33 -21.45
CA TYR D 249 -8.03 -44.30 -20.92
C TYR D 249 -7.14 -44.84 -22.02
N ALA D 250 -7.70 -45.14 -23.19
CA ALA D 250 -6.88 -45.58 -24.32
C ALA D 250 -5.95 -44.47 -24.78
N LEU D 251 -6.44 -43.23 -24.82
CA LEU D 251 -5.61 -42.10 -25.21
C LEU D 251 -4.50 -41.85 -24.19
N LEU D 252 -4.82 -41.98 -22.90
CA LEU D 252 -3.83 -41.72 -21.86
C LEU D 252 -2.76 -42.81 -21.81
N GLY D 253 -3.05 -43.99 -22.36
CA GLY D 253 -2.14 -45.10 -22.28
C GLY D 253 -2.30 -45.98 -21.06
N LEU D 254 -3.39 -45.81 -20.30
CA LEU D 254 -3.72 -46.55 -19.10
C LEU D 254 -4.79 -47.60 -19.39
N PRO D 255 -4.60 -48.83 -18.93
CA PRO D 255 -5.66 -49.84 -19.09
C PRO D 255 -6.89 -49.46 -18.30
N ALA D 256 -8.06 -49.82 -18.85
CA ALA D 256 -9.33 -49.47 -18.25
C ALA D 256 -9.78 -50.46 -17.17
N GLU D 257 -9.01 -51.51 -16.93
CA GLU D 257 -9.38 -52.49 -15.92
C GLU D 257 -9.35 -51.85 -14.53
N PRO D 258 -10.20 -52.31 -13.61
CA PRO D 258 -10.21 -51.73 -12.26
C PRO D 258 -9.01 -52.19 -11.44
N PHE D 259 -8.98 -51.79 -10.16
CA PHE D 259 -7.88 -52.18 -9.29
C PHE D 259 -7.87 -53.69 -9.08
N ARG D 260 -6.66 -54.25 -9.02
CA ARG D 260 -6.52 -55.64 -8.61
C ARG D 260 -7.11 -55.83 -7.23
N ASP D 261 -7.82 -56.95 -7.04
CA ASP D 261 -8.59 -57.14 -5.82
C ASP D 261 -7.69 -57.07 -4.59
N VAL D 262 -8.13 -56.30 -3.59
CA VAL D 262 -7.36 -56.04 -2.39
C VAL D 262 -8.25 -56.30 -1.18
N GLN D 263 -7.60 -56.59 -0.05
CA GLN D 263 -8.30 -56.97 1.16
C GLN D 263 -8.97 -55.74 1.80
N LEU D 264 -9.86 -56.03 2.74
CA LEU D 264 -10.58 -55.00 3.49
C LEU D 264 -10.46 -55.29 4.97
N LEU D 265 -10.24 -54.25 5.77
CA LEU D 265 -10.10 -54.38 7.21
C LEU D 265 -11.11 -53.49 7.91
N ALA D 266 -11.93 -54.09 8.78
CA ALA D 266 -12.90 -53.39 9.59
C ALA D 266 -12.97 -54.05 10.95
N PRO D 267 -13.38 -53.32 11.99
CA PRO D 267 -13.57 -53.93 13.31
C PRO D 267 -14.60 -55.03 13.24
N PRO D 268 -14.42 -56.11 14.00
CA PRO D 268 -15.32 -57.28 13.86
C PRO D 268 -16.78 -56.97 14.15
N ARG D 269 -17.06 -56.21 15.21
CA ARG D 269 -18.44 -55.89 15.53
C ARG D 269 -19.07 -55.00 14.46
N ALA D 270 -18.32 -54.02 13.97
CA ALA D 270 -18.84 -53.16 12.91
C ALA D 270 -18.98 -53.92 11.60
N GLY D 271 -18.05 -54.85 11.33
CA GLY D 271 -18.14 -55.64 10.11
C GLY D 271 -19.42 -56.48 10.08
N ALA D 272 -19.76 -57.09 11.21
CA ALA D 272 -21.03 -57.82 11.30
C ALA D 272 -22.21 -56.87 11.20
N ALA D 273 -22.11 -55.70 11.83
CA ALA D 273 -23.22 -54.75 11.81
C ALA D 273 -23.41 -54.13 10.43
N GLY D 274 -22.31 -53.76 9.77
CA GLY D 274 -22.41 -53.14 8.45
C GLY D 274 -22.97 -54.12 7.43
N THR D 275 -22.40 -55.32 7.37
CA THR D 275 -22.84 -56.34 6.43
C THR D 275 -22.31 -57.71 6.82
N GLN D 283 -20.99 -51.98 4.27
CA GLN D 283 -22.22 -52.44 3.63
C GLN D 283 -21.91 -53.46 2.54
N ARG D 284 -20.73 -54.07 2.60
CA ARG D 284 -20.32 -55.09 1.67
C ARG D 284 -20.24 -56.42 2.40
N SER D 285 -21.01 -57.40 1.94
CA SER D 285 -21.07 -58.72 2.56
C SER D 285 -20.06 -59.69 1.99
N GLU D 286 -19.23 -59.26 1.04
CA GLU D 286 -18.24 -60.13 0.42
C GLU D 286 -17.02 -60.24 1.34
N GLY D 287 -15.94 -60.83 0.83
CA GLY D 287 -14.76 -61.10 1.62
C GLY D 287 -14.18 -59.91 2.35
N VAL D 288 -14.28 -59.92 3.69
CA VAL D 288 -13.77 -58.87 4.55
C VAL D 288 -12.89 -59.51 5.61
N THR D 289 -11.68 -58.99 5.77
CA THR D 289 -10.74 -59.54 6.75
C THR D 289 -10.70 -58.64 7.98
N PRO D 290 -11.24 -59.07 9.11
CA PRO D 290 -11.23 -58.21 10.30
C PRO D 290 -9.86 -58.20 10.98
N PHE D 291 -9.63 -57.14 11.76
CA PHE D 291 -8.39 -56.97 12.48
C PHE D 291 -8.69 -56.70 13.95
N VAL D 292 -7.90 -57.31 14.84
CA VAL D 292 -8.05 -57.17 16.27
C VAL D 292 -6.67 -56.95 16.87
N PHE D 293 -6.57 -55.98 17.79
CA PHE D 293 -5.31 -55.70 18.48
C PHE D 293 -5.36 -56.32 19.87
N THR D 294 -4.36 -57.15 20.17
CA THR D 294 -4.31 -57.82 21.46
C THR D 294 -4.01 -56.82 22.58
N ILE D 295 -4.69 -56.98 23.71
CA ILE D 295 -4.45 -56.11 24.85
C ILE D 295 -3.05 -56.36 25.42
N ARG D 296 -2.60 -57.61 25.42
CA ARG D 296 -1.26 -57.91 25.91
C ARG D 296 -0.20 -57.28 25.01
N GLU D 297 -0.40 -57.33 23.69
CA GLU D 297 0.49 -56.64 22.77
C GLU D 297 0.32 -55.13 22.88
N PHE D 298 -0.88 -54.66 23.23
CA PHE D 298 -1.12 -53.23 23.36
C PHE D 298 -0.20 -52.60 24.41
N CYS D 299 -0.16 -53.19 25.61
CA CYS D 299 0.68 -52.64 26.66
C CYS D 299 2.16 -52.87 26.36
N ALA D 300 2.50 -54.03 25.77
CA ALA D 300 3.89 -54.35 25.51
C ALA D 300 4.52 -53.38 24.51
N ARG D 301 3.78 -53.02 23.45
CA ARG D 301 4.32 -52.17 22.40
C ARG D 301 4.11 -50.68 22.67
N ARG D 302 3.47 -50.32 23.79
CA ARG D 302 3.46 -48.96 24.31
C ARG D 302 2.79 -47.98 23.34
N MET D 303 1.48 -48.18 23.16
CA MET D 303 0.67 -47.19 22.41
C MET D 303 -0.46 -46.62 23.27
N LEU D 304 -0.17 -46.22 24.50
CA LEU D 304 -1.19 -45.66 25.37
C LEU D 304 -1.66 -44.26 24.98
N PRO D 305 -0.75 -43.27 24.81
CA PRO D 305 -1.22 -41.88 24.71
C PRO D 305 -2.07 -41.59 23.49
N TYR D 306 -2.03 -42.44 22.46
CA TYR D 306 -2.77 -42.17 21.23
C TYR D 306 -4.28 -42.19 21.43
N VAL D 307 -4.78 -42.73 22.56
CA VAL D 307 -6.21 -42.75 22.80
C VAL D 307 -6.75 -41.33 23.02
N PHE D 308 -5.92 -40.44 23.55
CA PHE D 308 -6.32 -39.04 23.74
C PHE D 308 -6.16 -38.31 22.40
N SER D 309 -7.27 -38.17 21.69
CA SER D 309 -7.27 -37.53 20.37
C SER D 309 -7.31 -36.01 20.45
N ASP D 310 -7.02 -35.42 21.61
CA ASP D 310 -7.02 -33.98 21.78
C ASP D 310 -5.61 -33.50 22.10
N ALA D 311 -5.47 -32.17 22.15
CA ALA D 311 -4.16 -31.58 22.46
C ALA D 311 -3.74 -31.88 23.89
N SER D 312 -4.69 -31.87 24.83
CA SER D 312 -4.40 -32.10 26.25
C SER D 312 -3.38 -31.09 26.77
N ALA D 313 -3.47 -29.86 26.28
CA ALA D 313 -2.54 -28.82 26.71
C ALA D 313 -2.78 -28.38 28.15
N SER D 314 -4.04 -28.37 28.59
CA SER D 314 -4.35 -27.93 29.94
C SER D 314 -3.75 -28.88 30.96
N LEU D 315 -3.32 -28.32 32.09
CA LEU D 315 -2.74 -29.08 33.20
C LEU D 315 -1.50 -29.82 32.68
N ASN D 316 -1.21 -30.99 33.24
CA ASN D 316 -0.07 -31.82 32.84
C ASN D 316 -0.52 -33.25 32.61
N LEU D 317 -1.62 -33.41 31.87
CA LEU D 317 -2.11 -34.76 31.55
C LEU D 317 -1.05 -35.59 30.84
N GLY D 318 -0.23 -34.97 30.00
CA GLY D 318 0.84 -35.70 29.35
C GLY D 318 1.80 -36.33 30.34
N PHE D 319 2.06 -35.64 31.46
CA PHE D 319 2.88 -36.23 32.51
C PHE D 319 2.20 -37.46 33.11
N VAL D 320 0.87 -37.41 33.28
CA VAL D 320 0.15 -38.55 33.83
C VAL D 320 0.22 -39.74 32.88
N ILE D 321 0.04 -39.49 31.57
CA ILE D 321 0.07 -40.59 30.61
C ILE D 321 1.45 -41.22 30.55
N GLY D 322 2.50 -40.41 30.52
CA GLY D 322 3.84 -40.95 30.48
C GLY D 322 4.19 -41.77 31.71
N ASN D 323 3.82 -41.28 32.89
CA ASN D 323 4.09 -42.00 34.13
C ASN D 323 3.32 -43.31 34.18
N ILE D 324 2.04 -43.29 33.81
CA ILE D 324 1.23 -44.51 33.82
C ILE D 324 1.75 -45.50 32.78
N GLU D 325 2.04 -45.01 31.57
CA GLU D 325 2.48 -45.90 30.51
C GLU D 325 3.82 -46.55 30.83
N GLU D 326 4.74 -45.79 31.42
CA GLU D 326 6.04 -46.36 31.79
C GLU D 326 5.87 -47.49 32.80
N LYS D 327 5.02 -47.29 33.81
CA LYS D 327 4.71 -48.36 34.75
C LYS D 327 3.98 -49.51 34.06
N LEU D 328 3.06 -49.18 33.15
CA LEU D 328 2.30 -50.21 32.46
C LEU D 328 3.21 -51.08 31.60
N PHE D 329 4.15 -50.47 30.89
CA PHE D 329 5.06 -51.24 30.05
C PHE D 329 5.94 -52.16 30.88
N ARG D 330 6.39 -51.68 32.04
CA ARG D 330 7.20 -52.53 32.93
C ARG D 330 6.40 -53.74 33.40
N LEU D 331 5.12 -53.55 33.73
CA LEU D 331 4.28 -54.67 34.12
C LEU D 331 4.11 -55.66 32.97
N ALA D 332 3.88 -55.17 31.76
CA ALA D 332 3.71 -56.06 30.61
C ALA D 332 4.99 -56.81 30.30
N ALA D 333 6.14 -56.13 30.37
CA ALA D 333 7.42 -56.79 30.10
C ALA D 333 7.72 -57.85 31.16
N ALA D 334 7.44 -57.55 32.43
CA ALA D 334 7.70 -58.51 33.49
C ALA D 334 6.86 -59.78 33.31
N GLN D 335 5.59 -59.61 32.96
CA GLN D 335 4.69 -60.74 32.78
C GLN D 335 4.91 -61.39 31.41
N ILE D 376 -10.41 -55.39 27.69
CA ILE D 376 -10.03 -53.98 27.83
C ILE D 376 -10.89 -53.29 28.87
N SER D 377 -12.14 -53.76 29.02
CA SER D 377 -13.02 -53.20 30.04
C SER D 377 -12.48 -53.43 31.43
N TYR D 378 -11.96 -54.63 31.70
CA TYR D 378 -11.34 -54.90 32.99
C TYR D 378 -10.09 -54.05 33.21
N LEU D 379 -9.33 -53.78 32.13
CA LEU D 379 -8.16 -52.93 32.25
C LEU D 379 -8.53 -51.53 32.69
N GLU D 380 -9.65 -51.00 32.18
CA GLU D 380 -10.13 -49.70 32.63
C GLU D 380 -10.50 -49.74 34.11
N TYR D 381 -11.13 -50.84 34.54
CA TYR D 381 -11.42 -51.00 35.97
C TYR D 381 -10.13 -51.13 36.78
N LYS D 382 -9.16 -51.89 36.27
CA LYS D 382 -7.89 -52.02 36.96
C LYS D 382 -7.14 -50.70 37.01
N LEU D 383 -7.15 -49.94 35.91
CA LEU D 383 -6.51 -48.63 35.91
C LEU D 383 -7.21 -47.68 36.87
N LEU D 384 -8.54 -47.71 36.90
CA LEU D 384 -9.28 -46.87 37.83
C LEU D 384 -9.02 -47.28 39.27
N GLU D 385 -8.81 -48.58 39.51
CA GLU D 385 -8.54 -49.05 40.86
C GLU D 385 -7.23 -48.49 41.40
N GLU D 386 -6.19 -48.44 40.55
CA GLU D 386 -4.91 -47.91 40.99
C GLU D 386 -5.02 -46.42 41.30
N ARG D 387 -5.74 -45.67 40.49
CA ARG D 387 -5.90 -44.23 40.71
C ARG D 387 -7.07 -43.95 41.64
N PHE D 407 -7.23 -34.68 37.16
CA PHE D 407 -6.62 -35.38 36.04
C PHE D 407 -7.04 -36.86 36.01
N THR D 408 -7.57 -37.33 37.13
CA THR D 408 -7.97 -38.74 37.21
C THR D 408 -9.20 -39.02 36.35
N ARG D 409 -10.27 -38.23 36.53
CA ARG D 409 -11.52 -38.55 35.83
C ARG D 409 -11.46 -38.21 34.34
N ARG D 410 -10.82 -37.10 33.99
CA ARG D 410 -10.64 -36.81 32.57
C ARG D 410 -9.81 -37.88 31.88
N LEU D 411 -8.94 -38.55 32.63
CA LEU D 411 -8.31 -39.77 32.11
C LEU D 411 -9.35 -40.88 31.95
N ARG D 412 -10.14 -41.13 33.00
CA ARG D 412 -11.16 -42.17 32.92
C ARG D 412 -12.25 -41.81 31.92
N GLY D 413 -12.65 -40.54 31.88
CA GLY D 413 -13.73 -40.13 31.00
C GLY D 413 -13.41 -40.35 29.53
N VAL D 414 -12.14 -40.16 29.16
CA VAL D 414 -11.73 -40.42 27.78
C VAL D 414 -11.85 -41.91 27.47
N GLN D 415 -11.39 -42.76 28.39
CA GLN D 415 -11.49 -44.20 28.17
C GLN D 415 -12.95 -44.66 28.08
N LYS D 416 -13.81 -44.10 28.92
CA LYS D 416 -15.22 -44.47 28.88
C LYS D 416 -15.86 -44.12 27.54
N TYR D 417 -15.53 -42.95 27.00
CA TYR D 417 -15.99 -42.60 25.66
C TYR D 417 -15.41 -43.55 24.61
N LEU D 418 -14.13 -43.89 24.75
CA LEU D 418 -13.45 -44.75 23.78
C LEU D 418 -13.86 -46.21 23.90
N SER D 419 -14.38 -46.62 25.06
CA SER D 419 -14.62 -48.04 25.32
C SER D 419 -15.63 -48.69 24.37
N PRO D 420 -16.83 -48.15 24.16
CA PRO D 420 -17.85 -48.93 23.43
C PRO D 420 -17.44 -49.30 22.01
N LEU D 421 -16.71 -48.43 21.32
CA LEU D 421 -16.34 -48.68 19.93
C LEU D 421 -14.96 -49.31 19.78
N ILE D 422 -14.26 -49.57 20.89
CA ILE D 422 -12.94 -50.18 20.84
C ILE D 422 -12.84 -51.46 21.65
N ARG D 423 -13.68 -51.65 22.67
CA ARG D 423 -13.65 -52.90 23.44
C ARG D 423 -13.96 -54.11 22.56
N GLY D 424 -14.62 -53.91 21.42
CA GLY D 424 -14.75 -54.96 20.44
C GLY D 424 -13.53 -55.15 19.58
N ASP D 425 -12.53 -54.28 19.72
CA ASP D 425 -11.27 -54.39 18.99
C ASP D 425 -10.10 -54.79 19.89
N LEU D 426 -10.28 -54.76 21.20
CA LEU D 426 -9.25 -55.15 22.16
C LEU D 426 -9.79 -56.32 22.98
N THR D 427 -9.46 -57.54 22.56
CA THR D 427 -9.94 -58.73 23.24
C THR D 427 -8.80 -59.70 23.49
N PRO D 428 -8.81 -60.41 24.62
CA PRO D 428 -7.82 -61.47 24.84
C PRO D 428 -8.25 -62.79 24.22
N GLU D 429 -7.45 -63.34 23.32
CA GLU D 429 -7.81 -64.56 22.61
C GLU D 429 -6.53 -65.34 22.31
N GLN D 430 -6.64 -66.32 21.43
CA GLN D 430 -5.51 -67.16 21.05
C GLN D 430 -5.12 -67.03 19.59
N ALA D 431 -6.07 -66.77 18.69
CA ALA D 431 -5.75 -66.63 17.28
C ALA D 431 -4.83 -65.43 17.06
N GLU D 432 -3.77 -65.64 16.28
CA GLU D 432 -2.77 -64.62 16.04
C GLU D 432 -2.79 -64.06 14.63
N GLY D 433 -3.42 -64.75 13.67
CA GLY D 433 -3.48 -64.29 12.31
C GLY D 433 -4.43 -63.13 12.05
N TYR D 434 -5.13 -62.66 13.08
CA TYR D 434 -6.08 -61.56 12.93
C TYR D 434 -5.42 -60.20 13.04
N ARG D 435 -4.11 -60.14 13.20
CA ARG D 435 -3.42 -58.86 13.16
C ARG D 435 -3.58 -58.24 11.77
N PRO D 436 -3.85 -56.92 11.69
CA PRO D 436 -4.10 -56.32 10.37
C PRO D 436 -2.96 -56.52 9.38
N ASP D 437 -1.72 -56.46 9.85
CA ASP D 437 -0.52 -56.69 9.05
C ASP D 437 -0.52 -55.90 7.75
N PRO D 438 -0.43 -54.57 7.81
CA PRO D 438 -0.18 -53.81 6.58
C PRO D 438 1.20 -54.13 6.03
N LEU D 439 1.35 -53.92 4.73
CA LEU D 439 2.59 -54.24 4.02
C LEU D 439 2.88 -55.73 4.08
N ARG D 440 1.90 -56.54 3.65
CA ARG D 440 1.99 -57.98 3.71
C ARG D 440 2.82 -58.50 2.53
N ARG D 441 2.77 -59.82 2.30
CA ARG D 441 3.59 -60.45 1.28
C ARG D 441 3.27 -59.93 -0.11
N GLY D 442 2.07 -60.21 -0.61
CA GLY D 442 1.64 -59.59 -1.85
C GLY D 442 0.30 -58.88 -1.73
N ILE D 443 0.34 -57.55 -1.73
CA ILE D 443 -0.85 -56.71 -1.60
C ILE D 443 -0.49 -55.36 -2.22
N GLN D 444 -1.49 -54.71 -2.83
CA GLN D 444 -1.32 -53.38 -3.40
C GLN D 444 -2.02 -52.30 -2.59
N LEU D 445 -3.29 -52.51 -2.23
CA LEU D 445 -4.06 -51.54 -1.48
C LEU D 445 -4.60 -52.16 -0.20
N THR D 446 -4.89 -51.31 0.78
CA THR D 446 -5.37 -51.78 2.08
C THR D 446 -6.35 -50.74 2.62
N VAL D 447 -7.64 -50.98 2.40
CA VAL D 447 -8.70 -50.09 2.89
C VAL D 447 -9.06 -50.52 4.31
N VAL D 448 -9.07 -49.56 5.22
CA VAL D 448 -9.32 -49.81 6.64
C VAL D 448 -10.65 -49.16 6.98
N ASP D 449 -11.72 -49.95 6.97
CA ASP D 449 -13.07 -49.43 7.19
C ASP D 449 -13.26 -49.07 8.66
N ILE D 450 -13.15 -47.79 8.97
CA ILE D 450 -13.20 -47.27 10.33
C ILE D 450 -14.17 -46.11 10.41
N HIS D 451 -15.14 -46.09 9.50
CA HIS D 451 -16.10 -44.97 9.45
C HIS D 451 -16.97 -44.93 10.70
N ALA D 452 -17.43 -46.09 11.19
CA ALA D 452 -18.41 -46.12 12.27
C ALA D 452 -17.82 -45.67 13.60
N LEU D 453 -16.51 -45.63 13.74
CA LEU D 453 -15.88 -45.24 14.99
C LEU D 453 -16.04 -43.73 15.22
N SER D 454 -15.99 -43.34 16.49
CA SER D 454 -16.09 -41.93 16.85
C SER D 454 -14.76 -41.23 16.58
N ALA D 455 -14.78 -39.90 16.73
CA ALA D 455 -13.59 -39.10 16.42
C ALA D 455 -12.41 -39.49 17.29
N HIS D 456 -12.65 -39.73 18.58
CA HIS D 456 -11.57 -40.19 19.46
C HIS D 456 -11.04 -41.55 19.01
N ALA D 457 -11.94 -42.47 18.65
CA ALA D 457 -11.50 -43.73 18.09
C ALA D 457 -11.03 -43.59 16.65
N GLN D 458 -11.46 -42.53 15.97
CA GLN D 458 -10.99 -42.26 14.62
C GLN D 458 -9.49 -41.99 14.61
N MET D 459 -9.01 -41.23 15.58
CA MET D 459 -7.61 -40.82 15.61
C MET D 459 -6.70 -41.85 16.28
N PHE D 460 -7.27 -42.78 17.05
CA PHE D 460 -6.44 -43.80 17.70
C PHE D 460 -5.98 -44.87 16.71
N VAL D 461 -6.91 -45.38 15.90
CA VAL D 461 -6.59 -46.49 15.01
C VAL D 461 -5.63 -46.06 13.92
N VAL D 462 -5.75 -44.82 13.43
CA VAL D 462 -4.83 -44.33 12.41
C VAL D 462 -3.42 -44.15 12.99
N GLY D 463 -3.34 -43.68 14.24
CA GLY D 463 -2.04 -43.47 14.86
C GLY D 463 -1.27 -44.77 15.06
N VAL D 464 -1.94 -45.78 15.59
CA VAL D 464 -1.26 -47.05 15.88
C VAL D 464 -0.87 -47.75 14.58
N LEU D 465 -1.70 -47.64 13.54
CA LEU D 465 -1.36 -48.24 12.26
C LEU D 465 -0.17 -47.55 11.62
N LEU D 466 -0.08 -46.22 11.75
CA LEU D 466 1.05 -45.49 11.19
C LEU D 466 2.35 -45.83 11.90
N ARG D 467 2.28 -46.02 13.23
CA ARG D 467 3.49 -46.40 13.97
C ARG D 467 3.95 -47.81 13.60
N GLU D 468 3.01 -48.70 13.29
CA GLU D 468 3.39 -50.07 12.94
C GLU D 468 4.18 -50.11 11.64
N VAL D 469 3.69 -49.42 10.60
CA VAL D 469 4.40 -49.42 9.33
C VAL D 469 5.70 -48.63 9.43
N PHE D 470 5.70 -47.54 10.19
CA PHE D 470 6.90 -46.70 10.29
C PHE D 470 8.04 -47.46 10.95
N GLU D 471 7.76 -48.19 12.04
CA GLU D 471 8.80 -48.94 12.72
C GLU D 471 9.32 -50.08 11.84
N TYR D 472 8.43 -50.76 11.13
CA TYR D 472 8.86 -51.84 10.25
C TYR D 472 9.72 -51.30 9.11
N LYS D 473 9.34 -50.16 8.54
CA LYS D 473 10.12 -49.54 7.48
C LYS D 473 11.41 -48.90 7.99
N GLU D 474 11.55 -48.70 9.30
CA GLU D 474 12.76 -48.16 9.87
C GLU D 474 13.76 -49.24 10.24
N ARG D 475 13.27 -50.34 10.83
CA ARG D 475 14.15 -51.46 11.16
C ARG D 475 14.76 -52.08 9.92
N VAL D 476 13.97 -52.24 8.86
CA VAL D 476 14.41 -52.84 7.61
C VAL D 476 14.65 -51.71 6.61
N GLY D 477 15.57 -51.93 5.68
CA GLY D 477 15.84 -50.97 4.63
C GLY D 477 14.61 -50.67 3.80
N ARG D 478 14.72 -49.61 3.00
CA ARG D 478 13.58 -49.14 2.22
C ARG D 478 13.09 -50.20 1.25
N GLN D 479 13.90 -50.51 0.23
CA GLN D 479 13.73 -51.66 -0.67
C GLN D 479 12.32 -51.80 -1.21
N ASP D 480 11.52 -50.74 -1.13
CA ASP D 480 10.11 -50.79 -1.51
C ASP D 480 9.63 -49.36 -1.75
N THR D 481 8.32 -49.20 -1.85
CA THR D 481 7.71 -47.88 -1.96
C THR D 481 6.30 -47.97 -1.37
N VAL D 482 6.06 -47.21 -0.30
CA VAL D 482 4.79 -47.27 0.43
C VAL D 482 4.10 -45.93 0.30
N PHE D 483 2.88 -45.95 -0.23
CA PHE D 483 2.05 -44.75 -0.35
C PHE D 483 0.96 -44.80 0.72
N VAL D 484 0.94 -43.80 1.59
CA VAL D 484 -0.10 -43.66 2.60
C VAL D 484 -0.98 -42.48 2.21
N VAL D 485 -2.29 -42.71 2.21
CA VAL D 485 -3.26 -41.72 1.75
C VAL D 485 -4.12 -41.32 2.94
N LEU D 486 -4.13 -40.02 3.24
CA LEU D 486 -4.97 -39.46 4.28
C LEU D 486 -6.09 -38.64 3.67
N ASP D 487 -7.11 -38.37 4.48
CA ASP D 487 -8.27 -37.61 4.03
C ASP D 487 -8.56 -36.50 5.03
N GLU D 488 -8.68 -35.28 4.54
CA GLU D 488 -9.06 -34.12 5.35
C GLU D 488 -8.09 -33.97 6.53
N LEU D 489 -6.83 -33.68 6.16
CA LEU D 489 -5.70 -33.76 7.07
C LEU D 489 -5.56 -32.57 8.01
N ASN D 490 -6.38 -31.53 7.85
CA ASN D 490 -6.18 -30.31 8.64
C ASN D 490 -6.35 -30.58 10.14
N LYS D 491 -7.34 -31.39 10.53
CA LYS D 491 -7.56 -31.65 11.94
C LYS D 491 -6.66 -32.75 12.49
N TYR D 492 -6.03 -33.56 11.63
CA TYR D 492 -5.11 -34.57 12.12
C TYR D 492 -3.83 -33.94 12.66
N ALA D 493 -3.30 -32.95 11.95
CA ALA D 493 -2.07 -32.25 12.36
C ALA D 493 -2.33 -30.75 12.30
N PRO D 494 -3.09 -30.20 13.24
CA PRO D 494 -3.34 -28.76 13.25
C PRO D 494 -2.17 -27.99 13.84
N ARG D 495 -2.23 -26.68 13.69
CA ARG D 495 -1.15 -25.81 14.16
C ARG D 495 -1.18 -25.73 15.68
N GLU D 496 0.00 -25.91 16.30
CA GLU D 496 0.19 -25.79 17.74
C GLU D 496 -0.61 -26.83 18.53
N GLY D 497 -1.11 -27.87 17.86
CA GLY D 497 -1.83 -28.91 18.57
C GLY D 497 -0.94 -29.72 19.49
N ASP D 498 0.27 -30.06 19.03
CA ASP D 498 1.23 -30.85 19.79
C ASP D 498 0.65 -32.19 20.22
N SER D 499 -0.24 -32.75 19.41
CA SER D 499 -0.81 -34.06 19.69
C SER D 499 0.20 -35.15 19.39
N PRO D 500 0.11 -36.30 20.07
CA PRO D 500 1.05 -37.40 19.78
C PRO D 500 1.00 -37.88 18.34
N ILE D 501 -0.18 -37.84 17.71
CA ILE D 501 -0.26 -38.20 16.29
C ILE D 501 0.44 -37.16 15.44
N LYS D 502 0.40 -35.89 15.84
CA LYS D 502 1.08 -34.84 15.08
C LYS D 502 2.58 -35.10 15.01
N ASP D 503 3.15 -35.64 16.10
CA ASP D 503 4.56 -36.01 16.08
C ASP D 503 4.83 -37.08 15.04
N VAL D 504 3.91 -38.05 14.91
CA VAL D 504 4.08 -39.11 13.92
C VAL D 504 4.07 -38.55 12.51
N LEU D 505 3.12 -37.65 12.23
CA LEU D 505 3.02 -37.08 10.89
C LEU D 505 4.23 -36.24 10.54
N LEU D 506 4.76 -35.49 11.52
CA LEU D 506 5.98 -34.72 11.29
C LEU D 506 7.16 -35.64 10.99
N ASP D 507 7.22 -36.79 11.66
CA ASP D 507 8.31 -37.73 11.41
C ASP D 507 8.27 -38.24 9.97
N ILE D 508 7.08 -38.48 9.44
CA ILE D 508 6.96 -38.93 8.05
C ILE D 508 7.40 -37.81 7.10
N ALA D 509 7.08 -36.56 7.42
CA ALA D 509 7.37 -35.46 6.52
C ALA D 509 8.86 -35.21 6.40
N GLU D 510 9.56 -35.14 7.54
CA GLU D 510 10.97 -34.76 7.52
C GLU D 510 11.86 -35.87 6.98
N ARG D 511 11.61 -37.12 7.39
CA ARG D 511 12.49 -38.23 7.06
C ARG D 511 11.86 -39.22 6.09
N GLY D 512 10.77 -38.85 5.43
CA GLY D 512 10.11 -39.78 4.52
C GLY D 512 10.85 -40.01 3.22
N ARG D 513 11.69 -39.07 2.80
CA ARG D 513 12.39 -39.22 1.53
C ARG D 513 13.37 -40.38 1.57
N SER D 514 14.10 -40.53 2.68
CA SER D 514 15.08 -41.62 2.78
C SER D 514 14.42 -42.98 2.71
N LEU D 515 13.29 -43.14 3.41
CA LEU D 515 12.56 -44.39 3.39
C LEU D 515 11.60 -44.41 2.21
N GLY D 516 10.85 -45.51 2.10
CA GLY D 516 9.88 -45.67 1.04
C GLY D 516 8.50 -45.13 1.33
N ILE D 517 8.30 -44.51 2.48
CA ILE D 517 6.98 -44.01 2.86
C ILE D 517 6.77 -42.63 2.24
N ILE D 518 5.66 -42.47 1.54
CA ILE D 518 5.31 -41.22 0.87
C ILE D 518 3.89 -40.84 1.26
N LEU D 519 3.69 -39.58 1.60
CA LEU D 519 2.40 -39.08 2.04
C LEU D 519 1.65 -38.43 0.88
N ILE D 520 0.36 -38.72 0.77
CA ILE D 520 -0.53 -38.07 -0.18
C ILE D 520 -1.70 -37.52 0.64
N GLY D 521 -1.58 -36.27 1.07
CA GLY D 521 -2.57 -35.69 1.95
C GLY D 521 -3.68 -34.96 1.22
N ALA D 522 -4.79 -34.77 1.93
CA ALA D 522 -5.91 -33.98 1.45
C ALA D 522 -6.24 -32.93 2.50
N GLN D 523 -6.38 -31.68 2.08
CA GLN D 523 -6.58 -30.57 3.00
C GLN D 523 -7.80 -29.76 2.56
N GLN D 524 -8.07 -28.69 3.30
CA GLN D 524 -9.17 -27.80 3.00
C GLN D 524 -8.72 -26.38 2.66
N THR D 525 -7.90 -25.77 3.52
CA THR D 525 -7.46 -24.39 3.32
C THR D 525 -5.95 -24.25 3.20
N ALA D 526 -5.17 -25.28 3.52
CA ALA D 526 -3.71 -25.26 3.50
C ALA D 526 -3.12 -24.23 4.46
N SER D 527 -3.94 -23.61 5.31
CA SER D 527 -3.46 -22.69 6.32
C SER D 527 -3.64 -23.21 7.74
N GLU D 528 -4.61 -24.10 7.97
CA GLU D 528 -4.77 -24.71 9.29
C GLU D 528 -3.72 -25.77 9.56
N VAL D 529 -3.26 -26.47 8.52
CA VAL D 529 -2.25 -27.49 8.69
C VAL D 529 -0.93 -26.86 9.12
N GLU D 530 -0.14 -27.60 9.88
CA GLU D 530 1.14 -27.08 10.35
C GLU D 530 2.08 -26.86 9.17
N ARG D 531 2.89 -25.81 9.25
CA ARG D 531 3.58 -25.30 8.07
C ARG D 531 4.65 -26.26 7.54
N ARG D 532 5.27 -27.07 8.41
CA ARG D 532 6.32 -27.96 7.94
C ARG D 532 5.79 -29.12 7.10
N ILE D 533 4.51 -29.47 7.26
CA ILE D 533 3.95 -30.56 6.46
C ILE D 533 3.91 -30.16 4.99
N VAL D 534 3.46 -28.94 4.69
CA VAL D 534 3.39 -28.46 3.32
C VAL D 534 4.67 -27.77 2.87
N SER D 535 5.65 -27.61 3.75
CA SER D 535 6.89 -26.95 3.37
C SER D 535 7.72 -27.82 2.42
N ASN D 536 7.81 -29.12 2.71
CA ASN D 536 8.61 -30.04 1.91
C ASN D 536 7.84 -30.67 0.76
N ALA D 537 6.54 -30.40 0.65
CA ALA D 537 5.75 -30.98 -0.43
C ALA D 537 6.24 -30.50 -1.79
N ALA D 538 6.44 -31.45 -2.70
CA ALA D 538 6.92 -31.12 -4.04
C ALA D 538 5.77 -30.71 -4.96
N ILE D 539 4.80 -31.60 -5.16
CA ILE D 539 3.68 -31.36 -6.07
C ILE D 539 2.52 -30.81 -5.26
N ARG D 540 2.01 -29.66 -5.67
CA ARG D 540 0.88 -29.00 -5.01
C ARG D 540 -0.27 -28.95 -6.00
N VAL D 541 -1.45 -29.39 -5.55
CA VAL D 541 -2.65 -29.42 -6.38
C VAL D 541 -3.76 -28.65 -5.66
N VAL D 542 -4.45 -27.79 -6.40
CA VAL D 542 -5.55 -27.00 -5.87
C VAL D 542 -6.75 -27.17 -6.79
N GLY D 543 -7.93 -27.31 -6.20
CA GLY D 543 -9.14 -27.47 -6.97
C GLY D 543 -10.28 -26.60 -6.48
N ARG D 544 -10.78 -25.71 -7.33
CA ARG D 544 -11.84 -24.76 -7.00
C ARG D 544 -11.54 -24.03 -5.69
N LEU D 545 -10.35 -23.44 -5.64
CA LEU D 545 -9.94 -22.69 -4.46
C LEU D 545 -10.91 -21.54 -4.22
N ASP D 546 -11.35 -21.39 -2.97
CA ASP D 546 -12.33 -20.37 -2.64
C ASP D 546 -11.72 -18.98 -2.72
N LEU D 547 -12.57 -17.98 -2.91
CA LEU D 547 -12.12 -16.60 -3.00
C LEU D 547 -11.50 -16.11 -1.71
N ALA D 548 -11.90 -16.66 -0.56
CA ALA D 548 -11.41 -16.17 0.72
C ALA D 548 -9.92 -16.46 0.89
N GLU D 549 -9.49 -17.68 0.56
CA GLU D 549 -8.10 -18.08 0.74
C GLU D 549 -7.29 -18.06 -0.55
N ALA D 550 -7.81 -17.44 -1.61
CA ALA D 550 -7.08 -17.34 -2.86
C ALA D 550 -5.92 -16.35 -2.79
N GLU D 551 -5.81 -15.58 -1.71
CA GLU D 551 -4.77 -14.55 -1.59
C GLU D 551 -3.93 -14.72 -0.33
N ARG D 552 -4.02 -15.85 0.36
CA ARG D 552 -3.19 -16.08 1.53
C ARG D 552 -1.73 -16.28 1.11
N PRO D 553 -0.78 -16.03 2.02
CA PRO D 553 0.63 -16.22 1.66
C PRO D 553 0.97 -17.64 1.26
N GLU D 554 0.28 -18.64 1.78
CA GLU D 554 0.58 -20.03 1.44
C GLU D 554 0.15 -20.39 0.03
N TYR D 555 -0.66 -19.55 -0.62
CA TYR D 555 -1.10 -19.77 -1.99
C TYR D 555 -0.49 -18.73 -2.93
N ARG D 556 0.72 -18.27 -2.62
CA ARG D 556 1.37 -17.25 -3.42
C ARG D 556 2.02 -17.80 -4.68
N PHE D 557 2.24 -19.12 -4.77
CA PHE D 557 2.83 -19.69 -5.97
C PHE D 557 1.92 -19.53 -7.19
N LEU D 558 0.63 -19.38 -6.98
CA LEU D 558 -0.29 -19.18 -8.08
C LEU D 558 -0.10 -17.78 -8.67
N PRO D 559 0.12 -17.65 -9.97
CA PRO D 559 0.22 -16.32 -10.57
C PRO D 559 -1.08 -15.55 -10.39
N GLN D 560 -0.95 -14.23 -10.26
CA GLN D 560 -2.10 -13.37 -9.99
C GLN D 560 -3.08 -13.31 -11.15
N SER D 561 -2.70 -13.80 -12.33
CA SER D 561 -3.63 -13.89 -13.46
C SER D 561 -4.49 -15.14 -13.41
N PHE D 562 -4.24 -16.04 -12.46
CA PHE D 562 -5.02 -17.27 -12.34
C PHE D 562 -6.00 -17.26 -11.17
N ARG D 563 -5.84 -16.31 -10.23
CA ARG D 563 -6.78 -16.24 -9.12
C ARG D 563 -8.19 -15.89 -9.56
N GLY D 564 -8.35 -15.26 -10.72
CA GLY D 564 -9.66 -14.99 -11.25
C GLY D 564 -10.34 -16.17 -11.92
N ARG D 565 -9.62 -17.28 -12.10
CA ARG D 565 -10.17 -18.47 -12.71
C ARG D 565 -10.19 -19.67 -11.76
N ALA D 566 -9.68 -19.52 -10.54
CA ALA D 566 -9.74 -20.61 -9.57
C ALA D 566 -11.18 -20.93 -9.18
N GLY D 567 -12.00 -19.89 -8.97
CA GLY D 567 -13.38 -20.12 -8.60
C GLY D 567 -14.20 -20.76 -9.70
N ILE D 568 -13.91 -20.41 -10.96
CA ILE D 568 -14.66 -20.94 -12.09
C ILE D 568 -14.50 -22.45 -12.22
N LEU D 569 -13.41 -23.00 -11.69
CA LEU D 569 -13.10 -24.42 -11.88
C LEU D 569 -14.23 -25.31 -11.38
N GLN D 570 -14.54 -26.32 -12.16
CA GLN D 570 -15.57 -27.31 -11.86
C GLN D 570 -14.95 -28.65 -11.50
N PRO D 571 -15.68 -29.51 -10.80
CA PRO D 571 -15.17 -30.86 -10.55
C PRO D 571 -14.91 -31.60 -11.85
N GLY D 572 -13.86 -32.40 -11.86
CA GLY D 572 -13.36 -32.97 -13.10
C GLY D 572 -12.27 -32.16 -13.75
N THR D 573 -11.68 -31.20 -13.02
CA THR D 573 -10.63 -30.35 -13.55
C THR D 573 -9.83 -29.80 -12.38
N MET D 574 -8.50 -29.96 -12.42
CA MET D 574 -7.66 -29.58 -11.30
C MET D 574 -6.40 -28.89 -11.82
N LEU D 575 -5.83 -28.04 -10.97
CA LEU D 575 -4.59 -27.35 -11.26
C LEU D 575 -3.43 -28.11 -10.61
N VAL D 576 -2.41 -28.43 -11.41
CA VAL D 576 -1.26 -29.19 -10.94
C VAL D 576 -0.02 -28.31 -11.08
N SER D 577 0.75 -28.20 -9.99
CA SER D 577 1.98 -27.43 -9.98
C SER D 577 3.09 -28.31 -9.43
N GLN D 578 4.16 -28.46 -10.20
CA GLN D 578 5.29 -29.29 -9.83
C GLN D 578 6.59 -28.54 -10.06
N PRO D 579 7.64 -28.83 -9.29
CA PRO D 579 8.93 -28.20 -9.55
C PRO D 579 9.50 -28.61 -10.90
N ASP D 580 10.22 -27.67 -11.51
CA ASP D 580 10.82 -27.60 -12.85
C ASP D 580 9.80 -27.14 -13.89
N VAL D 581 8.55 -26.92 -13.51
CA VAL D 581 7.55 -26.32 -14.39
C VAL D 581 7.22 -24.94 -13.83
N PRO D 582 7.60 -23.85 -14.50
CA PRO D 582 7.43 -22.52 -13.91
C PRO D 582 5.98 -22.14 -13.63
N ASN D 583 5.03 -22.62 -14.43
CA ASN D 583 3.66 -22.17 -14.30
C ASN D 583 2.72 -23.34 -14.12
N PRO D 584 1.62 -23.15 -13.37
CA PRO D 584 0.63 -24.22 -13.24
C PRO D 584 -0.08 -24.48 -14.56
N VAL D 585 -0.51 -25.73 -14.72
CA VAL D 585 -1.19 -26.18 -15.93
C VAL D 585 -2.52 -26.79 -15.55
N LEU D 586 -3.56 -26.50 -16.33
CA LEU D 586 -4.91 -26.98 -16.06
C LEU D 586 -5.12 -28.33 -16.74
N VAL D 587 -5.54 -29.32 -15.96
CA VAL D 587 -5.76 -30.68 -16.45
C VAL D 587 -7.13 -31.15 -16.00
N ASN D 588 -7.62 -32.19 -16.68
CA ASN D 588 -8.87 -32.84 -16.33
C ASN D 588 -8.64 -34.33 -16.18
N TYR D 589 -9.24 -34.93 -15.15
CA TYR D 589 -8.97 -36.34 -14.96
C TYR D 589 -10.12 -37.18 -15.51
N PRO D 590 -9.83 -38.27 -16.20
CA PRO D 590 -10.90 -39.13 -16.72
C PRO D 590 -11.67 -39.81 -15.60
N PHE D 591 -12.91 -40.14 -15.90
CA PHE D 591 -13.81 -40.69 -14.89
C PHE D 591 -13.33 -42.08 -14.45
N PRO D 592 -13.53 -42.43 -13.18
CA PRO D 592 -13.00 -43.69 -12.67
C PRO D 592 -13.71 -44.90 -13.27
N ALA D 593 -12.98 -46.02 -13.31
CA ALA D 593 -13.49 -47.28 -13.80
C ALA D 593 -13.91 -48.21 -12.68
N TRP D 594 -13.92 -47.72 -11.44
CA TRP D 594 -14.32 -48.52 -10.28
C TRP D 594 -15.54 -47.88 -9.64
N ALA D 595 -16.55 -48.71 -9.36
CA ALA D 595 -17.79 -48.20 -8.81
C ALA D 595 -17.59 -47.65 -7.41
N THR D 596 -18.35 -46.63 -7.07
CA THR D 596 -18.31 -46.00 -5.75
C THR D 596 -19.65 -46.10 -5.02
N ARG D 597 -20.75 -45.78 -5.69
CA ARG D 597 -22.07 -45.84 -5.07
C ARG D 597 -22.49 -47.29 -4.83
N ARG D 598 -23.48 -47.44 -3.94
CA ARG D 598 -24.09 -48.73 -3.60
C ARG D 598 -23.08 -49.87 -3.43
N ALA E 12 -6.72 46.93 3.38
CA ALA E 12 -6.39 45.63 2.78
C ALA E 12 -6.87 45.55 1.35
N ASP E 13 -5.99 45.88 0.41
CA ASP E 13 -6.34 45.83 -1.00
C ASP E 13 -6.46 44.39 -1.47
N ALA E 14 -7.23 44.20 -2.55
CA ALA E 14 -7.41 42.87 -3.12
C ALA E 14 -6.10 42.34 -3.68
N ILE E 15 -5.85 41.06 -3.46
CA ILE E 15 -4.62 40.43 -3.90
C ILE E 15 -4.79 39.56 -5.15
N GLY E 16 -6.01 39.15 -5.46
CA GLY E 16 -6.21 38.31 -6.63
C GLY E 16 -7.64 37.87 -6.77
N MET E 17 -7.84 36.85 -7.59
CA MET E 17 -9.16 36.31 -7.90
C MET E 17 -9.18 34.82 -7.58
N VAL E 18 -10.38 34.31 -7.29
CA VAL E 18 -10.56 32.90 -6.98
C VAL E 18 -10.55 32.12 -8.29
N LEU E 19 -9.54 31.28 -8.47
CA LEU E 19 -9.43 30.49 -9.69
C LEU E 19 -10.50 29.40 -9.69
N GLY E 20 -11.34 29.40 -10.72
CA GLY E 20 -12.43 28.45 -10.80
C GLY E 20 -12.16 27.28 -11.73
N THR E 21 -11.03 27.33 -12.46
CA THR E 21 -10.70 26.25 -13.37
C THR E 21 -10.46 24.94 -12.61
N GLU E 22 -9.74 25.02 -11.49
CA GLU E 22 -9.63 23.89 -10.60
C GLU E 22 -10.86 23.81 -9.69
N ASP E 23 -11.07 22.63 -9.12
CA ASP E 23 -12.21 22.44 -8.23
C ASP E 23 -12.13 23.38 -7.04
N VAL E 24 -13.26 23.97 -6.67
CA VAL E 24 -13.30 24.96 -5.60
C VAL E 24 -14.21 24.48 -4.48
N THR E 25 -14.26 23.16 -4.28
CA THR E 25 -14.95 22.52 -3.16
C THR E 25 -14.63 23.26 -1.87
N PRO E 26 -15.58 23.34 -0.93
CA PRO E 26 -15.37 24.21 0.24
C PRO E 26 -14.16 23.85 1.08
N THR E 27 -13.67 22.61 1.02
CA THR E 27 -12.50 22.25 1.81
C THR E 27 -11.25 22.97 1.31
N VAL E 28 -10.98 22.91 0.00
CA VAL E 28 -9.80 23.53 -0.59
C VAL E 28 -10.17 24.14 -1.93
N PHE E 29 -9.59 25.29 -2.25
CA PHE E 29 -9.84 25.95 -3.52
C PHE E 29 -8.63 26.80 -3.88
N TRP E 30 -8.26 26.76 -5.16
CA TRP E 30 -7.15 27.55 -5.65
C TRP E 30 -7.59 28.99 -5.89
N PHE E 31 -6.60 29.87 -6.05
CA PHE E 31 -6.87 31.27 -6.38
C PHE E 31 -5.62 31.86 -7.01
N ALA E 32 -5.84 32.78 -7.95
CA ALA E 32 -4.75 33.41 -8.71
C ALA E 32 -4.47 34.78 -8.14
N VAL E 33 -3.19 35.04 -7.84
CA VAL E 33 -2.78 36.31 -7.25
C VAL E 33 -2.43 37.28 -8.36
N SER E 34 -3.05 38.46 -8.34
CA SER E 34 -2.75 39.49 -9.32
C SER E 34 -1.37 40.08 -9.07
N HIS E 35 -0.82 40.72 -10.09
CA HIS E 35 0.48 41.36 -9.97
C HIS E 35 0.43 42.45 -8.91
N GLY E 36 1.49 42.55 -8.12
CA GLY E 36 1.52 43.46 -7.01
C GLY E 36 1.78 42.78 -5.69
N ALA E 37 0.78 42.76 -4.81
CA ALA E 37 0.93 42.15 -3.49
C ALA E 37 1.19 40.65 -3.60
N SER E 38 2.39 40.22 -3.24
CA SER E 38 2.74 38.83 -3.27
C SER E 38 2.11 38.08 -2.09
N VAL E 39 2.05 36.76 -2.21
CA VAL E 39 1.48 35.90 -1.19
C VAL E 39 2.48 34.79 -0.88
N GLY E 40 2.85 34.65 0.39
CA GLY E 40 3.74 33.61 0.83
C GLY E 40 3.01 32.52 1.59
N LEU E 41 3.74 31.46 1.89
CA LEU E 41 3.16 30.32 2.60
C LEU E 41 2.76 30.70 4.01
N ASP E 42 1.69 30.06 4.49
CA ASP E 42 1.18 30.25 5.86
C ASP E 42 0.75 31.69 6.11
N ASP E 43 0.26 32.36 5.07
CA ASP E 43 -0.35 33.69 5.20
C ASP E 43 -1.86 33.51 5.02
N LEU E 44 -2.59 33.50 6.14
CA LEU E 44 -4.02 33.24 6.09
C LEU E 44 -4.74 34.36 5.34
N VAL E 45 -5.77 33.97 4.58
CA VAL E 45 -6.53 34.91 3.75
C VAL E 45 -8.01 34.66 3.98
N VAL E 46 -8.82 35.66 3.62
CA VAL E 46 -10.26 35.61 3.79
C VAL E 46 -10.92 35.88 2.45
N VAL E 47 -11.89 35.04 2.10
CA VAL E 47 -12.64 35.12 0.84
C VAL E 47 -14.09 35.39 1.17
N GLU E 48 -14.68 36.40 0.51
CA GLU E 48 -16.08 36.76 0.70
C GLU E 48 -16.89 36.32 -0.50
N THR E 49 -18.07 35.75 -0.24
CA THR E 49 -18.93 35.24 -1.29
C THR E 49 -20.38 35.66 -0.99
N ARG E 50 -21.10 36.02 -2.03
CA ARG E 50 -22.48 36.47 -1.92
C ARG E 50 -23.42 35.31 -2.25
N LYS E 51 -24.29 34.96 -1.29
CA LYS E 51 -25.30 33.94 -1.51
C LYS E 51 -26.46 34.50 -2.33
N PRO E 52 -27.19 33.64 -3.04
CA PRO E 52 -28.32 34.14 -3.85
C PRO E 52 -29.38 34.86 -3.05
N ASP E 53 -29.65 34.45 -1.82
CA ASP E 53 -30.70 35.09 -1.03
C ASP E 53 -30.31 36.52 -0.65
N GLY E 54 -29.04 36.73 -0.30
CA GLY E 54 -28.59 38.05 0.09
C GLY E 54 -27.61 38.05 1.25
N THR E 55 -27.43 36.89 1.87
CA THR E 55 -26.55 36.77 3.02
C THR E 55 -25.10 36.63 2.56
N PRO E 56 -24.20 37.54 2.95
CA PRO E 56 -22.79 37.36 2.61
C PRO E 56 -22.18 36.20 3.38
N VAL E 57 -21.17 35.58 2.78
CA VAL E 57 -20.47 34.45 3.37
C VAL E 57 -18.96 34.69 3.26
N ARG E 58 -18.25 34.45 4.37
CA ARG E 58 -16.81 34.64 4.43
C ARG E 58 -16.14 33.33 4.78
N PHE E 59 -14.94 33.11 4.21
CA PHE E 59 -14.15 31.91 4.45
C PHE E 59 -12.84 32.30 5.10
N TYR E 60 -12.47 31.57 6.16
CA TYR E 60 -11.19 31.74 6.83
C TYR E 60 -10.31 30.53 6.54
N GLY E 61 -9.11 30.78 6.03
CA GLY E 61 -8.20 29.70 5.71
C GLY E 61 -6.79 30.21 5.51
N LEU E 62 -5.85 29.30 5.63
CA LEU E 62 -4.42 29.59 5.48
C LEU E 62 -3.87 28.84 4.27
N VAL E 63 -3.06 29.54 3.47
CA VAL E 63 -2.46 28.93 2.30
C VAL E 63 -1.47 27.86 2.74
N ASP E 64 -1.35 26.81 1.92
CA ASP E 64 -0.41 25.73 2.23
C ASP E 64 0.35 25.23 1.00
N ASN E 65 0.19 25.86 -0.16
CA ASN E 65 0.91 25.46 -1.36
C ASN E 65 0.84 26.60 -2.36
N VAL E 66 2.00 27.08 -2.81
CA VAL E 66 2.09 28.18 -3.76
C VAL E 66 2.98 27.74 -4.92
N ARG E 67 2.58 28.13 -6.13
CA ARG E 67 3.34 27.73 -7.32
C ARG E 67 3.14 28.77 -8.42
N LYS E 68 4.09 28.78 -9.35
CA LYS E 68 3.98 29.57 -10.57
C LYS E 68 4.27 28.67 -11.76
N ARG E 69 3.83 29.11 -12.93
CA ARG E 69 4.08 28.37 -14.16
C ARG E 69 4.11 29.33 -15.33
N HIS E 70 4.99 29.05 -16.30
CA HIS E 70 5.18 29.91 -17.46
C HIS E 70 4.20 29.48 -18.53
N GLU E 71 2.96 29.95 -18.41
CA GLU E 71 1.91 29.62 -19.37
C GLU E 71 2.20 30.30 -20.71
N GLY E 72 1.92 29.57 -21.79
CA GLY E 72 2.15 30.07 -23.13
C GLY E 72 3.24 29.36 -23.89
N VAL E 73 3.93 28.40 -23.28
CA VAL E 73 4.98 27.63 -23.93
C VAL E 73 4.71 26.15 -23.72
N THR E 74 5.26 25.33 -24.61
CA THR E 74 5.08 23.89 -24.55
C THR E 74 6.37 23.09 -24.69
N PHE E 75 7.44 23.68 -25.19
CA PHE E 75 8.69 22.97 -25.42
C PHE E 75 9.57 23.04 -24.17
N GLU E 76 9.96 21.86 -23.67
CA GLU E 76 10.66 21.76 -22.40
C GLU E 76 12.07 22.31 -22.54
N SER E 77 12.31 23.49 -21.98
CA SER E 77 13.64 24.10 -21.90
C SER E 77 14.25 24.32 -23.28
N ASP E 78 13.41 24.57 -24.28
CA ASP E 78 13.88 24.91 -25.62
C ASP E 78 13.64 26.36 -26.00
N VAL E 79 12.60 26.99 -25.45
CA VAL E 79 12.31 28.39 -25.71
C VAL E 79 12.70 29.29 -24.55
N GLU E 80 13.23 28.73 -23.46
CA GLU E 80 13.61 29.56 -22.33
C GLU E 80 14.76 30.49 -22.67
N ASP E 81 15.67 30.04 -23.53
CA ASP E 81 16.73 30.91 -24.04
C ASP E 81 16.19 31.97 -24.99
N VAL E 82 14.93 31.86 -25.42
CA VAL E 82 14.33 32.80 -26.35
C VAL E 82 13.43 33.76 -25.57
N VAL E 83 12.92 33.29 -24.42
CA VAL E 83 12.09 34.16 -23.58
C VAL E 83 12.89 35.36 -23.09
N ALA E 84 14.15 35.12 -22.68
CA ALA E 84 14.98 36.21 -22.20
C ALA E 84 15.24 37.24 -23.28
N GLY E 85 15.44 36.79 -24.52
CA GLY E 85 15.78 37.71 -25.59
C GLY E 85 14.60 38.28 -26.35
N LEU E 86 13.75 37.41 -26.90
CA LEU E 86 12.62 37.89 -27.71
C LEU E 86 11.53 36.82 -27.73
N LEU E 87 10.49 37.03 -26.90
CA LEU E 87 9.27 36.23 -26.94
C LEU E 87 8.22 36.86 -26.05
N PRO E 88 6.96 36.93 -26.49
CA PRO E 88 5.90 37.41 -25.60
C PRO E 88 5.30 36.29 -24.77
N ALA E 89 5.35 36.44 -23.45
CA ALA E 89 4.84 35.40 -22.56
C ALA E 89 4.52 36.04 -21.21
N SER E 90 3.73 35.31 -20.42
CA SER E 90 3.32 35.76 -19.09
C SER E 90 3.46 34.61 -18.11
N VAL E 91 3.47 34.96 -16.82
CA VAL E 91 3.59 33.99 -15.74
C VAL E 91 2.34 34.03 -14.90
N SER E 92 1.88 32.88 -14.46
CA SER E 92 0.67 32.75 -13.66
C SER E 92 1.05 32.45 -12.21
N TYR E 93 0.48 33.22 -11.29
CA TYR E 93 0.74 33.08 -9.86
C TYR E 93 -0.53 32.56 -9.21
N ALA E 94 -0.56 31.26 -8.94
CA ALA E 94 -1.71 30.62 -8.30
C ALA E 94 -1.24 29.89 -7.04
N ALA E 95 -2.01 30.02 -5.97
CA ALA E 95 -1.67 29.44 -4.68
C ALA E 95 -2.84 28.66 -4.13
N ARG E 96 -2.55 27.54 -3.47
CA ARG E 96 -3.57 26.73 -2.84
C ARG E 96 -4.03 27.38 -1.53
N VAL E 97 -5.32 27.21 -1.24
CA VAL E 97 -5.90 27.71 0.01
C VAL E 97 -6.70 26.58 0.63
N LEU E 98 -6.44 26.31 1.91
CA LEU E 98 -7.20 25.35 2.70
C LEU E 98 -7.93 26.10 3.80
N VAL E 99 -9.24 25.92 3.88
CA VAL E 99 -10.06 26.68 4.80
C VAL E 99 -9.91 26.12 6.21
N THR E 100 -10.11 26.99 7.19
CA THR E 100 -10.11 26.61 8.60
C THR E 100 -11.50 26.62 9.22
N ARG E 101 -12.29 27.67 8.94
CA ARG E 101 -13.68 27.72 9.36
C ARG E 101 -14.42 28.71 8.47
N VAL E 102 -15.71 28.44 8.28
CA VAL E 102 -16.57 29.30 7.48
C VAL E 102 -17.32 30.24 8.40
N ASP E 103 -17.68 31.42 7.88
CA ASP E 103 -18.29 32.44 8.73
C ASP E 103 -19.67 32.02 9.24
N PRO E 104 -20.65 31.70 8.39
CA PRO E 104 -21.89 31.14 8.89
C PRO E 104 -21.86 29.62 8.91
N GLU E 105 -22.88 29.04 9.54
CA GLU E 105 -22.94 27.59 9.70
C GLU E 105 -23.62 26.95 8.49
N ASN E 106 -22.90 26.99 7.37
CA ASN E 106 -23.35 26.38 6.13
C ASN E 106 -22.15 26.14 5.24
N PHE E 107 -22.28 25.18 4.32
CA PHE E 107 -21.21 24.79 3.42
C PHE E 107 -21.64 25.06 1.98
N ILE E 108 -21.40 26.28 1.50
CA ILE E 108 -21.64 26.66 0.11
C ILE E 108 -20.27 27.01 -0.49
N PRO E 109 -19.83 26.33 -1.54
CA PRO E 109 -18.55 26.66 -2.16
C PRO E 109 -18.53 28.09 -2.66
N PRO E 110 -17.40 28.78 -2.55
CA PRO E 110 -17.33 30.18 -3.00
C PRO E 110 -17.52 30.30 -4.50
N GLN E 111 -18.18 31.38 -4.89
CA GLN E 111 -18.39 31.64 -6.31
C GLN E 111 -17.07 31.99 -6.98
N PRO E 112 -16.69 31.32 -8.07
CA PRO E 112 -15.47 31.69 -8.78
C PRO E 112 -15.55 33.14 -9.25
N GLY E 113 -14.42 33.84 -9.15
CA GLY E 113 -14.39 35.25 -9.47
C GLY E 113 -14.61 36.18 -8.30
N ASP E 114 -14.50 35.70 -7.07
CA ASP E 114 -14.60 36.58 -5.91
C ASP E 114 -13.29 37.32 -5.69
N HIS E 115 -13.34 38.28 -4.77
CA HIS E 115 -12.16 39.04 -4.36
C HIS E 115 -11.61 38.45 -3.07
N VAL E 116 -10.30 38.25 -3.02
CA VAL E 116 -9.62 37.63 -1.89
C VAL E 116 -8.67 38.65 -1.28
N ARG E 117 -8.63 38.67 0.06
CA ARG E 117 -7.75 39.59 0.77
C ARG E 117 -7.39 38.99 2.11
N HIS E 118 -6.13 39.19 2.52
CA HIS E 118 -5.67 38.81 3.84
C HIS E 118 -6.01 39.93 4.82
N ALA E 119 -6.57 39.55 5.96
CA ALA E 119 -7.07 40.51 6.94
C ALA E 119 -6.32 40.38 8.25
N ALA E 120 -6.14 41.52 8.92
CA ALA E 120 -5.43 41.56 10.20
C ALA E 120 -6.28 42.08 11.36
N GLY E 121 -7.41 42.73 11.07
CA GLY E 121 -8.22 43.31 12.13
C GLY E 121 -9.12 42.31 12.82
N ARG E 122 -10.38 42.72 13.07
CA ARG E 122 -11.35 41.83 13.71
C ARG E 122 -11.56 40.56 12.89
N GLU E 123 -11.41 40.64 11.56
CA GLU E 123 -11.56 39.46 10.72
C GLU E 123 -10.54 38.39 11.09
N LEU E 124 -9.34 38.81 11.50
CA LEU E 124 -8.33 37.85 11.93
C LEU E 124 -8.74 37.13 13.20
N ALA E 125 -9.48 37.81 14.08
CA ALA E 125 -9.88 37.20 15.34
C ALA E 125 -10.77 35.97 15.13
N MET E 126 -11.68 36.04 14.15
CA MET E 126 -12.51 34.87 13.85
C MET E 126 -11.70 33.74 13.25
N ALA E 127 -10.57 34.06 12.59
CA ALA E 127 -9.74 33.02 12.00
C ALA E 127 -9.07 32.17 13.07
N LEU E 128 -8.62 32.80 14.15
CA LEU E 128 -7.91 32.11 15.22
C LEU E 128 -8.81 31.75 16.39
N SER E 129 -10.13 31.78 16.19
CA SER E 129 -11.10 31.43 17.23
C SER E 129 -10.92 32.30 18.48
N ALA E 130 -10.70 33.59 18.27
CA ALA E 130 -10.55 34.51 19.39
C ALA E 130 -11.87 34.92 20.01
N ASP E 131 -12.99 34.63 19.35
CA ASP E 131 -14.29 34.99 19.90
C ASP E 131 -14.58 34.23 21.18
N LYS E 132 -14.29 32.93 21.21
CA LYS E 132 -14.62 32.11 22.37
C LYS E 132 -13.69 32.36 23.54
N MET E 133 -12.57 33.04 23.33
CA MET E 133 -11.59 33.33 24.38
C MET E 133 -11.25 34.82 24.33
N GLU E 134 -12.00 35.60 25.11
CA GLU E 134 -11.83 37.05 25.16
C GLU E 134 -11.11 37.52 26.42
N GLU E 135 -11.58 37.13 27.59
CA GLU E 135 -10.96 37.58 28.83
C GLU E 135 -9.57 36.98 29.01
N ALA E 136 -9.36 35.76 28.51
CA ALA E 136 -8.06 35.09 28.60
C ALA E 136 -7.48 35.00 27.19
N ALA E 137 -6.77 36.05 26.80
CA ALA E 137 -6.00 36.08 25.57
C ALA E 137 -4.53 36.18 25.93
N PHE E 138 -3.73 35.25 25.43
CA PHE E 138 -2.34 35.12 25.86
C PHE E 138 -1.42 35.10 24.64
N PRO E 139 -0.67 36.17 24.39
CA PRO E 139 0.20 36.23 23.21
C PRO E 139 1.50 35.47 23.44
N GLY E 140 1.68 34.37 22.70
CA GLY E 140 2.86 33.56 22.85
C GLY E 140 3.74 33.54 21.62
N GLY E 141 3.45 34.40 20.65
CA GLY E 141 4.25 34.44 19.44
C GLY E 141 3.78 35.55 18.52
N LEU E 142 4.57 35.77 17.47
CA LEU E 142 4.30 36.80 16.47
C LEU E 142 4.16 36.16 15.11
N LEU E 143 3.30 36.75 14.27
CA LEU E 143 3.08 36.30 12.92
C LEU E 143 3.95 37.11 11.95
N ALA E 144 3.71 36.91 10.65
CA ALA E 144 4.52 37.61 9.63
C ALA E 144 4.34 39.12 9.73
N ASP E 145 3.11 39.58 9.89
CA ASP E 145 2.84 41.01 10.01
C ASP E 145 2.84 41.39 11.49
N GLY E 146 2.41 42.61 11.80
CA GLY E 146 2.28 43.03 13.17
C GLY E 146 1.09 42.40 13.84
N GLN E 147 1.13 41.08 14.01
CA GLN E 147 -0.01 40.30 14.47
C GLN E 147 0.44 39.38 15.59
N PRO E 148 -0.03 39.57 16.82
CA PRO E 148 0.27 38.60 17.88
C PRO E 148 -0.71 37.44 17.87
N LEU E 149 -0.16 36.23 17.93
CA LEU E 149 -0.97 35.03 17.90
C LEU E 149 -1.48 34.74 19.30
N PRO E 150 -2.77 34.79 19.56
CA PRO E 150 -3.29 34.54 20.91
C PRO E 150 -3.44 33.06 21.18
N LEU E 151 -2.69 32.56 22.16
CA LEU E 151 -2.93 31.23 22.68
C LEU E 151 -4.04 31.28 23.72
N ASN E 152 -4.52 30.10 24.12
CA ASN E 152 -5.55 29.99 25.14
C ASN E 152 -4.91 29.52 26.44
N PHE E 153 -5.10 30.31 27.51
CA PHE E 153 -4.55 29.93 28.80
C PHE E 153 -5.40 28.91 29.52
N ARG E 154 -6.64 28.71 29.08
CA ARG E 154 -7.50 27.69 29.71
C ARG E 154 -6.92 26.30 29.54
N PHE E 155 -6.37 26.01 28.36
CA PHE E 155 -5.78 24.70 28.12
C PHE E 155 -4.49 24.51 28.89
N ILE E 156 -3.69 25.58 29.04
CA ILE E 156 -2.39 25.46 29.70
C ILE E 156 -2.57 25.14 31.18
N ASN E 157 -3.48 25.84 31.85
CA ASN E 157 -3.73 25.61 33.26
C ASN E 157 -4.78 24.51 33.43
N GLY E 158 -5.27 24.34 34.65
CA GLY E 158 -6.23 23.31 34.97
C GLY E 158 -7.68 23.69 34.77
N GLU E 159 -7.95 24.86 34.20
CA GLU E 159 -9.34 25.26 33.96
C GLU E 159 -10.02 24.31 32.98
N SER E 160 -9.32 23.93 31.92
CA SER E 160 -9.81 22.94 30.97
C SER E 160 -8.86 21.76 30.80
N GLY E 161 -7.76 21.72 31.54
CA GLY E 161 -6.84 20.61 31.48
C GLY E 161 -5.89 20.67 30.31
N GLY E 162 -4.65 20.27 30.53
CA GLY E 162 -3.66 20.21 29.48
C GLY E 162 -2.28 20.60 29.99
N HIS E 163 -1.27 20.21 29.23
CA HIS E 163 0.12 20.54 29.54
C HIS E 163 0.78 21.20 28.35
N ILE E 164 2.10 21.40 28.43
CA ILE E 164 2.88 21.97 27.34
C ILE E 164 3.96 20.97 26.96
N ASN E 165 4.04 20.64 25.67
CA ASN E 165 5.02 19.71 25.15
C ASN E 165 5.79 20.37 24.02
N ILE E 166 7.12 20.33 24.10
CA ILE E 166 8.01 20.89 23.09
C ILE E 166 8.92 19.78 22.58
N SER E 167 8.98 19.62 21.26
CA SER E 167 9.73 18.55 20.65
C SER E 167 10.56 19.08 19.48
N GLY E 168 11.48 18.26 19.03
CA GLY E 168 12.36 18.64 17.94
C GLY E 168 13.76 18.11 18.21
N ILE E 169 14.66 18.42 17.28
CA ILE E 169 16.05 18.01 17.42
C ILE E 169 16.76 18.99 18.34
N SER E 170 17.43 18.45 19.37
CA SER E 170 18.13 19.29 20.32
C SER E 170 19.32 19.97 19.65
N GLY E 171 19.81 21.03 20.28
CA GLY E 171 20.89 21.80 19.69
C GLY E 171 20.40 22.98 18.88
N VAL E 172 20.27 22.79 17.57
CA VAL E 172 19.91 23.90 16.67
C VAL E 172 18.57 24.51 17.08
N ALA E 173 17.63 23.69 17.51
CA ALA E 173 16.33 24.19 17.97
C ALA E 173 16.45 24.67 19.41
N THR E 174 16.24 25.97 19.62
CA THR E 174 16.35 26.58 20.95
C THR E 174 15.03 26.35 21.70
N LYS E 175 14.89 25.12 22.22
CA LYS E 175 13.66 24.75 22.91
C LYS E 175 13.48 25.54 24.20
N THR E 176 14.52 25.58 25.03
CA THR E 176 14.41 26.24 26.33
C THR E 176 14.14 27.73 26.19
N SER E 177 14.65 28.35 25.12
CA SER E 177 14.41 29.79 24.91
C SER E 177 12.94 30.08 24.74
N TYR E 178 12.22 29.24 23.99
CA TYR E 178 10.78 29.43 23.82
C TYR E 178 10.04 29.13 25.11
N ALA E 179 10.50 28.12 25.86
CA ALA E 179 9.87 27.81 27.14
C ALA E 179 10.00 28.98 28.11
N LEU E 180 11.18 29.60 28.16
CA LEU E 180 11.35 30.79 28.99
C LEU E 180 10.49 31.93 28.49
N PHE E 181 10.32 32.05 27.17
CA PHE E 181 9.47 33.09 26.61
C PHE E 181 8.03 32.91 27.07
N LEU E 182 7.52 31.68 27.08
CA LEU E 182 6.16 31.44 27.53
C LEU E 182 6.01 31.82 29.00
N LEU E 183 6.97 31.44 29.83
CA LEU E 183 6.94 31.83 31.23
C LEU E 183 7.04 33.34 31.40
N HIS E 184 7.91 33.97 30.61
CA HIS E 184 8.03 35.43 30.66
C HIS E 184 6.75 36.10 30.20
N SER E 185 6.13 35.57 29.14
CA SER E 185 4.93 36.18 28.59
C SER E 185 3.70 35.97 29.46
N ILE E 186 3.64 34.86 30.20
CA ILE E 186 2.50 34.62 31.07
C ILE E 186 2.43 35.65 32.18
N PHE E 187 3.56 35.91 32.85
CA PHE E 187 3.55 36.78 34.02
C PHE E 187 3.39 38.24 33.64
N ARG E 188 3.95 38.67 32.51
CA ARG E 188 3.99 40.08 32.15
C ARG E 188 2.83 40.51 31.28
N SER E 189 1.89 39.62 30.96
CA SER E 189 0.72 39.99 30.17
C SER E 189 -0.54 40.12 31.01
N GLY E 190 -0.49 39.80 32.29
CA GLY E 190 -1.67 39.90 33.14
C GLY E 190 -2.68 38.79 32.97
N VAL E 191 -2.35 37.74 32.20
CA VAL E 191 -3.31 36.65 31.98
C VAL E 191 -3.62 35.94 33.28
N MET E 192 -2.66 35.90 34.21
CA MET E 192 -2.94 35.37 35.54
C MET E 192 -3.96 36.23 36.26
N ASP E 193 -3.91 37.55 36.05
CA ASP E 193 -4.86 38.45 36.69
C ASP E 193 -6.26 38.29 36.10
N ARG E 194 -6.36 38.22 34.76
CA ARG E 194 -7.67 38.24 34.11
C ARG E 194 -8.54 37.07 34.57
N THR E 195 -7.96 35.89 34.71
CA THR E 195 -8.71 34.75 35.23
C THR E 195 -9.12 34.96 36.68
N ALA E 196 -8.37 35.79 37.42
CA ALA E 196 -8.65 35.99 38.84
C ALA E 196 -9.98 36.70 39.07
N GLN E 197 -10.26 37.77 38.33
CA GLN E 197 -11.52 38.46 38.52
C GLN E 197 -12.68 37.55 38.12
N GLY E 198 -13.79 37.69 38.84
CA GLY E 198 -14.92 36.80 38.65
C GLY E 198 -14.63 35.37 39.08
N SER E 199 -13.83 35.19 40.14
CA SER E 199 -13.52 33.86 40.62
C SER E 199 -14.76 33.14 41.11
N GLY E 200 -15.61 33.85 41.85
CA GLY E 200 -16.82 33.25 42.39
C GLY E 200 -16.55 32.12 43.36
N GLY E 201 -15.52 32.27 44.20
CA GLY E 201 -15.17 31.22 45.14
C GLY E 201 -14.55 30.00 44.49
N ARG E 202 -13.94 30.15 43.33
CA ARG E 202 -13.34 29.02 42.64
C ARG E 202 -12.07 28.56 43.37
N GLN E 203 -11.53 27.43 42.89
CA GLN E 203 -10.38 26.82 43.56
C GLN E 203 -9.15 27.72 43.50
N SER E 204 -8.93 28.38 42.36
CA SER E 204 -7.75 29.22 42.15
C SER E 204 -8.21 30.64 41.87
N GLY E 205 -8.01 31.52 42.84
CA GLY E 205 -8.34 32.93 42.66
C GLY E 205 -7.21 33.84 43.09
N THR E 206 -5.98 33.37 42.95
CA THR E 206 -4.79 34.11 43.35
C THR E 206 -3.84 34.24 42.17
N ALA E 207 -3.35 35.46 41.95
CA ALA E 207 -2.35 35.72 40.90
C ALA E 207 -0.95 35.47 41.47
N GLY E 208 -0.68 34.18 41.71
CA GLY E 208 0.56 33.77 42.34
C GLY E 208 1.36 32.79 41.53
N GLY E 209 1.43 33.01 40.21
CA GLY E 209 2.14 32.12 39.31
C GLY E 209 3.57 31.84 39.72
N ARG E 210 3.96 30.57 39.68
CA ARG E 210 5.26 30.13 40.13
C ARG E 210 5.97 29.37 39.02
N ALA E 211 7.29 29.30 39.11
CA ALA E 211 8.10 28.61 38.11
C ALA E 211 9.20 27.81 38.79
N LEU E 212 9.67 26.79 38.09
CA LEU E 212 10.75 25.93 38.55
C LEU E 212 11.54 25.48 37.33
N ILE E 213 12.85 25.70 37.36
CA ILE E 213 13.72 25.48 36.21
C ILE E 213 14.83 24.52 36.61
N PHE E 214 15.07 23.51 35.77
CA PHE E 214 16.15 22.55 35.96
C PHE E 214 17.13 22.70 34.80
N ASN E 215 18.40 22.91 35.12
CA ASN E 215 19.45 23.07 34.12
C ASN E 215 20.51 22.00 34.30
N VAL E 216 20.78 21.25 33.23
CA VAL E 216 21.86 20.27 33.23
C VAL E 216 23.00 20.69 32.30
N LYS E 217 22.74 21.57 31.34
CA LYS E 217 23.75 22.04 30.41
C LYS E 217 24.61 23.11 31.08
N GLY E 218 25.36 23.87 30.28
CA GLY E 218 26.25 24.90 30.80
C GLY E 218 25.56 26.05 31.52
N GLU E 219 26.30 27.13 31.74
CA GLU E 219 25.88 28.25 32.57
C GLU E 219 24.90 29.18 31.87
N ASP E 220 24.33 28.78 30.73
CA ASP E 220 23.55 29.68 29.91
C ASP E 220 22.22 30.08 30.55
N LEU E 221 21.72 29.29 31.51
CA LEU E 221 20.42 29.57 32.13
C LEU E 221 20.57 30.28 33.48
N LEU E 222 21.74 30.83 33.76
CA LEU E 222 22.02 31.40 35.07
C LEU E 222 21.71 32.89 35.15
N PHE E 223 22.20 33.69 34.21
CA PHE E 223 22.05 35.14 34.31
C PHE E 223 20.66 35.57 33.87
N LEU E 224 19.63 34.96 34.46
CA LEU E 224 18.25 35.31 34.17
C LEU E 224 17.84 36.63 34.82
N ASP E 225 18.65 37.17 35.74
CA ASP E 225 18.35 38.42 36.42
C ASP E 225 19.03 39.62 35.79
N LYS E 226 20.20 39.44 35.19
CA LYS E 226 20.94 40.56 34.62
C LYS E 226 20.27 41.00 33.32
N PRO E 227 19.87 42.26 33.18
CA PRO E 227 19.36 42.74 31.91
C PRO E 227 20.43 42.70 30.83
N ASN E 228 20.00 42.46 29.60
CA ASN E 228 20.91 42.27 28.48
C ASN E 228 20.97 43.53 27.63
N ALA E 229 22.17 43.82 27.11
CA ALA E 229 22.41 45.03 26.34
C ALA E 229 22.85 44.75 24.91
N ARG E 230 23.82 43.85 24.72
CA ARG E 230 24.33 43.60 23.37
C ARG E 230 23.31 42.87 22.51
N MET E 231 22.49 41.99 23.10
CA MET E 231 21.47 41.31 22.33
C MET E 231 20.31 42.22 21.95
N VAL E 232 20.19 43.37 22.62
CA VAL E 232 19.21 44.36 22.19
C VAL E 232 19.62 44.99 20.87
N GLU E 233 20.93 45.21 20.69
CA GLU E 233 21.42 45.82 19.46
C GLU E 233 21.15 44.94 18.25
N LYS E 234 21.43 43.64 18.37
CA LYS E 234 21.19 42.73 17.24
C LYS E 234 19.69 42.52 17.02
N GLU E 235 18.88 42.73 18.06
CA GLU E 235 17.44 42.74 17.87
C GLU E 235 17.02 43.90 16.97
N ASP E 236 17.63 45.06 17.15
CA ASP E 236 17.34 46.20 16.29
C ASP E 236 17.82 45.97 14.87
N LYS E 237 18.90 45.20 14.70
CA LYS E 237 19.42 44.95 13.35
C LYS E 237 18.49 44.03 12.57
N VAL E 238 18.03 42.94 13.19
CA VAL E 238 17.19 41.98 12.47
C VAL E 238 15.82 42.55 12.18
N VAL E 239 15.28 43.37 13.08
CA VAL E 239 13.93 43.90 12.86
C VAL E 239 13.89 44.86 11.68
N ARG E 240 14.95 45.62 11.46
CA ARG E 240 14.97 46.55 10.33
C ARG E 240 15.20 45.80 9.01
N ALA E 241 16.05 44.78 9.02
CA ALA E 241 16.31 44.02 7.80
C ALA E 241 15.05 43.32 7.31
N LYS E 242 14.29 42.71 8.23
CA LYS E 242 13.06 42.03 7.83
C LYS E 242 11.96 43.03 7.48
N GLY E 243 11.84 44.10 8.27
CA GLY E 243 10.82 45.10 8.03
C GLY E 243 9.64 44.98 8.96
N LEU E 244 9.58 45.83 9.98
CA LEU E 244 8.50 45.81 10.95
C LEU E 244 8.20 47.22 11.40
N SER E 245 7.02 47.40 11.99
CA SER E 245 6.59 48.73 12.43
C SER E 245 7.46 49.25 13.57
N ALA E 246 7.64 48.45 14.60
CA ALA E 246 8.39 48.88 15.78
C ALA E 246 9.06 47.66 16.40
N ASP E 247 9.51 47.81 17.64
CA ASP E 247 10.19 46.72 18.34
C ASP E 247 9.22 45.57 18.60
N ARG E 248 9.77 44.35 18.62
CA ARG E 248 8.93 43.17 18.78
C ARG E 248 8.23 43.15 20.13
N TYR E 249 8.95 43.48 21.21
CA TYR E 249 8.34 43.45 22.53
C TYR E 249 7.25 44.51 22.67
N ALA E 250 7.49 45.72 22.14
CA ALA E 250 6.45 46.74 22.16
C ALA E 250 5.26 46.32 21.30
N LEU E 251 5.53 45.71 20.15
CA LEU E 251 4.45 45.23 19.28
C LEU E 251 3.66 44.11 19.95
N LEU E 252 4.36 43.20 20.64
CA LEU E 252 3.72 42.07 21.28
C LEU E 252 2.93 42.47 22.53
N GLY E 253 3.10 43.69 23.02
CA GLY E 253 2.46 44.09 24.25
C GLY E 253 3.15 43.61 25.50
N LEU E 254 4.39 43.15 25.41
CA LEU E 254 5.15 42.64 26.54
C LEU E 254 6.23 43.63 26.94
N PRO E 255 6.38 43.93 28.23
CA PRO E 255 7.50 44.79 28.65
C PRO E 255 8.84 44.12 28.37
N ALA E 256 9.83 44.95 28.03
CA ALA E 256 11.16 44.46 27.68
C ALA E 256 12.05 44.23 28.90
N GLU E 257 11.56 44.53 30.10
CA GLU E 257 12.36 44.34 31.30
C GLU E 257 12.63 42.85 31.54
N PRO E 258 13.76 42.51 32.13
CA PRO E 258 14.06 41.10 32.39
C PRO E 258 13.24 40.54 33.54
N PHE E 259 13.51 39.28 33.90
CA PHE E 259 12.77 38.66 34.99
C PHE E 259 13.04 39.37 36.32
N ARG E 260 12.00 39.46 37.14
CA ARG E 260 12.16 39.90 38.51
C ARG E 260 13.14 38.99 39.22
N ASP E 261 14.00 39.58 40.07
CA ASP E 261 15.11 38.83 40.64
C ASP E 261 14.62 37.62 41.42
N VAL E 262 15.20 36.46 41.13
CA VAL E 262 14.81 35.20 41.71
C VAL E 262 16.05 34.50 42.26
N GLN E 263 15.85 33.66 43.27
CA GLN E 263 16.95 32.95 43.89
C GLN E 263 17.38 31.77 43.02
N LEU E 264 18.54 31.21 43.38
CA LEU E 264 19.07 30.02 42.73
C LEU E 264 19.72 29.13 43.78
N LEU E 265 19.67 27.83 43.53
CA LEU E 265 20.14 26.83 44.50
C LEU E 265 21.18 25.93 43.84
N ALA E 266 22.30 25.75 44.51
CA ALA E 266 23.37 24.87 44.08
C ALA E 266 23.96 24.16 45.28
N PRO E 267 24.51 22.96 45.09
CA PRO E 267 25.18 22.27 46.20
C PRO E 267 26.32 23.10 46.75
N PRO E 268 26.52 23.10 48.07
CA PRO E 268 27.52 24.02 48.66
C PRO E 268 28.94 23.80 48.15
N ARG E 269 29.39 22.55 48.07
CA ARG E 269 30.74 22.29 47.58
C ARG E 269 30.89 22.72 46.12
N ALA E 270 29.90 22.42 45.30
CA ALA E 270 29.94 22.88 43.92
C ALA E 270 29.79 24.40 43.83
N GLY E 271 29.01 24.99 44.73
CA GLY E 271 28.85 26.43 44.74
C GLY E 271 30.17 27.13 45.03
N ALA E 272 30.95 26.60 45.97
CA ALA E 272 32.27 27.15 46.25
C ALA E 272 33.18 27.03 45.03
N ALA E 273 33.13 25.90 44.34
CA ALA E 273 33.97 25.71 43.16
C ALA E 273 33.47 26.54 41.99
N GLY E 274 32.16 26.55 41.75
CA GLY E 274 31.63 27.27 40.60
C GLY E 274 31.69 28.78 40.80
N THR E 275 31.32 29.26 41.98
CA THR E 275 31.33 30.69 42.26
C THR E 275 32.67 31.11 42.86
N GLN E 283 28.88 29.98 37.13
CA GLN E 283 30.05 30.83 37.36
C GLN E 283 29.63 32.20 37.88
N ARG E 284 28.49 32.26 38.56
CA ARG E 284 27.97 33.48 39.14
C ARG E 284 28.27 33.48 40.64
N SER E 285 28.94 34.53 41.10
CA SER E 285 29.39 34.63 42.48
C SER E 285 28.74 35.76 43.26
N GLU E 286 27.83 36.51 42.65
CA GLU E 286 27.22 37.65 43.34
C GLU E 286 26.32 37.18 44.47
N GLY E 287 25.26 36.44 44.15
CA GLY E 287 24.39 35.89 45.16
C GLY E 287 23.96 34.47 44.86
N VAL E 288 24.24 33.55 45.77
CA VAL E 288 23.89 32.14 45.61
C VAL E 288 23.46 31.60 46.97
N THR E 289 22.26 31.02 47.04
CA THR E 289 21.78 30.41 48.28
C THR E 289 21.82 28.89 48.14
N PRO E 290 22.69 28.20 48.85
CA PRO E 290 22.79 26.75 48.69
C PRO E 290 21.72 26.00 49.48
N PHE E 291 21.56 24.73 49.15
CA PHE E 291 20.60 23.86 49.81
C PHE E 291 21.28 22.58 50.24
N VAL E 292 20.92 22.11 51.44
CA VAL E 292 21.47 20.89 52.02
C VAL E 292 20.32 20.05 52.56
N PHE E 293 20.36 18.74 52.29
CA PHE E 293 19.34 17.81 52.75
C PHE E 293 19.85 17.08 53.99
N THR E 294 19.10 17.17 55.08
CA THR E 294 19.49 16.51 56.32
C THR E 294 19.38 15.00 56.18
N ILE E 295 20.40 14.28 56.67
CA ILE E 295 20.37 12.82 56.62
C ILE E 295 19.26 12.28 57.52
N ARG E 296 19.05 12.90 58.68
CA ARG E 296 17.96 12.48 59.54
C ARG E 296 16.60 12.68 58.87
N GLU E 297 16.43 13.82 58.19
CA GLU E 297 15.22 14.02 57.41
C GLU E 297 15.19 13.10 56.19
N PHE E 298 16.36 12.75 55.66
CA PHE E 298 16.42 11.84 54.52
C PHE E 298 15.79 10.49 54.83
N CYS E 299 16.17 9.88 55.95
CA CYS E 299 15.59 8.60 56.32
C CYS E 299 14.15 8.76 56.78
N ALA E 300 13.84 9.84 57.50
CA ALA E 300 12.49 10.05 58.00
C ALA E 300 11.49 10.23 56.87
N ARG E 301 11.87 10.98 55.84
CA ARG E 301 10.96 11.25 54.72
C ARG E 301 10.94 10.14 53.69
N ARG E 302 11.79 9.12 53.83
CA ARG E 302 11.66 7.85 53.11
C ARG E 302 11.73 8.04 51.59
N MET E 303 12.92 8.45 51.13
CA MET E 303 13.27 8.34 49.70
C MET E 303 14.63 7.65 49.56
N LEU E 304 14.61 6.32 49.64
CA LEU E 304 15.77 5.50 49.30
C LEU E 304 15.89 5.19 47.80
N PRO E 305 14.84 4.70 47.13
CA PRO E 305 15.03 4.13 45.78
C PRO E 305 15.46 5.13 44.73
N TYR E 306 15.27 6.44 44.96
CA TYR E 306 15.58 7.42 43.93
C TYR E 306 17.07 7.52 43.63
N VAL E 307 17.93 6.94 44.48
CA VAL E 307 19.36 6.96 44.20
C VAL E 307 19.69 6.10 42.99
N PHE E 308 18.97 4.99 42.79
CA PHE E 308 19.17 4.13 41.62
C PHE E 308 18.56 4.80 40.40
N SER E 309 19.40 5.45 39.61
CA SER E 309 18.93 6.11 38.39
C SER E 309 18.43 5.12 37.36
N ASP E 310 18.99 3.92 37.33
CA ASP E 310 18.62 2.93 36.34
C ASP E 310 17.28 2.28 36.69
N ALA E 311 16.79 1.43 35.78
CA ALA E 311 15.52 0.77 36.00
C ALA E 311 15.62 -0.30 37.08
N SER E 312 16.80 -0.87 37.28
CA SER E 312 17.02 -1.94 38.27
C SER E 312 16.09 -3.13 38.01
N ALA E 313 15.86 -3.44 36.73
CA ALA E 313 14.97 -4.53 36.38
C ALA E 313 15.57 -5.88 36.71
N SER E 314 16.89 -6.02 36.58
CA SER E 314 17.54 -7.29 36.84
C SER E 314 17.39 -7.69 38.30
N LEU E 315 17.18 -8.98 38.53
CA LEU E 315 17.01 -9.55 39.87
C LEU E 315 15.81 -8.89 40.53
N ASN E 316 15.85 -8.73 41.85
CA ASN E 316 14.78 -8.12 42.64
C ASN E 316 15.33 -7.01 43.52
N LEU E 317 16.12 -6.12 42.91
CA LEU E 317 16.66 -4.98 43.65
C LEU E 317 15.55 -4.14 44.28
N GLY E 318 14.40 -4.04 43.62
CA GLY E 318 13.27 -3.35 44.22
C GLY E 318 12.83 -4.01 45.52
N PHE E 319 12.89 -5.34 45.57
CA PHE E 319 12.58 -6.04 46.82
C PHE E 319 13.57 -5.67 47.91
N VAL E 320 14.86 -5.61 47.57
CA VAL E 320 15.88 -5.26 48.55
C VAL E 320 15.70 -3.83 49.04
N ILE E 321 15.43 -2.90 48.11
CA ILE E 321 15.27 -1.50 48.49
C ILE E 321 14.04 -1.33 49.37
N GLY E 322 12.94 -1.99 49.02
CA GLY E 322 11.73 -1.86 49.82
C GLY E 322 11.90 -2.37 51.24
N ASN E 323 12.56 -3.51 51.40
CA ASN E 323 12.80 -4.06 52.73
C ASN E 323 13.73 -3.17 53.53
N ILE E 324 14.82 -2.69 52.92
CA ILE E 324 15.76 -1.83 53.63
C ILE E 324 15.10 -0.51 53.99
N GLU E 325 14.36 0.09 53.05
CA GLU E 325 13.72 1.38 53.33
C GLU E 325 12.69 1.26 54.44
N GLU E 326 11.92 0.17 54.45
CA GLU E 326 10.94 -0.03 55.51
C GLU E 326 11.62 -0.16 56.86
N LYS E 327 12.73 -0.91 56.92
CA LYS E 327 13.50 -1.00 58.16
C LYS E 327 14.16 0.33 58.50
N LEU E 328 14.57 1.08 57.48
CA LEU E 328 15.22 2.36 57.72
C LEU E 328 14.24 3.40 58.27
N PHE E 329 13.05 3.47 57.68
CA PHE E 329 12.08 4.48 58.10
C PHE E 329 11.64 4.29 59.54
N ARG E 330 11.35 3.04 59.94
CA ARG E 330 10.95 2.79 61.32
C ARG E 330 12.08 3.10 62.29
N LEU E 331 13.34 2.90 61.88
CA LEU E 331 14.47 3.26 62.73
C LEU E 331 14.52 4.75 62.97
N ALA E 332 14.30 5.55 61.92
CA ALA E 332 14.32 7.01 62.08
C ALA E 332 13.15 7.47 62.94
N ALA E 333 11.96 6.89 62.74
CA ALA E 333 10.80 7.29 63.52
C ALA E 333 10.98 6.93 65.00
N ALA E 334 11.56 5.77 65.29
CA ALA E 334 11.80 5.39 66.67
C ALA E 334 12.78 6.33 67.35
N GLN E 335 13.84 6.71 66.65
CA GLN E 335 14.84 7.62 67.19
C GLN E 335 14.36 9.07 67.08
N ILE E 376 27.22 11.42 56.45
CA ILE E 376 26.39 10.42 55.79
C ILE E 376 27.24 9.30 55.22
N SER E 377 28.55 9.48 55.21
CA SER E 377 29.46 8.42 54.78
C SER E 377 29.37 7.22 55.70
N TYR E 378 29.28 7.46 57.01
CA TYR E 378 29.14 6.36 57.96
C TYR E 378 27.85 5.58 57.74
N LEU E 379 26.79 6.26 57.24
CA LEU E 379 25.56 5.57 56.95
C LEU E 379 25.75 4.53 55.86
N GLU E 380 26.55 4.85 54.83
CA GLU E 380 26.91 3.85 53.83
C GLU E 380 27.71 2.73 54.46
N TYR E 381 28.63 3.07 55.37
CA TYR E 381 29.38 2.05 56.11
C TYR E 381 28.45 1.26 57.02
N LYS E 382 27.53 1.94 57.71
CA LYS E 382 26.58 1.24 58.58
C LYS E 382 25.67 0.32 57.78
N LEU E 383 25.17 0.80 56.63
CA LEU E 383 24.35 -0.04 55.79
C LEU E 383 25.14 -1.24 55.26
N LEU E 384 26.39 -1.01 54.88
CA LEU E 384 27.24 -2.12 54.44
C LEU E 384 27.52 -3.09 55.56
N GLU E 385 27.61 -2.59 56.80
CA GLU E 385 27.86 -3.46 57.95
C GLU E 385 26.71 -4.43 58.16
N GLU E 386 25.46 -3.96 58.01
CA GLU E 386 24.32 -4.84 58.19
C GLU E 386 24.27 -5.93 57.13
N ARG E 387 24.59 -5.58 55.89
CA ARG E 387 24.58 -6.54 54.79
C ARG E 387 25.91 -7.27 54.69
N PHE E 407 23.21 -8.77 44.78
CA PHE E 407 22.40 -7.57 45.02
C PHE E 407 23.05 -6.68 46.06
N THR E 408 23.93 -7.26 46.87
CA THR E 408 24.54 -6.52 47.97
C THR E 408 25.43 -5.38 47.46
N ARG E 409 26.37 -5.69 46.57
CA ARG E 409 27.34 -4.67 46.17
C ARG E 409 26.82 -3.75 45.09
N ARG E 410 25.94 -4.23 44.21
CA ARG E 410 25.30 -3.32 43.27
C ARG E 410 24.45 -2.29 44.00
N LEU E 411 24.02 -2.61 45.23
CA LEU E 411 23.48 -1.58 46.11
C LEU E 411 24.60 -0.69 46.64
N ARG E 412 25.70 -1.30 47.09
CA ARG E 412 26.83 -0.52 47.58
C ARG E 412 27.53 0.24 46.45
N GLY E 413 27.74 -0.42 45.31
CA GLY E 413 28.49 0.20 44.23
C GLY E 413 27.80 1.43 43.67
N VAL E 414 26.48 1.38 43.56
CA VAL E 414 25.73 2.57 43.14
C VAL E 414 25.89 3.69 44.17
N GLN E 415 25.81 3.33 45.46
CA GLN E 415 26.02 4.34 46.51
C GLN E 415 27.45 4.87 46.48
N LYS E 416 28.43 3.98 46.27
CA LYS E 416 29.83 4.41 46.22
C LYS E 416 30.06 5.35 45.05
N TYR E 417 29.47 5.04 43.89
CA TYR E 417 29.55 5.96 42.75
C TYR E 417 28.88 7.28 43.07
N LEU E 418 27.72 7.22 43.73
CA LEU E 418 26.94 8.41 44.03
C LEU E 418 27.51 9.22 45.20
N SER E 419 28.31 8.58 46.05
CA SER E 419 28.75 9.22 47.29
C SER E 419 29.50 10.53 47.09
N PRO E 420 30.53 10.63 46.23
CA PRO E 420 31.34 11.86 46.20
C PRO E 420 30.55 13.11 45.89
N LEU E 421 29.45 13.01 45.15
CA LEU E 421 28.65 14.17 44.77
C LEU E 421 27.48 14.42 45.71
N ILE E 422 27.31 13.60 46.75
CA ILE E 422 26.24 13.81 47.71
C ILE E 422 26.74 13.95 49.15
N ARG E 423 27.96 13.55 49.46
CA ARG E 423 28.48 13.74 50.81
C ARG E 423 28.55 15.23 51.16
N GLY E 424 28.72 16.09 50.16
CA GLY E 424 28.60 17.51 50.38
C GLY E 424 27.19 18.03 50.43
N ASP E 425 26.20 17.16 50.17
CA ASP E 425 24.80 17.53 50.22
C ASP E 425 24.03 16.84 51.34
N LEU E 426 24.60 15.80 51.94
CA LEU E 426 23.98 15.08 53.06
C LEU E 426 24.93 15.19 54.26
N THR E 427 24.69 16.18 55.12
CA THR E 427 25.54 16.39 56.28
C THR E 427 24.68 16.58 57.52
N PRO E 428 25.14 16.09 58.68
CA PRO E 428 24.43 16.37 59.94
C PRO E 428 24.88 17.69 60.55
N GLU E 429 23.94 18.61 60.76
CA GLU E 429 24.26 19.93 61.25
C GLU E 429 23.10 20.42 62.11
N GLN E 430 23.08 21.72 62.40
CA GLN E 430 22.05 22.34 63.22
C GLN E 430 21.23 23.39 62.48
N ALA E 431 21.81 24.10 61.52
CA ALA E 431 21.07 25.11 60.77
C ALA E 431 19.94 24.45 59.98
N GLU E 432 18.75 25.04 60.07
CA GLU E 432 17.56 24.49 59.43
C GLU E 432 17.07 25.30 58.25
N GLY E 433 17.49 26.56 58.13
CA GLY E 433 17.06 27.41 57.03
C GLY E 433 17.69 27.09 55.69
N TYR E 434 18.58 26.11 55.63
CA TYR E 434 19.24 25.75 54.38
C TYR E 434 18.42 24.80 53.52
N ARG E 435 17.23 24.41 53.97
CA ARG E 435 16.35 23.62 53.13
C ARG E 435 15.97 24.42 51.89
N PRO E 436 15.99 23.81 50.70
CA PRO E 436 15.71 24.59 49.48
C PRO E 436 14.37 25.29 49.50
N ASP E 437 13.34 24.64 50.04
CA ASP E 437 12.00 25.20 50.21
C ASP E 437 11.47 25.83 48.94
N PRO E 438 11.12 25.05 47.93
CA PRO E 438 10.37 25.62 46.80
C PRO E 438 9.01 26.09 47.26
N LEU E 439 8.46 27.07 46.53
CA LEU E 439 7.19 27.72 46.89
C LEU E 439 7.31 28.44 48.23
N ARG E 440 8.26 29.36 48.30
CA ARG E 440 8.50 30.16 49.50
C ARG E 440 7.52 31.33 49.56
N ARG E 441 7.77 32.28 50.45
CA ARG E 441 6.85 33.39 50.68
C ARG E 441 6.62 34.22 49.42
N GLY E 442 7.66 34.90 48.93
CA GLY E 442 7.55 35.56 47.64
C GLY E 442 8.70 35.23 46.71
N ILE E 443 8.40 34.46 45.66
CA ILE E 443 9.40 33.95 44.72
C ILE E 443 8.66 33.55 43.45
N GLN E 444 9.30 33.77 42.30
CA GLN E 444 8.72 33.41 41.02
C GLN E 444 9.44 32.26 40.34
N LEU E 445 10.76 32.33 40.19
CA LEU E 445 11.54 31.27 39.56
C LEU E 445 12.50 30.68 40.59
N THR E 446 12.97 29.46 40.29
CA THR E 446 13.89 28.76 41.18
C THR E 446 14.80 27.89 40.32
N VAL E 447 15.99 28.41 40.01
CA VAL E 447 16.99 27.67 39.24
C VAL E 447 17.78 26.79 40.19
N VAL E 448 17.93 25.52 39.83
CA VAL E 448 18.61 24.53 40.68
C VAL E 448 19.84 24.07 39.91
N ASP E 449 20.99 24.67 40.22
CA ASP E 449 22.24 24.40 39.51
C ASP E 449 22.75 23.02 39.90
N ILE E 450 22.56 22.04 39.02
CA ILE E 450 22.95 20.66 39.29
C ILE E 450 23.73 20.09 38.11
N HIS E 451 24.34 20.98 37.31
CA HIS E 451 25.06 20.53 36.11
C HIS E 451 26.30 19.72 36.47
N ALA E 452 27.02 20.12 37.52
CA ALA E 452 28.29 19.47 37.85
C ALA E 452 28.09 18.03 38.32
N LEU E 453 26.94 17.72 38.87
CA LEU E 453 26.68 16.37 39.37
C LEU E 453 26.58 15.38 38.20
N SER E 454 27.04 14.16 38.44
CA SER E 454 26.94 13.11 37.45
C SER E 454 25.48 12.68 37.28
N ALA E 455 25.22 11.94 36.19
CA ALA E 455 23.85 11.59 35.84
C ALA E 455 23.14 10.84 36.97
N HIS E 456 23.89 10.03 37.72
CA HIS E 456 23.29 9.37 38.88
C HIS E 456 22.87 10.39 39.93
N ALA E 457 23.69 11.40 40.16
CA ALA E 457 23.34 12.46 41.10
C ALA E 457 22.56 13.59 40.44
N GLN E 458 22.66 13.71 39.12
CA GLN E 458 21.95 14.77 38.41
C GLN E 458 20.44 14.59 38.54
N MET E 459 19.96 13.35 38.40
CA MET E 459 18.52 13.08 38.42
C MET E 459 18.02 12.64 39.78
N PHE E 460 18.90 12.40 40.76
CA PHE E 460 18.43 12.06 42.09
C PHE E 460 17.76 13.25 42.76
N VAL E 461 18.38 14.43 42.66
CA VAL E 461 17.80 15.63 43.24
C VAL E 461 16.52 16.03 42.51
N VAL E 462 16.36 15.62 41.25
CA VAL E 462 15.14 15.91 40.51
C VAL E 462 13.95 15.22 41.15
N GLY E 463 14.11 13.93 41.46
CA GLY E 463 13.01 13.17 42.02
C GLY E 463 12.58 13.66 43.40
N VAL E 464 13.55 13.88 44.28
CA VAL E 464 13.22 14.25 45.66
C VAL E 464 12.62 15.65 45.70
N LEU E 465 13.09 16.56 44.85
CA LEU E 465 12.49 17.89 44.78
C LEU E 465 11.07 17.83 44.24
N LEU E 466 10.83 16.95 43.26
CA LEU E 466 9.49 16.80 42.71
C LEU E 466 8.53 16.20 43.74
N ARG E 467 9.00 15.25 44.53
CA ARG E 467 8.15 14.67 45.57
C ARG E 467 7.82 15.69 46.64
N GLU E 468 8.76 16.59 46.95
CA GLU E 468 8.52 17.60 47.98
C GLU E 468 7.40 18.55 47.57
N VAL E 469 7.47 19.07 46.34
CA VAL E 469 6.44 20.01 45.87
C VAL E 469 5.12 19.29 45.65
N PHE E 470 5.16 18.06 45.12
CA PHE E 470 3.94 17.32 44.86
C PHE E 470 3.20 17.00 46.16
N GLU E 471 3.93 16.57 47.19
CA GLU E 471 3.29 16.28 48.47
C GLU E 471 2.72 17.54 49.10
N TYR E 472 3.46 18.65 49.04
CA TYR E 472 2.96 19.90 49.61
C TYR E 472 1.72 20.39 48.87
N LYS E 473 1.72 20.31 47.54
CA LYS E 473 0.57 20.75 46.78
C LYS E 473 -0.62 19.81 46.94
N GLU E 474 -0.37 18.54 47.25
CA GLU E 474 -1.46 17.59 47.45
C GLU E 474 -2.17 17.81 48.78
N ARG E 475 -1.40 18.07 49.84
CA ARG E 475 -2.00 18.22 51.16
C ARG E 475 -2.88 19.47 51.24
N VAL E 476 -2.35 20.61 50.82
CA VAL E 476 -3.10 21.86 50.84
C VAL E 476 -3.87 21.96 49.53
N GLY E 477 -4.86 22.85 49.47
CA GLY E 477 -5.59 23.09 48.24
C GLY E 477 -4.70 23.69 47.17
N ARG E 478 -5.23 23.69 45.94
CA ARG E 478 -4.46 24.17 44.81
C ARG E 478 -4.07 25.64 44.97
N GLN E 479 -5.08 26.53 44.95
CA GLN E 479 -4.98 27.93 45.35
C GLN E 479 -3.78 28.65 44.74
N ASP E 480 -3.19 28.10 43.69
CA ASP E 480 -1.96 28.62 43.11
C ASP E 480 -1.80 28.03 41.72
N THR E 481 -0.62 28.24 41.13
CA THR E 481 -0.26 27.65 39.84
C THR E 481 1.25 27.47 39.80
N VAL E 482 1.70 26.24 39.60
CA VAL E 482 3.11 25.90 39.64
C VAL E 482 3.51 25.36 38.28
N PHE E 483 4.49 26.00 37.65
CA PHE E 483 5.04 25.54 36.38
C PHE E 483 6.35 24.83 36.64
N VAL E 484 6.41 23.54 36.30
CA VAL E 484 7.61 22.73 36.45
C VAL E 484 8.19 22.51 35.06
N VAL E 485 9.42 22.99 34.84
CA VAL E 485 10.06 22.97 33.53
C VAL E 485 11.16 21.93 33.54
N LEU E 486 11.11 21.00 32.60
CA LEU E 486 12.13 19.97 32.42
C LEU E 486 12.84 20.18 31.09
N ASP E 487 14.02 19.58 30.98
CA ASP E 487 14.82 19.63 29.77
C ASP E 487 15.26 18.22 29.39
N GLU E 488 15.07 17.86 28.12
CA GLU E 488 15.51 16.57 27.59
C GLU E 488 14.91 15.42 28.42
N LEU E 489 13.58 15.37 28.36
CA LEU E 489 12.76 14.52 29.20
C LEU E 489 12.70 13.06 28.74
N ASN E 490 13.25 12.74 27.57
CA ASN E 490 13.12 11.37 27.05
C ASN E 490 13.80 10.35 27.95
N LYS E 491 14.99 10.69 28.48
CA LYS E 491 15.67 9.71 29.34
C LYS E 491 15.13 9.69 30.76
N TYR E 492 14.37 10.71 31.18
CA TYR E 492 13.81 10.69 32.53
C TYR E 492 12.67 9.68 32.63
N ALA E 493 11.79 9.64 31.65
CA ALA E 493 10.66 8.71 31.62
C ALA E 493 10.65 8.01 30.28
N PRO E 494 11.53 7.02 30.09
CA PRO E 494 11.58 6.30 28.82
C PRO E 494 10.54 5.19 28.78
N ARG E 495 10.54 4.46 27.65
CA ARG E 495 9.56 3.40 27.46
C ARG E 495 9.91 2.19 28.33
N GLU E 496 8.91 1.70 29.07
CA GLU E 496 9.01 0.49 29.88
C GLU E 496 10.11 0.58 30.94
N GLY E 497 10.50 1.78 31.33
CA GLY E 497 11.53 1.93 32.34
C GLY E 497 11.09 1.43 33.70
N ASP E 498 9.86 1.78 34.11
CA ASP E 498 9.31 1.42 35.41
C ASP E 498 10.19 1.91 36.56
N SER E 499 10.94 2.98 36.32
CA SER E 499 11.79 3.55 37.35
C SER E 499 10.95 4.32 38.37
N PRO E 500 11.43 4.44 39.61
CA PRO E 500 10.67 5.23 40.60
C PRO E 500 10.46 6.67 40.19
N ILE E 501 11.39 7.26 39.44
CA ILE E 501 11.20 8.62 38.93
C ILE E 501 10.06 8.63 37.91
N LYS E 502 9.93 7.57 37.11
CA LYS E 502 8.88 7.51 36.11
C LYS E 502 7.50 7.53 36.76
N ASP E 503 7.38 6.90 37.93
CA ASP E 503 6.10 6.92 38.65
C ASP E 503 5.72 8.34 39.05
N VAL E 504 6.71 9.14 39.45
CA VAL E 504 6.45 10.53 39.83
C VAL E 504 5.95 11.32 38.63
N LEU E 505 6.62 11.14 37.48
CA LEU E 505 6.20 11.85 36.27
C LEU E 505 4.83 11.39 35.80
N LEU E 506 4.53 10.10 35.95
CA LEU E 506 3.19 9.61 35.62
C LEU E 506 2.15 10.25 36.52
N ASP E 507 2.47 10.41 37.81
CA ASP E 507 1.53 11.03 38.75
C ASP E 507 1.22 12.47 38.36
N ILE E 508 2.24 13.22 37.95
CA ILE E 508 2.04 14.63 37.61
C ILE E 508 1.15 14.77 36.39
N ALA E 509 1.37 13.95 35.36
CA ALA E 509 0.65 14.14 34.11
C ALA E 509 -0.84 13.84 34.26
N GLU E 510 -1.18 12.74 34.92
CA GLU E 510 -2.58 12.32 35.00
C GLU E 510 -3.38 13.16 35.99
N ARG E 511 -2.78 13.55 37.11
CA ARG E 511 -3.47 14.28 38.16
C ARG E 511 -3.08 15.74 38.23
N GLY E 512 -2.35 16.25 37.24
CA GLY E 512 -1.90 17.64 37.28
C GLY E 512 -3.04 18.64 37.15
N ARG E 513 -4.07 18.31 36.36
CA ARG E 513 -5.14 19.28 36.11
C ARG E 513 -5.89 19.64 37.39
N SER E 514 -6.16 18.66 38.24
CA SER E 514 -6.88 18.93 39.48
C SER E 514 -6.09 19.89 40.38
N LEU E 515 -4.80 19.68 40.50
CA LEU E 515 -3.94 20.56 41.27
C LEU E 515 -3.45 21.71 40.38
N GLY E 516 -2.51 22.50 40.90
CA GLY E 516 -1.93 23.59 40.15
C GLY E 516 -0.63 23.27 39.44
N ILE E 517 -0.10 22.06 39.63
CA ILE E 517 1.18 21.72 39.02
C ILE E 517 1.00 21.46 37.53
N ILE E 518 1.84 22.10 36.71
CA ILE E 518 1.80 21.97 35.27
C ILE E 518 3.20 21.65 34.78
N LEU E 519 3.31 20.67 33.88
CA LEU E 519 4.60 20.24 33.34
C LEU E 519 4.82 20.87 31.98
N ILE E 520 6.01 21.42 31.78
CA ILE E 520 6.44 21.95 30.48
C ILE E 520 7.72 21.21 30.12
N GLY E 521 7.58 20.12 29.37
CA GLY E 521 8.69 19.26 29.06
C GLY E 521 9.31 19.56 27.71
N ALA E 522 10.56 19.12 27.55
CA ALA E 522 11.27 19.20 26.29
C ALA E 522 11.78 17.80 25.93
N GLN E 523 11.54 17.39 24.69
CA GLN E 523 11.88 16.05 24.24
C GLN E 523 12.74 16.14 22.98
N GLN E 524 13.05 14.98 22.41
CA GLN E 524 13.85 14.89 21.20
C GLN E 524 13.08 14.28 20.03
N THR E 525 12.50 13.10 20.22
CA THR E 525 11.81 12.40 19.15
C THR E 525 10.32 12.16 19.42
N ALA E 526 9.85 12.40 20.65
CA ALA E 526 8.45 12.22 21.03
C ALA E 526 8.00 10.77 20.89
N SER E 527 8.94 9.87 20.58
CA SER E 527 8.66 8.44 20.48
C SER E 527 9.34 7.63 21.58
N GLU E 528 10.49 8.08 22.07
CA GLU E 528 11.15 7.40 23.19
C GLU E 528 10.45 7.67 24.51
N VAL E 529 9.78 8.83 24.63
CA VAL E 529 9.06 9.16 25.85
C VAL E 529 7.87 8.21 26.02
N GLU E 530 7.48 8.00 27.27
CA GLU E 530 6.35 7.13 27.56
C GLU E 530 5.07 7.75 27.01
N ARG E 531 4.18 6.90 26.48
CA ARG E 531 3.09 7.38 25.65
C ARG E 531 2.03 8.15 26.44
N ARG E 532 1.86 7.84 27.72
CA ARG E 532 0.81 8.50 28.50
C ARG E 532 1.19 9.94 28.85
N ILE E 533 2.48 10.25 28.93
CA ILE E 533 2.92 11.62 29.20
C ILE E 533 2.52 12.54 28.05
N VAL E 534 2.76 12.10 26.81
CA VAL E 534 2.42 12.91 25.65
C VAL E 534 0.95 12.81 25.27
N SER E 535 0.24 11.80 25.78
CA SER E 535 -1.15 11.59 25.39
C SER E 535 -2.04 12.74 25.85
N ASN E 536 -1.86 13.20 27.09
CA ASN E 536 -2.72 14.22 27.67
C ASN E 536 -2.23 15.64 27.39
N ALA E 537 -1.10 15.81 26.71
CA ALA E 537 -0.61 17.14 26.40
C ALA E 537 -1.58 17.87 25.48
N ALA E 538 -1.88 19.12 25.82
CA ALA E 538 -2.80 19.92 25.03
C ALA E 538 -2.08 20.64 23.89
N ILE E 539 -1.08 21.45 24.21
CA ILE E 539 -0.34 22.23 23.23
C ILE E 539 0.93 21.47 22.85
N ARG E 540 1.11 21.22 21.57
CA ARG E 540 2.27 20.51 21.05
C ARG E 540 3.06 21.46 20.15
N VAL E 541 4.35 21.58 20.41
CA VAL E 541 5.24 22.45 19.64
C VAL E 541 6.39 21.61 19.11
N VAL E 542 6.69 21.76 17.82
CA VAL E 542 7.76 21.02 17.16
C VAL E 542 8.62 22.00 16.38
N GLY E 543 9.94 21.79 16.44
CA GLY E 543 10.86 22.66 15.73
C GLY E 543 11.94 21.91 14.97
N ARG E 544 11.97 22.09 13.65
CA ARG E 544 12.94 21.46 12.76
C ARG E 544 12.99 19.95 12.98
N LEU E 545 11.86 19.30 12.76
CA LEU E 545 11.79 17.85 12.87
C LEU E 545 12.67 17.21 11.81
N ASP E 546 13.45 16.21 12.22
CA ASP E 546 14.28 15.48 11.26
C ASP E 546 13.42 14.64 10.34
N LEU E 547 13.98 14.32 9.18
CA LEU E 547 13.23 13.57 8.17
C LEU E 547 12.87 12.17 8.64
N ALA E 548 13.59 11.63 9.63
CA ALA E 548 13.31 10.28 10.10
C ALA E 548 12.01 10.22 10.89
N GLU E 549 11.80 11.18 11.80
CA GLU E 549 10.64 11.17 12.68
C GLU E 549 9.48 11.99 12.15
N ALA E 550 9.57 12.51 10.93
CA ALA E 550 8.49 13.30 10.37
C ALA E 550 7.29 12.47 9.94
N GLU E 551 7.42 11.13 9.93
CA GLU E 551 6.34 10.26 9.48
C GLU E 551 5.92 9.24 10.53
N ARG E 552 6.39 9.37 11.78
CA ARG E 552 5.99 8.45 12.82
C ARG E 552 4.53 8.68 13.20
N PRO E 553 3.86 7.65 13.75
CA PRO E 553 2.45 7.82 14.14
C PRO E 553 2.22 8.92 15.16
N GLU E 554 3.18 9.19 16.03
CA GLU E 554 3.00 10.22 17.04
C GLU E 554 3.05 11.62 16.46
N TYR E 555 3.53 11.78 15.22
CA TYR E 555 3.56 13.06 14.53
C TYR E 555 2.54 13.14 13.41
N ARG E 556 1.43 12.42 13.56
CA ARG E 556 0.41 12.37 12.51
C ARG E 556 -0.50 13.60 12.51
N PHE E 557 -0.51 14.39 13.59
CA PHE E 557 -1.33 15.59 13.61
C PHE E 557 -0.86 16.63 12.60
N LEU E 558 0.40 16.58 12.21
CA LEU E 558 0.91 17.50 11.20
C LEU E 558 0.33 17.14 9.84
N PRO E 559 -0.29 18.09 9.13
CA PRO E 559 -0.77 17.78 7.78
C PRO E 559 0.38 17.42 6.85
N GLN E 560 0.08 16.53 5.90
CA GLN E 560 1.13 16.01 5.02
C GLN E 560 1.69 17.07 4.08
N SER E 561 1.05 18.23 3.97
CA SER E 561 1.60 19.34 3.20
C SER E 561 2.63 20.16 3.97
N PHE E 562 2.81 19.87 5.26
CA PHE E 562 3.78 20.60 6.08
C PHE E 562 5.05 19.80 6.36
N ARG E 563 5.04 18.49 6.15
CA ARG E 563 6.23 17.68 6.39
C ARG E 563 7.38 18.07 5.46
N GLY E 564 7.08 18.65 4.30
CA GLY E 564 8.12 19.13 3.41
C GLY E 564 8.75 20.44 3.82
N ARG E 565 8.20 21.11 4.83
CA ARG E 565 8.73 22.37 5.31
C ARG E 565 9.22 22.30 6.76
N ALA E 566 9.07 21.15 7.43
CA ALA E 566 9.58 21.02 8.78
C ALA E 566 11.11 21.10 8.81
N GLY E 567 11.77 20.46 7.85
CA GLY E 567 13.22 20.50 7.81
C GLY E 567 13.77 21.88 7.50
N ILE E 568 13.07 22.64 6.66
CA ILE E 568 13.52 23.97 6.26
C ILE E 568 13.57 24.93 7.46
N LEU E 569 12.81 24.65 8.51
CA LEU E 569 12.70 25.57 9.64
C LEU E 569 14.06 25.84 10.27
N GLN E 570 14.29 27.11 10.60
CA GLN E 570 15.52 27.59 11.21
C GLN E 570 15.28 28.02 12.65
N PRO E 571 16.33 28.08 13.47
CA PRO E 571 16.16 28.61 14.82
C PRO E 571 15.65 30.05 14.78
N GLY E 572 14.76 30.36 15.72
CA GLY E 572 14.03 31.61 15.69
C GLY E 572 12.63 31.50 15.12
N THR E 573 12.16 30.29 14.83
CA THR E 573 10.82 30.07 14.29
C THR E 573 10.37 28.68 14.69
N MET E 574 9.17 28.58 15.26
CA MET E 574 8.66 27.31 15.76
C MET E 574 7.24 27.10 15.28
N LEU E 575 6.85 25.82 15.22
CA LEU E 575 5.54 25.41 14.74
C LEU E 575 4.70 24.99 15.93
N VAL E 576 3.69 25.79 16.26
CA VAL E 576 2.85 25.59 17.44
C VAL E 576 1.50 25.04 16.99
N SER E 577 1.05 23.98 17.66
CA SER E 577 -0.25 23.37 17.39
C SER E 577 -1.01 23.24 18.71
N GLN E 578 -2.24 23.71 18.72
CA GLN E 578 -3.09 23.69 19.91
C GLN E 578 -4.50 23.29 19.51
N PRO E 579 -5.30 22.81 20.45
CA PRO E 579 -6.72 22.60 20.17
C PRO E 579 -7.41 23.93 19.89
N ASP E 580 -8.64 23.83 19.39
CA ASP E 580 -9.48 24.94 18.95
C ASP E 580 -8.95 25.58 17.66
N VAL E 581 -7.80 25.12 17.16
CA VAL E 581 -7.26 25.58 15.89
C VAL E 581 -6.99 24.34 15.03
N PRO E 582 -7.74 24.15 13.94
CA PRO E 582 -7.59 22.90 13.17
C PRO E 582 -6.23 22.72 12.53
N ASN E 583 -5.49 23.79 12.29
CA ASN E 583 -4.23 23.69 11.56
C ASN E 583 -3.10 24.33 12.34
N PRO E 584 -1.88 23.80 12.20
CA PRO E 584 -0.73 24.43 12.85
C PRO E 584 -0.36 25.75 12.19
N VAL E 585 0.22 26.64 12.99
CA VAL E 585 0.66 27.96 12.53
C VAL E 585 2.10 28.16 12.97
N LEU E 586 2.88 28.84 12.14
CA LEU E 586 4.29 29.09 12.43
C LEU E 586 4.44 30.46 13.09
N VAL E 587 5.21 30.50 14.18
CA VAL E 587 5.46 31.72 14.93
C VAL E 587 6.98 31.90 15.06
N ASN E 588 7.37 33.14 15.36
CA ASN E 588 8.77 33.49 15.57
C ASN E 588 8.91 34.20 16.92
N TYR E 589 9.55 33.55 17.87
CA TYR E 589 9.72 34.13 19.19
C TYR E 589 10.76 35.24 19.14
N PRO E 590 10.47 36.42 19.69
CA PRO E 590 11.46 37.49 19.71
C PRO E 590 12.63 37.15 20.61
N PHE E 591 13.77 37.78 20.31
CA PHE E 591 15.00 37.44 21.01
C PHE E 591 14.89 37.81 22.49
N PRO E 592 15.47 37.01 23.38
CA PRO E 592 15.31 37.26 24.82
C PRO E 592 16.01 38.53 25.26
N ALA E 593 15.48 39.12 26.33
CA ALA E 593 16.03 40.32 26.94
C ALA E 593 16.88 40.01 28.16
N TRP E 594 17.13 38.74 28.44
CA TRP E 594 17.95 38.32 29.58
C TRP E 594 19.20 37.64 29.06
N ALA E 595 20.35 38.03 29.62
CA ALA E 595 21.62 37.49 29.17
C ALA E 595 21.72 35.99 29.45
N THR E 596 22.43 35.29 28.57
CA THR E 596 22.66 33.86 28.73
C THR E 596 24.13 33.52 28.92
N ARG E 597 25.00 34.01 28.05
CA ARG E 597 26.43 33.72 28.16
C ARG E 597 27.09 34.70 29.12
N ARG E 598 28.05 34.18 29.89
CA ARG E 598 28.81 34.91 30.92
C ARG E 598 28.14 36.18 31.47
N ALA F 12 -42.39 21.80 -3.45
CA ALA F 12 -41.00 22.21 -3.53
C ALA F 12 -40.48 22.12 -4.95
N ASP F 13 -40.08 23.26 -5.51
CA ASP F 13 -39.54 23.28 -6.86
C ASP F 13 -38.23 22.52 -6.94
N ALA F 14 -38.00 21.84 -8.06
CA ALA F 14 -36.78 21.08 -8.24
C ALA F 14 -35.57 22.00 -8.29
N ILE F 15 -34.47 21.55 -7.68
CA ILE F 15 -33.26 22.36 -7.60
C ILE F 15 -32.27 22.04 -8.71
N GLY F 16 -32.67 21.25 -9.71
CA GLY F 16 -31.79 20.97 -10.82
C GLY F 16 -32.07 19.60 -11.41
N MET F 17 -31.30 19.28 -12.44
CA MET F 17 -31.38 18.01 -13.14
C MET F 17 -30.20 17.13 -12.76
N VAL F 18 -30.08 15.98 -13.44
CA VAL F 18 -29.06 14.99 -13.15
C VAL F 18 -28.04 14.99 -14.29
N LEU F 19 -26.77 15.17 -13.94
CA LEU F 19 -25.70 15.04 -14.92
C LEU F 19 -25.62 13.62 -15.44
N GLY F 20 -25.28 13.49 -16.72
CA GLY F 20 -25.13 12.18 -17.33
C GLY F 20 -23.76 11.95 -17.91
N THR F 21 -22.97 13.03 -18.07
CA THR F 21 -21.60 12.89 -18.50
C THR F 21 -20.75 12.16 -17.47
N GLU F 22 -21.21 12.10 -16.23
CA GLU F 22 -20.58 11.31 -15.19
C GLU F 22 -21.49 10.12 -14.87
N ASP F 23 -20.86 9.01 -14.50
CA ASP F 23 -21.61 7.77 -14.28
C ASP F 23 -22.68 7.96 -13.21
N VAL F 24 -23.86 7.39 -13.46
CA VAL F 24 -25.00 7.56 -12.58
C VAL F 24 -25.38 6.22 -11.97
N THR F 25 -24.37 5.38 -11.73
CA THR F 25 -24.48 4.12 -10.99
C THR F 25 -25.42 4.31 -9.80
N PRO F 26 -26.34 3.38 -9.54
CA PRO F 26 -27.38 3.63 -8.53
C PRO F 26 -26.83 4.05 -7.17
N THR F 27 -25.59 3.69 -6.84
CA THR F 27 -25.02 4.13 -5.57
C THR F 27 -24.69 5.63 -5.60
N VAL F 28 -24.05 6.10 -6.66
CA VAL F 28 -23.59 7.48 -6.75
C VAL F 28 -24.05 8.10 -8.07
N PHE F 29 -24.66 9.28 -8.00
CA PHE F 29 -25.07 9.97 -9.21
C PHE F 29 -24.93 11.48 -8.99
N TRP F 30 -24.27 12.15 -9.93
CA TRP F 30 -24.07 13.58 -9.87
C TRP F 30 -25.30 14.31 -10.39
N PHE F 31 -25.68 15.39 -9.72
CA PHE F 31 -26.81 16.21 -10.13
C PHE F 31 -26.38 17.67 -10.18
N ALA F 32 -26.87 18.38 -11.19
CA ALA F 32 -26.57 19.80 -11.36
C ALA F 32 -27.58 20.64 -10.58
N VAL F 33 -27.13 21.82 -10.15
CA VAL F 33 -28.00 22.78 -9.47
C VAL F 33 -28.29 23.92 -10.43
N SER F 34 -29.58 24.17 -10.68
CA SER F 34 -29.97 25.23 -11.60
C SER F 34 -29.92 26.59 -10.89
N HIS F 35 -30.18 27.65 -11.64
CA HIS F 35 -30.19 28.98 -11.07
C HIS F 35 -31.28 29.11 -10.02
N GLY F 36 -30.96 29.81 -8.93
CA GLY F 36 -31.91 29.96 -7.84
C GLY F 36 -31.39 29.41 -6.53
N ALA F 37 -32.02 28.34 -6.05
CA ALA F 37 -31.66 27.76 -4.76
C ALA F 37 -30.26 27.16 -4.80
N SER F 38 -29.61 27.17 -3.64
CA SER F 38 -28.27 26.62 -3.47
C SER F 38 -28.31 25.51 -2.42
N VAL F 39 -27.57 24.44 -2.69
CA VAL F 39 -27.53 23.27 -1.81
C VAL F 39 -26.15 23.17 -1.19
N GLY F 40 -26.11 22.88 0.11
CA GLY F 40 -24.88 22.71 0.84
C GLY F 40 -24.68 21.25 1.25
N LEU F 41 -23.52 21.01 1.85
CA LEU F 41 -23.17 19.65 2.26
C LEU F 41 -24.13 19.15 3.33
N ASP F 42 -24.34 17.83 3.34
CA ASP F 42 -25.22 17.17 4.30
C ASP F 42 -26.66 17.68 4.17
N ASP F 43 -27.20 17.57 2.96
CA ASP F 43 -28.59 17.88 2.68
C ASP F 43 -29.26 16.69 2.03
N LEU F 44 -30.49 16.41 2.43
CA LEU F 44 -31.21 15.24 1.95
C LEU F 44 -32.09 15.62 0.76
N VAL F 45 -31.95 14.88 -0.34
CA VAL F 45 -32.69 15.15 -1.56
C VAL F 45 -33.27 13.83 -2.07
N VAL F 46 -34.32 13.96 -2.89
CA VAL F 46 -35.01 12.82 -3.48
C VAL F 46 -35.19 13.07 -4.96
N VAL F 47 -35.16 12.00 -5.76
CA VAL F 47 -35.35 12.09 -7.20
C VAL F 47 -36.38 11.05 -7.62
N GLU F 48 -37.28 11.45 -8.52
CA GLU F 48 -38.25 10.53 -9.09
C GLU F 48 -37.72 9.99 -10.42
N THR F 49 -38.05 8.73 -10.70
CA THR F 49 -37.57 8.07 -11.90
C THR F 49 -38.69 7.21 -12.46
N ARG F 50 -39.12 7.52 -13.68
CA ARG F 50 -40.21 6.79 -14.33
C ARG F 50 -39.67 5.50 -14.92
N LYS F 51 -40.00 4.38 -14.29
CA LYS F 51 -39.66 3.08 -14.85
C LYS F 51 -40.40 2.88 -16.17
N PRO F 52 -39.79 2.20 -17.13
CA PRO F 52 -40.46 1.98 -18.43
C PRO F 52 -41.81 1.29 -18.30
N ASP F 53 -42.00 0.46 -17.27
CA ASP F 53 -43.30 -0.14 -17.02
C ASP F 53 -44.33 0.85 -16.51
N GLY F 54 -43.91 2.07 -16.14
CA GLY F 54 -44.80 3.10 -15.69
C GLY F 54 -44.83 3.31 -14.19
N THR F 55 -44.36 2.34 -13.42
CA THR F 55 -44.38 2.49 -11.97
C THR F 55 -43.30 3.49 -11.53
N PRO F 56 -43.64 4.44 -10.66
CA PRO F 56 -42.62 5.40 -10.20
C PRO F 56 -41.57 4.73 -9.33
N VAL F 57 -40.35 5.28 -9.42
CA VAL F 57 -39.24 4.85 -8.59
C VAL F 57 -38.64 6.10 -7.93
N ARG F 58 -38.37 6.00 -6.63
CA ARG F 58 -37.86 7.12 -5.86
C ARG F 58 -36.56 6.72 -5.19
N PHE F 59 -35.59 7.64 -5.20
CA PHE F 59 -34.30 7.43 -4.57
C PHE F 59 -34.13 8.41 -3.42
N TYR F 60 -33.61 7.93 -2.30
CA TYR F 60 -33.35 8.75 -1.13
C TYR F 60 -31.85 8.82 -0.89
N GLY F 61 -31.34 10.02 -0.64
CA GLY F 61 -29.92 10.18 -0.45
C GLY F 61 -29.57 11.55 0.10
N LEU F 62 -28.30 11.71 0.44
CA LEU F 62 -27.76 12.93 1.01
C LEU F 62 -26.54 13.38 0.23
N VAL F 63 -26.44 14.69 -0.01
CA VAL F 63 -25.29 15.25 -0.70
C VAL F 63 -24.13 15.38 0.28
N ASP F 64 -22.92 15.05 -0.18
CA ASP F 64 -21.76 15.17 0.68
C ASP F 64 -20.57 15.81 -0.03
N ASN F 65 -20.62 15.91 -1.35
CA ASN F 65 -19.57 16.55 -2.13
C ASN F 65 -20.19 17.56 -3.08
N VAL F 66 -19.72 18.80 -3.00
CA VAL F 66 -20.18 19.88 -3.86
C VAL F 66 -18.96 20.56 -4.47
N ARG F 67 -19.13 21.08 -5.69
CA ARG F 67 -18.02 21.73 -6.39
C ARG F 67 -18.58 22.76 -7.36
N LYS F 68 -17.69 23.66 -7.78
CA LYS F 68 -17.97 24.59 -8.86
C LYS F 68 -16.78 24.60 -9.80
N ARG F 69 -17.04 24.63 -11.10
CA ARG F 69 -15.99 24.62 -12.11
C ARG F 69 -16.24 25.72 -13.13
N HIS F 70 -15.19 26.46 -13.45
CA HIS F 70 -15.27 27.58 -14.39
C HIS F 70 -14.97 27.04 -15.78
N GLU F 71 -16.01 26.88 -16.59
CA GLU F 71 -15.91 26.23 -17.89
C GLU F 71 -15.96 27.27 -18.99
N GLY F 72 -15.03 27.17 -19.94
CA GLY F 72 -14.94 28.13 -21.03
C GLY F 72 -13.62 28.86 -21.03
N VAL F 73 -12.60 28.26 -20.43
CA VAL F 73 -11.26 28.83 -20.35
C VAL F 73 -10.25 27.78 -20.78
N THR F 74 -9.33 28.18 -21.67
CA THR F 74 -8.33 27.25 -22.18
C THR F 74 -7.17 27.11 -21.20
N PHE F 75 -6.46 28.22 -20.93
CA PHE F 75 -5.37 28.25 -19.97
C PHE F 75 -5.82 29.01 -18.73
N GLU F 76 -5.60 28.41 -17.57
CA GLU F 76 -6.14 28.93 -16.32
C GLU F 76 -5.41 30.19 -15.87
N SER F 77 -6.18 31.10 -15.26
CA SER F 77 -5.68 32.25 -14.51
C SER F 77 -5.09 33.33 -15.40
N ASP F 78 -5.00 33.08 -16.71
CA ASP F 78 -4.55 34.09 -17.64
C ASP F 78 -5.69 34.88 -18.27
N VAL F 79 -6.93 34.47 -18.03
CA VAL F 79 -8.10 35.16 -18.59
C VAL F 79 -9.11 35.40 -17.48
N GLU F 80 -8.74 35.10 -16.23
CA GLU F 80 -9.65 35.31 -15.11
C GLU F 80 -10.02 36.77 -14.98
N ASP F 81 -9.04 37.67 -15.10
CA ASP F 81 -9.34 39.10 -15.16
C ASP F 81 -10.15 39.44 -16.41
N VAL F 82 -9.83 38.80 -17.53
CA VAL F 82 -10.58 39.02 -18.77
C VAL F 82 -12.02 38.54 -18.61
N VAL F 83 -12.21 37.38 -17.98
CA VAL F 83 -13.55 36.85 -17.77
C VAL F 83 -14.38 37.79 -16.91
N ALA F 84 -13.75 38.38 -15.89
CA ALA F 84 -14.46 39.33 -15.05
C ALA F 84 -14.90 40.55 -15.85
N GLY F 85 -14.06 41.03 -16.76
CA GLY F 85 -14.43 42.15 -17.61
C GLY F 85 -15.34 41.76 -18.75
N LEU F 86 -14.84 40.96 -19.69
CA LEU F 86 -15.65 40.50 -20.82
C LEU F 86 -14.98 39.30 -21.47
N LEU F 87 -15.65 38.15 -21.45
CA LEU F 87 -15.23 36.94 -22.13
C LEU F 87 -16.34 35.90 -22.07
N PRO F 88 -16.53 35.10 -23.12
CA PRO F 88 -17.52 34.03 -23.05
C PRO F 88 -17.06 32.89 -22.13
N ALA F 89 -17.67 32.78 -20.96
CA ALA F 89 -17.30 31.78 -19.98
C ALA F 89 -18.57 31.27 -19.31
N SER F 90 -18.41 30.25 -18.46
CA SER F 90 -19.55 29.64 -17.77
C SER F 90 -19.10 29.06 -16.45
N VAL F 91 -20.06 28.92 -15.53
CA VAL F 91 -19.83 28.32 -14.23
C VAL F 91 -20.73 27.10 -14.09
N SER F 92 -20.19 26.04 -13.51
CA SER F 92 -20.90 24.78 -13.34
C SER F 92 -21.12 24.53 -11.85
N TYR F 93 -22.37 24.30 -11.47
CA TYR F 93 -22.74 24.09 -10.07
C TYR F 93 -23.33 22.68 -9.95
N ALA F 94 -22.48 21.72 -9.58
CA ALA F 94 -22.87 20.32 -9.45
C ALA F 94 -22.56 19.83 -8.05
N ALA F 95 -23.11 18.65 -7.72
CA ALA F 95 -22.91 18.06 -6.40
C ALA F 95 -23.18 16.58 -6.47
N ARG F 96 -22.35 15.79 -5.79
CA ARG F 96 -22.51 14.35 -5.75
C ARG F 96 -23.55 13.95 -4.71
N VAL F 97 -24.23 12.83 -4.96
CA VAL F 97 -25.25 12.31 -4.06
C VAL F 97 -24.93 10.86 -3.73
N LEU F 98 -24.93 10.52 -2.46
CA LEU F 98 -24.88 9.15 -1.99
C LEU F 98 -26.28 8.73 -1.58
N VAL F 99 -26.78 7.66 -2.19
CA VAL F 99 -28.16 7.22 -1.97
C VAL F 99 -28.27 6.51 -0.64
N THR F 100 -29.36 6.78 0.09
CA THR F 100 -29.61 6.09 1.35
C THR F 100 -30.38 4.79 1.13
N ARG F 101 -31.54 4.88 0.48
CA ARG F 101 -32.34 3.70 0.20
C ARG F 101 -33.28 4.00 -0.97
N VAL F 102 -33.54 2.96 -1.75
CA VAL F 102 -34.46 3.05 -2.88
C VAL F 102 -35.86 2.66 -2.39
N ASP F 103 -36.86 3.44 -2.79
CA ASP F 103 -38.22 3.20 -2.31
C ASP F 103 -38.74 1.82 -2.70
N PRO F 104 -38.64 1.37 -3.95
CA PRO F 104 -38.87 -0.04 -4.23
C PRO F 104 -37.59 -0.84 -4.13
N GLU F 105 -37.73 -2.13 -3.80
CA GLU F 105 -36.56 -2.99 -3.69
C GLU F 105 -36.02 -3.37 -5.05
N ASN F 106 -35.51 -2.38 -5.78
CA ASN F 106 -34.95 -2.58 -7.10
C ASN F 106 -33.76 -1.64 -7.28
N PHE F 107 -32.71 -2.13 -7.95
CA PHE F 107 -31.47 -1.38 -8.13
C PHE F 107 -31.30 -1.09 -9.62
N ILE F 108 -31.78 0.07 -10.05
CA ILE F 108 -31.63 0.50 -11.44
C ILE F 108 -31.05 1.91 -11.44
N PRO F 109 -30.35 2.32 -12.49
CA PRO F 109 -29.82 3.68 -12.55
C PRO F 109 -30.92 4.68 -12.88
N PRO F 110 -30.98 5.81 -12.19
CA PRO F 110 -31.95 6.85 -12.55
C PRO F 110 -31.63 7.44 -13.91
N GLN F 111 -32.68 7.86 -14.61
CA GLN F 111 -32.52 8.41 -15.94
C GLN F 111 -31.83 9.77 -15.87
N PRO F 112 -30.71 9.97 -16.58
CA PRO F 112 -30.06 11.29 -16.57
C PRO F 112 -30.90 12.33 -17.28
N GLY F 113 -31.46 13.26 -16.51
CA GLY F 113 -32.35 14.26 -17.05
C GLY F 113 -33.62 14.40 -16.23
N ASP F 114 -33.65 13.75 -15.08
CA ASP F 114 -34.79 13.81 -14.18
C ASP F 114 -34.62 14.92 -13.16
N HIS F 115 -35.73 15.32 -12.56
CA HIS F 115 -35.76 16.43 -11.60
C HIS F 115 -35.53 15.90 -10.19
N VAL F 116 -34.75 16.65 -9.41
CA VAL F 116 -34.45 16.31 -8.03
C VAL F 116 -34.97 17.43 -7.14
N ARG F 117 -35.59 17.05 -6.02
CA ARG F 117 -36.19 18.00 -5.10
C ARG F 117 -35.82 17.65 -3.67
N HIS F 118 -35.83 18.65 -2.80
CA HIS F 118 -35.51 18.45 -1.40
C HIS F 118 -36.64 17.72 -0.69
N ALA F 119 -36.30 17.05 0.40
CA ALA F 119 -37.28 16.36 1.23
C ALA F 119 -37.81 17.30 2.30
N ALA F 120 -39.13 17.42 2.39
CA ALA F 120 -39.75 18.35 3.31
C ALA F 120 -40.71 17.69 4.29
N GLY F 121 -41.50 16.71 3.84
CA GLY F 121 -42.49 16.10 4.71
C GLY F 121 -42.28 14.61 4.92
N ARG F 122 -43.23 13.80 4.45
CA ARG F 122 -43.13 12.35 4.61
C ARG F 122 -41.93 11.78 3.87
N GLU F 123 -41.49 12.46 2.80
CA GLU F 123 -40.31 12.01 2.07
C GLU F 123 -39.08 12.05 2.96
N LEU F 124 -38.97 13.05 3.82
CA LEU F 124 -37.86 13.10 4.77
C LEU F 124 -37.92 11.93 5.75
N ALA F 125 -39.13 11.59 6.20
CA ALA F 125 -39.28 10.45 7.11
C ALA F 125 -38.85 9.16 6.44
N MET F 126 -39.24 8.96 5.17
CA MET F 126 -38.84 7.77 4.44
C MET F 126 -37.35 7.77 4.14
N ALA F 127 -36.71 8.94 4.09
CA ALA F 127 -35.27 9.01 3.86
C ALA F 127 -34.48 8.59 5.08
N LEU F 128 -34.97 8.90 6.27
CA LEU F 128 -34.31 8.56 7.52
C LEU F 128 -34.80 7.24 8.11
N SER F 129 -35.49 6.43 7.31
CA SER F 129 -36.01 5.13 7.74
C SER F 129 -36.94 5.29 8.95
N ALA F 130 -37.71 6.37 8.97
CA ALA F 130 -38.67 6.59 10.05
C ALA F 130 -39.88 5.68 9.97
N ASP F 131 -40.08 4.99 8.83
CA ASP F 131 -41.18 4.04 8.74
C ASP F 131 -40.96 2.84 9.65
N LYS F 132 -39.71 2.44 9.86
CA LYS F 132 -39.40 1.35 10.77
C LYS F 132 -39.60 1.74 12.23
N MET F 133 -39.78 3.03 12.52
CA MET F 133 -40.00 3.53 13.87
C MET F 133 -41.26 4.41 13.86
N GLU F 134 -42.41 3.77 14.01
CA GLU F 134 -43.68 4.48 13.98
C GLU F 134 -44.12 4.97 15.35
N GLU F 135 -43.61 4.35 16.42
CA GLU F 135 -44.03 4.65 17.77
C GLU F 135 -42.94 5.36 18.58
N ALA F 136 -41.72 4.83 18.56
CA ALA F 136 -40.62 5.38 19.35
C ALA F 136 -39.85 6.41 18.52
N ALA F 137 -40.59 7.37 17.98
CA ALA F 137 -40.00 8.49 17.27
C ALA F 137 -39.49 9.50 18.29
N PHE F 138 -38.18 9.65 18.36
CA PHE F 138 -37.54 10.41 19.43
C PHE F 138 -36.73 11.56 18.84
N PRO F 139 -37.05 12.82 19.17
CA PRO F 139 -36.27 13.95 18.66
C PRO F 139 -34.94 14.07 19.38
N GLY F 140 -33.86 13.74 18.68
CA GLY F 140 -32.53 13.78 19.26
C GLY F 140 -31.72 14.98 18.84
N GLY F 141 -32.38 15.98 18.27
CA GLY F 141 -31.70 17.18 17.84
C GLY F 141 -32.43 17.82 16.68
N LEU F 142 -31.87 18.92 16.20
CA LEU F 142 -32.43 19.68 15.09
C LEU F 142 -31.49 19.62 13.90
N LEU F 143 -32.06 19.52 12.71
CA LEU F 143 -31.30 19.42 11.47
C LEU F 143 -30.86 20.82 11.03
N ALA F 144 -30.30 20.91 9.82
CA ALA F 144 -29.95 22.20 9.26
C ALA F 144 -31.19 23.06 9.05
N ASP F 145 -32.29 22.44 8.64
CA ASP F 145 -33.57 23.12 8.52
C ASP F 145 -34.41 22.82 9.77
N GLY F 146 -35.64 23.33 9.78
CA GLY F 146 -36.48 23.22 10.96
C GLY F 146 -37.26 21.93 11.05
N GLN F 147 -36.60 20.79 10.82
CA GLN F 147 -37.20 19.47 11.02
C GLN F 147 -36.34 18.72 12.01
N PRO F 148 -36.88 18.26 13.14
CA PRO F 148 -36.09 17.47 14.08
C PRO F 148 -35.68 16.14 13.48
N LEU F 149 -34.50 15.65 13.91
CA LEU F 149 -34.02 14.35 13.47
C LEU F 149 -34.57 13.29 14.40
N PRO F 150 -35.45 12.39 13.93
CA PRO F 150 -35.99 11.36 14.81
C PRO F 150 -35.11 10.13 14.90
N LEU F 151 -34.65 9.79 16.10
CA LEU F 151 -33.95 8.54 16.34
C LEU F 151 -34.88 7.58 17.08
N ASN F 152 -34.45 6.33 17.19
CA ASN F 152 -35.27 5.28 17.77
C ASN F 152 -34.86 5.06 19.21
N PHE F 153 -35.83 5.18 20.13
CA PHE F 153 -35.58 4.88 21.54
C PHE F 153 -35.41 3.39 21.79
N ARG F 154 -35.84 2.55 20.86
CA ARG F 154 -35.71 1.11 21.04
C ARG F 154 -34.24 0.69 21.11
N PHE F 155 -33.39 1.29 20.27
CA PHE F 155 -31.98 0.96 20.28
C PHE F 155 -31.23 1.55 21.46
N ILE F 156 -31.86 2.44 22.23
CA ILE F 156 -31.22 3.05 23.39
C ILE F 156 -31.49 2.26 24.65
N ASN F 157 -32.73 1.86 24.87
CA ASN F 157 -33.10 1.09 26.06
C ASN F 157 -32.75 -0.38 25.83
N GLY F 158 -33.18 -1.25 26.73
CA GLY F 158 -32.76 -2.63 26.72
C GLY F 158 -33.71 -3.59 26.02
N GLU F 159 -34.62 -3.07 25.19
CA GLU F 159 -35.53 -3.96 24.47
C GLU F 159 -34.80 -4.80 23.44
N SER F 160 -33.73 -4.26 22.84
CA SER F 160 -32.90 -5.01 21.91
C SER F 160 -31.41 -4.90 22.20
N GLY F 161 -31.02 -4.22 23.28
CA GLY F 161 -29.62 -4.06 23.60
C GLY F 161 -28.95 -2.95 22.81
N GLY F 162 -28.09 -2.20 23.48
CA GLY F 162 -27.40 -1.09 22.83
C GLY F 162 -27.35 0.15 23.69
N HIS F 163 -26.15 0.69 23.90
CA HIS F 163 -25.96 1.87 24.72
C HIS F 163 -25.75 3.09 23.84
N ILE F 164 -25.43 4.22 24.46
CA ILE F 164 -25.13 5.47 23.78
C ILE F 164 -23.68 5.84 24.06
N ASN F 165 -22.94 6.14 23.01
CA ASN F 165 -21.52 6.48 23.11
C ASN F 165 -21.30 7.87 22.54
N ILE F 166 -20.68 8.74 23.33
CA ILE F 166 -20.36 10.10 22.92
C ILE F 166 -18.86 10.26 22.89
N SER F 167 -18.33 10.72 21.76
CA SER F 167 -16.89 10.87 21.60
C SER F 167 -16.60 12.24 21.00
N GLY F 168 -15.34 12.65 21.11
CA GLY F 168 -14.90 13.93 20.60
C GLY F 168 -13.89 14.56 21.53
N ILE F 169 -13.15 15.54 21.00
CA ILE F 169 -12.15 16.21 21.79
C ILE F 169 -12.82 17.09 22.85
N SER F 170 -12.18 17.18 24.02
CA SER F 170 -12.73 17.99 25.09
C SER F 170 -12.38 19.46 24.89
N GLY F 171 -12.96 20.31 25.74
CA GLY F 171 -12.72 21.73 25.63
C GLY F 171 -13.69 22.43 24.70
N VAL F 172 -13.26 22.68 23.47
CA VAL F 172 -14.10 23.40 22.51
C VAL F 172 -15.38 22.63 22.22
N ALA F 173 -15.29 21.31 22.05
CA ALA F 173 -16.45 20.48 21.72
C ALA F 173 -17.11 20.04 23.02
N THR F 174 -18.20 20.70 23.39
CA THR F 174 -18.92 20.34 24.60
C THR F 174 -19.58 18.97 24.44
N LYS F 175 -19.38 18.11 25.42
CA LYS F 175 -19.93 16.75 25.42
C LYS F 175 -20.94 16.50 26.52
N THR F 176 -20.69 17.01 27.73
CA THR F 176 -21.64 16.83 28.81
C THR F 176 -22.95 17.58 28.54
N SER F 177 -22.87 18.72 27.86
CA SER F 177 -24.07 19.50 27.58
C SER F 177 -25.03 18.73 26.69
N TYR F 178 -24.52 18.03 25.68
CA TYR F 178 -25.38 17.23 24.81
C TYR F 178 -25.96 16.04 25.56
N ALA F 179 -25.18 15.44 26.46
CA ALA F 179 -25.67 14.31 27.25
C ALA F 179 -26.86 14.72 28.10
N LEU F 180 -26.81 15.90 28.72
CA LEU F 180 -27.96 16.41 29.45
C LEU F 180 -29.14 16.67 28.52
N PHE F 181 -28.87 17.18 27.32
CA PHE F 181 -29.95 17.44 26.37
C PHE F 181 -30.69 16.17 26.01
N LEU F 182 -29.96 15.08 25.79
CA LEU F 182 -30.60 13.80 25.51
C LEU F 182 -31.45 13.35 26.70
N LEU F 183 -30.92 13.48 27.91
CA LEU F 183 -31.68 13.11 29.10
C LEU F 183 -32.91 13.99 29.29
N HIS F 184 -32.76 15.30 29.04
CA HIS F 184 -33.91 16.20 29.14
C HIS F 184 -34.97 15.86 28.10
N SER F 185 -34.53 15.42 26.92
CA SER F 185 -35.48 15.04 25.88
C SER F 185 -36.14 13.71 26.18
N ILE F 186 -35.42 12.79 26.84
CA ILE F 186 -36.00 11.50 27.19
C ILE F 186 -37.14 11.67 28.19
N PHE F 187 -36.90 12.45 29.25
CA PHE F 187 -37.87 12.54 30.34
C PHE F 187 -39.06 13.41 29.99
N ARG F 188 -38.94 14.30 29.00
CA ARG F 188 -39.98 15.28 28.72
C ARG F 188 -40.79 15.00 27.47
N SER F 189 -40.18 14.40 26.44
CA SER F 189 -40.92 14.11 25.22
C SER F 189 -42.03 13.09 25.43
N GLY F 190 -41.97 12.31 26.50
CA GLY F 190 -43.00 11.33 26.79
C GLY F 190 -42.87 10.03 26.03
N VAL F 191 -41.68 9.71 25.52
CA VAL F 191 -41.51 8.47 24.78
C VAL F 191 -41.67 7.25 25.69
N MET F 192 -41.25 7.37 26.96
CA MET F 192 -41.42 6.25 27.88
C MET F 192 -42.89 5.95 28.14
N ASP F 193 -43.72 6.99 28.26
CA ASP F 193 -45.15 6.79 28.48
C ASP F 193 -45.79 6.07 27.31
N ARG F 194 -45.44 6.44 26.08
CA ARG F 194 -45.99 5.76 24.91
C ARG F 194 -45.54 4.31 24.85
N THR F 195 -44.27 4.04 25.17
CA THR F 195 -43.79 2.67 25.16
C THR F 195 -44.40 1.86 26.30
N ALA F 196 -44.55 2.47 27.48
CA ALA F 196 -45.07 1.74 28.64
C ALA F 196 -46.51 1.29 28.42
N GLN F 197 -47.34 2.17 27.87
CA GLN F 197 -48.74 1.83 27.67
C GLN F 197 -48.90 0.71 26.65
N GLY F 198 -49.92 -0.11 26.85
CA GLY F 198 -50.10 -1.30 26.03
C GLY F 198 -48.99 -2.30 26.18
N SER F 199 -48.55 -2.53 27.42
CA SER F 199 -47.44 -3.46 27.67
C SER F 199 -47.82 -4.89 27.28
N GLY F 200 -49.00 -5.34 27.69
CA GLY F 200 -49.41 -6.70 27.42
C GLY F 200 -48.50 -7.74 28.05
N GLY F 201 -48.09 -7.52 29.29
CA GLY F 201 -47.16 -8.43 29.94
C GLY F 201 -45.70 -8.11 29.69
N ARG F 202 -45.38 -6.89 29.26
CA ARG F 202 -44.00 -6.52 29.01
C ARG F 202 -43.23 -6.44 30.31
N GLN F 203 -41.91 -6.72 30.23
CA GLN F 203 -41.07 -6.67 31.41
C GLN F 203 -41.03 -5.26 32.02
N SER F 204 -40.92 -4.24 31.16
CA SER F 204 -40.92 -2.85 31.59
C SER F 204 -42.19 -2.18 31.10
N GLY F 205 -42.95 -1.62 32.03
CA GLY F 205 -44.19 -0.95 31.68
C GLY F 205 -44.43 0.31 32.49
N THR F 206 -43.36 0.90 33.02
CA THR F 206 -43.45 2.11 33.81
C THR F 206 -42.46 3.15 33.28
N ALA F 207 -42.89 4.41 33.27
CA ALA F 207 -42.05 5.52 32.83
C ALA F 207 -41.29 6.11 34.02
N GLY F 208 -40.54 5.24 34.70
CA GLY F 208 -39.79 5.64 35.88
C GLY F 208 -38.34 5.90 35.60
N GLY F 209 -38.05 6.57 34.49
CA GLY F 209 -36.68 6.88 34.12
C GLY F 209 -35.97 7.73 35.14
N ARG F 210 -34.84 7.24 35.66
CA ARG F 210 -34.06 7.95 36.66
C ARG F 210 -32.63 8.09 36.16
N ALA F 211 -32.03 9.26 36.38
CA ALA F 211 -30.69 9.56 35.89
C ALA F 211 -29.74 9.78 37.05
N LEU F 212 -28.57 9.17 36.95
CA LEU F 212 -27.48 9.36 37.91
C LEU F 212 -26.31 9.99 37.16
N ILE F 213 -25.86 11.15 37.64
CA ILE F 213 -24.88 11.96 36.92
C ILE F 213 -23.67 12.20 37.81
N PHE F 214 -22.48 11.98 37.26
CA PHE F 214 -21.22 12.22 37.93
C PHE F 214 -20.46 13.33 37.20
N ASN F 215 -19.91 14.28 37.96
CA ASN F 215 -19.15 15.38 37.39
C ASN F 215 -17.84 15.55 38.14
N VAL F 216 -16.82 16.01 37.42
CA VAL F 216 -15.51 16.26 38.01
C VAL F 216 -14.99 17.67 37.76
N LYS F 217 -15.55 18.41 36.80
CA LYS F 217 -15.12 19.76 36.48
C LYS F 217 -15.90 20.77 37.31
N GLY F 218 -15.81 22.05 36.94
CA GLY F 218 -16.45 23.13 37.67
C GLY F 218 -17.94 22.98 37.90
N GLU F 219 -18.50 23.90 38.69
CA GLU F 219 -19.87 23.78 39.18
C GLU F 219 -20.91 24.34 38.22
N ASP F 220 -20.62 24.37 36.92
CA ASP F 220 -21.65 24.70 35.95
C ASP F 220 -22.73 23.64 35.91
N LEU F 221 -22.40 22.41 36.31
CA LEU F 221 -23.35 21.31 36.40
C LEU F 221 -23.99 21.20 37.79
N LEU F 222 -24.04 22.30 38.53
CA LEU F 222 -24.59 22.29 39.88
C LEU F 222 -26.02 22.80 39.94
N PHE F 223 -26.31 23.89 39.26
CA PHE F 223 -27.62 24.56 39.36
C PHE F 223 -28.60 24.07 38.30
N LEU F 224 -28.77 22.75 38.21
CA LEU F 224 -29.73 22.20 37.27
C LEU F 224 -31.16 22.57 37.65
N ASP F 225 -31.46 22.58 38.94
CA ASP F 225 -32.84 22.86 39.38
C ASP F 225 -33.25 24.28 39.03
N LYS F 226 -32.40 25.26 39.34
CA LYS F 226 -32.75 26.64 39.09
C LYS F 226 -32.69 26.95 37.59
N PRO F 227 -33.66 27.67 37.06
CA PRO F 227 -33.61 28.11 35.67
C PRO F 227 -32.77 29.38 35.53
N ASN F 228 -32.64 29.84 34.29
CA ASN F 228 -31.88 31.04 34.01
C ASN F 228 -32.43 31.70 32.76
N ALA F 229 -32.17 33.00 32.61
CA ALA F 229 -32.68 33.77 31.50
C ALA F 229 -31.62 34.43 30.64
N ARG F 230 -30.34 34.39 31.05
CA ARG F 230 -29.31 35.08 30.27
C ARG F 230 -29.02 34.36 28.95
N MET F 231 -29.25 33.05 28.90
CA MET F 231 -29.07 32.32 27.65
C MET F 231 -30.28 32.45 26.73
N VAL F 232 -31.40 32.96 27.23
CA VAL F 232 -32.56 33.18 26.38
C VAL F 232 -32.25 34.24 25.31
N GLU F 233 -31.59 35.32 25.73
CA GLU F 233 -31.27 36.39 24.79
C GLU F 233 -30.33 35.91 23.68
N LYS F 234 -29.29 35.17 24.05
CA LYS F 234 -28.35 34.68 23.04
C LYS F 234 -28.97 33.61 22.17
N GLU F 235 -29.88 32.81 22.74
CA GLU F 235 -30.64 31.86 21.92
C GLU F 235 -31.53 32.59 20.92
N ASP F 236 -32.16 33.68 21.36
CA ASP F 236 -32.94 34.51 20.43
C ASP F 236 -32.04 35.21 19.42
N LYS F 237 -30.79 35.48 19.81
CA LYS F 237 -29.86 36.13 18.89
C LYS F 237 -29.40 35.17 17.79
N VAL F 238 -29.06 33.93 18.17
CA VAL F 238 -28.56 32.97 17.20
C VAL F 238 -29.66 32.51 16.25
N VAL F 239 -30.91 32.45 16.73
CA VAL F 239 -31.99 31.95 15.89
C VAL F 239 -32.33 32.94 14.77
N ARG F 240 -32.28 34.25 15.04
CA ARG F 240 -32.59 35.21 13.99
C ARG F 240 -31.48 35.28 12.95
N ALA F 241 -30.24 35.07 13.36
CA ALA F 241 -29.12 35.10 12.41
C ALA F 241 -29.16 33.90 11.48
N LYS F 242 -29.41 32.70 12.05
CA LYS F 242 -29.48 31.50 11.22
C LYS F 242 -30.76 31.47 10.41
N GLY F 243 -31.89 31.79 11.04
CA GLY F 243 -33.17 31.79 10.34
C GLY F 243 -34.00 30.56 10.64
N LEU F 244 -34.99 30.70 11.51
CA LEU F 244 -35.85 29.58 11.89
C LEU F 244 -37.26 30.10 12.13
N SER F 245 -38.22 29.17 12.10
CA SER F 245 -39.62 29.55 12.27
C SER F 245 -39.89 30.11 13.65
N ALA F 246 -39.38 29.46 14.69
CA ALA F 246 -39.64 29.87 16.06
C ALA F 246 -38.44 29.48 16.92
N ASP F 247 -38.62 29.47 18.23
CA ASP F 247 -37.56 29.06 19.14
C ASP F 247 -37.20 27.61 18.92
N ARG F 248 -35.92 27.30 19.14
CA ARG F 248 -35.43 25.94 18.89
C ARG F 248 -36.13 24.93 19.79
N TYR F 249 -36.31 25.27 21.07
CA TYR F 249 -37.01 24.37 21.97
C TYR F 249 -38.45 24.15 21.54
N ALA F 250 -39.15 25.23 21.17
CA ALA F 250 -40.52 25.10 20.70
C ALA F 250 -40.58 24.33 19.39
N LEU F 251 -39.61 24.53 18.50
CA LEU F 251 -39.59 23.83 17.23
C LEU F 251 -39.43 22.33 17.42
N LEU F 252 -38.57 21.93 18.35
CA LEU F 252 -38.34 20.51 18.62
C LEU F 252 -39.51 19.86 19.36
N GLY F 253 -40.43 20.65 19.91
CA GLY F 253 -41.54 20.12 20.68
C GLY F 253 -41.25 19.96 22.16
N LEU F 254 -40.01 20.16 22.60
CA LEU F 254 -39.67 20.04 24.00
C LEU F 254 -39.93 21.37 24.70
N PRO F 255 -40.80 21.42 25.70
CA PRO F 255 -41.01 22.67 26.44
C PRO F 255 -39.73 23.14 27.12
N ALA F 256 -39.55 24.45 27.16
CA ALA F 256 -38.34 25.07 27.70
C ALA F 256 -38.23 24.98 29.22
N GLU F 257 -39.12 24.25 29.90
CA GLU F 257 -39.01 24.12 31.34
C GLU F 257 -37.74 23.37 31.71
N PRO F 258 -37.00 23.82 32.73
CA PRO F 258 -35.78 23.11 33.15
C PRO F 258 -36.08 21.81 33.86
N PHE F 259 -35.05 21.17 34.38
CA PHE F 259 -35.22 19.88 35.04
C PHE F 259 -36.14 20.00 36.25
N ARG F 260 -36.93 18.94 36.48
CA ARG F 260 -37.75 18.86 37.67
C ARG F 260 -36.87 18.91 38.92
N ASP F 261 -37.41 19.49 39.99
CA ASP F 261 -36.64 19.62 41.23
C ASP F 261 -36.14 18.27 41.72
N VAL F 262 -34.83 18.07 41.65
CA VAL F 262 -34.20 16.78 41.94
C VAL F 262 -33.18 16.98 43.04
N GLN F 263 -33.04 15.95 43.88
CA GLN F 263 -32.10 16.01 45.00
C GLN F 263 -30.67 16.04 44.48
N LEU F 264 -29.81 16.75 45.20
CA LEU F 264 -28.38 16.82 44.92
C LEU F 264 -27.63 16.59 46.23
N LEU F 265 -26.50 15.89 46.15
CA LEU F 265 -25.79 15.43 47.32
C LEU F 265 -24.31 15.77 47.24
N ALA F 266 -23.72 16.09 48.38
CA ALA F 266 -22.31 16.40 48.51
C ALA F 266 -21.82 15.85 49.85
N PRO F 267 -20.53 15.56 49.99
CA PRO F 267 -20.03 15.07 51.27
C PRO F 267 -20.20 16.10 52.35
N PRO F 268 -20.41 15.67 53.60
CA PRO F 268 -20.67 16.64 54.68
C PRO F 268 -19.51 17.61 54.92
N ARG F 269 -18.27 17.15 54.81
CA ARG F 269 -17.14 18.06 54.98
C ARG F 269 -17.10 19.11 53.89
N ALA F 270 -17.34 18.71 52.64
CA ALA F 270 -17.41 19.67 51.55
C ALA F 270 -18.66 20.53 51.66
N GLY F 271 -19.72 20.01 52.29
CA GLY F 271 -20.93 20.80 52.48
C GLY F 271 -20.65 22.04 53.34
N ALA F 272 -19.87 21.88 54.40
CA ALA F 272 -19.50 23.03 55.23
C ALA F 272 -18.56 23.97 54.48
N ALA F 273 -17.57 23.40 53.77
CA ALA F 273 -16.59 24.24 53.09
C ALA F 273 -17.21 24.96 51.89
N GLY F 274 -17.94 24.23 51.05
CA GLY F 274 -18.52 24.84 49.86
C GLY F 274 -19.75 25.67 50.19
N THR F 275 -20.56 25.24 51.16
CA THR F 275 -21.76 25.98 51.55
C THR F 275 -21.70 26.38 53.01
N GLN F 283 -20.60 25.64 46.72
CA GLN F 283 -20.87 27.01 46.28
C GLN F 283 -22.37 27.31 46.38
N ARG F 284 -23.17 26.27 46.51
CA ARG F 284 -24.62 26.38 46.62
C ARG F 284 -25.03 26.13 48.06
N SER F 285 -25.56 27.16 48.71
CA SER F 285 -26.01 27.06 50.09
C SER F 285 -27.52 26.95 50.21
N GLU F 286 -28.24 26.76 49.10
CA GLU F 286 -29.68 26.64 49.14
C GLU F 286 -30.09 25.37 49.88
N GLY F 287 -29.70 24.21 49.36
CA GLY F 287 -29.94 22.95 50.05
C GLY F 287 -29.22 21.79 49.40
N VAL F 288 -28.49 21.02 50.21
CA VAL F 288 -27.77 19.84 49.75
C VAL F 288 -27.94 18.75 50.80
N THR F 289 -28.27 17.53 50.34
CA THR F 289 -28.40 16.40 51.25
C THR F 289 -27.04 15.74 51.42
N PRO F 290 -26.46 15.74 52.62
CA PRO F 290 -25.14 15.13 52.80
C PRO F 290 -25.25 13.62 52.97
N PHE F 291 -24.39 12.89 52.26
CA PHE F 291 -24.38 11.43 52.31
C PHE F 291 -23.29 10.99 53.29
N VAL F 292 -23.64 10.07 54.18
CA VAL F 292 -22.72 9.56 55.19
C VAL F 292 -22.75 8.04 55.14
N PHE F 293 -21.57 7.43 55.01
CA PHE F 293 -21.43 5.99 55.06
C PHE F 293 -21.29 5.53 56.51
N THR F 294 -20.98 4.27 56.72
CA THR F 294 -20.76 3.74 58.07
C THR F 294 -19.61 2.75 58.02
N ILE F 295 -18.73 2.84 59.01
CA ILE F 295 -17.58 1.93 59.08
C ILE F 295 -18.06 0.49 59.26
N ARG F 296 -19.08 0.27 60.08
CA ARG F 296 -19.61 -1.07 60.26
C ARG F 296 -20.28 -1.58 58.98
N GLU F 297 -21.06 -0.73 58.32
CA GLU F 297 -21.79 -1.17 57.12
C GLU F 297 -20.85 -1.36 55.93
N PHE F 298 -19.75 -0.59 55.87
CA PHE F 298 -18.76 -0.82 54.84
C PHE F 298 -18.10 -2.18 54.99
N CYS F 299 -17.80 -2.57 56.23
CA CYS F 299 -17.21 -3.89 56.47
C CYS F 299 -18.18 -5.00 56.11
N ALA F 300 -19.46 -4.84 56.43
CA ALA F 300 -20.45 -5.85 56.11
C ALA F 300 -20.64 -6.03 54.60
N ARG F 301 -20.25 -5.04 53.81
CA ARG F 301 -20.36 -5.14 52.36
C ARG F 301 -19.36 -6.09 51.75
N ARG F 302 -18.35 -6.54 52.51
CA ARG F 302 -17.31 -7.44 52.01
C ARG F 302 -16.51 -6.81 50.85
N MET F 303 -16.69 -5.51 50.60
CA MET F 303 -16.21 -4.92 49.35
C MET F 303 -15.39 -3.66 49.69
N LEU F 304 -14.13 -3.90 50.04
CA LEU F 304 -13.07 -2.91 50.28
C LEU F 304 -12.32 -2.44 49.03
N PRO F 305 -11.86 -3.37 48.14
CA PRO F 305 -10.77 -3.04 47.20
C PRO F 305 -10.87 -1.72 46.43
N TYR F 306 -12.03 -1.07 46.42
CA TYR F 306 -12.16 0.18 45.66
C TYR F 306 -11.25 1.28 46.18
N VAL F 307 -10.77 1.18 47.42
CA VAL F 307 -9.78 2.13 47.90
C VAL F 307 -8.48 2.00 47.10
N PHE F 308 -8.22 0.82 46.55
CA PHE F 308 -7.07 0.61 45.68
C PHE F 308 -7.50 0.71 44.23
N SER F 309 -7.82 1.94 43.82
CA SER F 309 -8.31 2.19 42.47
C SER F 309 -7.23 2.04 41.41
N ASP F 310 -5.97 1.91 41.81
CA ASP F 310 -4.88 1.72 40.85
C ASP F 310 -4.96 0.31 40.25
N ALA F 311 -4.00 0.01 39.38
CA ALA F 311 -3.97 -1.31 38.74
C ALA F 311 -3.82 -2.43 39.76
N SER F 312 -3.02 -2.20 40.80
CA SER F 312 -2.79 -3.18 41.85
C SER F 312 -2.23 -4.48 41.28
N ALA F 313 -1.37 -4.36 40.27
CA ALA F 313 -0.73 -5.51 39.64
C ALA F 313 0.64 -5.80 40.22
N SER F 314 1.06 -5.09 41.27
CA SER F 314 2.37 -5.28 41.85
C SER F 314 2.32 -6.38 42.90
N LEU F 315 3.13 -7.41 42.72
CA LEU F 315 3.28 -8.53 43.66
C LEU F 315 1.91 -9.20 43.80
N ASN F 316 1.44 -9.50 45.02
CA ASN F 316 0.16 -10.15 45.23
C ASN F 316 -0.79 -9.24 46.00
N LEU F 317 -0.82 -7.96 45.62
CA LEU F 317 -1.67 -7.00 46.32
C LEU F 317 -3.14 -7.39 46.25
N GLY F 318 -3.60 -7.84 45.09
CA GLY F 318 -4.96 -8.33 44.99
C GLY F 318 -5.20 -9.55 45.87
N PHE F 319 -4.22 -10.45 45.93
CA PHE F 319 -4.33 -11.60 46.83
C PHE F 319 -4.39 -11.16 48.28
N VAL F 320 -3.55 -10.20 48.66
CA VAL F 320 -3.54 -9.71 50.04
C VAL F 320 -4.88 -9.08 50.39
N ILE F 321 -5.44 -8.30 49.46
CA ILE F 321 -6.79 -7.77 49.66
C ILE F 321 -7.79 -8.89 49.85
N GLY F 322 -7.65 -9.96 49.07
CA GLY F 322 -8.49 -11.12 49.27
C GLY F 322 -8.31 -11.75 50.64
N ASN F 323 -7.06 -11.82 51.12
CA ASN F 323 -6.80 -12.44 52.42
C ASN F 323 -7.46 -11.65 53.55
N ILE F 324 -7.26 -10.34 53.58
CA ILE F 324 -7.80 -9.53 54.68
C ILE F 324 -9.32 -9.47 54.60
N GLU F 325 -9.88 -9.41 53.39
CA GLU F 325 -11.32 -9.21 53.26
C GLU F 325 -12.10 -10.42 53.77
N GLU F 326 -11.64 -11.64 53.47
CA GLU F 326 -12.23 -12.82 54.08
C GLU F 326 -12.01 -12.80 55.59
N LYS F 327 -10.83 -12.39 56.02
CA LYS F 327 -10.55 -12.29 57.46
C LYS F 327 -11.41 -11.24 58.12
N LEU F 328 -11.61 -10.10 57.47
CA LEU F 328 -12.27 -8.96 58.12
C LEU F 328 -13.75 -9.24 58.33
N PHE F 329 -14.45 -9.74 57.31
CA PHE F 329 -15.88 -9.97 57.44
C PHE F 329 -16.18 -11.06 58.47
N ARG F 330 -15.24 -11.99 58.66
CA ARG F 330 -15.40 -12.97 59.73
C ARG F 330 -15.45 -12.28 61.09
N LEU F 331 -14.59 -11.29 61.30
CA LEU F 331 -14.68 -10.46 62.50
C LEU F 331 -16.00 -9.69 62.52
N ALA F 332 -16.42 -9.17 61.37
CA ALA F 332 -17.71 -8.48 61.29
C ALA F 332 -18.86 -9.43 61.55
N ALA F 333 -18.78 -10.65 61.00
CA ALA F 333 -19.86 -11.62 61.19
C ALA F 333 -19.94 -12.09 62.64
N ALA F 334 -18.82 -12.10 63.35
CA ALA F 334 -18.82 -12.53 64.75
C ALA F 334 -19.56 -11.55 65.65
N GLN F 335 -19.77 -10.32 65.20
CA GLN F 335 -20.46 -9.32 66.01
C GLN F 335 -21.97 -9.56 65.99
N ILE F 376 -12.05 6.20 59.31
CA ILE F 376 -11.15 5.16 58.80
C ILE F 376 -9.85 5.13 59.59
N SER F 377 -9.63 6.15 60.41
CA SER F 377 -8.42 6.21 61.21
C SER F 377 -8.34 5.06 62.20
N TYR F 378 -9.46 4.75 62.87
CA TYR F 378 -9.48 3.62 63.79
C TYR F 378 -9.27 2.30 63.05
N LEU F 379 -9.93 2.15 61.89
CA LEU F 379 -9.74 0.94 61.11
C LEU F 379 -8.31 0.81 60.60
N GLU F 380 -7.72 1.93 60.17
CA GLU F 380 -6.32 1.90 59.73
C GLU F 380 -5.40 1.51 60.87
N TYR F 381 -5.65 2.03 62.07
CA TYR F 381 -4.85 1.64 63.23
C TYR F 381 -5.01 0.15 63.53
N LYS F 382 -6.25 -0.36 63.48
CA LYS F 382 -6.48 -1.78 63.70
C LYS F 382 -5.84 -2.62 62.61
N LEU F 383 -5.95 -2.18 61.35
CA LEU F 383 -5.34 -2.91 60.25
C LEU F 383 -3.82 -2.94 60.38
N LEU F 384 -3.22 -1.81 60.77
CA LEU F 384 -1.77 -1.77 60.97
C LEU F 384 -1.34 -2.70 62.09
N GLU F 385 -2.11 -2.72 63.19
CA GLU F 385 -1.77 -3.58 64.32
C GLU F 385 -1.96 -5.06 64.00
N GLU F 386 -2.68 -5.39 62.94
CA GLU F 386 -2.88 -6.79 62.57
C GLU F 386 -1.57 -7.44 62.11
N ARG F 387 -0.66 -6.66 61.53
CA ARG F 387 0.60 -7.18 61.05
C ARG F 387 1.66 -6.09 61.00
N PHE F 407 5.17 -5.24 50.60
CA PHE F 407 3.96 -4.78 49.95
C PHE F 407 2.96 -4.25 50.97
N THR F 408 3.14 -4.65 52.22
CA THR F 408 2.23 -4.21 53.28
C THR F 408 2.33 -2.71 53.51
N ARG F 409 3.56 -2.17 53.53
CA ARG F 409 3.74 -0.74 53.76
C ARG F 409 3.11 0.09 52.63
N ARG F 410 3.28 -0.36 51.38
CA ARG F 410 2.63 0.33 50.27
C ARG F 410 1.12 0.20 50.37
N LEU F 411 0.63 -0.94 50.87
CA LEU F 411 -0.80 -1.10 51.09
C LEU F 411 -1.32 -0.08 52.09
N ARG F 412 -0.59 0.11 53.19
CA ARG F 412 -1.02 1.03 54.23
C ARG F 412 -1.00 2.48 53.76
N GLY F 413 0.00 2.83 52.93
CA GLY F 413 0.19 4.22 52.56
C GLY F 413 -0.99 4.84 51.82
N VAL F 414 -1.78 4.01 51.15
CA VAL F 414 -2.92 4.54 50.39
C VAL F 414 -3.99 5.09 51.32
N GLN F 415 -4.29 4.36 52.40
CA GLN F 415 -5.30 4.84 53.34
C GLN F 415 -4.88 6.15 54.01
N LYS F 416 -3.58 6.26 54.34
CA LYS F 416 -3.09 7.50 54.94
C LYS F 416 -3.28 8.68 53.99
N TYR F 417 -3.01 8.47 52.70
CA TYR F 417 -3.32 9.50 51.71
C TYR F 417 -4.82 9.75 51.62
N LEU F 418 -5.61 8.68 51.67
CA LEU F 418 -7.06 8.78 51.53
C LEU F 418 -7.74 9.31 52.79
N SER F 419 -7.13 9.13 53.96
CA SER F 419 -7.82 9.45 55.22
C SER F 419 -8.25 10.91 55.33
N PRO F 420 -7.41 11.92 55.07
CA PRO F 420 -7.86 13.30 55.30
C PRO F 420 -9.05 13.71 54.44
N LEU F 421 -9.17 13.18 53.21
CA LEU F 421 -10.22 13.56 52.29
C LEU F 421 -11.43 12.64 52.33
N ILE F 422 -11.31 11.45 52.93
CA ILE F 422 -12.42 10.52 53.03
C ILE F 422 -13.05 10.51 54.42
N ARG F 423 -12.55 11.35 55.33
CA ARG F 423 -13.09 11.38 56.68
C ARG F 423 -14.58 11.70 56.69
N GLY F 424 -15.03 12.55 55.76
CA GLY F 424 -16.45 12.84 55.67
C GLY F 424 -17.30 11.67 55.24
N ASP F 425 -16.75 10.81 54.37
CA ASP F 425 -17.52 9.67 53.87
C ASP F 425 -17.82 8.68 54.99
N LEU F 426 -16.81 8.27 55.73
CA LEU F 426 -16.95 7.27 56.78
C LEU F 426 -16.95 7.96 58.14
N THR F 427 -18.04 7.82 58.88
CA THR F 427 -18.17 8.42 60.20
C THR F 427 -19.31 7.73 60.96
N PRO F 428 -19.06 7.29 62.20
CA PRO F 428 -20.08 6.49 62.91
C PRO F 428 -21.08 7.32 63.71
N GLU F 429 -22.36 7.05 63.48
CA GLU F 429 -23.46 7.58 64.28
C GLU F 429 -24.55 6.52 64.34
N GLN F 430 -25.75 6.93 64.77
CA GLN F 430 -26.89 6.03 64.89
C GLN F 430 -27.97 6.28 63.86
N ALA F 431 -28.14 7.51 63.40
CA ALA F 431 -29.16 7.82 62.41
C ALA F 431 -28.81 7.19 61.06
N GLU F 432 -29.85 6.79 60.33
CA GLU F 432 -29.69 6.07 59.07
C GLU F 432 -30.10 6.90 57.86
N GLY F 433 -30.74 8.05 58.07
CA GLY F 433 -31.29 8.83 56.98
C GLY F 433 -30.30 9.58 56.12
N TYR F 434 -29.00 9.50 56.42
CA TYR F 434 -27.98 10.16 55.62
C TYR F 434 -27.27 9.21 54.65
N ARG F 435 -27.84 8.04 54.39
CA ARG F 435 -27.27 7.16 53.40
C ARG F 435 -27.44 7.77 52.00
N PRO F 436 -26.51 7.49 51.08
CA PRO F 436 -26.62 8.10 49.74
C PRO F 436 -27.92 7.76 49.03
N ASP F 437 -28.39 6.52 49.16
CA ASP F 437 -29.64 6.02 48.61
C ASP F 437 -29.94 6.50 47.20
N PRO F 438 -29.16 6.10 46.21
CA PRO F 438 -29.58 6.34 44.82
C PRO F 438 -30.81 5.50 44.49
N LEU F 439 -31.59 5.98 43.52
CA LEU F 439 -32.85 5.34 43.12
C LEU F 439 -33.82 5.29 44.31
N ARG F 440 -34.18 6.49 44.78
CA ARG F 440 -35.05 6.63 45.94
C ARG F 440 -36.51 6.42 45.52
N ARG F 441 -37.45 6.76 46.40
CA ARG F 441 -38.86 6.51 46.13
C ARG F 441 -39.37 7.35 44.96
N GLY F 442 -39.42 8.67 45.11
CA GLY F 442 -39.71 9.50 43.97
C GLY F 442 -38.66 10.57 43.69
N ILE F 443 -37.86 10.35 42.65
CA ILE F 443 -36.79 11.23 42.23
C ILE F 443 -36.46 10.90 40.78
N GLN F 444 -36.15 11.92 39.99
CA GLN F 444 -35.72 11.70 38.62
C GLN F 444 -34.20 11.74 38.45
N LEU F 445 -33.51 12.63 39.15
CA LEU F 445 -32.07 12.77 39.05
C LEU F 445 -31.44 12.86 40.43
N THR F 446 -30.26 12.23 40.57
CA THR F 446 -29.44 12.35 41.78
C THR F 446 -28.04 12.73 41.32
N VAL F 447 -27.82 14.03 41.15
CA VAL F 447 -26.53 14.52 40.68
C VAL F 447 -25.55 14.52 41.84
N VAL F 448 -24.35 13.98 41.60
CA VAL F 448 -23.34 13.81 42.64
C VAL F 448 -22.16 14.71 42.29
N ASP F 449 -21.74 15.53 43.25
CA ASP F 449 -20.62 16.46 43.08
C ASP F 449 -19.45 15.97 43.92
N ILE F 450 -18.37 15.58 43.25
CA ILE F 450 -17.20 15.01 43.91
C ILE F 450 -15.95 15.78 43.52
N HIS F 451 -16.11 17.06 43.18
CA HIS F 451 -14.97 17.87 42.75
C HIS F 451 -14.00 18.14 43.90
N ALA F 452 -14.52 18.27 45.13
CA ALA F 452 -13.67 18.63 46.26
C ALA F 452 -12.65 17.53 46.56
N LEU F 453 -13.06 16.27 46.46
CA LEU F 453 -12.18 15.17 46.79
C LEU F 453 -11.10 15.00 45.71
N SER F 454 -10.10 14.17 46.03
CA SER F 454 -8.99 13.94 45.13
C SER F 454 -9.38 12.95 44.04
N ALA F 455 -8.41 12.61 43.18
CA ALA F 455 -8.67 11.72 42.07
C ALA F 455 -8.92 10.29 42.56
N HIS F 456 -8.07 9.79 43.47
CA HIS F 456 -8.26 8.45 44.00
C HIS F 456 -9.50 8.36 44.87
N ALA F 457 -9.84 9.45 45.58
CA ALA F 457 -11.06 9.45 46.37
C ALA F 457 -12.30 9.47 45.48
N GLN F 458 -12.20 10.11 44.30
CA GLN F 458 -13.32 10.15 43.39
C GLN F 458 -13.67 8.76 42.85
N MET F 459 -12.64 7.96 42.53
CA MET F 459 -12.89 6.63 42.00
C MET F 459 -13.55 5.73 43.03
N PHE F 460 -13.27 5.97 44.32
CA PHE F 460 -13.89 5.18 45.37
C PHE F 460 -15.40 5.48 45.46
N VAL F 461 -15.75 6.76 45.44
CA VAL F 461 -17.16 7.14 45.56
C VAL F 461 -17.95 6.65 44.35
N VAL F 462 -17.39 6.80 43.15
CA VAL F 462 -18.07 6.35 41.94
C VAL F 462 -18.26 4.84 41.95
N GLY F 463 -17.20 4.11 42.32
CA GLY F 463 -17.28 2.65 42.29
C GLY F 463 -18.32 2.09 43.23
N VAL F 464 -18.43 2.64 44.44
CA VAL F 464 -19.38 2.13 45.41
C VAL F 464 -20.81 2.40 44.96
N LEU F 465 -21.08 3.63 44.52
CA LEU F 465 -22.45 4.01 44.18
C LEU F 465 -22.97 3.24 42.98
N LEU F 466 -22.13 3.03 41.96
CA LEU F 466 -22.57 2.29 40.78
C LEU F 466 -22.88 0.84 41.13
N ARG F 467 -22.03 0.22 41.95
CA ARG F 467 -22.25 -1.18 42.30
C ARG F 467 -23.39 -1.34 43.31
N GLU F 468 -23.63 -0.31 44.14
CA GLU F 468 -24.78 -0.35 45.03
C GLU F 468 -26.07 -0.39 44.24
N VAL F 469 -26.16 0.40 43.17
CA VAL F 469 -27.32 0.34 42.29
C VAL F 469 -27.33 -0.98 41.52
N PHE F 470 -26.16 -1.44 41.07
CA PHE F 470 -26.09 -2.64 40.26
C PHE F 470 -26.59 -3.87 41.03
N GLU F 471 -26.20 -3.99 42.31
CA GLU F 471 -26.68 -5.10 43.11
C GLU F 471 -28.17 -4.98 43.38
N TYR F 472 -28.66 -3.77 43.64
CA TYR F 472 -30.08 -3.57 43.91
C TYR F 472 -30.92 -3.95 42.69
N LYS F 473 -30.49 -3.54 41.50
CA LYS F 473 -31.23 -3.84 40.28
C LYS F 473 -31.06 -5.29 39.83
N GLU F 474 -30.18 -6.05 40.48
CA GLU F 474 -29.97 -7.46 40.16
C GLU F 474 -30.75 -8.39 41.07
N ARG F 475 -30.85 -8.06 42.36
CA ARG F 475 -31.66 -8.87 43.27
C ARG F 475 -33.14 -8.83 42.88
N VAL F 476 -33.64 -7.66 42.51
CA VAL F 476 -35.02 -7.47 42.12
C VAL F 476 -35.06 -7.23 40.62
N GLY F 477 -36.19 -7.55 40.00
CA GLY F 477 -36.35 -7.40 38.56
C GLY F 477 -36.14 -5.99 38.05
N ARG F 478 -36.20 -5.83 36.73
CA ARG F 478 -35.93 -4.55 36.08
C ARG F 478 -36.85 -3.46 36.62
N GLN F 479 -38.16 -3.60 36.37
CA GLN F 479 -39.24 -2.86 37.00
C GLN F 479 -39.14 -1.35 36.82
N ASP F 480 -38.12 -0.88 36.11
CA ASP F 480 -37.91 0.54 35.83
C ASP F 480 -36.67 0.66 34.95
N THR F 481 -36.42 1.89 34.49
CA THR F 481 -35.25 2.20 33.68
C THR F 481 -34.44 3.28 34.39
N VAL F 482 -33.13 3.08 34.48
CA VAL F 482 -32.23 4.01 35.13
C VAL F 482 -31.07 4.31 34.19
N PHE F 483 -30.71 5.58 34.08
CA PHE F 483 -29.62 6.03 33.24
C PHE F 483 -28.46 6.53 34.09
N VAL F 484 -27.24 6.16 33.70
CA VAL F 484 -26.02 6.59 34.38
C VAL F 484 -25.14 7.31 33.37
N VAL F 485 -24.64 8.48 33.75
CA VAL F 485 -23.79 9.29 32.88
C VAL F 485 -22.42 9.43 33.54
N LEU F 486 -21.38 9.13 32.79
CA LEU F 486 -20.00 9.29 33.24
C LEU F 486 -19.23 10.16 32.26
N ASP F 487 -18.32 10.96 32.80
CA ASP F 487 -17.55 11.92 32.00
C ASP F 487 -16.09 11.47 31.95
N GLU F 488 -15.50 11.54 30.76
CA GLU F 488 -14.11 11.14 30.53
C GLU F 488 -13.88 9.70 30.99
N LEU F 489 -14.55 8.77 30.31
CA LEU F 489 -14.48 7.36 30.66
C LEU F 489 -13.13 6.73 30.32
N ASN F 490 -12.18 7.50 29.77
CA ASN F 490 -10.87 6.93 29.47
C ASN F 490 -10.12 6.55 30.74
N LYS F 491 -10.12 7.42 31.75
CA LYS F 491 -9.38 7.15 32.97
C LYS F 491 -10.10 6.15 33.87
N TYR F 492 -11.43 6.05 33.77
CA TYR F 492 -12.17 5.15 34.64
C TYR F 492 -11.91 3.69 34.28
N ALA F 493 -11.96 3.36 32.99
CA ALA F 493 -11.78 1.99 32.51
C ALA F 493 -10.76 1.97 31.38
N PRO F 494 -9.47 2.13 31.69
CA PRO F 494 -8.46 2.08 30.64
C PRO F 494 -8.25 0.65 30.16
N ARG F 495 -7.61 0.54 28.99
CA ARG F 495 -7.32 -0.77 28.42
C ARG F 495 -6.35 -1.53 29.31
N GLU F 496 -6.56 -2.84 29.42
CA GLU F 496 -5.76 -3.78 30.22
C GLU F 496 -5.42 -3.23 31.60
N GLY F 497 -6.35 -2.49 32.21
CA GLY F 497 -6.09 -1.90 33.50
C GLY F 497 -6.14 -2.88 34.65
N ASP F 498 -6.97 -3.92 34.53
CA ASP F 498 -7.14 -4.93 35.58
C ASP F 498 -7.50 -4.29 36.92
N SER F 499 -8.44 -3.35 36.88
CA SER F 499 -8.89 -2.60 38.04
C SER F 499 -10.25 -3.11 38.50
N PRO F 500 -10.53 -3.05 39.81
CA PRO F 500 -11.87 -3.43 40.28
C PRO F 500 -12.98 -2.57 39.70
N ILE F 501 -12.71 -1.30 39.42
CA ILE F 501 -13.70 -0.46 38.75
C ILE F 501 -13.88 -0.91 37.30
N LYS F 502 -12.78 -1.33 36.66
CA LYS F 502 -12.85 -1.75 35.26
C LYS F 502 -13.77 -2.95 35.08
N ASP F 503 -13.72 -3.91 36.01
CA ASP F 503 -14.58 -5.08 35.90
C ASP F 503 -16.06 -4.70 36.03
N VAL F 504 -16.36 -3.64 36.77
CA VAL F 504 -17.74 -3.20 36.91
C VAL F 504 -18.25 -2.61 35.60
N LEU F 505 -17.44 -1.77 34.96
CA LEU F 505 -17.85 -1.21 33.67
C LEU F 505 -17.99 -2.30 32.61
N LEU F 506 -17.13 -3.30 32.63
CA LEU F 506 -17.33 -4.46 31.77
C LEU F 506 -18.61 -5.20 32.14
N ASP F 507 -18.88 -5.32 33.44
CA ASP F 507 -20.10 -5.99 33.90
C ASP F 507 -21.35 -5.21 33.51
N ILE F 508 -21.31 -3.88 33.65
CA ILE F 508 -22.51 -3.08 33.44
C ILE F 508 -22.85 -2.99 31.95
N ALA F 509 -21.92 -3.28 31.06
CA ALA F 509 -22.17 -3.23 29.64
C ALA F 509 -22.66 -4.55 29.07
N GLU F 510 -22.11 -5.67 29.56
CA GLU F 510 -22.53 -6.98 29.03
C GLU F 510 -23.92 -7.35 29.52
N ARG F 511 -24.20 -7.15 30.81
CA ARG F 511 -25.48 -7.53 31.40
C ARG F 511 -26.40 -6.34 31.63
N GLY F 512 -26.02 -5.15 31.17
CA GLY F 512 -26.88 -3.99 31.35
C GLY F 512 -28.05 -3.94 30.37
N ARG F 513 -27.89 -4.57 29.20
CA ARG F 513 -28.96 -4.58 28.23
C ARG F 513 -30.18 -5.33 28.74
N SER F 514 -29.97 -6.48 29.39
CA SER F 514 -31.09 -7.25 29.92
C SER F 514 -31.84 -6.47 30.99
N LEU F 515 -31.10 -5.80 31.88
CA LEU F 515 -31.71 -4.97 32.90
C LEU F 515 -32.13 -3.63 32.29
N GLY F 516 -32.64 -2.74 33.15
CA GLY F 516 -33.08 -1.43 32.73
C GLY F 516 -32.06 -0.33 32.88
N ILE F 517 -30.80 -0.67 33.08
CA ILE F 517 -29.75 0.33 33.25
C ILE F 517 -29.04 0.54 31.93
N ILE F 518 -28.75 1.81 31.62
CA ILE F 518 -28.16 2.20 30.35
C ILE F 518 -26.96 3.09 30.63
N LEU F 519 -25.84 2.81 29.98
CA LEU F 519 -24.59 3.54 30.18
C LEU F 519 -24.46 4.62 29.11
N ILE F 520 -24.15 5.84 29.54
CA ILE F 520 -23.94 6.95 28.61
C ILE F 520 -22.45 7.30 28.61
N GLY F 521 -21.71 6.72 27.67
CA GLY F 521 -20.28 6.94 27.64
C GLY F 521 -19.90 8.34 27.18
N ALA F 522 -18.69 8.72 27.54
CA ALA F 522 -18.13 10.02 27.12
C ALA F 522 -16.61 9.90 27.21
N GLN F 523 -15.94 9.92 26.06
CA GLN F 523 -14.51 9.70 26.01
C GLN F 523 -13.82 10.90 25.39
N GLN F 524 -12.57 11.14 25.82
CA GLN F 524 -11.75 12.17 25.18
C GLN F 524 -11.41 11.78 23.75
N THR F 525 -11.12 10.51 23.53
CA THR F 525 -10.73 10.02 22.20
C THR F 525 -11.44 8.75 21.78
N ALA F 526 -11.99 7.97 22.71
CA ALA F 526 -12.67 6.70 22.43
C ALA F 526 -11.69 5.66 21.88
N SER F 527 -10.42 6.04 21.77
CA SER F 527 -9.36 5.12 21.36
C SER F 527 -8.57 4.62 22.56
N GLU F 528 -9.01 4.94 23.78
CA GLU F 528 -8.31 4.54 24.99
C GLU F 528 -9.11 3.57 25.86
N VAL F 529 -10.42 3.50 25.68
CA VAL F 529 -11.27 2.60 26.46
C VAL F 529 -11.21 1.21 25.86
N GLU F 530 -11.74 0.22 26.57
CA GLU F 530 -11.68 -1.17 26.11
C GLU F 530 -12.54 -1.37 24.87
N ARG F 531 -12.20 -2.41 24.10
CA ARG F 531 -12.97 -2.77 22.92
C ARG F 531 -14.38 -3.19 23.25
N ARG F 532 -14.58 -3.90 24.37
CA ARG F 532 -15.90 -4.44 24.68
C ARG F 532 -16.89 -3.34 25.02
N ILE F 533 -16.44 -2.28 25.71
CA ILE F 533 -17.35 -1.21 26.10
C ILE F 533 -17.86 -0.46 24.87
N VAL F 534 -16.98 -0.14 23.92
CA VAL F 534 -17.39 0.64 22.77
C VAL F 534 -18.14 -0.21 21.75
N SER F 535 -17.87 -1.52 21.71
CA SER F 535 -18.53 -2.38 20.73
C SER F 535 -19.99 -2.63 21.11
N ASN F 536 -20.33 -2.49 22.39
CA ASN F 536 -21.70 -2.73 22.83
C ASN F 536 -22.65 -1.59 22.46
N ALA F 537 -22.15 -0.36 22.42
CA ALA F 537 -23.00 0.78 22.14
C ALA F 537 -23.54 0.74 20.72
N ALA F 538 -24.81 1.11 20.56
CA ALA F 538 -25.46 1.11 19.25
C ALA F 538 -25.36 2.48 18.57
N ILE F 539 -25.88 3.52 19.22
CA ILE F 539 -25.82 4.87 18.67
C ILE F 539 -24.46 5.46 19.00
N ARG F 540 -23.74 5.90 17.97
CA ARG F 540 -22.42 6.49 18.13
C ARG F 540 -22.47 7.96 17.75
N VAL F 541 -21.97 8.81 18.63
CA VAL F 541 -21.96 10.26 18.43
C VAL F 541 -20.51 10.74 18.49
N VAL F 542 -20.10 11.50 17.48
CA VAL F 542 -18.74 12.02 17.37
C VAL F 542 -18.81 13.52 17.09
N GLY F 543 -18.14 14.31 17.92
CA GLY F 543 -18.14 15.74 17.74
C GLY F 543 -16.75 16.35 17.65
N ARG F 544 -16.43 16.96 16.51
CA ARG F 544 -15.13 17.57 16.26
C ARG F 544 -13.99 16.59 16.53
N LEU F 545 -13.96 15.53 15.73
CA LEU F 545 -12.93 14.51 15.87
C LEU F 545 -11.56 15.10 15.57
N ASP F 546 -10.56 14.62 16.29
CA ASP F 546 -9.19 15.07 16.06
C ASP F 546 -8.68 14.53 14.72
N LEU F 547 -7.83 15.33 14.06
CA LEU F 547 -7.27 14.91 12.79
C LEU F 547 -6.34 13.71 12.95
N ALA F 548 -5.64 13.62 14.08
CA ALA F 548 -4.76 12.48 14.31
C ALA F 548 -5.51 11.21 14.70
N GLU F 549 -6.78 11.33 15.10
CA GLU F 549 -7.59 10.18 15.47
C GLU F 549 -8.66 9.85 14.44
N ALA F 550 -8.77 10.64 13.37
CA ALA F 550 -9.79 10.37 12.37
C ALA F 550 -9.45 9.18 11.48
N GLU F 551 -8.16 8.89 11.31
CA GLU F 551 -7.70 7.81 10.45
C GLU F 551 -7.54 6.49 11.17
N ARG F 552 -7.74 6.45 12.48
CA ARG F 552 -7.56 5.20 13.22
C ARG F 552 -8.60 4.18 12.78
N PRO F 553 -8.24 2.89 12.76
CA PRO F 553 -9.20 1.87 12.31
C PRO F 553 -10.45 1.77 13.18
N GLU F 554 -10.42 2.28 14.42
CA GLU F 554 -11.61 2.20 15.26
C GLU F 554 -12.70 3.14 14.77
N TYR F 555 -12.34 4.26 14.15
CA TYR F 555 -13.29 5.22 13.61
C TYR F 555 -13.62 4.95 12.15
N ARG F 556 -13.54 3.68 11.71
CA ARG F 556 -13.75 3.36 10.31
C ARG F 556 -15.19 3.47 9.87
N PHE F 557 -16.14 3.60 10.80
CA PHE F 557 -17.54 3.73 10.40
C PHE F 557 -17.81 5.05 9.68
N LEU F 558 -16.91 6.03 9.81
CA LEU F 558 -17.05 7.28 9.08
C LEU F 558 -16.62 7.08 7.63
N PRO F 559 -17.45 7.44 6.66
CA PRO F 559 -17.04 7.36 5.26
C PRO F 559 -15.88 8.31 4.97
N GLN F 560 -15.11 7.98 3.94
CA GLN F 560 -13.91 8.74 3.60
C GLN F 560 -14.22 10.20 3.29
N SER F 561 -15.46 10.51 2.90
CA SER F 561 -15.83 11.89 2.63
C SER F 561 -16.13 12.70 3.88
N PHE F 562 -16.18 12.06 5.05
CA PHE F 562 -16.47 12.75 6.30
C PHE F 562 -15.23 13.11 7.10
N ARG F 563 -14.05 12.61 6.72
CA ARG F 563 -12.84 12.92 7.46
C ARG F 563 -12.43 14.37 7.30
N GLY F 564 -12.66 14.94 6.11
CA GLY F 564 -12.34 16.33 5.87
C GLY F 564 -13.36 17.32 6.37
N ARG F 565 -14.45 16.85 6.97
CA ARG F 565 -15.51 17.71 7.48
C ARG F 565 -15.62 17.71 8.99
N ALA F 566 -15.15 16.66 9.66
CA ALA F 566 -15.26 16.59 11.12
C ALA F 566 -14.47 17.70 11.80
N GLY F 567 -13.27 17.99 11.29
CA GLY F 567 -12.43 18.99 11.91
C GLY F 567 -12.98 20.41 11.84
N ILE F 568 -13.82 20.69 10.85
CA ILE F 568 -14.40 22.02 10.69
C ILE F 568 -15.56 22.25 11.65
N LEU F 569 -16.06 21.21 12.31
CA LEU F 569 -17.22 21.33 13.16
C LEU F 569 -16.99 22.32 14.29
N GLN F 570 -17.96 23.20 14.50
CA GLN F 570 -17.96 24.17 15.59
C GLN F 570 -18.74 23.63 16.78
N PRO F 571 -18.49 24.15 17.98
CA PRO F 571 -19.29 23.72 19.14
C PRO F 571 -20.77 24.03 18.94
N GLY F 572 -21.61 23.11 19.42
CA GLY F 572 -23.04 23.20 19.25
C GLY F 572 -23.58 22.35 18.11
N THR F 573 -22.73 21.96 17.16
CA THR F 573 -23.10 21.09 16.06
C THR F 573 -22.35 19.77 16.21
N MET F 574 -23.09 18.66 16.20
CA MET F 574 -22.52 17.36 16.48
C MET F 574 -22.98 16.35 15.44
N LEU F 575 -22.16 15.33 15.22
CA LEU F 575 -22.40 14.30 14.22
C LEU F 575 -22.92 13.04 14.92
N VAL F 576 -24.11 12.58 14.53
CA VAL F 576 -24.77 11.45 15.15
C VAL F 576 -24.92 10.34 14.11
N SER F 577 -24.68 9.10 14.54
CA SER F 577 -24.78 7.93 13.68
C SER F 577 -25.72 6.91 14.31
N GLN F 578 -26.60 6.35 13.51
CA GLN F 578 -27.53 5.31 13.93
C GLN F 578 -27.22 3.99 13.22
N PRO F 579 -27.62 2.86 13.81
CA PRO F 579 -27.35 1.58 13.14
C PRO F 579 -28.22 1.35 11.91
N ASP F 580 -29.50 1.72 11.97
CA ASP F 580 -30.39 1.47 10.84
C ASP F 580 -30.08 2.39 9.67
N VAL F 581 -29.84 3.67 9.94
CA VAL F 581 -29.52 4.64 8.89
C VAL F 581 -28.07 4.42 8.45
N PRO F 582 -27.83 4.12 7.18
CA PRO F 582 -26.45 3.78 6.75
C PRO F 582 -25.44 4.88 6.96
N ASN F 583 -25.84 6.15 6.83
CA ASN F 583 -24.87 7.23 6.84
C ASN F 583 -25.16 8.21 7.98
N PRO F 584 -24.12 8.77 8.60
CA PRO F 584 -24.34 9.74 9.68
C PRO F 584 -24.91 11.05 9.14
N VAL F 585 -25.61 11.75 10.02
CA VAL F 585 -26.24 13.03 9.69
C VAL F 585 -25.80 14.07 10.71
N LEU F 586 -25.49 15.27 10.22
CA LEU F 586 -25.05 16.36 11.08
C LEU F 586 -26.26 17.06 11.70
N VAL F 587 -26.21 17.24 13.01
CA VAL F 587 -27.27 17.91 13.76
C VAL F 587 -26.66 18.97 14.66
N ASN F 588 -27.49 19.92 15.06
CA ASN F 588 -27.12 20.93 16.04
C ASN F 588 -28.18 21.02 17.12
N TYR F 589 -27.74 21.20 18.36
CA TYR F 589 -28.64 21.17 19.50
C TYR F 589 -28.81 22.56 20.10
N PRO F 590 -29.99 22.86 20.63
CA PRO F 590 -30.24 24.20 21.18
C PRO F 590 -29.45 24.43 22.46
N PHE F 591 -29.34 25.70 22.83
CA PHE F 591 -28.60 26.08 24.02
C PHE F 591 -29.30 25.54 25.26
N PRO F 592 -28.56 25.24 26.33
CA PRO F 592 -29.18 24.68 27.53
C PRO F 592 -30.19 25.65 28.14
N ALA F 593 -31.28 25.09 28.67
CA ALA F 593 -32.33 25.87 29.31
C ALA F 593 -32.30 25.76 30.83
N TRP F 594 -31.12 25.55 31.40
CA TRP F 594 -30.94 25.44 32.84
C TRP F 594 -29.74 26.29 33.26
N ALA F 595 -29.81 26.80 34.49
CA ALA F 595 -28.74 27.66 34.99
C ALA F 595 -27.45 26.87 35.18
N THR F 596 -26.33 27.52 34.87
CA THR F 596 -25.02 26.94 35.07
C THR F 596 -24.17 27.75 36.04
N ARG F 597 -24.15 29.07 35.91
CA ARG F 597 -23.35 29.93 36.76
C ARG F 597 -24.17 30.39 37.98
N ARG F 598 -23.46 30.63 39.08
CA ARG F 598 -24.04 31.17 40.31
C ARG F 598 -25.32 30.47 40.73
N ALA G 12 35.47 -3.06 -31.82
CA ALA G 12 34.06 -3.44 -31.81
C ALA G 12 33.18 -2.30 -32.31
N ASP G 13 32.47 -2.56 -33.39
CA ASP G 13 31.58 -1.55 -33.96
C ASP G 13 30.42 -1.28 -33.02
N ALA G 14 29.99 -0.02 -32.96
CA ALA G 14 28.89 0.37 -32.09
C ALA G 14 27.59 -0.28 -32.55
N ILE G 15 26.77 -0.71 -31.58
CA ILE G 15 25.51 -1.37 -31.91
C ILE G 15 24.35 -0.40 -32.06
N GLY G 16 24.56 0.88 -31.79
CA GLY G 16 23.49 1.86 -31.97
C GLY G 16 23.79 3.12 -31.18
N MET G 17 22.83 4.04 -31.27
CA MET G 17 22.90 5.34 -30.60
C MET G 17 22.01 5.31 -29.36
N VAL G 18 22.01 6.43 -28.65
CA VAL G 18 21.26 6.58 -27.40
C VAL G 18 19.94 7.26 -27.69
N LEU G 19 18.85 6.63 -27.26
CA LEU G 19 17.53 7.25 -27.39
C LEU G 19 17.45 8.52 -26.55
N GLY G 20 16.73 9.51 -27.07
CA GLY G 20 16.62 10.78 -26.38
C GLY G 20 15.19 11.18 -26.10
N THR G 21 14.22 10.53 -26.76
CA THR G 21 12.82 10.81 -26.48
C THR G 21 12.41 10.41 -25.08
N GLU G 22 13.19 9.55 -24.44
CA GLU G 22 12.97 9.14 -23.06
C GLU G 22 14.15 9.59 -22.22
N ASP G 23 13.89 9.87 -20.94
CA ASP G 23 14.89 10.49 -20.07
C ASP G 23 16.15 9.65 -20.01
N VAL G 24 17.30 10.33 -20.01
CA VAL G 24 18.60 9.68 -20.02
C VAL G 24 19.35 10.01 -18.74
N THR G 25 18.61 10.15 -17.64
CA THR G 25 19.13 10.30 -16.29
C THR G 25 20.34 9.40 -16.09
N PRO G 26 21.43 9.89 -15.48
CA PRO G 26 22.67 9.10 -15.45
C PRO G 26 22.50 7.69 -14.89
N THR G 27 21.47 7.43 -14.09
CA THR G 27 21.24 6.08 -13.62
C THR G 27 20.71 5.18 -14.74
N VAL G 28 19.74 5.66 -15.50
CA VAL G 28 19.08 4.85 -16.52
C VAL G 28 19.01 5.63 -17.83
N PHE G 29 19.41 4.98 -18.93
CA PHE G 29 19.32 5.60 -20.24
C PHE G 29 19.04 4.54 -21.29
N TRP G 30 17.99 4.75 -22.07
CA TRP G 30 17.65 3.87 -23.18
C TRP G 30 18.57 4.15 -24.37
N PHE G 31 18.84 3.10 -25.15
CA PHE G 31 19.57 3.26 -26.40
C PHE G 31 18.89 2.45 -27.49
N ALA G 32 18.95 2.97 -28.72
CA ALA G 32 18.40 2.29 -29.88
C ALA G 32 19.50 1.45 -30.53
N VAL G 33 19.16 0.24 -30.93
CA VAL G 33 20.10 -0.65 -31.59
C VAL G 33 19.89 -0.57 -33.09
N SER G 34 20.97 -0.32 -33.83
CA SER G 34 20.89 -0.26 -35.27
C SER G 34 20.77 -1.67 -35.86
N HIS G 35 20.49 -1.72 -37.17
CA HIS G 35 20.38 -3.00 -37.85
C HIS G 35 21.71 -3.74 -37.81
N GLY G 36 21.64 -5.06 -37.66
CA GLY G 36 22.84 -5.86 -37.57
C GLY G 36 22.90 -6.66 -36.28
N ALA G 37 23.85 -6.32 -35.41
CA ALA G 37 24.03 -7.05 -34.17
C ALA G 37 22.82 -6.91 -33.26
N SER G 38 22.53 -7.99 -32.53
CA SER G 38 21.41 -8.03 -31.59
C SER G 38 21.95 -8.17 -30.17
N VAL G 39 21.29 -7.49 -29.23
CA VAL G 39 21.70 -7.49 -27.83
C VAL G 39 20.60 -8.14 -27.01
N GLY G 40 21.00 -9.01 -26.08
CA GLY G 40 20.09 -9.68 -25.19
C GLY G 40 20.25 -9.20 -23.76
N LEU G 41 19.37 -9.71 -22.89
CA LEU G 41 19.41 -9.32 -21.49
C LEU G 41 20.71 -9.79 -20.83
N ASP G 42 21.13 -9.03 -19.82
CA ASP G 42 22.35 -9.32 -19.06
C ASP G 42 23.59 -9.30 -19.96
N ASP G 43 23.77 -8.19 -20.67
CA ASP G 43 24.96 -7.94 -21.47
C ASP G 43 25.58 -6.62 -21.05
N LEU G 44 26.90 -6.58 -20.98
CA LEU G 44 27.62 -5.41 -20.49
C LEU G 44 28.03 -4.54 -21.67
N VAL G 45 27.67 -3.26 -21.61
CA VAL G 45 27.97 -2.30 -22.66
C VAL G 45 28.56 -1.04 -22.05
N VAL G 46 29.27 -0.29 -22.88
CA VAL G 46 29.90 0.96 -22.47
C VAL G 46 29.57 2.04 -23.49
N VAL G 47 29.52 3.29 -23.03
CA VAL G 47 29.25 4.43 -23.89
C VAL G 47 30.26 5.52 -23.57
N GLU G 48 30.77 6.17 -24.62
CA GLU G 48 31.64 7.32 -24.46
C GLU G 48 30.81 8.61 -24.53
N THR G 49 31.30 9.64 -23.83
CA THR G 49 30.59 10.91 -23.75
C THR G 49 31.61 12.03 -23.70
N ARG G 50 31.57 12.91 -24.69
CA ARG G 50 32.51 14.02 -24.78
C ARG G 50 32.03 15.15 -23.87
N LYS G 51 32.74 15.33 -22.75
CA LYS G 51 32.46 16.46 -21.88
C LYS G 51 32.81 17.76 -22.61
N PRO G 52 32.05 18.84 -22.36
CA PRO G 52 32.35 20.11 -23.05
C PRO G 52 33.76 20.60 -22.83
N ASP G 53 34.39 20.27 -21.69
CA ASP G 53 35.78 20.62 -21.47
C ASP G 53 36.74 19.79 -22.31
N GLY G 54 36.25 18.74 -22.97
CA GLY G 54 37.06 17.91 -23.84
C GLY G 54 37.50 16.59 -23.24
N THR G 55 37.43 16.45 -21.93
CA THR G 55 37.86 15.20 -21.29
C THR G 55 36.83 14.11 -21.56
N PRO G 56 37.24 12.92 -21.98
CA PRO G 56 36.27 11.84 -22.23
C PRO G 56 35.63 11.36 -20.94
N VAL G 57 34.38 10.92 -21.05
CA VAL G 57 33.64 10.32 -19.95
C VAL G 57 33.07 9.00 -20.43
N ARG G 58 33.23 7.96 -19.60
CA ARG G 58 32.78 6.62 -19.94
C ARG G 58 31.81 6.10 -18.89
N PHE G 59 30.77 5.43 -19.35
CA PHE G 59 29.76 4.83 -18.49
C PHE G 59 29.81 3.32 -18.63
N TYR G 60 29.65 2.61 -17.52
CA TYR G 60 29.62 1.16 -17.50
C TYR G 60 28.27 0.69 -16.99
N GLY G 61 27.68 -0.29 -17.67
CA GLY G 61 26.37 -0.78 -17.27
C GLY G 61 26.00 -2.04 -18.01
N LEU G 62 24.91 -2.66 -17.53
CA LEU G 62 24.39 -3.89 -18.11
C LEU G 62 22.94 -3.72 -18.51
N VAL G 63 22.59 -4.25 -19.68
CA VAL G 63 21.22 -4.18 -20.17
C VAL G 63 20.36 -5.20 -19.43
N ASP G 64 19.18 -4.77 -18.99
CA ASP G 64 18.26 -5.69 -18.34
C ASP G 64 16.80 -5.47 -18.73
N ASN G 65 16.53 -4.83 -19.87
CA ASN G 65 15.17 -4.70 -20.38
C ASN G 65 15.25 -4.40 -21.86
N VAL G 66 14.67 -5.27 -22.68
CA VAL G 66 14.67 -5.11 -24.13
C VAL G 66 13.24 -5.19 -24.62
N ARG G 67 12.95 -4.49 -25.70
CA ARG G 67 11.59 -4.42 -26.23
C ARG G 67 11.63 -4.16 -27.73
N LYS G 68 10.52 -4.47 -28.39
CA LYS G 68 10.28 -4.09 -29.77
C LYS G 68 8.89 -3.51 -29.91
N ARG G 69 8.77 -2.41 -30.64
CA ARG G 69 7.50 -1.74 -30.83
C ARG G 69 7.26 -1.52 -32.31
N HIS G 70 6.00 -1.67 -32.73
CA HIS G 70 5.62 -1.56 -34.14
C HIS G 70 5.20 -0.11 -34.39
N GLU G 71 6.07 0.65 -35.05
CA GLU G 71 5.82 2.06 -35.29
C GLU G 71 5.15 2.28 -36.64
N GLY G 72 4.11 3.10 -36.65
CA GLY G 72 3.40 3.43 -37.87
C GLY G 72 2.06 2.75 -38.05
N VAL G 73 1.40 2.34 -36.96
CA VAL G 73 0.08 1.73 -37.02
C VAL G 73 -0.84 2.47 -36.06
N THR G 74 -2.05 2.78 -36.54
CA THR G 74 -3.01 3.51 -35.72
C THR G 74 -3.76 2.60 -34.76
N PHE G 75 -4.52 1.66 -35.31
CA PHE G 75 -5.30 0.71 -34.52
C PHE G 75 -4.65 -0.67 -34.62
N GLU G 76 -4.52 -1.33 -33.46
CA GLU G 76 -3.75 -2.56 -33.39
C GLU G 76 -4.47 -3.72 -34.07
N SER G 77 -3.68 -4.57 -34.73
CA SER G 77 -4.10 -5.89 -35.20
C SER G 77 -5.07 -5.84 -36.37
N ASP G 78 -5.51 -4.65 -36.75
CA ASP G 78 -6.34 -4.49 -37.94
C ASP G 78 -5.52 -4.26 -39.20
N VAL G 79 -4.21 -4.07 -39.06
CA VAL G 79 -3.31 -3.88 -40.21
C VAL G 79 -2.10 -4.78 -40.15
N GLU G 80 -2.01 -5.69 -39.17
CA GLU G 80 -0.85 -6.57 -39.07
C GLU G 80 -0.71 -7.44 -40.31
N ASP G 81 -1.83 -8.00 -40.79
CA ASP G 81 -1.81 -8.69 -42.07
C ASP G 81 -1.50 -7.74 -43.23
N VAL G 82 -2.03 -6.53 -43.16
CA VAL G 82 -1.72 -5.52 -44.18
C VAL G 82 -0.25 -5.14 -44.12
N VAL G 83 0.30 -4.97 -42.92
CA VAL G 83 1.71 -4.62 -42.78
C VAL G 83 2.60 -5.72 -43.38
N ALA G 84 2.23 -6.99 -43.13
CA ALA G 84 2.99 -8.09 -43.69
C ALA G 84 2.98 -8.05 -45.21
N GLY G 85 1.83 -7.73 -45.80
CA GLY G 85 1.74 -7.64 -47.25
C GLY G 85 2.32 -6.34 -47.79
N LEU G 86 1.68 -5.22 -47.48
CA LEU G 86 2.17 -3.91 -47.92
C LEU G 86 1.52 -2.82 -47.09
N LEU G 87 2.33 -2.08 -46.32
CA LEU G 87 1.90 -0.90 -45.59
C LEU G 87 3.14 -0.24 -44.99
N PRO G 88 3.20 1.10 -44.94
CA PRO G 88 4.34 1.75 -44.28
C PRO G 88 4.29 1.60 -42.77
N ALA G 89 5.16 0.74 -42.22
CA ALA G 89 5.26 0.51 -40.79
C ALA G 89 6.74 0.56 -40.40
N SER G 90 7.03 0.29 -39.13
CA SER G 90 8.39 0.32 -38.64
C SER G 90 8.52 -0.54 -37.39
N VAL G 91 9.73 -1.05 -37.16
CA VAL G 91 10.05 -1.83 -35.98
C VAL G 91 11.14 -1.09 -35.20
N SER G 92 10.96 -0.99 -33.89
CA SER G 92 11.87 -0.26 -33.02
C SER G 92 12.53 -1.24 -32.07
N TYR G 93 13.85 -1.27 -32.06
CA TYR G 93 14.62 -2.19 -31.22
C TYR G 93 15.38 -1.37 -30.17
N ALA G 94 14.82 -1.29 -28.98
CA ALA G 94 15.37 -0.48 -27.90
C ALA G 94 15.79 -1.38 -26.74
N ALA G 95 16.56 -0.80 -25.82
CA ALA G 95 17.06 -1.53 -24.66
C ALA G 95 17.48 -0.55 -23.57
N ARG G 96 17.15 -0.88 -22.33
CA ARG G 96 17.49 -0.07 -21.17
C ARG G 96 18.86 -0.48 -20.62
N VAL G 97 19.49 0.45 -19.89
CA VAL G 97 20.76 0.19 -19.23
C VAL G 97 20.67 0.70 -17.79
N LEU G 98 21.09 -0.14 -16.85
CA LEU G 98 21.40 0.29 -15.48
C LEU G 98 22.91 0.43 -15.37
N VAL G 99 23.37 1.65 -15.07
CA VAL G 99 24.80 1.92 -15.07
C VAL G 99 25.45 1.28 -13.84
N THR G 100 26.63 0.70 -14.04
CA THR G 100 27.37 0.11 -12.92
C THR G 100 28.24 1.16 -12.24
N ARG G 101 29.11 1.83 -12.99
CA ARG G 101 29.97 2.85 -12.43
C ARG G 101 30.42 3.78 -13.55
N VAL G 102 30.63 5.04 -13.20
CA VAL G 102 31.12 6.06 -14.13
C VAL G 102 32.63 6.19 -13.95
N ASP G 103 33.36 6.23 -15.07
CA ASP G 103 34.82 6.25 -14.98
C ASP G 103 35.34 7.48 -14.25
N PRO G 104 34.93 8.71 -14.59
CA PRO G 104 35.25 9.84 -13.70
C PRO G 104 34.26 9.95 -12.57
N GLU G 105 34.72 10.51 -11.46
CA GLU G 105 33.90 10.64 -10.25
C GLU G 105 32.99 11.87 -10.37
N ASN G 106 32.05 11.78 -11.31
CA ASN G 106 31.03 12.80 -11.49
C ASN G 106 29.80 12.15 -12.11
N PHE G 107 28.65 12.80 -11.93
CA PHE G 107 27.37 12.26 -12.39
C PHE G 107 26.73 13.27 -13.34
N ILE G 108 26.91 13.06 -14.64
CA ILE G 108 26.31 13.91 -15.66
C ILE G 108 25.54 13.02 -16.64
N PRO G 109 24.50 13.53 -17.29
CA PRO G 109 23.78 12.71 -18.27
C PRO G 109 24.55 12.60 -19.57
N PRO G 110 24.65 11.39 -20.14
CA PRO G 110 25.29 11.25 -21.44
C PRO G 110 24.50 11.93 -22.53
N GLN G 111 25.21 12.43 -23.53
CA GLN G 111 24.57 13.16 -24.62
C GLN G 111 23.73 12.21 -25.47
N PRO G 112 22.44 12.48 -25.67
CA PRO G 112 21.63 11.60 -26.54
C PRO G 112 22.05 11.69 -27.99
N GLY G 113 22.66 10.62 -28.50
CA GLY G 113 23.20 10.63 -29.84
C GLY G 113 24.61 10.09 -29.89
N ASP G 114 25.06 9.51 -28.78
CA ASP G 114 26.40 8.94 -28.69
C ASP G 114 26.37 7.45 -28.96
N HIS G 115 27.50 6.92 -29.42
CA HIS G 115 27.61 5.52 -29.78
C HIS G 115 27.85 4.66 -28.55
N VAL G 116 27.22 3.49 -28.53
CA VAL G 116 27.36 2.53 -27.45
C VAL G 116 27.96 1.25 -28.03
N ARG G 117 28.94 0.68 -27.33
CA ARG G 117 29.63 -0.51 -27.79
C ARG G 117 29.79 -1.50 -26.64
N HIS G 118 29.90 -2.77 -26.98
CA HIS G 118 30.09 -3.82 -25.98
C HIS G 118 31.50 -3.75 -25.40
N ALA G 119 31.67 -4.36 -24.23
CA ALA G 119 32.96 -4.44 -23.58
C ALA G 119 33.60 -5.79 -23.90
N ALA G 120 34.85 -5.75 -24.36
CA ALA G 120 35.56 -6.95 -24.78
C ALA G 120 36.86 -7.18 -24.07
N GLY G 121 37.62 -6.13 -23.77
CA GLY G 121 38.92 -6.28 -23.14
C GLY G 121 39.02 -5.65 -21.77
N ARG G 122 39.89 -4.65 -21.64
CA ARG G 122 40.06 -3.97 -20.36
C ARG G 122 38.79 -3.24 -19.94
N GLU G 123 37.96 -2.86 -20.90
CA GLU G 123 36.69 -2.20 -20.57
C GLU G 123 35.80 -3.14 -19.77
N LEU G 124 35.78 -4.43 -20.11
CA LEU G 124 35.02 -5.39 -19.33
C LEU G 124 35.55 -5.49 -17.90
N ALA G 125 36.88 -5.47 -17.74
CA ALA G 125 37.45 -5.51 -16.40
C ALA G 125 37.05 -4.30 -15.59
N MET G 126 37.08 -3.11 -16.20
CA MET G 126 36.67 -1.90 -15.49
C MET G 126 35.17 -1.90 -15.20
N ALA G 127 34.39 -2.64 -15.99
CA ALA G 127 32.95 -2.71 -15.74
C ALA G 127 32.63 -3.58 -14.54
N LEU G 128 33.41 -4.63 -14.30
CA LEU G 128 33.20 -5.54 -13.18
C LEU G 128 34.05 -5.17 -11.97
N SER G 129 34.61 -3.95 -11.95
CA SER G 129 35.47 -3.49 -10.86
C SER G 129 36.65 -4.43 -10.65
N ALA G 130 37.20 -4.95 -11.74
CA ALA G 130 38.37 -5.83 -11.66
C ALA G 130 39.65 -5.06 -11.33
N ASP G 131 39.63 -3.73 -11.40
CA ASP G 131 40.80 -2.95 -11.02
C ASP G 131 41.09 -3.02 -9.53
N LYS G 132 40.11 -3.43 -8.71
CA LYS G 132 40.34 -3.69 -7.30
C LYS G 132 40.82 -5.11 -7.03
N MET G 133 40.98 -5.92 -8.07
CA MET G 133 41.40 -7.31 -7.95
C MET G 133 42.66 -7.49 -8.81
N GLU G 134 43.82 -7.48 -8.18
CA GLU G 134 45.09 -7.60 -8.88
C GLU G 134 45.87 -8.84 -8.45
N GLU G 135 45.84 -9.18 -7.16
CA GLU G 135 46.53 -10.37 -6.70
C GLU G 135 45.64 -11.61 -6.78
N ALA G 136 44.35 -11.45 -6.51
CA ALA G 136 43.39 -12.56 -6.52
C ALA G 136 42.31 -12.26 -7.54
N ALA G 137 42.56 -12.62 -8.79
CA ALA G 137 41.54 -12.59 -9.84
C ALA G 137 41.07 -14.01 -10.07
N PHE G 138 39.85 -14.32 -9.64
CA PHE G 138 39.39 -15.69 -9.53
C PHE G 138 38.30 -15.96 -10.56
N PRO G 139 38.50 -16.91 -11.49
CA PRO G 139 37.45 -17.26 -12.45
C PRO G 139 36.40 -18.14 -11.80
N GLY G 140 35.22 -17.56 -11.56
CA GLY G 140 34.14 -18.27 -10.90
C GLY G 140 33.09 -18.78 -11.85
N GLY G 141 33.39 -18.82 -13.13
CA GLY G 141 32.45 -19.29 -14.12
C GLY G 141 32.75 -18.65 -15.47
N LEU G 142 31.78 -18.80 -16.37
CA LEU G 142 31.87 -18.27 -17.72
C LEU G 142 30.66 -17.39 -18.00
N LEU G 143 30.88 -16.30 -18.74
CA LEU G 143 29.81 -15.37 -19.07
C LEU G 143 29.04 -15.87 -20.28
N ALA G 144 28.15 -15.04 -20.81
CA ALA G 144 27.44 -15.39 -22.04
C ALA G 144 28.41 -15.53 -23.20
N ASP G 145 29.43 -14.68 -23.25
CA ASP G 145 30.49 -14.78 -24.23
C ASP G 145 31.69 -15.49 -23.61
N GLY G 146 32.77 -15.59 -24.39
CA GLY G 146 33.93 -16.33 -23.95
C GLY G 146 34.91 -15.56 -23.10
N GLN G 147 34.39 -14.85 -22.09
CA GLN G 147 35.24 -14.15 -21.12
C GLN G 147 34.84 -14.66 -19.73
N PRO G 148 35.76 -15.24 -18.97
CA PRO G 148 35.42 -15.66 -17.60
C PRO G 148 35.10 -14.48 -16.71
N LEU G 149 34.21 -14.71 -15.75
CA LEU G 149 33.86 -13.69 -14.77
C LEU G 149 34.88 -13.73 -13.64
N PRO G 150 35.68 -12.69 -13.44
CA PRO G 150 36.65 -12.71 -12.35
C PRO G 150 36.07 -12.24 -11.03
N LEU G 151 36.20 -13.04 -9.98
CA LEU G 151 35.77 -12.66 -8.65
C LEU G 151 36.97 -12.50 -7.75
N ASN G 152 36.73 -11.98 -6.54
CA ASN G 152 37.78 -11.70 -5.59
C ASN G 152 37.84 -12.81 -4.54
N PHE G 153 39.02 -13.40 -4.38
CA PHE G 153 39.22 -14.42 -3.36
C PHE G 153 39.33 -13.83 -1.96
N ARG G 154 39.60 -12.53 -1.85
CA ARG G 154 39.71 -11.89 -0.54
C ARG G 154 38.39 -11.95 0.22
N PHE G 155 37.28 -11.73 -0.48
CA PHE G 155 35.97 -11.78 0.18
C PHE G 155 35.54 -13.20 0.52
N ILE G 156 36.23 -14.21 0.00
CA ILE G 156 35.89 -15.60 0.32
C ILE G 156 36.66 -16.10 1.52
N ASN G 157 37.97 -15.84 1.57
CA ASN G 157 38.80 -16.30 2.68
C ASN G 157 38.62 -15.36 3.87
N GLY G 158 39.47 -15.51 4.88
CA GLY G 158 39.28 -14.81 6.13
C GLY G 158 40.10 -13.55 6.30
N GLU G 159 40.60 -12.99 5.19
CA GLU G 159 41.37 -11.75 5.29
C GLU G 159 40.48 -10.58 5.70
N SER G 160 39.21 -10.59 5.26
CA SER G 160 38.24 -9.57 5.66
C SER G 160 36.91 -10.16 6.13
N GLY G 161 36.80 -11.48 6.22
CA GLY G 161 35.56 -12.10 6.65
C GLY G 161 34.53 -12.19 5.55
N GLY G 162 33.75 -13.28 5.56
CA GLY G 162 32.72 -13.48 4.56
C GLY G 162 32.73 -14.88 3.98
N HIS G 163 31.60 -15.56 4.05
CA HIS G 163 31.46 -16.92 3.54
C HIS G 163 30.84 -16.89 2.15
N ILE G 164 30.50 -18.07 1.64
CA ILE G 164 29.82 -18.22 0.36
C ILE G 164 28.49 -18.93 0.61
N ASN G 165 27.42 -18.35 0.08
CA ASN G 165 26.06 -18.87 0.29
C ASN G 165 25.46 -19.23 -1.06
N ILE G 166 24.95 -20.46 -1.16
CA ILE G 166 24.32 -20.97 -2.37
C ILE G 166 22.87 -21.28 -2.06
N SER G 167 21.96 -20.77 -2.89
CA SER G 167 20.53 -20.98 -2.69
C SER G 167 19.89 -21.38 -4.01
N GLY G 168 18.64 -21.81 -3.92
CA GLY G 168 17.88 -22.23 -5.08
C GLY G 168 17.11 -23.51 -4.79
N ILE G 169 16.10 -23.76 -5.62
CA ILE G 169 15.30 -24.96 -5.48
C ILE G 169 16.09 -26.18 -5.93
N SER G 170 15.88 -27.30 -5.27
CA SER G 170 16.68 -28.49 -5.53
C SER G 170 16.09 -29.30 -6.69
N GLY G 171 16.79 -30.39 -7.02
CA GLY G 171 16.37 -31.28 -8.08
C GLY G 171 16.63 -30.75 -9.47
N VAL G 172 15.88 -29.71 -9.86
CA VAL G 172 16.08 -29.12 -11.19
C VAL G 172 17.38 -28.33 -11.24
N ALA G 173 17.66 -27.54 -10.20
CA ALA G 173 18.85 -26.70 -10.15
C ALA G 173 19.92 -27.40 -9.33
N THR G 174 20.97 -27.87 -10.01
CA THR G 174 22.06 -28.55 -9.33
C THR G 174 22.86 -27.54 -8.52
N LYS G 175 22.92 -27.75 -7.21
CA LYS G 175 23.65 -26.87 -6.30
C LYS G 175 24.96 -27.46 -5.83
N THR G 176 25.01 -28.77 -5.56
CA THR G 176 26.24 -29.40 -5.13
C THR G 176 27.28 -29.40 -6.25
N SER G 177 26.84 -29.56 -7.50
CA SER G 177 27.78 -29.59 -8.62
C SER G 177 28.53 -28.27 -8.76
N TYR G 178 27.84 -27.15 -8.60
CA TYR G 178 28.51 -25.86 -8.69
C TYR G 178 29.46 -25.65 -7.51
N ALA G 179 29.06 -26.10 -6.32
CA ALA G 179 29.94 -25.97 -5.15
C ALA G 179 31.23 -26.74 -5.36
N LEU G 180 31.14 -27.92 -5.96
CA LEU G 180 32.35 -28.67 -6.30
C LEU G 180 33.17 -27.93 -7.35
N PHE G 181 32.51 -27.30 -8.32
CA PHE G 181 33.23 -26.56 -9.35
C PHE G 181 34.03 -25.41 -8.74
N LEU G 182 33.44 -24.70 -7.77
CA LEU G 182 34.18 -23.63 -7.11
C LEU G 182 35.41 -24.18 -6.39
N LEU G 183 35.25 -25.30 -5.69
CA LEU G 183 36.39 -25.90 -4.99
C LEU G 183 37.46 -26.36 -5.98
N HIS G 184 37.04 -26.91 -7.12
CA HIS G 184 38.00 -27.31 -8.15
C HIS G 184 38.77 -26.11 -8.67
N SER G 185 38.08 -24.98 -8.85
CA SER G 185 38.73 -23.77 -9.33
C SER G 185 39.66 -23.17 -8.28
N ILE G 186 39.33 -23.30 -7.00
CA ILE G 186 40.21 -22.77 -5.95
C ILE G 186 41.54 -23.51 -5.96
N PHE G 187 41.49 -24.83 -5.98
CA PHE G 187 42.71 -25.62 -5.83
C PHE G 187 43.58 -25.63 -7.08
N ARG G 188 42.97 -25.47 -8.26
CA ARG G 188 43.68 -25.65 -9.52
C ARG G 188 44.20 -24.35 -10.11
N SER G 189 43.45 -23.25 -9.98
CA SER G 189 43.89 -21.98 -10.55
C SER G 189 45.13 -21.42 -9.86
N GLY G 190 45.46 -21.91 -8.67
CA GLY G 190 46.62 -21.42 -7.97
C GLY G 190 46.46 -20.04 -7.36
N VAL G 191 45.22 -19.62 -7.09
CA VAL G 191 45.01 -18.28 -6.54
C VAL G 191 45.57 -18.19 -5.12
N MET G 192 45.63 -19.31 -4.40
CA MET G 192 46.20 -19.28 -3.05
C MET G 192 47.68 -18.93 -3.09
N ASP G 193 48.41 -19.45 -4.09
CA ASP G 193 49.83 -19.14 -4.20
C ASP G 193 50.06 -17.66 -4.46
N ARG G 194 49.24 -17.06 -5.32
CA ARG G 194 49.40 -15.63 -5.61
C ARG G 194 49.04 -14.78 -4.39
N THR G 195 48.10 -15.24 -3.56
CA THR G 195 47.80 -14.53 -2.32
C THR G 195 48.88 -14.79 -1.26
N ALA G 196 49.39 -16.02 -1.19
CA ALA G 196 50.37 -16.36 -0.17
C ALA G 196 51.69 -15.64 -0.38
N GLN G 197 52.11 -15.48 -1.64
CA GLN G 197 53.39 -14.83 -1.92
C GLN G 197 53.36 -13.37 -1.48
N GLY G 198 54.52 -12.88 -1.07
CA GLY G 198 54.60 -11.55 -0.50
C GLY G 198 53.88 -11.43 0.82
N SER G 199 54.00 -12.45 1.68
CA SER G 199 53.28 -12.44 2.95
C SER G 199 53.81 -11.34 3.87
N GLY G 200 55.12 -11.27 4.05
CA GLY G 200 55.69 -10.29 4.95
C GLY G 200 55.23 -10.44 6.38
N GLY G 201 55.18 -11.67 6.87
CA GLY G 201 54.66 -11.92 8.21
C GLY G 201 53.16 -12.11 8.28
N ARG G 202 52.53 -12.46 7.16
CA ARG G 202 51.09 -12.67 7.14
C ARG G 202 50.73 -13.91 7.97
N GLN G 203 49.53 -13.89 8.54
CA GLN G 203 49.07 -15.01 9.35
C GLN G 203 48.99 -16.29 8.54
N SER G 204 48.47 -16.20 7.31
CA SER G 204 48.36 -17.35 6.41
C SER G 204 49.24 -17.09 5.19
N GLY G 205 50.16 -18.00 4.93
CA GLY G 205 51.03 -17.88 3.78
C GLY G 205 51.31 -19.19 3.08
N THR G 206 50.43 -20.17 3.29
CA THR G 206 50.59 -21.49 2.71
C THR G 206 49.33 -21.86 1.93
N ALA G 207 49.52 -22.48 0.77
CA ALA G 207 48.41 -22.93 -0.06
C ALA G 207 47.98 -24.35 0.32
N GLY G 208 47.66 -24.51 1.60
CA GLY G 208 47.26 -25.80 2.12
C GLY G 208 45.76 -25.96 2.21
N GLY G 209 45.04 -25.47 1.20
CA GLY G 209 43.59 -25.57 1.18
C GLY G 209 43.10 -27.00 1.18
N ARG G 210 42.27 -27.35 2.16
CA ARG G 210 41.69 -28.67 2.28
C ARG G 210 40.18 -28.56 2.36
N ALA G 211 39.48 -29.53 1.77
CA ALA G 211 38.04 -29.50 1.68
C ALA G 211 37.43 -30.72 2.35
N LEU G 212 36.36 -30.50 3.11
CA LEU G 212 35.59 -31.56 3.76
C LEU G 212 34.19 -31.56 3.15
N ILE G 213 33.79 -32.69 2.56
CA ILE G 213 32.55 -32.79 1.81
C ILE G 213 31.64 -33.80 2.49
N PHE G 214 30.40 -33.38 2.75
CA PHE G 214 29.36 -34.25 3.31
C PHE G 214 28.23 -34.37 2.31
N ASN G 215 27.76 -35.60 2.07
CA ASN G 215 26.70 -35.86 1.12
C ASN G 215 25.60 -36.69 1.76
N VAL G 216 24.37 -36.46 1.30
CA VAL G 216 23.21 -37.22 1.74
C VAL G 216 22.44 -37.84 0.58
N LYS G 217 22.84 -37.56 -0.67
CA LYS G 217 22.18 -38.09 -1.84
C LYS G 217 22.80 -39.42 -2.25
N GLY G 218 22.52 -39.87 -3.45
CA GLY G 218 23.08 -41.11 -3.97
C GLY G 218 24.59 -41.03 -4.15
N GLU G 219 25.11 -42.00 -4.90
CA GLU G 219 26.55 -42.18 -5.04
C GLU G 219 27.14 -41.37 -6.20
N ASP G 220 26.47 -40.28 -6.61
CA ASP G 220 27.07 -39.38 -7.60
C ASP G 220 28.32 -38.72 -7.06
N LEU G 221 28.33 -38.39 -5.76
CA LEU G 221 29.48 -37.77 -5.11
C LEU G 221 30.49 -38.78 -4.59
N LEU G 222 30.53 -39.97 -5.18
CA LEU G 222 31.43 -41.04 -4.73
C LEU G 222 32.70 -41.13 -5.55
N PHE G 223 32.59 -41.13 -6.88
CA PHE G 223 33.73 -41.39 -7.76
C PHE G 223 34.41 -40.10 -8.20
N LEU G 224 34.79 -39.26 -7.24
CA LEU G 224 35.50 -38.03 -7.58
C LEU G 224 36.86 -38.32 -8.19
N ASP G 225 37.58 -39.31 -7.65
CA ASP G 225 38.94 -39.59 -8.13
C ASP G 225 38.95 -40.06 -9.58
N LYS G 226 38.02 -40.94 -9.94
CA LYS G 226 38.02 -41.51 -11.29
C LYS G 226 37.41 -40.52 -12.28
N PRO G 227 38.10 -40.21 -13.38
CA PRO G 227 37.52 -39.36 -14.42
C PRO G 227 36.62 -40.18 -15.33
N ASN G 228 35.97 -39.49 -16.26
CA ASN G 228 35.10 -40.14 -17.23
C ASN G 228 35.14 -39.34 -18.54
N ALA G 229 34.92 -40.05 -19.64
CA ALA G 229 34.98 -39.45 -20.97
C ALA G 229 33.60 -39.15 -21.56
N ARG G 230 32.52 -39.64 -20.95
CA ARG G 230 31.19 -39.40 -21.52
C ARG G 230 30.81 -37.92 -21.45
N MET G 231 31.13 -37.25 -20.34
CA MET G 231 30.85 -35.82 -20.24
C MET G 231 31.65 -35.00 -21.23
N VAL G 232 32.78 -35.53 -21.71
CA VAL G 232 33.53 -34.85 -22.76
C VAL G 232 32.69 -34.74 -24.03
N GLU G 233 32.00 -35.83 -24.39
CA GLU G 233 31.16 -35.81 -25.58
C GLU G 233 30.01 -34.82 -25.44
N LYS G 234 29.36 -34.80 -24.28
CA LYS G 234 28.29 -33.83 -24.06
C LYS G 234 28.82 -32.40 -24.09
N GLU G 235 29.99 -32.17 -23.50
CA GLU G 235 30.58 -30.84 -23.52
C GLU G 235 30.88 -30.39 -24.94
N ASP G 236 31.36 -31.31 -25.78
CA ASP G 236 31.60 -30.97 -27.19
C ASP G 236 30.29 -30.67 -27.91
N LYS G 237 29.23 -31.41 -27.59
CA LYS G 237 27.94 -31.18 -28.23
C LYS G 237 27.38 -29.81 -27.87
N VAL G 238 27.52 -29.41 -26.60
CA VAL G 238 26.93 -28.14 -26.17
C VAL G 238 27.83 -26.97 -26.56
N VAL G 239 29.13 -27.20 -26.73
CA VAL G 239 30.02 -26.08 -27.05
C VAL G 239 29.85 -25.63 -28.50
N ARG G 240 29.62 -26.57 -29.42
CA ARG G 240 29.42 -26.17 -30.82
C ARG G 240 28.03 -25.60 -31.05
N ALA G 241 27.01 -26.09 -30.34
CA ALA G 241 25.67 -25.55 -30.51
C ALA G 241 25.58 -24.11 -30.04
N LYS G 242 26.16 -23.80 -28.87
CA LYS G 242 26.14 -22.44 -28.37
C LYS G 242 27.13 -21.55 -29.13
N GLY G 243 28.32 -22.08 -29.42
CA GLY G 243 29.33 -21.31 -30.12
C GLY G 243 30.38 -20.73 -29.21
N LEU G 244 31.55 -21.34 -29.17
CA LEU G 244 32.63 -20.89 -28.31
C LEU G 244 33.96 -21.12 -29.02
N SER G 245 34.99 -20.41 -28.56
CA SER G 245 36.31 -20.51 -29.19
C SER G 245 36.90 -21.90 -29.01
N ALA G 246 36.82 -22.44 -27.80
CA ALA G 246 37.41 -23.75 -27.51
C ALA G 246 36.59 -24.40 -26.39
N ASP G 247 37.16 -25.43 -25.77
CA ASP G 247 36.50 -26.09 -24.66
C ASP G 247 36.33 -25.14 -23.49
N ARG G 248 35.22 -25.32 -22.76
CA ARG G 248 34.91 -24.42 -21.65
C ARG G 248 35.99 -24.46 -20.57
N TYR G 249 36.47 -25.66 -20.25
CA TYR G 249 37.54 -25.77 -19.25
C TYR G 249 38.82 -25.08 -19.73
N ALA G 250 39.18 -25.29 -21.00
CA ALA G 250 40.34 -24.61 -21.55
C ALA G 250 40.14 -23.10 -21.62
N LEU G 251 38.92 -22.67 -21.93
CA LEU G 251 38.62 -21.24 -22.02
C LEU G 251 38.78 -20.56 -20.68
N LEU G 252 38.32 -21.20 -19.60
CA LEU G 252 38.44 -20.62 -18.26
C LEU G 252 39.86 -20.69 -17.72
N GLY G 253 40.74 -21.46 -18.34
CA GLY G 253 42.09 -21.62 -17.87
C GLY G 253 42.29 -22.75 -16.87
N LEU G 254 41.21 -23.40 -16.43
CA LEU G 254 41.32 -24.52 -15.51
C LEU G 254 41.56 -25.80 -16.30
N PRO G 255 42.65 -26.53 -16.04
CA PRO G 255 42.85 -27.81 -16.71
C PRO G 255 41.73 -28.78 -16.36
N ALA G 256 41.34 -29.59 -17.34
CA ALA G 256 40.22 -30.53 -17.21
C ALA G 256 40.56 -31.75 -16.36
N GLU G 257 41.71 -31.80 -15.71
CA GLU G 257 42.05 -32.96 -14.90
C GLU G 257 41.13 -33.05 -13.68
N PRO G 258 40.81 -34.26 -13.22
CA PRO G 258 39.96 -34.39 -12.03
C PRO G 258 40.70 -34.07 -10.75
N PHE G 259 40.07 -34.29 -9.61
CA PHE G 259 40.69 -33.99 -8.33
C PHE G 259 41.93 -34.85 -8.11
N ARG G 260 42.87 -34.31 -7.34
CA ARG G 260 44.11 -35.01 -7.01
C ARG G 260 43.77 -35.99 -5.88
N ASP G 261 44.79 -36.60 -5.27
CA ASP G 261 44.56 -37.66 -4.29
C ASP G 261 43.63 -37.22 -3.16
N VAL G 262 42.63 -38.04 -2.89
CA VAL G 262 41.63 -37.78 -1.86
C VAL G 262 41.35 -39.07 -1.12
N GLN G 263 41.04 -38.95 0.17
CA GLN G 263 40.62 -40.09 0.97
C GLN G 263 39.12 -40.03 1.19
N LEU G 264 38.47 -41.19 1.07
CA LEU G 264 37.04 -41.32 1.30
C LEU G 264 36.81 -42.39 2.35
N LEU G 265 35.89 -42.13 3.27
CA LEU G 265 35.69 -42.98 4.43
C LEU G 265 34.21 -43.33 4.59
N ALA G 266 33.96 -44.56 5.01
CA ALA G 266 32.62 -45.06 5.31
C ALA G 266 32.72 -45.95 6.55
N PRO G 267 31.63 -46.10 7.29
CA PRO G 267 31.66 -46.99 8.46
C PRO G 267 31.94 -48.41 8.02
N PRO G 268 32.63 -49.20 8.86
CA PRO G 268 32.98 -50.57 8.45
C PRO G 268 31.79 -51.45 8.14
N ARG G 269 30.68 -51.29 8.87
CA ARG G 269 29.48 -52.05 8.54
C ARG G 269 28.95 -51.68 7.16
N ALA G 270 28.94 -50.39 6.83
CA ALA G 270 28.57 -49.97 5.48
C ALA G 270 29.64 -50.36 4.47
N GLY G 271 30.90 -50.41 4.90
CA GLY G 271 31.97 -50.85 4.00
C GLY G 271 31.76 -52.29 3.55
N ALA G 272 31.35 -53.17 4.47
CA ALA G 272 31.03 -54.54 4.10
C ALA G 272 29.82 -54.59 3.16
N ALA G 273 28.81 -53.77 3.43
CA ALA G 273 27.62 -53.77 2.58
C ALA G 273 27.92 -53.16 1.22
N GLY G 274 28.60 -52.00 1.21
CA GLY G 274 28.92 -51.34 -0.06
C GLY G 274 29.97 -52.12 -0.84
N THR G 275 30.95 -52.68 -0.15
CA THR G 275 32.02 -53.43 -0.80
C THR G 275 32.05 -54.87 -0.30
N GLN G 283 29.01 -48.26 -2.78
CA GLN G 283 29.10 -48.92 -4.08
C GLN G 283 30.49 -48.74 -4.67
N ARG G 284 31.51 -49.22 -3.97
CA ARG G 284 32.89 -49.12 -4.41
C ARG G 284 33.72 -50.16 -3.68
N SER G 285 34.29 -51.10 -4.42
CA SER G 285 35.07 -52.18 -3.84
C SER G 285 36.56 -51.87 -3.74
N GLU G 286 36.98 -50.65 -4.10
CA GLU G 286 38.38 -50.29 -4.05
C GLU G 286 38.78 -49.96 -2.62
N GLY G 287 39.99 -49.44 -2.44
CA GLY G 287 40.48 -49.10 -1.12
C GLY G 287 39.75 -47.94 -0.49
N VAL G 288 38.94 -48.22 0.53
CA VAL G 288 38.19 -47.22 1.28
C VAL G 288 38.56 -47.37 2.75
N THR G 289 39.19 -46.36 3.31
CA THR G 289 39.61 -46.42 4.71
C THR G 289 38.39 -46.27 5.61
N PRO G 290 38.10 -47.22 6.50
CA PRO G 290 36.92 -47.10 7.36
C PRO G 290 37.22 -46.33 8.64
N PHE G 291 36.42 -45.32 8.94
CA PHE G 291 36.60 -44.55 10.16
C PHE G 291 35.92 -45.28 11.32
N VAL G 292 36.66 -45.44 12.42
CA VAL G 292 36.19 -46.15 13.60
C VAL G 292 36.40 -45.27 14.82
N PHE G 293 35.36 -45.12 15.62
CA PHE G 293 35.44 -44.36 16.86
C PHE G 293 35.95 -45.27 17.98
N THR G 294 35.89 -44.77 19.21
CA THR G 294 36.31 -45.54 20.37
C THR G 294 35.41 -45.18 21.54
N ILE G 295 35.03 -46.19 22.32
CA ILE G 295 34.17 -45.97 23.49
C ILE G 295 34.85 -45.04 24.47
N ARG G 296 36.15 -45.25 24.71
CA ARG G 296 36.89 -44.35 25.58
C ARG G 296 36.99 -42.94 24.98
N GLU G 297 37.09 -42.85 23.65
CA GLU G 297 37.16 -41.55 23.00
C GLU G 297 35.88 -40.76 23.22
N PHE G 298 34.73 -41.44 23.16
CA PHE G 298 33.46 -40.76 23.38
C PHE G 298 33.35 -40.21 24.81
N CYS G 299 33.77 -41.01 25.80
CA CYS G 299 33.64 -40.58 27.19
C CYS G 299 34.63 -39.47 27.54
N ALA G 300 35.88 -39.61 27.07
CA ALA G 300 36.89 -38.61 27.41
C ALA G 300 36.62 -37.27 26.75
N ARG G 301 35.90 -37.26 25.63
CA ARG G 301 35.63 -36.02 24.92
C ARG G 301 34.65 -35.13 25.67
N ARG G 302 33.84 -35.69 26.58
CA ARG G 302 32.77 -34.96 27.24
C ARG G 302 31.85 -34.32 26.19
N MET G 303 31.56 -35.06 25.13
CA MET G 303 30.69 -34.57 24.06
C MET G 303 29.63 -35.64 23.75
N LEU G 304 28.62 -35.70 24.62
CA LEU G 304 27.44 -36.54 24.43
C LEU G 304 26.35 -35.90 23.58
N PRO G 305 25.88 -34.68 23.89
CA PRO G 305 24.54 -34.26 23.45
C PRO G 305 24.31 -34.30 21.94
N TYR G 306 25.34 -34.50 21.12
CA TYR G 306 25.08 -34.64 19.69
C TYR G 306 24.42 -35.98 19.35
N VAL G 307 24.43 -36.94 20.28
CA VAL G 307 23.62 -38.14 20.09
C VAL G 307 22.14 -37.79 20.15
N PHE G 308 21.78 -36.82 21.00
CA PHE G 308 20.43 -36.27 21.02
C PHE G 308 20.39 -35.03 20.13
N SER G 309 20.59 -35.27 18.83
CA SER G 309 20.67 -34.21 17.84
C SER G 309 19.33 -33.53 17.59
N ASP G 310 18.24 -34.07 18.12
CA ASP G 310 16.93 -33.45 17.95
C ASP G 310 16.84 -32.17 18.76
N ALA G 311 15.65 -31.55 18.74
CA ALA G 311 15.46 -30.29 19.44
C ALA G 311 15.71 -30.43 20.94
N SER G 312 15.18 -31.50 21.54
CA SER G 312 15.36 -31.77 22.97
C SER G 312 14.88 -30.59 23.83
N ALA G 313 13.79 -29.96 23.39
CA ALA G 313 13.22 -28.83 24.10
C ALA G 313 12.11 -29.22 25.05
N SER G 314 11.85 -30.52 25.21
CA SER G 314 10.79 -30.99 26.08
C SER G 314 11.34 -31.29 27.47
N LEU G 315 10.66 -30.80 28.50
CA LEU G 315 11.01 -31.02 29.91
C LEU G 315 12.40 -30.41 30.14
N ASN G 316 13.23 -31.02 30.97
CA ASN G 316 14.57 -30.54 31.26
C ASN G 316 15.62 -31.54 30.81
N LEU G 317 15.44 -32.09 29.61
CA LEU G 317 16.39 -33.08 29.08
C LEU G 317 17.80 -32.51 28.98
N GLY G 318 17.92 -31.21 28.77
CA GLY G 318 19.25 -30.60 28.76
C GLY G 318 19.95 -30.74 30.11
N PHE G 319 19.20 -30.58 31.19
CA PHE G 319 19.79 -30.75 32.52
C PHE G 319 20.27 -32.19 32.72
N VAL G 320 19.45 -33.17 32.35
CA VAL G 320 19.82 -34.57 32.54
C VAL G 320 21.05 -34.91 31.72
N ILE G 321 21.11 -34.43 30.47
CA ILE G 321 22.30 -34.62 29.66
C ILE G 321 23.51 -33.95 30.32
N GLY G 322 23.31 -32.75 30.85
CA GLY G 322 24.38 -32.10 31.58
C GLY G 322 24.77 -32.85 32.84
N ASN G 323 23.78 -33.39 33.56
CA ASN G 323 24.08 -34.11 34.80
C ASN G 323 24.86 -35.39 34.53
N ILE G 324 24.41 -36.19 33.55
CA ILE G 324 25.06 -37.46 33.30
C ILE G 324 26.46 -37.25 32.71
N GLU G 325 26.62 -36.24 31.85
CA GLU G 325 27.93 -36.01 31.25
C GLU G 325 28.94 -35.53 32.28
N GLU G 326 28.51 -34.68 33.22
CA GLU G 326 29.38 -34.34 34.34
C GLU G 326 29.68 -35.57 35.18
N LYS G 327 28.68 -36.43 35.38
CA LYS G 327 28.89 -37.67 36.11
C LYS G 327 29.79 -38.63 35.34
N LEU G 328 29.60 -38.73 34.02
CA LEU G 328 30.29 -39.76 33.25
C LEU G 328 31.79 -39.50 33.17
N PHE G 329 32.19 -38.28 32.83
CA PHE G 329 33.61 -37.99 32.70
C PHE G 329 34.34 -38.11 34.03
N ARG G 330 33.63 -37.87 35.14
CA ARG G 330 34.21 -38.11 36.46
C ARG G 330 34.57 -39.59 36.63
N LEU G 331 33.67 -40.48 36.19
CA LEU G 331 33.99 -41.89 36.15
C LEU G 331 35.14 -42.17 35.18
N ALA G 332 35.13 -41.48 34.03
CA ALA G 332 36.23 -41.62 33.08
C ALA G 332 37.54 -41.10 33.65
N ALA G 333 37.49 -39.97 34.37
CA ALA G 333 38.69 -39.40 34.95
C ALA G 333 39.27 -40.28 36.05
N ALA G 334 38.41 -41.04 36.75
CA ALA G 334 38.88 -41.92 37.80
C ALA G 334 39.68 -43.11 37.26
N GLN G 335 39.56 -43.40 35.97
CA GLN G 335 40.29 -44.52 35.37
C GLN G 335 41.74 -44.13 35.10
N ILE G 376 27.97 -49.57 21.99
CA ILE G 376 27.14 -48.66 22.78
C ILE G 376 26.15 -49.45 23.64
N SER G 377 26.00 -50.74 23.33
CA SER G 377 25.07 -51.58 24.10
C SER G 377 25.52 -51.70 25.54
N TYR G 378 26.82 -51.89 25.77
CA TYR G 378 27.32 -51.97 27.14
C TYR G 378 27.12 -50.65 27.88
N LEU G 379 27.40 -49.53 27.20
CA LEU G 379 27.18 -48.22 27.81
C LEU G 379 25.69 -47.99 28.08
N GLU G 380 24.83 -48.42 27.15
CA GLU G 380 23.39 -48.29 27.36
C GLU G 380 22.94 -49.13 28.55
N TYR G 381 23.49 -50.33 28.69
CA TYR G 381 23.16 -51.17 29.85
C TYR G 381 23.62 -50.50 31.15
N LYS G 382 24.83 -49.95 31.16
CA LYS G 382 25.32 -49.26 32.35
C LYS G 382 24.50 -48.02 32.64
N LEU G 383 24.14 -47.25 31.60
CA LEU G 383 23.31 -46.07 31.80
C LEU G 383 21.93 -46.44 32.32
N LEU G 384 21.34 -47.52 31.77
CA LEU G 384 20.04 -47.97 32.24
C LEU G 384 20.10 -48.42 33.69
N GLU G 385 21.17 -49.14 34.05
CA GLU G 385 21.31 -49.62 35.43
C GLU G 385 21.51 -48.48 36.43
N GLU G 386 21.95 -47.31 35.97
CA GLU G 386 22.12 -46.18 36.87
C GLU G 386 20.79 -45.56 37.28
N ARG G 387 19.72 -45.85 36.56
CA ARG G 387 18.40 -45.31 36.90
C ARG G 387 17.30 -46.23 36.38
N PHE G 407 10.88 -38.26 31.69
CA PHE G 407 11.86 -37.83 30.70
C PHE G 407 12.98 -38.84 30.56
N THR G 408 13.15 -39.68 31.59
CA THR G 408 14.23 -40.65 31.59
C THR G 408 14.05 -41.70 30.50
N ARG G 409 12.82 -42.18 30.32
CA ARG G 409 12.59 -43.25 29.35
C ARG G 409 12.90 -42.80 27.93
N ARG G 410 12.59 -41.54 27.61
CA ARG G 410 12.88 -41.03 26.28
C ARG G 410 14.38 -41.00 26.00
N LEU G 411 15.20 -40.89 27.06
CA LEU G 411 16.64 -40.92 26.86
C LEU G 411 17.10 -42.23 26.25
N ARG G 412 16.62 -43.36 26.78
CA ARG G 412 16.98 -44.66 26.19
C ARG G 412 16.25 -44.89 24.88
N GLY G 413 15.08 -44.27 24.69
CA GLY G 413 14.34 -44.46 23.46
C GLY G 413 15.11 -43.99 22.23
N VAL G 414 15.71 -42.81 22.31
CA VAL G 414 16.54 -42.33 21.22
C VAL G 414 17.83 -43.13 21.13
N GLN G 415 18.44 -43.44 22.29
CA GLN G 415 19.71 -44.15 22.30
C GLN G 415 19.58 -45.55 21.72
N LYS G 416 18.52 -46.27 22.10
CA LYS G 416 18.33 -47.63 21.59
C LYS G 416 18.02 -47.63 20.10
N TYR G 417 17.30 -46.62 19.61
CA TYR G 417 17.00 -46.54 18.19
C TYR G 417 18.29 -46.39 17.37
N LEU G 418 19.24 -45.61 17.86
CA LEU G 418 20.50 -45.39 17.16
C LEU G 418 21.41 -46.60 17.20
N SER G 419 21.28 -47.46 18.20
CA SER G 419 22.26 -48.52 18.44
C SER G 419 22.47 -49.44 17.24
N PRO G 420 21.43 -49.99 16.59
CA PRO G 420 21.68 -50.89 15.45
C PRO G 420 22.45 -50.24 14.31
N LEU G 421 22.24 -48.95 14.06
CA LEU G 421 22.86 -48.27 12.93
C LEU G 421 24.17 -47.57 13.29
N ILE G 422 24.53 -47.50 14.57
CA ILE G 422 25.78 -46.89 14.98
C ILE G 422 26.75 -47.94 15.53
N ARG G 423 26.37 -49.22 15.47
CA ARG G 423 27.21 -50.28 16.01
C ARG G 423 28.59 -50.31 15.36
N GLY G 424 28.68 -49.89 14.10
CA GLY G 424 29.96 -49.85 13.42
C GLY G 424 30.83 -48.67 13.76
N ASP G 425 30.34 -47.72 14.56
CA ASP G 425 31.12 -46.56 14.93
C ASP G 425 31.89 -46.77 16.23
N LEU G 426 31.18 -47.09 17.31
CA LEU G 426 31.78 -47.23 18.64
C LEU G 426 32.05 -48.71 18.89
N THR G 427 33.30 -49.12 18.70
CA THR G 427 33.72 -50.49 18.96
C THR G 427 35.02 -50.49 19.76
N PRO G 428 35.19 -51.45 20.68
CA PRO G 428 36.44 -51.49 21.46
C PRO G 428 37.52 -52.31 20.79
N GLU G 429 38.67 -51.69 20.56
CA GLU G 429 39.84 -52.35 19.97
C GLU G 429 41.09 -51.72 20.56
N GLN G 430 42.24 -52.00 19.95
CA GLN G 430 43.52 -51.46 20.41
C GLN G 430 44.23 -50.60 19.38
N ALA G 431 44.07 -50.90 18.09
CA ALA G 431 44.73 -50.12 17.06
C ALA G 431 44.10 -48.73 16.95
N GLU G 432 44.93 -47.74 16.60
CA GLU G 432 44.52 -46.35 16.57
C GLU G 432 44.40 -45.79 15.16
N GLY G 433 44.87 -46.51 14.15
CA GLY G 433 44.92 -46.00 12.79
C GLY G 433 43.61 -45.87 12.05
N TYR G 434 42.49 -46.27 12.66
CA TYR G 434 41.18 -46.16 12.03
C TYR G 434 40.39 -44.95 12.50
N ARG G 435 41.02 -44.00 13.18
CA ARG G 435 40.33 -42.78 13.54
C ARG G 435 39.98 -41.98 12.28
N PRO G 436 38.88 -41.22 12.31
CA PRO G 436 38.49 -40.48 11.10
C PRO G 436 39.56 -39.51 10.62
N ASP G 437 40.24 -38.84 11.56
CA ASP G 437 41.35 -37.92 11.31
C ASP G 437 41.14 -37.01 10.10
N PRO G 438 40.19 -36.09 10.14
CA PRO G 438 40.17 -35.04 9.12
C PRO G 438 41.38 -34.13 9.27
N LEU G 439 41.77 -33.50 8.17
CA LEU G 439 42.96 -32.64 8.13
C LEU G 439 44.20 -33.46 8.44
N ARG G 440 44.48 -34.44 7.58
CA ARG G 440 45.58 -35.37 7.76
C ARG G 440 46.88 -34.71 7.29
N ARG G 441 47.96 -35.48 7.19
CA ARG G 441 49.24 -34.90 6.78
C ARG G 441 49.18 -34.31 5.38
N GLY G 442 49.03 -35.14 4.36
CA GLY G 442 48.79 -34.60 3.02
C GLY G 442 47.58 -35.18 2.33
N ILE G 443 46.51 -34.38 2.24
CA ILE G 443 45.26 -34.73 1.59
C ILE G 443 44.56 -33.44 1.22
N GLN G 444 43.92 -33.41 0.05
CA GLN G 444 43.16 -32.22 -0.33
C GLN G 444 41.69 -32.33 0.08
N LEU G 445 41.05 -33.45 -0.18
CA LEU G 445 39.66 -33.65 0.19
C LEU G 445 39.49 -34.94 0.97
N THR G 446 38.71 -34.88 2.05
CA THR G 446 38.35 -36.05 2.84
C THR G 446 36.83 -36.23 2.72
N VAL G 447 36.41 -36.94 1.67
CA VAL G 447 35.00 -37.12 1.38
C VAL G 447 34.42 -38.13 2.37
N VAL G 448 33.30 -37.77 2.99
CA VAL G 448 32.62 -38.63 3.95
C VAL G 448 31.27 -39.02 3.37
N ASP G 449 31.01 -40.33 3.31
CA ASP G 449 29.77 -40.87 2.77
C ASP G 449 28.97 -41.48 3.91
N ILE G 450 27.80 -40.92 4.19
CA ILE G 450 26.96 -41.33 5.30
C ILE G 450 25.56 -41.65 4.82
N HIS G 451 25.42 -42.07 3.56
CA HIS G 451 24.10 -42.34 3.01
C HIS G 451 23.45 -43.55 3.65
N ALA G 452 24.26 -44.54 4.06
CA ALA G 452 23.70 -45.78 4.60
C ALA G 452 22.99 -45.53 5.93
N LEU G 453 23.55 -44.67 6.78
CA LEU G 453 22.99 -44.46 8.10
C LEU G 453 21.69 -43.66 8.01
N SER G 454 20.97 -43.63 9.13
CA SER G 454 19.68 -42.94 9.20
C SER G 454 19.89 -41.44 9.35
N ALA G 455 18.78 -40.70 9.34
CA ALA G 455 18.86 -39.24 9.43
C ALA G 455 19.43 -38.79 10.76
N HIS G 456 19.02 -39.42 11.86
CA HIS G 456 19.56 -39.05 13.17
C HIS G 456 21.03 -39.43 13.28
N ALA G 457 21.42 -40.56 12.68
CA ALA G 457 22.82 -40.95 12.68
C ALA G 457 23.64 -40.05 11.75
N GLN G 458 23.01 -39.55 10.68
CA GLN G 458 23.74 -38.72 9.72
C GLN G 458 24.18 -37.41 10.35
N MET G 459 23.30 -36.76 11.11
CA MET G 459 23.63 -35.48 11.71
C MET G 459 24.33 -35.63 13.06
N PHE G 460 24.54 -36.85 13.53
CA PHE G 460 25.43 -37.07 14.66
C PHE G 460 26.88 -37.12 14.22
N VAL G 461 27.15 -37.86 13.14
CA VAL G 461 28.52 -37.98 12.63
C VAL G 461 29.03 -36.62 12.16
N VAL G 462 28.16 -35.84 11.50
CA VAL G 462 28.56 -34.53 11.02
C VAL G 462 28.96 -33.63 12.19
N GLY G 463 28.16 -33.63 13.26
CA GLY G 463 28.43 -32.74 14.38
C GLY G 463 29.74 -33.05 15.07
N VAL G 464 30.04 -34.33 15.27
CA VAL G 464 31.27 -34.70 15.96
C VAL G 464 32.49 -34.33 15.12
N LEU G 465 32.44 -34.62 13.81
CA LEU G 465 33.58 -34.32 12.95
C LEU G 465 33.81 -32.83 12.81
N LEU G 466 32.73 -32.03 12.80
CA LEU G 466 32.87 -30.59 12.72
C LEU G 466 33.53 -30.04 13.98
N ARG G 467 33.10 -30.50 15.15
CA ARG G 467 33.68 -30.02 16.39
C ARG G 467 35.10 -30.54 16.60
N GLU G 468 35.40 -31.74 16.09
CA GLU G 468 36.77 -32.24 16.16
C GLU G 468 37.72 -31.34 15.39
N VAL G 469 37.33 -30.91 14.20
CA VAL G 469 38.14 -29.98 13.41
C VAL G 469 38.17 -28.61 14.07
N PHE G 470 37.01 -28.15 14.57
CA PHE G 470 36.92 -26.82 15.15
C PHE G 470 37.82 -26.68 16.37
N GLU G 471 37.84 -27.70 17.24
CA GLU G 471 38.70 -27.63 18.42
C GLU G 471 40.18 -27.71 18.03
N TYR G 472 40.52 -28.57 17.06
CA TYR G 472 41.91 -28.69 16.64
C TYR G 472 42.43 -27.40 16.04
N LYS G 473 41.62 -26.74 15.20
CA LYS G 473 42.05 -25.48 14.61
C LYS G 473 42.06 -24.34 15.60
N GLU G 474 41.29 -24.45 16.70
CA GLU G 474 41.25 -23.40 17.70
C GLU G 474 42.50 -23.40 18.57
N ARG G 475 42.97 -24.58 18.98
CA ARG G 475 44.13 -24.65 19.86
C ARG G 475 45.39 -24.13 19.18
N VAL G 476 45.69 -24.65 17.99
CA VAL G 476 46.85 -24.21 17.21
C VAL G 476 46.46 -23.01 16.38
N GLY G 477 47.45 -22.33 15.80
CA GLY G 477 47.18 -21.20 14.95
C GLY G 477 46.49 -21.62 13.66
N ARG G 478 46.14 -20.61 12.85
CA ARG G 478 45.42 -20.83 11.62
C ARG G 478 46.22 -21.72 10.67
N GLN G 479 47.38 -21.21 10.22
CA GLN G 479 48.46 -21.95 9.54
C GLN G 479 48.01 -22.65 8.27
N ASP G 480 46.72 -22.53 7.92
CA ASP G 480 46.16 -23.13 6.71
C ASP G 480 44.70 -22.70 6.64
N THR G 481 44.08 -22.98 5.48
CA THR G 481 42.66 -22.73 5.27
C THR G 481 41.97 -24.04 4.92
N VAL G 482 40.82 -24.29 5.53
CA VAL G 482 40.04 -25.50 5.30
C VAL G 482 38.62 -25.12 4.94
N PHE G 483 38.09 -25.74 3.90
CA PHE G 483 36.73 -25.50 3.43
C PHE G 483 35.84 -26.67 3.85
N VAL G 484 34.68 -26.36 4.42
CA VAL G 484 33.68 -27.36 4.76
C VAL G 484 32.43 -27.07 3.94
N VAL G 485 31.88 -28.11 3.30
CA VAL G 485 30.73 -27.99 2.43
C VAL G 485 29.59 -28.80 3.03
N LEU G 486 28.44 -28.15 3.24
CA LEU G 486 27.24 -28.79 3.75
C LEU G 486 26.11 -28.63 2.75
N ASP G 487 25.28 -29.65 2.64
CA ASP G 487 24.19 -29.69 1.68
C ASP G 487 22.85 -29.68 2.41
N GLU G 488 21.92 -28.87 1.92
CA GLU G 488 20.60 -28.69 2.52
C GLU G 488 20.73 -28.31 4.00
N LEU G 489 21.30 -27.13 4.21
CA LEU G 489 21.54 -26.60 5.55
C LEU G 489 20.26 -26.21 6.28
N ASN G 490 19.09 -26.37 5.64
CA ASN G 490 17.84 -26.02 6.31
C ASN G 490 17.57 -26.92 7.51
N LYS G 491 17.79 -28.23 7.35
CA LYS G 491 17.50 -29.18 8.42
C LYS G 491 18.61 -29.25 9.46
N TYR G 492 19.86 -28.91 9.09
CA TYR G 492 20.95 -28.98 10.06
C TYR G 492 20.81 -27.90 11.13
N ALA G 493 20.57 -26.66 10.73
CA ALA G 493 20.45 -25.53 11.65
C ALA G 493 19.19 -24.74 11.33
N PRO G 494 18.03 -25.23 11.77
CA PRO G 494 16.78 -24.49 11.54
C PRO G 494 16.67 -23.33 12.52
N ARG G 495 15.59 -22.55 12.37
CA ARG G 495 15.37 -21.40 13.22
C ARG G 495 14.86 -21.82 14.59
N GLU G 496 15.32 -21.12 15.62
CA GLU G 496 14.94 -21.32 17.02
C GLU G 496 14.90 -22.81 17.41
N GLY G 497 15.78 -23.61 16.82
CA GLY G 497 15.79 -25.03 17.12
C GLY G 497 16.43 -25.36 18.45
N ASP G 498 17.34 -24.52 18.92
CA ASP G 498 18.04 -24.73 20.19
C ASP G 498 18.73 -26.10 20.22
N SER G 499 19.31 -26.48 19.09
CA SER G 499 19.96 -27.78 18.94
C SER G 499 21.45 -27.66 19.25
N PRO G 500 22.05 -28.70 19.83
CA PRO G 500 23.50 -28.70 20.03
C PRO G 500 24.28 -28.59 18.73
N ILE G 501 23.75 -29.14 17.63
CA ILE G 501 24.38 -28.96 16.33
C ILE G 501 24.27 -27.50 15.89
N LYS G 502 23.14 -26.87 16.18
CA LYS G 502 22.91 -25.48 15.75
C LYS G 502 23.94 -24.53 16.36
N ASP G 503 24.28 -24.73 17.63
CA ASP G 503 25.26 -23.86 18.27
C ASP G 503 26.63 -23.97 17.62
N VAL G 504 26.93 -25.12 16.99
CA VAL G 504 28.18 -25.26 16.28
C VAL G 504 28.18 -24.39 15.02
N LEU G 505 27.06 -24.37 14.29
CA LEU G 505 26.98 -23.55 13.09
C LEU G 505 27.04 -22.07 13.43
N LEU G 506 26.42 -21.66 14.53
CA LEU G 506 26.59 -20.28 14.99
C LEU G 506 28.03 -20.00 15.35
N ASP G 507 28.71 -20.96 15.98
CA ASP G 507 30.11 -20.77 16.35
C ASP G 507 31.00 -20.72 15.11
N ILE G 508 30.71 -21.53 14.10
CA ILE G 508 31.60 -21.65 12.95
C ILE G 508 31.49 -20.42 12.04
N ALA G 509 30.40 -19.65 12.16
CA ALA G 509 30.22 -18.49 11.30
C ALA G 509 30.75 -17.22 11.96
N GLU G 510 30.53 -17.06 13.27
CA GLU G 510 30.98 -15.85 13.94
C GLU G 510 32.49 -15.81 14.09
N ARG G 511 33.10 -16.93 14.48
CA ARG G 511 34.53 -17.01 14.71
C ARG G 511 35.28 -17.74 13.59
N GLY G 512 34.59 -18.09 12.50
CA GLY G 512 35.25 -18.74 11.39
C GLY G 512 36.05 -17.81 10.51
N ARG G 513 35.67 -16.53 10.45
CA ARG G 513 36.38 -15.57 9.62
C ARG G 513 37.81 -15.37 10.11
N SER G 514 38.00 -15.28 11.43
CA SER G 514 39.34 -15.09 11.98
C SER G 514 40.22 -16.29 11.67
N LEU G 515 39.69 -17.50 11.79
CA LEU G 515 40.43 -18.71 11.45
C LEU G 515 40.38 -18.92 9.94
N GLY G 516 40.96 -20.02 9.47
CA GLY G 516 40.96 -20.35 8.06
C GLY G 516 39.84 -21.26 7.62
N ILE G 517 38.85 -21.51 8.47
CA ILE G 517 37.76 -22.43 8.14
C ILE G 517 36.60 -21.62 7.58
N ILE G 518 35.97 -22.15 6.52
CA ILE G 518 34.95 -21.43 5.77
C ILE G 518 33.78 -22.38 5.52
N LEU G 519 32.56 -21.88 5.72
CA LEU G 519 31.34 -22.66 5.51
C LEU G 519 30.77 -22.32 4.15
N ILE G 520 30.57 -23.35 3.32
CA ILE G 520 29.96 -23.20 2.00
C ILE G 520 28.51 -23.63 2.16
N GLY G 521 27.64 -22.67 2.46
CA GLY G 521 26.25 -22.99 2.71
C GLY G 521 25.52 -23.40 1.45
N ALA G 522 24.41 -24.12 1.65
CA ALA G 522 23.55 -24.56 0.56
C ALA G 522 22.16 -24.84 1.14
N GLN G 523 21.18 -24.03 0.76
CA GLN G 523 19.85 -24.12 1.33
C GLN G 523 18.84 -24.50 0.27
N GLN G 524 17.69 -25.02 0.72
CA GLN G 524 16.58 -25.27 -0.19
C GLN G 524 15.91 -23.95 -0.58
N THR G 525 15.76 -23.04 0.37
CA THR G 525 15.13 -21.75 0.13
C THR G 525 15.89 -20.57 0.71
N ALA G 526 16.79 -20.78 1.67
CA ALA G 526 17.56 -19.77 2.39
C ALA G 526 16.68 -18.92 3.29
N SER G 527 15.36 -19.12 3.28
CA SER G 527 14.45 -18.43 4.18
C SER G 527 14.06 -19.30 5.37
N GLU G 528 14.71 -20.45 5.54
CA GLU G 528 14.44 -21.34 6.67
C GLU G 528 15.56 -21.35 7.70
N VAL G 529 16.79 -21.04 7.32
CA VAL G 529 17.88 -20.97 8.26
C VAL G 529 17.81 -19.66 9.04
N GLU G 530 18.50 -19.63 10.19
CA GLU G 530 18.48 -18.45 11.03
C GLU G 530 19.28 -17.31 10.41
N ARG G 531 19.03 -16.10 10.93
CA ARG G 531 19.52 -14.88 10.29
C ARG G 531 21.04 -14.79 10.31
N ARG G 532 21.67 -15.21 11.40
CA ARG G 532 23.09 -14.92 11.60
C ARG G 532 23.98 -15.69 10.63
N ILE G 533 23.54 -16.86 10.17
CA ILE G 533 24.35 -17.64 9.23
C ILE G 533 24.37 -16.97 7.86
N VAL G 534 23.21 -16.52 7.38
CA VAL G 534 23.14 -15.95 6.05
C VAL G 534 23.64 -14.50 6.04
N SER G 535 23.52 -13.79 7.17
CA SER G 535 24.01 -12.41 7.22
C SER G 535 25.53 -12.35 7.17
N ASN G 536 26.21 -13.40 7.64
CA ASN G 536 27.67 -13.40 7.63
C ASN G 536 28.23 -13.64 6.23
N ALA G 537 27.48 -14.31 5.36
CA ALA G 537 27.97 -14.64 4.04
C ALA G 537 28.16 -13.38 3.21
N ALA G 538 29.25 -13.35 2.43
CA ALA G 538 29.57 -12.20 1.59
C ALA G 538 29.02 -12.35 0.18
N ILE G 539 29.41 -13.42 -0.52
CA ILE G 539 28.95 -13.67 -1.88
C ILE G 539 27.71 -14.55 -1.82
N ARG G 540 26.62 -14.08 -2.42
CA ARG G 540 25.36 -14.81 -2.45
C ARG G 540 25.10 -15.31 -3.86
N VAL G 541 24.77 -16.59 -3.97
CA VAL G 541 24.50 -17.24 -5.25
C VAL G 541 23.09 -17.80 -5.20
N VAL G 542 22.28 -17.48 -6.22
CA VAL G 542 20.90 -17.91 -6.31
C VAL G 542 20.66 -18.53 -7.68
N GLY G 543 20.16 -19.76 -7.69
CA GLY G 543 19.89 -20.44 -8.94
C GLY G 543 18.47 -20.94 -9.08
N ARG G 544 17.74 -20.42 -10.06
CA ARG G 544 16.34 -20.77 -10.30
C ARG G 544 15.50 -20.61 -9.04
N LEU G 545 15.41 -19.37 -8.58
CA LEU G 545 14.63 -19.07 -7.39
C LEU G 545 13.14 -19.36 -7.63
N ASP G 546 12.48 -19.81 -6.56
CA ASP G 546 11.04 -20.07 -6.64
C ASP G 546 10.28 -18.76 -6.81
N LEU G 547 9.17 -18.84 -7.55
CA LEU G 547 8.35 -17.65 -7.78
C LEU G 547 7.73 -17.14 -6.49
N ALA G 548 7.33 -18.04 -5.59
CA ALA G 548 6.74 -17.61 -4.33
C ALA G 548 7.79 -17.06 -3.38
N GLU G 549 9.01 -17.57 -3.45
CA GLU G 549 10.08 -17.14 -2.55
C GLU G 549 10.83 -15.91 -3.03
N ALA G 550 10.56 -15.45 -4.25
CA ALA G 550 11.24 -14.26 -4.76
C ALA G 550 10.68 -12.98 -4.16
N GLU G 551 9.47 -13.02 -3.61
CA GLU G 551 8.85 -11.84 -3.01
C GLU G 551 9.25 -11.65 -1.55
N ARG G 552 9.88 -12.63 -0.93
CA ARG G 552 10.20 -12.54 0.49
C ARG G 552 11.20 -11.43 0.75
N PRO G 553 11.13 -10.78 1.92
CA PRO G 553 12.01 -9.64 2.19
C PRO G 553 13.50 -10.00 2.26
N GLU G 554 13.83 -11.27 2.49
CA GLU G 554 15.24 -11.64 2.59
C GLU G 554 15.93 -11.64 1.24
N TYR G 555 15.19 -11.88 0.16
CA TYR G 555 15.74 -11.85 -1.19
C TYR G 555 15.62 -10.48 -1.84
N ARG G 556 15.63 -9.41 -1.04
CA ARG G 556 15.46 -8.06 -1.58
C ARG G 556 16.69 -7.53 -2.30
N PHE G 557 17.84 -8.20 -2.19
CA PHE G 557 19.02 -7.74 -2.90
C PHE G 557 18.86 -7.87 -4.41
N LEU G 558 17.93 -8.70 -4.87
CA LEU G 558 17.63 -8.79 -6.29
C LEU G 558 16.81 -7.59 -6.73
N PRO G 559 17.23 -6.87 -7.76
CA PRO G 559 16.42 -5.75 -8.26
C PRO G 559 15.10 -6.25 -8.83
N GLN G 560 14.13 -5.32 -8.90
CA GLN G 560 12.79 -5.68 -9.34
C GLN G 560 12.77 -6.23 -10.76
N SER G 561 13.78 -5.93 -11.56
CA SER G 561 13.84 -6.43 -12.94
C SER G 561 14.38 -7.85 -13.03
N PHE G 562 14.85 -8.42 -11.92
CA PHE G 562 15.40 -9.77 -11.91
C PHE G 562 14.41 -10.82 -11.40
N ARG G 563 13.25 -10.40 -10.90
CA ARG G 563 12.28 -11.37 -10.41
C ARG G 563 11.63 -12.15 -11.54
N GLY G 564 11.42 -11.51 -12.69
CA GLY G 564 10.85 -12.18 -13.84
C GLY G 564 11.83 -12.98 -14.67
N ARG G 565 13.09 -13.02 -14.26
CA ARG G 565 14.13 -13.75 -14.99
C ARG G 565 14.65 -14.97 -14.24
N ALA G 566 14.48 -15.02 -12.92
CA ALA G 566 14.99 -16.16 -12.15
C ALA G 566 14.27 -17.45 -12.52
N GLY G 567 12.95 -17.38 -12.71
CA GLY G 567 12.20 -18.59 -13.02
C GLY G 567 12.58 -19.19 -14.37
N ILE G 568 12.89 -18.34 -15.35
CA ILE G 568 13.24 -18.81 -16.68
C ILE G 568 14.57 -19.56 -16.69
N LEU G 569 15.38 -19.39 -15.65
CA LEU G 569 16.72 -19.98 -15.63
C LEU G 569 16.67 -21.49 -15.80
N GLN G 570 17.53 -22.01 -16.66
CA GLN G 570 17.68 -23.43 -16.91
C GLN G 570 18.82 -23.99 -16.08
N PRO G 571 18.83 -25.30 -15.83
CA PRO G 571 19.96 -25.90 -15.11
C PRO G 571 21.27 -25.67 -15.84
N GLY G 572 22.32 -25.41 -15.07
CA GLY G 572 23.63 -25.10 -15.60
C GLY G 572 23.95 -23.63 -15.61
N THR G 573 22.96 -22.76 -15.67
CA THR G 573 23.14 -21.32 -15.63
C THR G 573 22.67 -20.80 -14.27
N MET G 574 23.54 -20.06 -13.59
CA MET G 574 23.29 -19.65 -12.22
C MET G 574 23.58 -18.17 -12.06
N LEU G 575 22.86 -17.53 -11.13
CA LEU G 575 22.96 -16.10 -10.88
C LEU G 575 23.82 -15.88 -9.64
N VAL G 576 24.85 -15.04 -9.79
CA VAL G 576 25.80 -14.78 -8.71
C VAL G 576 25.81 -13.29 -8.42
N SER G 577 25.81 -12.94 -7.13
CA SER G 577 25.88 -11.56 -6.67
C SER G 577 27.00 -11.43 -5.65
N GLN G 578 27.69 -10.30 -5.69
CA GLN G 578 28.87 -10.07 -4.85
C GLN G 578 28.86 -8.65 -4.33
N PRO G 579 29.53 -8.39 -3.21
CA PRO G 579 29.83 -7.02 -2.82
C PRO G 579 30.82 -6.39 -3.79
N ASP G 580 30.76 -5.06 -3.89
CA ASP G 580 31.52 -4.14 -4.74
C ASP G 580 31.07 -4.23 -6.20
N VAL G 581 30.16 -5.12 -6.55
CA VAL G 581 29.46 -5.12 -7.82
C VAL G 581 27.96 -5.03 -7.54
N PRO G 582 27.37 -3.84 -7.69
CA PRO G 582 26.00 -3.63 -7.22
C PRO G 582 24.95 -4.49 -7.92
N ASN G 583 25.22 -4.97 -9.14
CA ASN G 583 24.23 -5.70 -9.90
C ASN G 583 24.70 -7.12 -10.16
N PRO G 584 23.87 -8.13 -9.88
CA PRO G 584 24.28 -9.52 -10.15
C PRO G 584 24.40 -9.79 -11.64
N VAL G 585 25.27 -10.76 -11.97
CA VAL G 585 25.56 -11.12 -13.35
C VAL G 585 25.32 -12.61 -13.52
N LEU G 586 24.66 -12.97 -14.63
CA LEU G 586 24.36 -14.37 -14.92
C LEU G 586 25.58 -15.08 -15.48
N VAL G 587 25.85 -16.28 -14.97
CA VAL G 587 26.95 -17.11 -15.45
C VAL G 587 26.45 -18.54 -15.65
N ASN G 588 27.17 -19.28 -16.47
CA ASN G 588 26.94 -20.70 -16.66
C ASN G 588 28.24 -21.45 -16.49
N TYR G 589 28.18 -22.58 -15.78
CA TYR G 589 29.37 -23.33 -15.46
C TYR G 589 29.50 -24.57 -16.34
N PRO G 590 30.72 -24.98 -16.68
CA PRO G 590 30.90 -26.12 -17.57
C PRO G 590 30.50 -27.44 -16.93
N PHE G 591 30.35 -28.45 -17.77
CA PHE G 591 30.01 -29.78 -17.30
C PHE G 591 31.11 -30.32 -16.40
N PRO G 592 30.77 -31.11 -15.39
CA PRO G 592 31.79 -31.66 -14.50
C PRO G 592 32.79 -32.53 -15.25
N ALA G 593 34.05 -32.46 -14.84
CA ALA G 593 35.12 -33.24 -15.45
C ALA G 593 35.46 -34.48 -14.64
N TRP G 594 34.61 -34.86 -13.68
CA TRP G 594 34.82 -36.02 -12.84
C TRP G 594 33.61 -36.94 -12.93
N ALA G 595 33.86 -38.24 -12.88
CA ALA G 595 32.78 -39.22 -12.96
C ALA G 595 31.89 -39.14 -11.73
N THR G 596 30.59 -39.35 -11.94
CA THR G 596 29.62 -39.40 -10.85
C THR G 596 28.94 -40.75 -10.74
N ARG G 597 28.45 -41.29 -11.85
CA ARG G 597 27.79 -42.59 -11.88
C ARG G 597 28.81 -43.72 -11.97
N ARG G 598 28.31 -44.94 -11.76
CA ARG G 598 29.09 -46.16 -11.95
C ARG G 598 30.41 -46.15 -11.18
N ALA H 12 31.08 35.63 -12.17
CA ALA H 12 30.80 34.28 -12.65
C ALA H 12 29.55 34.26 -13.53
N ASP H 13 29.69 33.76 -14.76
CA ASP H 13 28.57 33.69 -15.68
C ASP H 13 27.55 32.66 -15.21
N ALA H 14 26.28 32.96 -15.44
CA ALA H 14 25.20 32.08 -15.03
C ALA H 14 25.21 30.79 -15.85
N ILE H 15 25.01 29.66 -15.18
CA ILE H 15 25.00 28.38 -15.87
C ILE H 15 23.76 28.23 -16.74
N GLY H 16 22.61 28.64 -16.23
CA GLY H 16 21.37 28.49 -16.97
C GLY H 16 20.28 29.39 -16.44
N MET H 17 19.03 28.93 -16.57
CA MET H 17 17.87 29.73 -16.19
C MET H 17 16.79 28.81 -15.63
N VAL H 18 15.92 29.37 -14.81
CA VAL H 18 14.87 28.61 -14.15
C VAL H 18 13.74 28.34 -15.12
N LEU H 19 13.33 27.08 -15.23
CA LEU H 19 12.23 26.70 -16.10
C LEU H 19 10.89 27.17 -15.52
N GLY H 20 9.87 27.17 -16.38
CA GLY H 20 8.56 27.58 -15.96
C GLY H 20 7.46 26.59 -16.29
N THR H 21 7.74 25.67 -17.22
CA THR H 21 6.74 24.67 -17.59
C THR H 21 6.38 23.78 -16.41
N GLU H 22 7.39 23.32 -15.67
CA GLU H 22 7.13 22.57 -14.45
C GLU H 22 6.84 23.52 -13.29
N ASP H 23 6.32 22.96 -12.21
CA ASP H 23 6.04 23.77 -11.03
C ASP H 23 7.34 24.33 -10.45
N VAL H 24 7.27 25.57 -9.96
CA VAL H 24 8.43 26.23 -9.39
C VAL H 24 8.17 26.51 -7.92
N THR H 25 7.40 25.62 -7.29
CA THR H 25 7.11 25.62 -5.85
C THR H 25 8.38 25.92 -5.07
N PRO H 26 8.32 26.75 -4.02
CA PRO H 26 9.56 27.11 -3.31
C PRO H 26 10.30 25.92 -2.73
N THR H 27 9.62 24.81 -2.46
CA THR H 27 10.32 23.62 -1.96
C THR H 27 11.25 23.03 -3.02
N VAL H 28 10.74 22.82 -4.23
CA VAL H 28 11.52 22.25 -5.33
C VAL H 28 11.13 22.94 -6.62
N PHE H 29 12.12 23.26 -7.45
CA PHE H 29 11.87 23.92 -8.72
C PHE H 29 12.87 23.44 -9.75
N TRP H 30 12.39 23.19 -10.96
CA TRP H 30 13.24 22.81 -12.08
C TRP H 30 13.93 24.03 -12.68
N PHE H 31 15.03 23.78 -13.39
CA PHE H 31 15.72 24.86 -14.09
C PHE H 31 16.49 24.27 -15.25
N ALA H 32 16.67 25.10 -16.29
CA ALA H 32 17.41 24.70 -17.48
C ALA H 32 18.83 25.26 -17.43
N VAL H 33 19.73 24.62 -18.15
CA VAL H 33 21.13 25.02 -18.23
C VAL H 33 21.43 25.40 -19.67
N SER H 34 21.89 26.63 -19.87
CA SER H 34 22.28 27.08 -21.20
C SER H 34 23.57 26.37 -21.64
N HIS H 35 23.84 26.42 -22.94
CA HIS H 35 25.05 25.82 -23.49
C HIS H 35 26.28 26.44 -22.83
N GLY H 36 27.01 25.65 -22.05
CA GLY H 36 28.13 26.15 -21.29
C GLY H 36 28.60 25.20 -20.21
N ALA H 37 28.77 25.72 -18.99
CA ALA H 37 29.26 24.90 -17.89
C ALA H 37 28.30 23.76 -17.58
N SER H 38 28.86 22.56 -17.41
CA SER H 38 28.05 21.39 -17.10
C SER H 38 27.59 21.43 -15.65
N VAL H 39 26.50 20.72 -15.39
CA VAL H 39 25.92 20.60 -14.05
C VAL H 39 25.82 19.12 -13.70
N GLY H 40 26.41 18.74 -12.58
CA GLY H 40 26.37 17.39 -12.09
C GLY H 40 25.29 17.18 -11.06
N LEU H 41 25.57 16.30 -10.09
CA LEU H 41 24.66 16.03 -8.99
C LEU H 41 25.30 16.46 -7.67
N ASP H 42 24.44 16.85 -6.73
CA ASP H 42 24.85 17.26 -5.39
C ASP H 42 25.78 18.47 -5.42
N ASP H 43 25.56 19.37 -6.37
CA ASP H 43 26.26 20.64 -6.43
C ASP H 43 25.34 21.75 -5.95
N LEU H 44 25.86 22.59 -5.05
CA LEU H 44 25.07 23.64 -4.42
C LEU H 44 25.03 24.88 -5.32
N VAL H 45 23.83 25.38 -5.57
CA VAL H 45 23.62 26.55 -6.41
C VAL H 45 22.71 27.54 -5.69
N VAL H 46 22.76 28.79 -6.13
CA VAL H 46 21.97 29.87 -5.55
C VAL H 46 21.33 30.67 -6.68
N VAL H 47 20.07 31.04 -6.49
CA VAL H 47 19.31 31.81 -7.47
C VAL H 47 18.87 33.12 -6.84
N GLU H 48 18.93 34.20 -7.61
CA GLU H 48 18.54 35.52 -7.14
C GLU H 48 17.10 35.79 -7.58
N THR H 49 16.27 36.21 -6.63
CA THR H 49 14.87 36.50 -6.88
C THR H 49 14.59 37.94 -6.46
N ARG H 50 13.94 38.69 -7.33
CA ARG H 50 13.63 40.10 -7.10
C ARG H 50 12.13 40.26 -6.91
N LYS H 51 11.72 40.57 -5.69
CA LYS H 51 10.32 40.81 -5.40
C LYS H 51 9.87 42.09 -6.10
N PRO H 52 8.58 42.18 -6.45
CA PRO H 52 8.09 43.42 -7.09
C PRO H 52 8.28 44.66 -6.25
N ASP H 53 8.18 44.56 -4.91
CA ASP H 53 8.37 45.74 -4.07
C ASP H 53 9.81 46.24 -4.16
N GLY H 54 10.78 45.33 -4.18
CA GLY H 54 12.17 45.72 -4.33
C GLY H 54 13.16 44.93 -3.50
N THR H 55 12.66 44.19 -2.51
CA THR H 55 13.56 43.44 -1.63
C THR H 55 14.09 42.20 -2.34
N PRO H 56 15.41 42.00 -2.40
CA PRO H 56 15.93 40.79 -3.03
C PRO H 56 15.77 39.57 -2.14
N VAL H 57 15.68 38.41 -2.78
CA VAL H 57 15.58 37.12 -2.10
C VAL H 57 16.53 36.15 -2.78
N ARG H 58 17.23 35.34 -1.99
CA ARG H 58 18.15 34.34 -2.50
C ARG H 58 17.74 32.97 -1.99
N PHE H 59 17.76 31.98 -2.89
CA PHE H 59 17.42 30.60 -2.55
C PHE H 59 18.66 29.75 -2.70
N TYR H 60 19.02 29.02 -1.63
CA TYR H 60 20.17 28.13 -1.62
C TYR H 60 19.70 26.69 -1.66
N GLY H 61 20.25 25.91 -2.59
CA GLY H 61 19.82 24.53 -2.73
C GLY H 61 20.85 23.70 -3.45
N LEU H 62 20.62 22.39 -3.43
CA LEU H 62 21.49 21.41 -4.06
C LEU H 62 20.71 20.61 -5.08
N VAL H 63 21.34 20.31 -6.20
CA VAL H 63 20.72 19.54 -7.28
C VAL H 63 20.90 18.06 -6.98
N ASP H 64 19.87 17.27 -7.29
CA ASP H 64 19.94 15.82 -7.11
C ASP H 64 19.44 15.01 -8.29
N ASN H 65 18.62 15.59 -9.17
CA ASN H 65 18.11 14.88 -10.34
C ASN H 65 18.41 15.71 -11.58
N VAL H 66 19.08 15.09 -12.56
CA VAL H 66 19.45 15.74 -13.80
C VAL H 66 19.05 14.83 -14.95
N ARG H 67 18.75 15.44 -16.11
CA ARG H 67 18.28 14.67 -17.25
C ARG H 67 18.49 15.46 -18.53
N LYS H 68 18.49 14.74 -19.65
CA LYS H 68 18.44 15.33 -20.98
C LYS H 68 17.27 14.73 -21.73
N ARG H 69 16.78 15.47 -22.72
CA ARG H 69 15.69 14.99 -23.56
C ARG H 69 15.88 15.51 -24.98
N HIS H 70 15.71 14.63 -25.96
CA HIS H 70 15.89 14.98 -27.36
C HIS H 70 14.55 15.49 -27.90
N GLU H 71 14.45 16.81 -28.04
CA GLU H 71 13.24 17.43 -28.55
C GLU H 71 13.34 17.62 -30.06
N GLY H 72 12.19 17.55 -30.73
CA GLY H 72 12.12 17.66 -32.17
C GLY H 72 11.90 16.36 -32.90
N VAL H 73 12.03 15.22 -32.23
CA VAL H 73 11.78 13.91 -32.81
C VAL H 73 10.58 13.29 -32.12
N THR H 74 9.68 12.71 -32.90
CA THR H 74 8.46 12.12 -32.37
C THR H 74 8.50 10.59 -32.34
N PHE H 75 8.87 9.97 -33.46
CA PHE H 75 8.93 8.51 -33.56
C PHE H 75 10.29 8.03 -33.04
N GLU H 76 10.28 7.33 -31.92
CA GLU H 76 11.51 6.91 -31.28
C GLU H 76 12.26 5.87 -32.12
N SER H 77 13.57 6.05 -32.22
CA SER H 77 14.49 5.10 -32.83
C SER H 77 14.25 4.90 -34.32
N ASP H 78 13.27 5.60 -34.88
CA ASP H 78 13.06 5.60 -36.33
C ASP H 78 13.87 6.68 -37.02
N VAL H 79 13.98 7.85 -36.40
CA VAL H 79 14.76 8.97 -36.94
C VAL H 79 15.99 9.25 -36.09
N GLU H 80 16.33 8.34 -35.16
CA GLU H 80 17.52 8.55 -34.34
C GLU H 80 18.79 8.59 -35.19
N ASP H 81 18.89 7.68 -36.16
CA ASP H 81 20.01 7.74 -37.09
C ASP H 81 19.88 8.90 -38.07
N VAL H 82 18.65 9.31 -38.37
CA VAL H 82 18.42 10.41 -39.30
C VAL H 82 18.95 11.72 -38.72
N VAL H 83 18.83 11.89 -37.40
CA VAL H 83 19.32 13.11 -36.75
C VAL H 83 20.84 13.23 -36.96
N ALA H 84 21.56 12.12 -36.93
CA ALA H 84 22.99 12.15 -37.15
C ALA H 84 23.32 12.63 -38.55
N GLY H 85 22.53 12.20 -39.54
CA GLY H 85 22.80 12.60 -40.91
C GLY H 85 22.18 13.92 -41.31
N LEU H 86 20.85 14.03 -41.21
CA LEU H 86 20.16 15.29 -41.54
C LEU H 86 18.77 15.27 -40.92
N LEU H 87 18.56 16.13 -39.92
CA LEU H 87 17.26 16.33 -39.30
C LEU H 87 17.29 17.51 -38.34
N PRO H 88 16.22 18.29 -38.23
CA PRO H 88 16.17 19.36 -37.21
C PRO H 88 15.92 18.78 -35.83
N ALA H 89 16.96 18.78 -35.00
CA ALA H 89 16.85 18.26 -33.65
C ALA H 89 17.89 18.91 -32.77
N SER H 90 17.64 18.91 -31.46
CA SER H 90 18.54 19.48 -30.49
C SER H 90 18.38 18.72 -29.17
N VAL H 91 18.90 19.28 -28.09
CA VAL H 91 18.82 18.67 -26.78
C VAL H 91 18.15 19.65 -25.82
N SER H 92 17.71 19.11 -24.68
CA SER H 92 17.05 19.90 -23.64
C SER H 92 17.63 19.45 -22.31
N TYR H 93 18.64 20.16 -21.81
CA TYR H 93 19.36 19.79 -20.61
C TYR H 93 18.77 20.53 -19.42
N ALA H 94 18.31 19.80 -18.42
CA ALA H 94 17.64 20.37 -17.27
C ALA H 94 17.97 19.56 -16.02
N ALA H 95 17.66 20.14 -14.86
CA ALA H 95 17.92 19.49 -13.59
C ALA H 95 16.98 20.07 -12.54
N ARG H 96 16.85 19.35 -11.44
CA ARG H 96 16.02 19.74 -10.32
C ARG H 96 16.88 20.30 -9.18
N VAL H 97 16.28 21.18 -8.38
CA VAL H 97 16.93 21.79 -7.23
C VAL H 97 16.08 21.52 -5.99
N LEU H 98 16.72 21.00 -4.95
CA LEU H 98 16.12 20.91 -3.62
C LEU H 98 16.69 22.02 -2.76
N VAL H 99 15.86 22.98 -2.38
CA VAL H 99 16.34 24.14 -1.66
C VAL H 99 16.73 23.76 -0.24
N THR H 100 17.85 24.31 0.22
CA THR H 100 18.31 24.07 1.58
C THR H 100 17.68 25.05 2.56
N ARG H 101 17.87 26.35 2.34
CA ARG H 101 17.21 27.37 3.14
C ARG H 101 17.21 28.68 2.36
N VAL H 102 16.32 29.57 2.77
CA VAL H 102 16.11 30.85 2.10
C VAL H 102 16.82 31.94 2.90
N ASP H 103 17.49 32.85 2.20
CA ASP H 103 18.26 33.89 2.88
C ASP H 103 17.40 34.75 3.80
N PRO H 104 16.25 35.29 3.37
CA PRO H 104 15.30 35.84 4.35
C PRO H 104 14.35 34.76 4.83
N GLU H 105 13.40 35.11 5.69
CA GLU H 105 12.44 34.16 6.25
C GLU H 105 11.09 34.41 5.60
N ASN H 106 10.88 33.79 4.44
CA ASN H 106 9.61 33.83 3.72
C ASN H 106 9.64 32.76 2.64
N PHE H 107 8.46 32.32 2.21
CA PHE H 107 8.32 31.24 1.24
C PHE H 107 7.51 31.76 0.05
N ILE H 108 8.22 32.16 -1.00
CA ILE H 108 7.58 32.53 -2.27
C ILE H 108 8.29 31.77 -3.38
N PRO H 109 7.60 31.45 -4.48
CA PRO H 109 8.26 30.76 -5.58
C PRO H 109 9.18 31.69 -6.33
N PRO H 110 10.37 31.22 -6.72
CA PRO H 110 11.24 32.05 -7.55
C PRO H 110 10.60 32.36 -8.90
N GLN H 111 10.87 33.56 -9.40
CA GLN H 111 10.27 33.99 -10.66
C GLN H 111 10.89 33.22 -11.81
N PRO H 112 10.10 32.49 -12.61
CA PRO H 112 10.69 31.74 -13.73
C PRO H 112 11.18 32.66 -14.84
N GLY H 113 12.49 32.72 -15.03
CA GLY H 113 13.07 33.60 -16.02
C GLY H 113 14.27 34.34 -15.49
N ASP H 114 14.68 34.02 -14.26
CA ASP H 114 15.82 34.64 -13.61
C ASP H 114 17.01 33.68 -13.60
N HIS H 115 18.21 34.26 -13.61
CA HIS H 115 19.43 33.47 -13.71
C HIS H 115 19.73 32.77 -12.40
N VAL H 116 20.41 31.63 -12.51
CA VAL H 116 20.87 30.86 -11.37
C VAL H 116 22.37 30.63 -11.51
N ARG H 117 23.10 30.79 -10.41
CA ARG H 117 24.56 30.72 -10.44
C ARG H 117 25.05 29.89 -9.26
N HIS H 118 26.23 29.30 -9.44
CA HIS H 118 26.82 28.50 -8.37
C HIS H 118 27.28 29.40 -7.22
N ALA H 119 27.38 28.79 -6.04
CA ALA H 119 27.89 29.48 -4.85
C ALA H 119 29.31 28.96 -4.56
N ALA H 120 30.27 29.88 -4.57
CA ALA H 120 31.66 29.51 -4.32
C ALA H 120 32.38 30.41 -3.32
N GLY H 121 31.91 31.63 -3.08
CA GLY H 121 32.54 32.51 -2.12
C GLY H 121 31.80 32.54 -0.79
N ARG H 122 31.33 33.72 -0.40
CA ARG H 122 30.54 33.82 0.82
C ARG H 122 29.22 33.08 0.69
N GLU H 123 28.61 33.12 -0.50
CA GLU H 123 27.32 32.47 -0.71
C GLU H 123 27.38 30.98 -0.39
N LEU H 124 28.57 30.36 -0.55
CA LEU H 124 28.73 28.99 -0.11
C LEU H 124 28.58 28.87 1.40
N ALA H 125 29.07 29.86 2.15
CA ALA H 125 29.02 29.80 3.60
C ALA H 125 27.59 29.77 4.13
N MET H 126 26.72 30.65 3.62
CA MET H 126 25.33 30.61 4.04
C MET H 126 24.62 29.34 3.59
N ALA H 127 25.09 28.73 2.50
CA ALA H 127 24.48 27.49 2.02
C ALA H 127 24.70 26.36 3.02
N LEU H 128 25.90 26.27 3.59
CA LEU H 128 26.23 25.22 4.54
C LEU H 128 26.09 25.67 5.99
N SER H 129 25.38 26.78 6.24
CA SER H 129 25.15 27.29 7.58
C SER H 129 26.46 27.59 8.31
N ALA H 130 27.43 28.14 7.58
CA ALA H 130 28.71 28.47 8.19
C ALA H 130 28.62 29.70 9.10
N ASP H 131 27.60 30.55 8.91
CA ASP H 131 27.45 31.71 9.79
C ASP H 131 27.04 31.29 11.19
N LYS H 132 26.16 30.30 11.30
CA LYS H 132 25.73 29.82 12.62
C LYS H 132 26.90 29.20 13.38
N MET H 133 27.74 28.44 12.67
CA MET H 133 28.93 27.80 13.25
C MET H 133 30.17 28.51 12.70
N GLU H 134 30.55 29.60 13.37
CA GLU H 134 31.65 30.44 12.93
C GLU H 134 32.93 30.20 13.71
N GLU H 135 32.87 30.30 15.05
CA GLU H 135 34.07 30.17 15.86
C GLU H 135 34.69 28.78 15.72
N ALA H 136 33.85 27.74 15.73
CA ALA H 136 34.30 26.36 15.60
C ALA H 136 33.84 25.83 14.25
N ALA H 137 34.65 26.07 13.23
CA ALA H 137 34.41 25.56 11.88
C ALA H 137 35.47 24.50 11.59
N PHE H 138 35.13 23.25 11.88
CA PHE H 138 36.08 22.16 11.77
C PHE H 138 35.98 21.52 10.39
N PRO H 139 37.01 21.59 9.56
CA PRO H 139 36.95 20.95 8.23
C PRO H 139 37.18 19.46 8.33
N GLY H 140 36.32 18.68 7.68
CA GLY H 140 36.43 17.23 7.72
C GLY H 140 36.12 16.57 6.39
N GLY H 141 35.99 17.36 5.34
CA GLY H 141 35.70 16.81 4.03
C GLY H 141 35.84 17.88 2.96
N LEU H 142 36.02 17.41 1.73
CA LEU H 142 36.18 18.28 0.58
C LEU H 142 35.15 17.93 -0.47
N LEU H 143 34.56 18.96 -1.09
CA LEU H 143 33.57 18.77 -2.13
C LEU H 143 34.28 18.48 -3.46
N ALA H 144 33.53 18.52 -4.56
CA ALA H 144 34.12 18.28 -5.88
C ALA H 144 35.18 19.32 -6.20
N ASP H 145 34.91 20.60 -5.89
CA ASP H 145 35.87 21.66 -6.09
C ASP H 145 36.64 21.92 -4.80
N GLY H 146 37.58 22.86 -4.85
CA GLY H 146 38.43 23.15 -3.71
C GLY H 146 37.76 23.95 -2.62
N GLN H 147 36.77 23.37 -1.97
CA GLN H 147 36.06 24.02 -0.86
C GLN H 147 35.92 23.03 0.28
N PRO H 148 36.58 23.25 1.42
CA PRO H 148 36.43 22.33 2.55
C PRO H 148 35.02 22.38 3.12
N LEU H 149 34.58 21.24 3.65
CA LEU H 149 33.25 21.13 4.23
C LEU H 149 33.33 21.39 5.73
N PRO H 150 32.62 22.37 6.27
CA PRO H 150 32.72 22.67 7.71
C PRO H 150 31.85 21.74 8.53
N LEU H 151 32.41 21.22 9.63
CA LEU H 151 31.69 20.39 10.57
C LEU H 151 31.61 21.12 11.92
N ASN H 152 30.42 21.13 12.50
CA ASN H 152 30.21 21.79 13.79
C ASN H 152 30.86 20.95 14.88
N PHE H 153 32.02 21.41 15.37
CA PHE H 153 32.69 20.69 16.44
C PHE H 153 31.89 20.70 17.73
N ARG H 154 31.02 21.70 17.90
CA ARG H 154 30.17 21.77 19.08
C ARG H 154 29.23 20.58 19.17
N PHE H 155 28.91 19.95 18.04
CA PHE H 155 28.08 18.75 18.05
C PHE H 155 28.91 17.49 18.31
N ILE H 156 30.16 17.47 17.84
CA ILE H 156 31.01 16.30 18.04
C ILE H 156 31.31 16.12 19.52
N ASN H 157 31.66 17.20 20.21
CA ASN H 157 32.00 17.13 21.63
C ASN H 157 30.74 17.32 22.47
N GLY H 158 30.92 17.48 23.78
CA GLY H 158 29.82 17.60 24.72
C GLY H 158 29.30 19.00 24.92
N GLU H 159 29.77 19.98 24.15
CA GLU H 159 29.25 21.34 24.29
C GLU H 159 27.77 21.40 23.95
N SER H 160 27.36 20.71 22.89
CA SER H 160 25.95 20.57 22.55
C SER H 160 25.51 19.12 22.50
N GLY H 161 26.42 18.17 22.61
CA GLY H 161 26.08 16.76 22.60
C GLY H 161 26.11 16.16 21.20
N GLY H 162 26.44 14.88 21.15
CA GLY H 162 26.47 14.14 19.90
C GLY H 162 27.63 13.16 19.85
N HIS H 163 27.53 12.22 18.92
CA HIS H 163 28.59 11.23 18.71
C HIS H 163 28.87 11.08 17.22
N ILE H 164 29.66 10.07 16.86
CA ILE H 164 30.00 9.80 15.47
C ILE H 164 29.66 8.35 15.17
N ASN H 165 28.98 8.12 14.06
CA ASN H 165 28.56 6.77 13.65
C ASN H 165 28.85 6.60 12.17
N ILE H 166 29.85 5.78 11.85
CA ILE H 166 30.22 5.49 10.47
C ILE H 166 29.62 4.15 10.08
N SER H 167 28.87 4.12 8.99
CA SER H 167 28.20 2.92 8.52
C SER H 167 28.45 2.73 7.03
N GLY H 168 28.36 1.49 6.59
CA GLY H 168 28.57 1.16 5.20
C GLY H 168 28.95 -0.29 5.05
N ILE H 169 28.98 -0.74 3.79
CA ILE H 169 29.32 -2.12 3.51
C ILE H 169 30.78 -2.38 3.89
N SER H 170 31.02 -3.51 4.54
CA SER H 170 32.38 -3.85 4.94
C SER H 170 33.22 -4.18 3.72
N GLY H 171 34.52 -3.97 3.84
CA GLY H 171 35.41 -4.26 2.74
C GLY H 171 35.67 -3.09 1.82
N VAL H 172 34.95 -3.05 0.70
CA VAL H 172 35.24 -2.07 -0.36
C VAL H 172 35.10 -0.64 0.15
N ALA H 173 34.13 -0.39 1.03
CA ALA H 173 33.96 0.94 1.60
C ALA H 173 34.97 1.15 2.70
N THR H 174 35.85 2.15 2.54
CA THR H 174 36.91 2.41 3.50
C THR H 174 36.32 3.06 4.74
N LYS H 175 35.96 2.22 5.73
CA LYS H 175 35.33 2.73 6.93
C LYS H 175 36.35 3.29 7.92
N THR H 176 37.41 2.52 8.18
CA THR H 176 38.41 2.95 9.16
C THR H 176 39.22 4.15 8.70
N SER H 177 39.23 4.44 7.39
CA SER H 177 40.01 5.57 6.90
C SER H 177 39.41 6.90 7.32
N TYR H 178 38.08 6.96 7.48
CA TYR H 178 37.45 8.22 7.84
C TYR H 178 37.68 8.56 9.30
N ALA H 179 37.68 7.55 10.18
CA ALA H 179 37.92 7.81 11.60
C ALA H 179 39.31 8.39 11.82
N LEU H 180 40.31 7.84 11.14
CA LEU H 180 41.67 8.37 11.26
C LEU H 180 41.76 9.78 10.68
N PHE H 181 41.07 10.03 9.57
CA PHE H 181 41.12 11.36 8.94
C PHE H 181 40.51 12.42 9.86
N LEU H 182 39.37 12.12 10.47
CA LEU H 182 38.78 13.06 11.41
C LEU H 182 39.67 13.25 12.64
N LEU H 183 40.25 12.16 13.13
CA LEU H 183 41.18 12.28 14.25
C LEU H 183 42.39 13.12 13.87
N HIS H 184 42.92 12.94 12.66
CA HIS H 184 44.03 13.75 12.20
C HIS H 184 43.63 15.21 12.07
N SER H 185 42.43 15.47 11.55
CA SER H 185 42.01 16.85 11.32
C SER H 185 41.71 17.56 12.63
N ILE H 186 41.08 16.87 13.59
CA ILE H 186 40.76 17.50 14.87
C ILE H 186 42.02 17.88 15.62
N PHE H 187 43.01 16.98 15.65
CA PHE H 187 44.20 17.18 16.46
C PHE H 187 45.24 18.07 15.80
N ARG H 188 45.02 18.49 14.55
CA ARG H 188 46.01 19.30 13.84
C ARG H 188 45.47 20.63 13.32
N SER H 189 44.15 20.77 13.16
CA SER H 189 43.58 22.03 12.69
C SER H 189 43.49 23.09 13.78
N GLY H 190 43.79 22.75 15.02
CA GLY H 190 43.69 23.71 16.10
C GLY H 190 42.27 24.05 16.52
N VAL H 191 41.31 23.16 16.24
CA VAL H 191 39.94 23.42 16.63
C VAL H 191 39.81 23.45 18.15
N MET H 192 40.47 22.52 18.83
CA MET H 192 40.40 22.48 20.29
C MET H 192 41.00 23.74 20.91
N ASP H 193 42.10 24.24 20.32
CA ASP H 193 42.71 25.46 20.83
C ASP H 193 41.77 26.65 20.72
N ARG H 194 41.08 26.78 19.59
CA ARG H 194 40.16 27.90 19.40
C ARG H 194 38.99 27.84 20.36
N THR H 195 38.36 26.66 20.50
CA THR H 195 37.22 26.53 21.39
C THR H 195 37.63 26.72 22.85
N ALA H 196 38.90 26.47 23.17
CA ALA H 196 39.35 26.64 24.54
C ALA H 196 39.30 28.11 24.97
N GLN H 197 39.63 29.02 24.07
CA GLN H 197 39.61 30.44 24.39
C GLN H 197 38.17 30.91 24.63
N GLY H 198 38.07 32.02 25.36
CA GLY H 198 36.76 32.47 25.82
C GLY H 198 36.14 31.50 26.80
N SER H 199 36.96 30.91 27.68
CA SER H 199 36.47 29.88 28.59
C SER H 199 35.45 30.45 29.58
N GLY H 200 35.80 31.53 30.25
CA GLY H 200 34.93 32.07 31.29
C GLY H 200 34.67 31.10 32.42
N GLY H 201 35.71 30.39 32.85
CA GLY H 201 35.54 29.37 33.87
C GLY H 201 34.73 28.18 33.42
N ARG H 202 34.92 27.73 32.18
CA ARG H 202 34.17 26.59 31.66
C ARG H 202 34.67 25.30 32.29
N GLN H 203 33.83 24.26 32.16
CA GLN H 203 34.18 22.96 32.75
C GLN H 203 35.41 22.35 32.09
N SER H 204 35.51 22.44 30.77
CA SER H 204 36.62 21.85 30.01
C SER H 204 37.31 22.96 29.23
N GLY H 205 38.42 23.47 29.76
CA GLY H 205 39.16 24.52 29.11
C GLY H 205 40.60 24.16 28.83
N THR H 206 40.84 22.89 28.47
CA THR H 206 42.18 22.39 28.19
C THR H 206 42.19 21.68 26.86
N ALA H 207 43.26 21.87 26.09
CA ALA H 207 43.43 21.20 24.81
C ALA H 207 44.20 19.90 24.95
N GLY H 208 43.71 19.02 25.83
CA GLY H 208 44.36 17.76 26.08
C GLY H 208 43.66 16.58 25.41
N GLY H 209 43.20 16.80 24.18
CA GLY H 209 42.52 15.76 23.43
C GLY H 209 43.38 14.54 23.19
N ARG H 210 42.86 13.36 23.53
CA ARG H 210 43.57 12.10 23.36
C ARG H 210 42.68 11.09 22.68
N ALA H 211 43.28 10.23 21.87
CA ALA H 211 42.55 9.24 21.10
C ALA H 211 43.03 7.84 21.46
N LEU H 212 42.08 6.91 21.57
CA LEU H 212 42.37 5.50 21.82
C LEU H 212 41.71 4.69 20.71
N ILE H 213 42.47 3.79 20.10
CA ILE H 213 42.03 3.06 18.93
C ILE H 213 42.43 1.60 19.06
N PHE H 214 41.54 0.70 18.63
CA PHE H 214 41.78 -0.73 18.62
C PHE H 214 41.81 -1.22 17.17
N ASN H 215 42.78 -2.09 16.87
CA ASN H 215 42.89 -2.70 15.55
C ASN H 215 42.66 -4.20 15.68
N VAL H 216 41.70 -4.71 14.92
CA VAL H 216 41.44 -6.15 14.83
C VAL H 216 41.81 -6.72 13.48
N LYS H 217 42.06 -5.89 12.48
CA LYS H 217 42.52 -6.33 11.17
C LYS H 217 44.02 -6.58 11.23
N GLY H 218 44.66 -6.69 10.07
CA GLY H 218 46.08 -6.87 10.00
C GLY H 218 46.85 -5.67 10.54
N GLU H 219 48.15 -5.66 10.25
CA GLU H 219 49.06 -4.63 10.74
C GLU H 219 49.01 -3.34 9.93
N ASP H 220 47.95 -3.14 9.13
CA ASP H 220 47.84 -1.92 8.35
C ASP H 220 47.75 -0.69 9.24
N LEU H 221 46.98 -0.78 10.32
CA LEU H 221 46.78 0.35 11.22
C LEU H 221 47.92 0.54 12.20
N LEU H 222 48.80 -0.46 12.36
CA LEU H 222 49.86 -0.36 13.36
C LEU H 222 50.88 0.73 13.01
N PHE H 223 51.20 0.87 11.72
CA PHE H 223 52.26 1.78 11.29
C PHE H 223 51.74 3.21 11.14
N LEU H 224 51.20 3.73 12.25
CA LEU H 224 50.64 5.08 12.26
C LEU H 224 51.68 6.17 12.47
N ASP H 225 52.95 5.80 12.61
CA ASP H 225 54.01 6.76 12.89
C ASP H 225 54.80 7.15 11.65
N LYS H 226 55.30 6.18 10.91
CA LYS H 226 56.14 6.49 9.75
C LYS H 226 55.30 7.11 8.63
N PRO H 227 55.85 8.10 7.91
CA PRO H 227 55.13 8.67 6.78
C PRO H 227 55.10 7.71 5.60
N ASN H 228 54.13 7.93 4.71
CA ASN H 228 53.94 7.10 3.54
C ASN H 228 54.63 7.75 2.33
N ALA H 229 55.36 6.92 1.58
CA ALA H 229 56.06 7.38 0.39
C ALA H 229 55.30 7.14 -0.90
N ARG H 230 54.57 6.02 -1.00
CA ARG H 230 53.81 5.73 -2.20
C ARG H 230 52.62 6.67 -2.37
N MET H 231 52.20 7.36 -1.32
CA MET H 231 51.10 8.32 -1.43
C MET H 231 51.51 9.51 -2.28
N VAL H 232 52.80 9.87 -2.28
CA VAL H 232 53.26 11.04 -3.01
C VAL H 232 52.98 10.89 -4.50
N GLU H 233 53.31 9.73 -5.07
CA GLU H 233 53.08 9.50 -6.49
C GLU H 233 51.61 9.22 -6.77
N LYS H 234 50.91 8.54 -5.86
CA LYS H 234 49.51 8.20 -6.09
C LYS H 234 48.62 9.44 -6.02
N GLU H 235 48.83 10.29 -5.02
CA GLU H 235 48.04 11.51 -4.91
C GLU H 235 48.32 12.45 -6.07
N ASP H 236 49.59 12.56 -6.48
CA ASP H 236 49.93 13.42 -7.62
C ASP H 236 49.32 12.89 -8.91
N LYS H 237 49.06 11.58 -8.99
CA LYS H 237 48.46 11.02 -10.19
C LYS H 237 47.00 11.44 -10.34
N VAL H 238 46.23 11.33 -9.24
CA VAL H 238 44.81 11.63 -9.32
C VAL H 238 44.56 13.14 -9.45
N VAL H 239 45.42 13.96 -8.86
CA VAL H 239 45.18 15.40 -8.85
C VAL H 239 45.31 15.98 -10.26
N ARG H 240 46.25 15.48 -11.05
CA ARG H 240 46.40 15.96 -12.42
C ARG H 240 45.34 15.37 -13.35
N ALA H 241 44.91 14.12 -13.09
CA ALA H 241 43.87 13.52 -13.92
C ALA H 241 42.54 14.23 -13.73
N LYS H 242 42.14 14.46 -12.47
CA LYS H 242 40.89 15.18 -12.21
C LYS H 242 41.05 16.66 -12.52
N GLY H 243 42.16 17.26 -12.09
CA GLY H 243 42.40 18.67 -12.34
C GLY H 243 42.13 19.53 -11.12
N LEU H 244 43.19 19.92 -10.43
CA LEU H 244 43.08 20.77 -9.25
C LEU H 244 44.25 21.75 -9.23
N SER H 245 44.06 22.84 -8.48
CA SER H 245 45.10 23.87 -8.41
C SER H 245 46.37 23.35 -7.74
N ALA H 246 46.22 22.61 -6.64
CA ALA H 246 47.38 22.13 -5.90
C ALA H 246 47.01 20.82 -5.21
N ASP H 247 47.87 20.37 -4.31
CA ASP H 247 47.63 19.15 -3.57
C ASP H 247 46.39 19.30 -2.68
N ARG H 248 45.72 18.16 -2.44
CA ARG H 248 44.48 18.20 -1.66
C ARG H 248 44.74 18.57 -0.20
N TYR H 249 45.85 18.10 0.37
CA TYR H 249 46.23 18.59 1.69
C TYR H 249 46.34 20.11 1.73
N ALA H 250 46.86 20.71 0.66
CA ALA H 250 46.93 22.17 0.59
C ALA H 250 45.55 22.79 0.55
N LEU H 251 44.62 22.16 -0.18
CA LEU H 251 43.26 22.69 -0.26
C LEU H 251 42.55 22.60 1.09
N LEU H 252 42.71 21.47 1.79
CA LEU H 252 42.10 21.35 3.11
C LEU H 252 42.66 22.36 4.09
N GLY H 253 43.97 22.58 4.06
CA GLY H 253 44.61 23.47 5.00
C GLY H 253 45.31 22.79 6.16
N LEU H 254 45.73 21.54 6.00
CA LEU H 254 46.40 20.79 7.04
C LEU H 254 47.71 20.23 6.52
N PRO H 255 48.71 20.07 7.39
CA PRO H 255 50.01 19.57 6.94
C PRO H 255 49.94 18.09 6.56
N ALA H 256 50.95 17.67 5.81
CA ALA H 256 51.05 16.29 5.33
C ALA H 256 51.76 15.37 6.31
N GLU H 257 52.17 15.88 7.47
CA GLU H 257 52.96 15.08 8.40
C GLU H 257 52.08 14.03 9.08
N PRO H 258 52.67 12.89 9.46
CA PRO H 258 51.90 11.85 10.16
C PRO H 258 51.62 12.23 11.60
N PHE H 259 51.05 11.29 12.37
CA PHE H 259 50.69 11.56 13.75
C PHE H 259 51.92 11.83 14.61
N ARG H 260 51.67 12.42 15.78
CA ARG H 260 52.71 12.67 16.77
C ARG H 260 52.99 11.40 17.56
N ASP H 261 53.69 11.54 18.69
CA ASP H 261 54.09 10.39 19.49
C ASP H 261 52.91 9.48 19.80
N VAL H 262 53.11 8.18 19.55
CA VAL H 262 52.09 7.17 19.77
C VAL H 262 52.72 5.99 20.47
N GLN H 263 52.01 5.43 21.45
CA GLN H 263 52.46 4.25 22.17
C GLN H 263 51.65 3.04 21.71
N LEU H 264 52.34 1.96 21.37
CA LEU H 264 51.72 0.75 20.83
C LEU H 264 51.80 -0.34 21.90
N LEU H 265 50.65 -0.66 22.50
CA LEU H 265 50.57 -1.70 23.52
C LEU H 265 50.26 -3.04 22.85
N ALA H 266 51.04 -4.05 23.19
CA ALA H 266 50.90 -5.38 22.62
C ALA H 266 51.10 -6.42 23.71
N PRO H 267 50.51 -7.61 23.56
CA PRO H 267 50.79 -8.68 24.51
C PRO H 267 52.25 -9.07 24.47
N PRO H 268 52.79 -9.53 25.61
CA PRO H 268 54.24 -9.78 25.66
C PRO H 268 54.73 -10.85 24.70
N ARG H 269 54.14 -12.04 24.74
CA ARG H 269 54.62 -13.14 23.89
C ARG H 269 54.42 -12.83 22.41
N ALA H 270 53.28 -12.23 22.05
CA ALA H 270 53.04 -11.90 20.66
C ALA H 270 54.00 -10.81 20.17
N GLY H 271 54.37 -9.89 21.05
CA GLY H 271 55.33 -8.86 20.69
C GLY H 271 56.69 -9.46 20.36
N ALA H 272 57.13 -10.45 21.14
CA ALA H 272 58.40 -11.11 20.88
C ALA H 272 58.40 -11.82 19.53
N ALA H 273 57.30 -12.48 19.20
CA ALA H 273 57.19 -13.22 17.95
C ALA H 273 56.71 -12.35 16.79
N GLY H 274 56.33 -11.09 17.05
CA GLY H 274 55.87 -10.22 15.97
C GLY H 274 56.98 -9.94 14.96
N THR H 275 58.18 -9.64 15.45
CA THR H 275 59.31 -9.34 14.58
C THR H 275 60.63 -9.51 15.33
N GLN H 283 54.08 -7.03 13.27
CA GLN H 283 55.16 -7.02 12.29
C GLN H 283 56.09 -5.83 12.52
N ARG H 284 55.97 -5.21 13.68
CA ARG H 284 56.78 -4.06 14.06
C ARG H 284 57.70 -4.43 15.21
N SER H 285 58.92 -3.88 15.17
CA SER H 285 59.92 -4.18 16.18
C SER H 285 60.63 -2.96 16.73
N GLU H 286 60.33 -1.76 16.23
CA GLU H 286 61.04 -0.57 16.69
C GLU H 286 60.57 -0.12 18.06
N GLY H 287 59.29 0.25 18.17
CA GLY H 287 58.76 0.67 19.45
C GLY H 287 57.49 -0.05 19.86
N VAL H 288 57.58 -0.86 20.92
CA VAL H 288 56.43 -1.55 21.48
C VAL H 288 56.60 -1.62 22.99
N THR H 289 55.51 -1.43 23.72
CA THR H 289 55.51 -1.51 25.18
C THR H 289 54.48 -2.53 25.61
N PRO H 290 54.87 -3.63 26.23
CA PRO H 290 53.89 -4.64 26.63
C PRO H 290 53.01 -4.16 27.79
N PHE H 291 51.79 -4.67 27.82
CA PHE H 291 50.84 -4.38 28.89
C PHE H 291 50.44 -5.68 29.56
N VAL H 292 50.55 -5.71 30.89
CA VAL H 292 50.27 -6.91 31.68
C VAL H 292 49.44 -6.51 32.89
N PHE H 293 48.37 -7.26 33.15
CA PHE H 293 47.58 -7.09 34.36
C PHE H 293 48.12 -8.00 35.46
N THR H 294 48.19 -7.47 36.68
CA THR H 294 48.66 -8.25 37.82
C THR H 294 47.50 -9.06 38.39
N ILE H 295 47.79 -10.32 38.75
CA ILE H 295 46.74 -11.21 39.26
C ILE H 295 46.15 -10.67 40.55
N ARG H 296 47.00 -10.19 41.46
CA ARG H 296 46.52 -9.64 42.72
C ARG H 296 45.64 -8.41 42.49
N GLU H 297 46.06 -7.54 41.57
CA GLU H 297 45.25 -6.36 41.26
C GLU H 297 43.99 -6.73 40.51
N PHE H 298 44.07 -7.73 39.61
CA PHE H 298 42.90 -8.14 38.85
C PHE H 298 41.79 -8.63 39.75
N CYS H 299 42.13 -9.44 40.75
CA CYS H 299 41.13 -9.88 41.72
C CYS H 299 40.57 -8.70 42.51
N ALA H 300 41.43 -7.77 42.90
CA ALA H 300 40.97 -6.58 43.60
C ALA H 300 40.16 -5.68 42.69
N ARG H 301 40.38 -5.76 41.38
CA ARG H 301 39.60 -4.95 40.44
C ARG H 301 38.14 -5.41 40.35
N ARG H 302 37.83 -6.62 40.82
CA ARG H 302 36.49 -7.22 40.83
C ARG H 302 35.92 -7.44 39.44
N MET H 303 36.68 -7.16 38.38
CA MET H 303 36.12 -7.12 37.03
C MET H 303 36.35 -8.45 36.32
N LEU H 304 35.72 -9.48 36.85
CA LEU H 304 35.77 -10.82 36.30
C LEU H 304 34.84 -11.06 35.11
N PRO H 305 33.54 -10.65 35.17
CA PRO H 305 32.59 -11.10 34.13
C PRO H 305 32.95 -10.71 32.69
N TYR H 306 34.03 -9.96 32.48
CA TYR H 306 34.40 -9.66 31.09
C TYR H 306 35.09 -10.82 30.40
N VAL H 307 35.41 -11.90 31.13
CA VAL H 307 36.08 -13.03 30.51
C VAL H 307 35.11 -13.88 29.69
N PHE H 308 33.82 -13.83 30.01
CA PHE H 308 32.80 -14.61 29.30
C PHE H 308 32.26 -13.76 28.16
N SER H 309 32.85 -13.95 26.97
CA SER H 309 32.52 -13.13 25.81
C SER H 309 31.09 -13.36 25.35
N ASP H 310 30.60 -14.59 25.44
CA ASP H 310 29.26 -14.90 24.96
C ASP H 310 28.21 -14.23 25.84
N ALA H 311 26.97 -14.22 25.33
CA ALA H 311 25.87 -13.60 26.05
C ALA H 311 25.55 -14.31 27.35
N SER H 312 26.01 -15.55 27.54
CA SER H 312 25.74 -16.34 28.73
C SER H 312 24.24 -16.47 28.98
N ALA H 313 23.47 -16.58 27.88
CA ALA H 313 22.03 -16.70 28.00
C ALA H 313 21.59 -18.09 28.46
N SER H 314 22.44 -19.10 28.30
CA SER H 314 22.07 -20.44 28.70
C SER H 314 21.97 -20.54 30.22
N LEU H 315 20.85 -21.08 30.70
CA LEU H 315 20.59 -21.31 32.13
C LEU H 315 20.72 -19.98 32.86
N ASN H 316 21.37 -19.95 34.02
CA ASN H 316 21.54 -18.75 34.83
C ASN H 316 23.02 -18.51 35.11
N LEU H 317 23.82 -18.53 34.05
CA LEU H 317 25.26 -18.31 34.20
C LEU H 317 25.57 -16.97 34.83
N GLY H 318 24.69 -15.99 34.64
CA GLY H 318 24.91 -14.69 35.27
C GLY H 318 24.97 -14.76 36.78
N PHE H 319 24.17 -15.65 37.38
CA PHE H 319 24.20 -15.80 38.84
C PHE H 319 25.54 -16.38 39.30
N VAL H 320 25.98 -17.49 38.69
CA VAL H 320 27.18 -18.17 39.18
C VAL H 320 28.41 -17.31 38.96
N ILE H 321 28.43 -16.49 37.89
CA ILE H 321 29.56 -15.59 37.67
C ILE H 321 29.66 -14.59 38.82
N GLY H 322 28.54 -14.06 39.27
CA GLY H 322 28.57 -13.14 40.40
C GLY H 322 28.98 -13.81 41.70
N ASN H 323 28.44 -15.00 41.96
CA ASN H 323 28.74 -15.68 43.22
C ASN H 323 30.21 -16.08 43.32
N ILE H 324 30.79 -16.59 42.23
CA ILE H 324 32.19 -16.96 42.26
C ILE H 324 33.07 -15.72 42.43
N GLU H 325 32.65 -14.60 41.82
CA GLU H 325 33.32 -13.34 42.07
C GLU H 325 33.01 -12.82 43.48
N GLU H 326 31.80 -13.11 43.97
CA GLU H 326 31.44 -12.72 45.33
C GLU H 326 32.36 -13.37 46.36
N LYS H 327 32.66 -14.66 46.18
CA LYS H 327 33.60 -15.34 47.07
C LYS H 327 35.03 -14.88 46.80
N LEU H 328 35.35 -14.58 45.54
CA LEU H 328 36.73 -14.28 45.18
C LEU H 328 37.15 -12.90 45.67
N PHE H 329 36.28 -11.90 45.51
CA PHE H 329 36.66 -10.53 45.87
C PHE H 329 36.92 -10.39 47.36
N ARG H 330 36.07 -10.99 48.19
CA ARG H 330 36.24 -10.87 49.63
C ARG H 330 37.55 -11.49 50.09
N LEU H 331 37.90 -12.66 49.53
CA LEU H 331 39.16 -13.30 49.88
C LEU H 331 40.35 -12.46 49.44
N ALA H 332 40.28 -11.88 48.23
CA ALA H 332 41.40 -11.11 47.72
C ALA H 332 41.52 -9.76 48.44
N ALA H 333 40.39 -9.13 48.73
CA ALA H 333 40.42 -7.83 49.40
C ALA H 333 41.03 -7.94 50.79
N ALA H 334 40.69 -9.00 51.52
CA ALA H 334 41.26 -9.19 52.86
C ALA H 334 42.76 -9.43 52.79
N GLN H 335 43.22 -10.16 51.77
CA GLN H 335 44.64 -10.44 51.60
C GLN H 335 45.45 -9.17 51.38
N ILE H 376 48.21 -17.38 36.19
CA ILE H 376 47.09 -17.48 35.27
C ILE H 376 46.25 -18.72 35.55
N SER H 377 46.86 -19.89 35.37
CA SER H 377 46.17 -21.14 35.62
C SER H 377 46.09 -21.46 37.11
N TYR H 378 46.89 -20.80 37.94
CA TYR H 378 46.83 -21.05 39.38
C TYR H 378 45.47 -20.68 39.96
N LEU H 379 44.92 -19.55 39.53
CA LEU H 379 43.58 -19.18 39.97
C LEU H 379 42.54 -20.18 39.48
N GLU H 380 42.73 -20.70 38.27
CA GLU H 380 41.84 -21.75 37.77
C GLU H 380 41.97 -23.02 38.60
N TYR H 381 43.19 -23.37 39.01
CA TYR H 381 43.40 -24.55 39.82
C TYR H 381 42.68 -24.44 41.16
N LYS H 382 42.76 -23.27 41.80
CA LYS H 382 42.09 -23.07 43.08
C LYS H 382 40.57 -23.07 42.92
N LEU H 383 40.07 -22.73 41.72
CA LEU H 383 38.63 -22.78 41.48
C LEU H 383 38.11 -24.20 41.51
N LEU H 384 38.92 -25.16 41.02
CA LEU H 384 38.50 -26.55 41.03
C LEU H 384 38.32 -27.08 42.45
N GLU H 385 39.24 -26.72 43.35
CA GLU H 385 39.12 -27.16 44.74
C GLU H 385 37.87 -26.59 45.40
N GLU H 386 37.57 -25.31 45.14
CA GLU H 386 36.39 -24.68 45.71
C GLU H 386 35.12 -24.96 44.92
N ARG H 387 35.22 -25.62 43.77
CA ARG H 387 34.05 -25.93 42.96
C ARG H 387 34.29 -27.17 42.11
N PHE H 407 26.26 -27.03 34.77
CA PHE H 407 26.65 -25.87 33.99
C PHE H 407 28.00 -25.32 34.42
N THR H 408 28.45 -25.74 35.61
CA THR H 408 29.71 -25.25 36.14
C THR H 408 30.90 -25.75 35.33
N ARG H 409 30.77 -26.91 34.70
CA ARG H 409 31.88 -27.42 33.89
C ARG H 409 32.10 -26.57 32.64
N ARG H 410 31.05 -25.94 32.13
CA ARG H 410 31.21 -25.01 31.01
C ARG H 410 32.03 -23.80 31.44
N LEU H 411 31.86 -23.36 32.68
CA LEU H 411 32.67 -22.26 33.20
C LEU H 411 34.15 -22.62 33.19
N ARG H 412 34.49 -23.83 33.63
CA ARG H 412 35.87 -24.29 33.55
C ARG H 412 36.32 -24.41 32.10
N GLY H 413 35.45 -24.91 31.23
CA GLY H 413 35.82 -25.03 29.82
C GLY H 413 36.18 -23.71 29.18
N VAL H 414 35.42 -22.66 29.50
CA VAL H 414 35.76 -21.33 29.01
C VAL H 414 37.09 -20.86 29.60
N GLN H 415 37.28 -21.08 30.90
CA GLN H 415 38.52 -20.64 31.55
C GLN H 415 39.73 -21.36 30.98
N LYS H 416 39.59 -22.66 30.71
CA LYS H 416 40.71 -23.42 30.15
C LYS H 416 41.04 -22.94 28.74
N TYR H 417 40.03 -22.54 27.97
CA TYR H 417 40.25 -22.10 26.60
C TYR H 417 41.09 -20.83 26.54
N LEU H 418 40.85 -19.91 27.48
CA LEU H 418 41.64 -18.67 27.52
C LEU H 418 43.08 -18.90 27.94
N SER H 419 43.36 -20.00 28.64
CA SER H 419 44.69 -20.22 29.22
C SER H 419 45.84 -20.12 28.22
N PRO H 420 45.78 -20.75 27.04
CA PRO H 420 46.88 -20.56 26.08
C PRO H 420 46.99 -19.15 25.53
N LEU H 421 45.94 -18.32 25.65
CA LEU H 421 45.94 -17.00 25.05
C LEU H 421 45.87 -15.86 26.06
N ILE H 422 45.29 -16.08 27.24
CA ILE H 422 45.18 -15.02 28.24
C ILE H 422 46.32 -15.04 29.24
N ARG H 423 47.21 -16.04 29.17
CA ARG H 423 48.30 -16.12 30.12
C ARG H 423 49.24 -14.92 30.02
N GLY H 424 49.44 -14.38 28.82
CA GLY H 424 50.33 -13.25 28.66
C GLY H 424 49.86 -12.00 29.36
N ASP H 425 48.55 -11.89 29.61
CA ASP H 425 47.99 -10.71 30.25
C ASP H 425 47.99 -10.80 31.78
N LEU H 426 48.37 -11.95 32.34
CA LEU H 426 48.37 -12.15 33.79
C LEU H 426 49.62 -12.95 34.17
N THR H 427 50.64 -12.26 34.69
CA THR H 427 51.87 -12.89 35.14
C THR H 427 52.31 -12.18 36.42
N PRO H 428 52.57 -12.92 37.50
CA PRO H 428 52.98 -12.30 38.76
C PRO H 428 54.45 -11.91 38.73
N GLU H 429 54.72 -10.60 38.70
CA GLU H 429 56.08 -10.09 38.75
C GLU H 429 56.08 -8.79 39.54
N GLN H 430 57.27 -8.40 40.00
CA GLN H 430 57.43 -7.19 40.80
C GLN H 430 57.48 -5.92 39.95
N ALA H 431 57.68 -6.05 38.64
CA ALA H 431 57.69 -4.88 37.77
C ALA H 431 56.33 -4.20 37.78
N GLU H 432 56.33 -2.87 37.92
CA GLU H 432 55.10 -2.10 38.05
C GLU H 432 54.75 -1.31 36.79
N GLY H 433 55.74 -0.93 35.98
CA GLY H 433 55.48 -0.10 34.82
C GLY H 433 54.98 -0.87 33.61
N TYR H 434 54.30 -1.99 33.84
CA TYR H 434 53.74 -2.80 32.76
C TYR H 434 52.21 -2.79 32.75
N ARG H 435 51.59 -1.97 33.60
CA ARG H 435 50.15 -1.79 33.52
C ARG H 435 49.79 -1.03 32.25
N PRO H 436 48.57 -1.20 31.74
CA PRO H 436 48.19 -0.45 30.52
C PRO H 436 48.28 1.05 30.70
N ASP H 437 47.56 1.60 31.69
CA ASP H 437 47.61 3.00 32.08
C ASP H 437 47.53 3.97 30.89
N PRO H 438 46.41 4.00 30.16
CA PRO H 438 46.24 5.04 29.15
C PRO H 438 46.06 6.41 29.79
N LEU H 439 45.95 7.46 28.98
CA LEU H 439 45.79 8.82 29.47
C LEU H 439 46.96 9.19 30.40
N ARG H 440 48.16 9.09 29.84
CA ARG H 440 49.38 9.36 30.58
C ARG H 440 49.61 10.86 30.67
N ARG H 441 50.75 11.26 31.23
CA ARG H 441 51.05 12.68 31.37
C ARG H 441 51.19 13.34 30.00
N GLY H 442 52.04 12.79 29.15
CA GLY H 442 52.15 13.27 27.79
C GLY H 442 51.93 12.18 26.76
N ILE H 443 50.80 12.24 26.05
CA ILE H 443 50.50 11.29 24.98
C ILE H 443 49.32 11.84 24.19
N GLN H 444 49.23 11.48 22.91
CA GLN H 444 48.15 11.93 22.05
C GLN H 444 47.27 10.79 21.56
N LEU H 445 47.86 9.75 20.98
CA LEU H 445 47.11 8.64 20.43
C LEU H 445 47.73 7.34 20.89
N THR H 446 46.91 6.39 21.34
CA THR H 446 47.36 5.10 21.84
C THR H 446 46.79 3.99 20.98
N VAL H 447 47.64 3.07 20.56
CA VAL H 447 47.25 1.92 19.76
C VAL H 447 47.44 0.66 20.59
N VAL H 448 46.40 -0.15 20.69
CA VAL H 448 46.45 -1.43 21.39
C VAL H 448 46.28 -2.53 20.36
N ASP H 449 47.32 -3.34 20.17
CA ASP H 449 47.32 -4.38 19.14
C ASP H 449 46.83 -5.69 19.76
N ILE H 450 45.66 -6.15 19.33
CA ILE H 450 45.07 -7.37 19.84
C ILE H 450 44.74 -8.31 18.68
N HIS H 451 45.47 -8.18 17.58
CA HIS H 451 45.21 -9.02 16.42
C HIS H 451 45.53 -10.48 16.70
N ALA H 452 46.58 -10.75 17.47
CA ALA H 452 46.97 -12.13 17.75
C ALA H 452 45.98 -12.82 18.68
N LEU H 453 45.34 -12.08 19.57
CA LEU H 453 44.38 -12.66 20.50
C LEU H 453 43.15 -13.15 19.74
N SER H 454 42.54 -14.20 20.28
CA SER H 454 41.35 -14.78 19.68
C SER H 454 40.13 -13.90 19.94
N ALA H 455 38.99 -14.31 19.38
CA ALA H 455 37.78 -13.51 19.50
C ALA H 455 37.35 -13.34 20.95
N HIS H 456 37.41 -14.43 21.73
CA HIS H 456 37.06 -14.32 23.15
C HIS H 456 38.09 -13.48 23.90
N ALA H 457 39.37 -13.63 23.58
CA ALA H 457 40.40 -12.86 24.27
C ALA H 457 40.33 -11.39 23.90
N GLN H 458 39.97 -11.08 22.65
CA GLN H 458 39.85 -9.69 22.23
C GLN H 458 38.73 -8.98 22.97
N MET H 459 37.68 -9.73 23.33
CA MET H 459 36.59 -9.15 24.11
C MET H 459 37.07 -8.74 25.50
N PHE H 460 37.92 -9.55 26.11
CA PHE H 460 38.36 -9.29 27.48
C PHE H 460 39.20 -8.02 27.56
N VAL H 461 40.10 -7.83 26.59
CA VAL H 461 40.97 -6.65 26.62
C VAL H 461 40.13 -5.38 26.42
N VAL H 462 39.19 -5.42 25.47
CA VAL H 462 38.35 -4.25 25.22
C VAL H 462 37.48 -3.95 26.44
N GLY H 463 36.92 -4.98 27.04
CA GLY H 463 36.04 -4.77 28.19
C GLY H 463 36.75 -4.11 29.36
N VAL H 464 37.97 -4.56 29.65
CA VAL H 464 38.71 -4.01 30.78
C VAL H 464 39.13 -2.57 30.51
N LEU H 465 39.67 -2.31 29.32
CA LEU H 465 40.23 -0.99 29.02
C LEU H 465 39.16 0.09 29.05
N LEU H 466 38.00 -0.18 28.42
CA LEU H 466 36.93 0.81 28.41
C LEU H 466 36.39 1.06 29.81
N ARG H 467 36.21 0.00 30.60
CA ARG H 467 35.71 0.18 31.96
C ARG H 467 36.75 0.87 32.84
N GLU H 468 38.03 0.56 32.62
CA GLU H 468 39.09 1.19 33.41
C GLU H 468 39.16 2.68 33.15
N VAL H 469 39.19 3.07 31.87
CA VAL H 469 39.31 4.49 31.54
C VAL H 469 38.03 5.24 31.93
N PHE H 470 36.88 4.58 31.85
CA PHE H 470 35.63 5.24 32.23
C PHE H 470 35.61 5.55 33.72
N GLU H 471 36.09 4.63 34.56
CA GLU H 471 36.11 4.87 35.99
C GLU H 471 37.14 5.94 36.36
N TYR H 472 38.34 5.86 35.78
CA TYR H 472 39.37 6.85 36.06
C TYR H 472 38.94 8.24 35.63
N LYS H 473 38.33 8.35 34.44
CA LYS H 473 37.83 9.64 34.00
C LYS H 473 36.68 10.14 34.87
N GLU H 474 35.93 9.22 35.48
CA GLU H 474 34.80 9.62 36.32
C GLU H 474 35.25 10.17 37.66
N ARG H 475 36.30 9.59 38.25
CA ARG H 475 36.77 10.04 39.55
C ARG H 475 37.20 11.50 39.51
N VAL H 476 38.06 11.84 38.56
CA VAL H 476 38.47 13.23 38.32
C VAL H 476 37.40 13.89 37.45
N GLY H 477 37.49 15.20 37.31
CA GLY H 477 36.58 15.92 36.43
C GLY H 477 36.85 15.59 34.97
N ARG H 478 36.04 16.19 34.11
CA ARG H 478 36.17 15.97 32.68
C ARG H 478 37.53 16.44 32.19
N GLN H 479 37.78 17.75 32.27
CA GLN H 479 39.09 18.41 32.15
C GLN H 479 39.80 18.14 30.83
N ASP H 480 39.19 17.36 29.94
CA ASP H 480 39.73 17.12 28.60
C ASP H 480 38.68 16.35 27.81
N THR H 481 39.05 15.98 26.59
CA THR H 481 38.19 15.18 25.72
C THR H 481 38.98 13.97 25.23
N VAL H 482 38.41 12.79 25.36
CA VAL H 482 39.04 11.55 24.91
C VAL H 482 38.12 10.88 23.90
N PHE H 483 38.70 10.50 22.75
CA PHE H 483 37.97 9.80 21.71
C PHE H 483 38.36 8.33 21.72
N VAL H 484 37.37 7.44 21.67
CA VAL H 484 37.57 6.01 21.59
C VAL H 484 37.01 5.52 20.25
N VAL H 485 37.77 4.69 19.56
CA VAL H 485 37.40 4.16 18.25
C VAL H 485 37.25 2.65 18.37
N LEU H 486 36.08 2.15 18.02
CA LEU H 486 35.79 0.72 18.05
C LEU H 486 35.47 0.24 16.65
N ASP H 487 36.10 -0.86 16.24
CA ASP H 487 35.89 -1.45 14.93
C ASP H 487 34.89 -2.59 15.03
N GLU H 488 34.02 -2.69 14.02
CA GLU H 488 32.99 -3.73 13.96
C GLU H 488 32.09 -3.66 15.20
N LEU H 489 31.38 -2.54 15.32
CA LEU H 489 30.56 -2.27 16.50
C LEU H 489 29.40 -3.25 16.64
N ASN H 490 29.06 -3.99 15.58
CA ASN H 490 27.90 -4.88 15.67
C ASN H 490 28.18 -6.08 16.57
N LYS H 491 29.36 -6.69 16.44
CA LYS H 491 29.67 -7.85 17.27
C LYS H 491 30.01 -7.46 18.71
N TYR H 492 30.51 -6.23 18.92
CA TYR H 492 30.78 -5.79 20.29
C TYR H 492 29.50 -5.51 21.05
N ALA H 493 28.56 -4.81 20.42
CA ALA H 493 27.29 -4.43 21.06
C ALA H 493 26.13 -4.77 20.14
N PRO H 494 25.76 -6.04 20.05
CA PRO H 494 24.62 -6.43 19.22
C PRO H 494 23.30 -6.26 19.98
N ARG H 495 22.21 -6.41 19.23
CA ARG H 495 20.88 -6.36 19.83
C ARG H 495 20.67 -7.56 20.76
N GLU H 496 19.82 -7.36 21.77
CA GLU H 496 19.66 -8.28 22.90
C GLU H 496 20.98 -8.93 23.30
N GLY H 497 22.01 -8.09 23.42
CA GLY H 497 23.34 -8.60 23.73
C GLY H 497 23.53 -8.97 25.19
N ASP H 498 22.79 -8.33 26.10
CA ASP H 498 22.73 -8.60 27.54
C ASP H 498 24.08 -9.02 28.11
N SER H 499 25.14 -8.32 27.70
CA SER H 499 26.51 -8.66 28.02
C SER H 499 27.15 -7.58 28.90
N PRO H 500 28.16 -7.91 29.70
CA PRO H 500 28.86 -6.88 30.47
C PRO H 500 29.60 -5.87 29.61
N ILE H 501 29.76 -6.15 28.32
CA ILE H 501 30.33 -5.15 27.41
C ILE H 501 29.25 -4.27 26.78
N LYS H 502 28.03 -4.78 26.68
CA LYS H 502 26.94 -3.99 26.08
C LYS H 502 26.61 -2.78 26.93
N ASP H 503 26.53 -2.95 28.25
CA ASP H 503 26.16 -1.83 29.11
C ASP H 503 27.28 -0.80 29.22
N VAL H 504 28.54 -1.24 29.13
CA VAL H 504 29.65 -0.29 29.13
C VAL H 504 29.56 0.62 27.91
N LEU H 505 29.31 0.04 26.74
CA LEU H 505 29.10 0.85 25.55
C LEU H 505 27.82 1.65 25.65
N LEU H 506 26.79 1.07 26.29
CA LEU H 506 25.55 1.81 26.50
C LEU H 506 25.76 2.99 27.43
N ASP H 507 26.54 2.80 28.50
CA ASP H 507 26.81 3.90 29.42
C ASP H 507 27.61 5.00 28.75
N ILE H 508 28.58 4.63 27.90
CA ILE H 508 29.34 5.62 27.15
C ILE H 508 28.42 6.38 26.21
N ALA H 509 27.48 5.67 25.57
CA ALA H 509 26.51 6.32 24.69
C ALA H 509 25.49 7.15 25.44
N GLU H 510 25.45 7.05 26.78
CA GLU H 510 24.50 7.81 27.58
C GLU H 510 25.17 8.92 28.38
N ARG H 511 26.28 8.62 29.06
CA ARG H 511 26.99 9.60 29.86
C ARG H 511 28.23 10.17 29.16
N GLY H 512 28.38 9.89 27.86
CA GLY H 512 29.56 10.38 27.16
C GLY H 512 29.61 11.89 27.03
N ARG H 513 28.45 12.52 26.79
CA ARG H 513 28.42 13.96 26.59
C ARG H 513 28.87 14.71 27.84
N SER H 514 28.41 14.27 29.02
CA SER H 514 28.79 14.94 30.25
C SER H 514 30.28 14.85 30.50
N LEU H 515 30.86 13.67 30.28
CA LEU H 515 32.29 13.47 30.45
C LEU H 515 33.01 13.88 29.17
N GLY H 516 34.30 13.57 29.09
CA GLY H 516 35.08 13.88 27.91
C GLY H 516 35.26 12.70 26.98
N ILE H 517 34.41 11.68 27.13
CA ILE H 517 34.51 10.45 26.36
C ILE H 517 33.50 10.49 25.23
N ILE H 518 33.93 10.11 24.03
CA ILE H 518 33.09 10.13 22.84
C ILE H 518 33.37 8.86 22.05
N LEU H 519 32.31 8.22 21.56
CA LEU H 519 32.41 6.97 20.84
C LEU H 519 32.33 7.21 19.34
N ILE H 520 33.34 6.74 18.62
CA ILE H 520 33.34 6.71 17.16
C ILE H 520 33.33 5.25 16.75
N GLY H 521 32.18 4.78 16.29
CA GLY H 521 31.97 3.36 16.01
C GLY H 521 31.82 3.09 14.53
N ALA H 522 32.34 1.95 14.09
CA ALA H 522 32.23 1.49 12.72
C ALA H 522 31.34 0.26 12.67
N GLN H 523 30.28 0.32 11.85
CA GLN H 523 29.31 -0.75 11.74
C GLN H 523 29.00 -1.01 10.27
N GLN H 524 28.54 -2.22 9.99
CA GLN H 524 28.34 -2.66 8.61
C GLN H 524 26.93 -2.41 8.10
N THR H 525 25.90 -2.64 8.92
CA THR H 525 24.53 -2.55 8.46
C THR H 525 23.68 -1.51 9.18
N ALA H 526 24.07 -1.08 10.38
CA ALA H 526 23.29 -0.14 11.18
C ALA H 526 21.89 -0.66 11.48
N SER H 527 21.72 -1.98 11.44
CA SER H 527 20.45 -2.61 11.77
C SER H 527 20.57 -3.78 12.73
N GLU H 528 21.79 -4.25 13.01
CA GLU H 528 22.00 -5.31 13.99
C GLU H 528 22.65 -4.79 15.27
N VAL H 529 22.60 -3.49 15.50
CA VAL H 529 23.06 -2.88 16.75
C VAL H 529 21.85 -2.31 17.47
N GLU H 530 22.03 -2.06 18.76
CA GLU H 530 20.95 -1.51 19.57
C GLU H 530 20.52 -0.15 19.03
N ARG H 531 19.20 0.08 18.98
CA ARG H 531 18.68 1.34 18.48
C ARG H 531 19.03 2.51 19.37
N ARG H 532 19.32 2.27 20.65
CA ARG H 532 19.69 3.35 21.56
C ARG H 532 21.00 4.00 21.15
N ILE H 533 21.99 3.19 20.75
CA ILE H 533 23.31 3.72 20.41
C ILE H 533 23.23 4.57 19.15
N VAL H 534 22.57 4.06 18.11
CA VAL H 534 22.50 4.80 16.85
C VAL H 534 21.65 6.05 16.99
N SER H 535 20.65 6.03 17.88
CA SER H 535 19.78 7.19 18.05
C SER H 535 20.55 8.37 18.65
N ASN H 536 21.44 8.10 19.60
CA ASN H 536 22.16 9.17 20.27
C ASN H 536 23.25 9.78 19.38
N ALA H 537 23.61 9.12 18.29
CA ALA H 537 24.60 9.66 17.38
C ALA H 537 24.09 10.92 16.69
N ALA H 538 25.01 11.82 16.35
CA ALA H 538 24.69 13.08 15.70
C ALA H 538 25.21 13.15 14.28
N ILE H 539 26.48 12.82 14.06
CA ILE H 539 27.08 12.83 12.73
C ILE H 539 27.03 11.41 12.18
N ARG H 540 26.35 11.24 11.05
CA ARG H 540 26.16 9.94 10.43
C ARG H 540 26.81 9.95 9.05
N VAL H 541 27.61 8.93 8.77
CA VAL H 541 28.33 8.80 7.50
C VAL H 541 27.99 7.45 6.90
N VAL H 542 27.67 7.45 5.60
CA VAL H 542 27.32 6.23 4.87
C VAL H 542 28.15 6.18 3.59
N GLY H 543 28.65 4.98 3.27
CA GLY H 543 29.41 4.80 2.05
C GLY H 543 29.11 3.50 1.34
N ARG H 544 28.67 3.60 0.08
CA ARG H 544 28.28 2.45 -0.74
C ARG H 544 27.35 1.52 0.01
N LEU H 545 26.19 2.05 0.39
CA LEU H 545 25.20 1.26 1.10
C LEU H 545 24.62 0.18 0.21
N ASP H 546 24.29 -0.96 0.80
CA ASP H 546 23.72 -2.07 0.06
C ASP H 546 22.30 -1.74 -0.42
N LEU H 547 21.92 -2.36 -1.53
CA LEU H 547 20.58 -2.15 -2.08
C LEU H 547 19.51 -2.63 -1.12
N ALA H 548 19.71 -3.80 -0.51
CA ALA H 548 18.74 -4.36 0.40
C ALA H 548 18.67 -3.62 1.73
N GLU H 549 19.60 -2.71 2.00
CA GLU H 549 19.63 -1.99 3.26
C GLU H 549 19.05 -0.59 3.17
N ALA H 550 19.01 0.01 1.97
CA ALA H 550 18.49 1.36 1.82
C ALA H 550 16.99 1.44 2.04
N GLU H 551 16.27 0.32 1.97
CA GLU H 551 14.84 0.30 2.20
C GLU H 551 14.48 0.12 3.67
N ARG H 552 15.45 -0.15 4.53
CA ARG H 552 15.17 -0.37 5.94
C ARG H 552 14.74 0.94 6.60
N PRO H 553 13.93 0.85 7.67
CA PRO H 553 13.51 2.08 8.37
C PRO H 553 14.66 2.83 9.04
N GLU H 554 15.80 2.17 9.28
CA GLU H 554 16.92 2.83 9.92
C GLU H 554 17.61 3.86 9.02
N TYR H 555 17.31 3.86 7.72
CA TYR H 555 17.92 4.78 6.77
C TYR H 555 16.87 5.70 6.15
N ARG H 556 15.94 6.19 6.98
CA ARG H 556 14.90 7.09 6.48
C ARG H 556 15.41 8.49 6.20
N PHE H 557 16.56 8.87 6.77
CA PHE H 557 17.08 10.22 6.54
C PHE H 557 17.60 10.42 5.12
N LEU H 558 17.72 9.36 4.33
CA LEU H 558 18.15 9.48 2.95
C LEU H 558 16.94 9.75 2.06
N PRO H 559 16.91 10.86 1.33
CA PRO H 559 15.81 11.09 0.38
C PRO H 559 15.82 10.05 -0.73
N GLN H 560 14.72 10.05 -1.50
CA GLN H 560 14.54 9.03 -2.53
C GLN H 560 15.61 9.10 -3.60
N SER H 561 16.00 10.31 -4.01
CA SER H 561 17.00 10.47 -5.06
C SER H 561 18.38 9.99 -4.64
N PHE H 562 18.62 9.76 -3.35
CA PHE H 562 19.91 9.28 -2.87
C PHE H 562 19.97 7.77 -2.70
N ARG H 563 18.83 7.09 -2.59
CA ARG H 563 18.85 5.64 -2.41
C ARG H 563 19.43 4.94 -3.63
N GLY H 564 19.06 5.37 -4.83
CA GLY H 564 19.57 4.73 -6.02
C GLY H 564 21.07 4.93 -6.21
N ARG H 565 21.56 6.11 -5.87
CA ARG H 565 22.97 6.45 -6.03
C ARG H 565 23.82 5.99 -4.87
N ALA H 566 23.23 5.43 -3.81
CA ALA H 566 24.01 5.01 -2.66
C ALA H 566 24.98 3.88 -3.03
N GLY H 567 24.51 2.89 -3.79
CA GLY H 567 25.36 1.77 -4.17
C GLY H 567 26.39 2.12 -5.23
N ILE H 568 26.18 3.19 -5.98
CA ILE H 568 27.09 3.56 -7.04
C ILE H 568 28.39 4.16 -6.49
N LEU H 569 28.36 4.70 -5.27
CA LEU H 569 29.49 5.42 -4.71
C LEU H 569 30.74 4.54 -4.66
N GLN H 570 31.77 4.94 -5.40
CA GLN H 570 33.04 4.23 -5.39
C GLN H 570 33.76 4.46 -4.07
N PRO H 571 34.70 3.58 -3.72
CA PRO H 571 35.48 3.80 -2.49
C PRO H 571 36.27 5.10 -2.56
N GLY H 572 36.41 5.74 -1.40
CA GLY H 572 37.01 7.05 -1.33
C GLY H 572 36.01 8.19 -1.41
N THR H 573 34.72 7.91 -1.20
CA THR H 573 33.69 8.94 -1.27
C THR H 573 32.58 8.55 -0.29
N MET H 574 32.07 9.53 0.45
CA MET H 574 31.08 9.27 1.49
C MET H 574 30.00 10.34 1.46
N LEU H 575 28.89 10.02 2.13
CA LEU H 575 27.81 10.98 2.39
C LEU H 575 27.90 11.39 3.85
N VAL H 576 28.00 12.70 4.10
CA VAL H 576 28.15 13.24 5.44
C VAL H 576 26.84 13.93 5.81
N SER H 577 26.27 13.53 6.94
CA SER H 577 25.02 14.09 7.43
C SER H 577 25.25 14.76 8.78
N GLN H 578 24.73 15.97 8.93
CA GLN H 578 24.88 16.74 10.16
C GLN H 578 23.52 17.25 10.62
N PRO H 579 23.32 17.39 11.91
CA PRO H 579 22.22 18.24 12.39
C PRO H 579 22.46 19.68 11.98
N ASP H 580 21.37 20.38 11.68
CA ASP H 580 21.24 21.74 11.14
C ASP H 580 21.52 21.79 9.64
N VAL H 581 21.86 20.67 9.01
CA VAL H 581 21.94 20.55 7.56
C VAL H 581 20.79 19.67 7.11
N PRO H 582 19.77 20.22 6.45
CA PRO H 582 18.57 19.43 6.13
C PRO H 582 18.83 18.21 5.26
N ASN H 583 19.79 18.26 4.35
CA ASN H 583 20.05 17.17 3.43
C ASN H 583 21.54 16.86 3.39
N PRO H 584 21.89 15.58 3.23
CA PRO H 584 23.31 15.21 3.17
C PRO H 584 23.94 15.64 1.86
N VAL H 585 25.27 15.72 1.87
CA VAL H 585 26.07 16.08 0.71
C VAL H 585 27.25 15.12 0.61
N LEU H 586 28.02 15.28 -0.46
CA LEU H 586 29.14 14.40 -0.75
C LEU H 586 30.44 14.96 -0.19
N VAL H 587 31.40 14.06 0.06
CA VAL H 587 32.75 14.42 0.46
C VAL H 587 33.72 13.55 -0.33
N ASN H 588 35.00 13.95 -0.31
CA ASN H 588 36.05 13.21 -1.00
C ASN H 588 37.17 12.89 -0.01
N TYR H 589 38.18 12.20 -0.52
CA TYR H 589 39.27 11.74 0.32
C TYR H 589 40.61 12.24 -0.20
N PRO H 590 41.43 12.84 0.66
CA PRO H 590 42.86 12.93 0.38
C PRO H 590 43.54 11.66 0.86
N PHE H 591 44.41 11.11 0.02
CA PHE H 591 45.00 9.82 0.33
C PHE H 591 45.86 9.92 1.58
N PRO H 592 45.76 8.94 2.49
CA PRO H 592 46.44 9.07 3.79
C PRO H 592 47.94 9.19 3.62
N ALA H 593 48.54 10.02 4.48
CA ALA H 593 49.99 10.21 4.47
C ALA H 593 50.72 9.33 5.47
N TRP H 594 50.02 8.79 6.46
CA TRP H 594 50.63 7.85 7.37
C TRP H 594 50.80 6.48 6.71
N ALA H 595 51.76 5.70 7.20
CA ALA H 595 52.03 4.40 6.62
C ALA H 595 50.84 3.47 6.85
N THR H 596 50.53 2.66 5.85
CA THR H 596 49.46 1.68 5.94
C THR H 596 49.84 0.30 5.41
N ARG H 597 50.88 0.19 4.57
CA ARG H 597 51.27 -1.06 3.96
C ARG H 597 52.58 -1.57 4.57
N ARG H 598 52.72 -2.90 4.59
CA ARG H 598 53.94 -3.56 5.04
C ARG H 598 54.37 -3.12 6.43
#